data_6NK6
#
_entry.id   6NK6
#
_cell.length_a   1
_cell.length_b   1
_cell.length_c   1
_cell.angle_alpha   90
_cell.angle_beta   90
_cell.angle_gamma   90
#
_symmetry.space_group_name_H-M   'P 1'
#
loop_
_entity.id
_entity.type
_entity.pdbx_description
1 polymer 'Matrix remodeling-associated protein 8'
2 polymer 'E1 glycoprotein'
3 polymer 'E2 glycoprotein'
4 polymer 'Capsid protein'
5 non-polymer 2-acetamido-2-deoxy-beta-D-glucopyranose
#
loop_
_entity_poly.entity_id
_entity_poly.type
_entity_poly.pdbx_seq_one_letter_code
_entity_poly.pdbx_strand_id
1 'polypeptide(L)'
;SSSLVSESVVSLAAGTQAVLRCQSPRMVWTQDRLHDRQRVVHWDLSGGPGSQRRRLVDMYSAGEQRVYEPRDRDRLLLSP
SAFHDGNFSLLIRAVDRGDEGVYTCNLHHHYCHLDESLAVRLEVTEDPLLSRAYWDGEKEVLVVAHGAPALMTCINRAHV
WTDRHLEEAQQVVHWDRQLPGVSHDRADRLLDLYASGERRAYGPPFLRDRVSVNTNAFARGDFSLRIDELERADEGIYSC
HLHHHYCGLHERRVFHLQVTEPAFEPPSA
;
M,N,O,P
2 'polypeptide(L)'
;YEHVTVIPNTVGVPYKTLVNRPGYSPMVLEMELQSVTLEPTLSLDYITCEYKTVIPSPYVKCCGTAECKDKSLPDYSCKV
FTGVYPFMWGGAYCFCDAENTQLSEAHVEKSESCKTEFASAYRAHTASASAKLRVLYQGNNITVAAYANGDHAVTVKDAK
FVVGPMSSAWTPFDNKIVVYKGDVYNMDYPPFGAGRPGQFGDIQSRTPESKDVYANTQLVLQRPAAGTVHVPYSQAPSGF
KYWLKERGASLQHTAPFGCQIATNPVRAVNCAVGNIPISIDIPDAAFTRVVDAPSVTDMSCEVPACTHSSDFGGVAIIKY
TASKKGKCAVHSMTNAVTIREADVEVEGNSQLQISFSTALASAEFRVQVCSTQVHCAAACHPPKDHIVNYPASHTTLGVQ
DISTTAMSWVQKITGGVGLIVAVAALILIVVLCVSFSRH
;
A,B,C,D
3 'polypeptide(L)'
;NFNVYKATRPYLAHCPDCGEGHSCHSPIALERIRNEATDGTLKIQVSLQIGIKTDDSHDWTKLRYMDSHTPADAERAGLL
VRTSAPCTITGTMGHFILARCPKGETLTVGFTDSRKISHTCTHPFHHEPPVIGRERFHSRPQHGKELPCSTYVQSTAATA
EEIEVHMPPDTPDRTLMTQQSGNVKITVNGQTVRYKCNCGGSNEGLTTTDKVINNCKIDQCHAAVTNHKNWQYNSPLVPR
NAELGDRKGKIHIPFPLANVTCRVPKARNPTVTYGKNQVTMLLYPDHPTLLSYRNMGQEPNYHEEWVTHKKEVTLTVPTE
GLEVTWGNNEPYKYWPQMSTNGTAHGHPHEIILYYYELYPTMTVVIVSVASFVLLSMVGTAVGMCVCARRRCITPYELTP
GATVPFLLSLLCCVRTTKA
;
E,F,G,H
4 'polypeptide(L)'
;NDCIFEVKHEGKVMGYACLVGDKVMKPAHVKGTIDNADLAKLAFKRSSKYDLECAQIPVHMKSDASKFTHEKPEGYYNWH
HGAVQYSGGRFTIPTGAGKPGDSGRPIFDNKGRVVAIVLGGANEGARTALSVVTWNKDIVTKITPEGAEEW
;
I,J,K,L
#
# COMPACT_ATOMS: atom_id res chain seq x y z
N SER A 1 -8.89 15.78 71.43
CA SER A 1 -8.27 16.87 72.15
C SER A 1 -6.84 16.55 72.56
N SER A 2 -6.38 17.15 73.64
CA SER A 2 -4.98 17.10 74.05
C SER A 2 -4.90 17.25 75.55
N SER A 3 -3.68 17.45 76.06
CA SER A 3 -3.47 17.87 77.43
C SER A 3 -2.49 19.04 77.45
N LEU A 4 -2.46 19.75 78.56
CA LEU A 4 -1.62 20.93 78.70
C LEU A 4 -0.16 20.52 78.92
N VAL A 5 0.76 21.37 78.44
CA VAL A 5 2.16 21.20 78.82
C VAL A 5 2.71 22.43 79.52
N SER A 6 2.79 23.55 78.80
CA SER A 6 3.40 24.78 79.31
C SER A 6 2.48 25.95 78.99
N GLU A 7 2.04 26.65 80.05
CA GLU A 7 1.03 27.71 79.94
C GLU A 7 1.68 29.03 80.37
N SER A 8 2.34 29.68 79.43
CA SER A 8 3.28 30.75 79.77
C SER A 8 2.77 32.10 79.31
N VAL A 9 3.38 33.14 79.87
CA VAL A 9 3.13 34.53 79.49
C VAL A 9 4.37 35.03 78.75
N VAL A 10 4.17 35.66 77.61
CA VAL A 10 5.27 36.17 76.79
C VAL A 10 5.02 37.66 76.52
N SER A 11 5.96 38.50 76.95
CA SER A 11 5.89 39.94 76.75
C SER A 11 7.00 40.42 75.83
N LEU A 12 6.60 41.05 74.72
CA LEU A 12 7.51 41.55 73.69
C LEU A 12 7.03 42.92 73.23
N ALA A 13 7.92 43.63 72.54
CA ALA A 13 7.62 44.97 72.05
C ALA A 13 6.86 44.95 70.73
N ALA A 14 5.97 45.93 70.56
CA ALA A 14 5.31 46.15 69.29
C ALA A 14 6.29 46.48 68.19
N GLY A 15 6.04 45.95 66.99
CA GLY A 15 6.91 46.13 65.86
C GLY A 15 7.97 45.05 65.74
N THR A 16 8.24 44.33 66.81
CA THR A 16 9.19 43.22 66.81
C THR A 16 8.48 41.95 66.33
N GLN A 17 9.22 40.86 66.30
CA GLN A 17 8.70 39.59 65.83
C GLN A 17 8.48 38.67 67.01
N ALA A 18 7.26 38.16 67.14
CA ALA A 18 6.99 37.20 68.20
C ALA A 18 7.40 35.81 67.75
N VAL A 19 8.01 35.06 68.65
CA VAL A 19 8.37 33.66 68.41
C VAL A 19 7.79 32.85 69.54
N LEU A 20 6.79 32.03 69.22
CA LEU A 20 6.15 31.17 70.20
C LEU A 20 6.79 29.81 70.01
N ARG A 21 7.73 29.50 70.90
CA ARG A 21 8.58 28.33 70.72
C ARG A 21 7.79 27.07 71.02
N CYS A 22 7.81 26.12 70.07
CA CYS A 22 7.06 24.87 70.19
C CYS A 22 7.86 23.78 69.49
N GLN A 23 8.48 22.89 70.25
CA GLN A 23 9.36 21.86 69.70
C GLN A 23 8.94 20.50 70.21
N SER A 24 9.08 19.47 69.35
CA SER A 24 8.79 18.10 69.75
C SER A 24 9.47 17.09 68.82
N PRO A 25 10.42 16.30 69.32
CA PRO A 25 10.99 15.22 68.50
C PRO A 25 10.04 14.09 68.17
N ARG A 26 8.94 13.93 68.90
CA ARG A 26 8.04 12.83 68.62
C ARG A 26 6.97 13.18 67.57
N MET A 27 7.01 14.37 67.00
CA MET A 27 6.15 14.74 65.88
C MET A 27 6.87 14.75 64.53
N VAL A 28 8.10 14.26 64.48
CA VAL A 28 8.90 14.27 63.26
C VAL A 28 8.40 13.28 62.21
N TRP A 29 8.38 13.74 60.95
CA TRP A 29 8.06 12.99 59.76
C TRP A 29 8.77 13.73 58.64
N THR A 30 8.96 13.06 57.50
CA THR A 30 9.70 13.68 56.42
C THR A 30 8.90 13.50 55.13
N GLN A 31 9.32 14.20 54.08
CA GLN A 31 8.62 14.08 52.80
C GLN A 31 9.01 12.79 52.07
N ASP A 32 8.88 11.67 52.77
CA ASP A 32 9.21 10.31 52.39
C ASP A 32 8.44 9.40 53.33
N ARG A 33 8.27 8.15 52.91
CA ARG A 33 7.60 7.13 53.69
C ARG A 33 8.63 6.11 54.15
N LEU A 34 9.87 6.57 54.25
CA LEU A 34 11.08 5.83 54.58
C LEU A 34 10.97 5.16 55.93
N HIS A 35 10.70 3.84 55.92
CA HIS A 35 10.48 2.99 57.10
C HIS A 35 9.65 3.69 58.18
N ASP A 36 8.49 4.17 57.77
CA ASP A 36 7.56 4.82 58.67
C ASP A 36 6.59 3.81 59.29
N ARG A 37 6.89 2.53 59.16
CA ARG A 37 6.24 1.47 59.91
C ARG A 37 7.29 0.54 60.51
N GLN A 38 8.45 1.11 60.83
CA GLN A 38 9.56 0.33 61.35
C GLN A 38 9.52 0.29 62.86
N ARG A 39 9.36 -0.89 63.42
CA ARG A 39 9.46 -1.10 64.85
C ARG A 39 10.57 -2.11 65.08
N VAL A 40 11.06 -2.21 66.32
CA VAL A 40 12.07 -3.20 66.66
C VAL A 40 11.80 -3.72 68.05
N VAL A 41 11.86 -5.04 68.20
CA VAL A 41 11.85 -5.69 69.49
C VAL A 41 13.24 -6.29 69.67
N HIS A 42 13.71 -6.31 70.91
CA HIS A 42 14.95 -7.04 71.16
C HIS A 42 15.00 -7.60 72.56
N TRP A 43 15.60 -8.78 72.69
CA TRP A 43 15.75 -9.42 73.99
C TRP A 43 17.18 -9.24 74.47
N ASP A 44 17.33 -8.70 75.67
CA ASP A 44 18.62 -8.49 76.30
C ASP A 44 18.66 -9.23 77.63
N LEU A 45 19.86 -9.62 78.04
CA LEU A 45 20.11 -10.25 79.33
C LEU A 45 21.14 -9.45 80.10
N SER A 46 20.77 -9.04 81.31
CA SER A 46 21.66 -8.32 82.20
C SER A 46 21.63 -8.95 83.58
N GLY A 47 22.58 -8.51 84.42
CA GLY A 47 22.73 -9.02 85.75
C GLY A 47 23.01 -7.89 86.71
N GLY A 48 22.08 -6.92 86.77
CA GLY A 48 22.20 -5.82 87.69
C GLY A 48 22.87 -4.60 87.09
N PRO A 49 22.98 -3.54 87.90
CA PRO A 49 23.62 -2.30 87.42
C PRO A 49 25.11 -2.42 87.18
N GLY A 50 25.79 -3.40 87.80
CA GLY A 50 27.22 -3.49 87.67
C GLY A 50 27.59 -4.66 86.78
N SER A 51 26.70 -4.95 85.84
CA SER A 51 26.95 -5.92 84.78
C SER A 51 26.42 -5.33 83.48
N GLN A 52 26.94 -5.83 82.36
CA GLN A 52 26.63 -5.30 81.05
C GLN A 52 25.58 -6.17 80.39
N ARG A 53 24.51 -5.55 79.89
CA ARG A 53 23.51 -6.29 79.16
C ARG A 53 24.09 -6.69 77.80
N ARG A 54 23.65 -7.84 77.29
CA ARG A 54 24.10 -8.31 75.99
C ARG A 54 22.89 -8.57 75.10
N ARG A 55 22.93 -8.03 73.89
CA ARG A 55 21.89 -8.28 72.90
C ARG A 55 21.98 -9.72 72.42
N LEU A 56 20.88 -10.47 72.57
CA LEU A 56 20.84 -11.87 72.16
C LEU A 56 20.20 -12.01 70.78
N VAL A 57 19.06 -11.36 70.60
CA VAL A 57 18.25 -11.49 69.41
C VAL A 57 17.44 -10.20 69.28
N ASP A 58 17.23 -9.77 68.04
CA ASP A 58 16.46 -8.59 67.74
C ASP A 58 15.58 -8.85 66.54
N MET A 59 14.60 -7.98 66.33
CA MET A 59 13.65 -8.21 65.25
C MET A 59 12.96 -6.94 64.78
N TYR A 60 13.00 -6.74 63.46
CA TYR A 60 12.27 -5.73 62.73
C TYR A 60 10.87 -6.25 62.42
N SER A 61 9.92 -5.32 62.27
CA SER A 61 8.58 -5.69 61.85
C SER A 61 8.55 -6.40 60.48
N ALA A 62 7.66 -7.38 60.38
CA ALA A 62 7.41 -8.24 59.20
C ALA A 62 8.60 -9.11 58.77
N GLY A 63 9.54 -9.46 59.65
CA GLY A 63 10.70 -10.23 59.25
C GLY A 63 10.93 -11.48 60.09
N GLU A 64 12.05 -12.16 59.78
CA GLU A 64 12.49 -13.39 60.46
C GLU A 64 13.64 -13.07 61.42
N GLN A 65 13.66 -13.77 62.56
CA GLN A 65 14.58 -13.47 63.66
C GLN A 65 16.05 -13.73 63.32
N ARG A 66 16.93 -12.85 63.82
CA ARG A 66 18.37 -12.95 63.65
C ARG A 66 19.01 -13.15 65.02
N VAL A 67 19.83 -14.19 65.13
CA VAL A 67 20.54 -14.54 66.37
C VAL A 67 22.00 -14.07 66.29
N TYR A 68 22.51 -13.57 67.42
CA TYR A 68 23.85 -12.98 67.50
C TYR A 68 24.92 -13.97 67.92
N GLU A 69 24.55 -15.02 68.66
CA GLU A 69 25.50 -16.02 69.14
C GLU A 69 25.37 -17.35 68.41
N PRO A 70 26.48 -17.84 67.81
CA PRO A 70 26.43 -19.14 67.11
C PRO A 70 26.01 -20.31 67.99
N ARG A 71 26.35 -20.25 69.28
CA ARG A 71 25.86 -21.25 70.23
C ARG A 71 24.34 -21.19 70.36
N ASP A 72 23.78 -19.99 70.26
CA ASP A 72 22.36 -19.76 70.46
C ASP A 72 21.50 -20.11 69.25
N ARG A 73 22.11 -20.45 68.11
CA ARG A 73 21.35 -20.92 66.97
C ARG A 73 20.61 -22.20 67.34
N ASP A 74 19.34 -22.28 66.95
CA ASP A 74 18.39 -23.36 67.26
C ASP A 74 18.13 -23.50 68.76
N ARG A 75 18.53 -22.52 69.56
CA ARG A 75 18.39 -22.51 71.01
C ARG A 75 17.50 -21.41 71.53
N LEU A 76 17.60 -20.21 70.99
CA LEU A 76 16.70 -19.10 71.29
C LEU A 76 15.76 -18.89 70.10
N LEU A 77 14.46 -18.98 70.35
CA LEU A 77 13.49 -18.94 69.28
C LEU A 77 12.42 -17.91 69.63
N LEU A 78 12.12 -17.03 68.69
CA LEU A 78 11.00 -16.12 68.76
C LEU A 78 9.97 -16.54 67.73
N SER A 79 8.73 -16.14 67.92
CA SER A 79 7.73 -16.28 66.87
C SER A 79 8.07 -15.30 65.76
N PRO A 80 8.28 -15.76 64.51
CA PRO A 80 8.62 -14.83 63.42
C PRO A 80 7.52 -13.84 63.07
N SER A 81 6.26 -14.14 63.37
CA SER A 81 5.13 -13.26 63.11
C SER A 81 4.64 -12.59 64.38
N ALA A 82 5.58 -12.21 65.26
CA ALA A 82 5.25 -11.58 66.54
C ALA A 82 4.43 -10.32 66.38
N PHE A 83 4.69 -9.54 65.33
CA PHE A 83 4.01 -8.28 65.11
C PHE A 83 2.59 -8.43 64.58
N HIS A 84 2.09 -9.65 64.35
CA HIS A 84 0.70 -9.75 63.94
C HIS A 84 -0.24 -9.75 65.15
N ASP A 85 0.11 -10.47 66.22
CA ASP A 85 -0.73 -10.61 67.40
C ASP A 85 -0.13 -10.02 68.66
N GLY A 86 1.07 -9.46 68.61
CA GLY A 86 1.68 -8.88 69.78
C GLY A 86 2.24 -9.88 70.77
N ASN A 87 2.51 -11.11 70.34
CA ASN A 87 3.07 -12.14 71.21
C ASN A 87 4.57 -12.23 70.91
N PHE A 88 5.35 -11.48 71.69
CA PHE A 88 6.79 -11.34 71.52
C PHE A 88 7.59 -12.27 72.43
N SER A 89 6.96 -13.32 72.97
CA SER A 89 7.60 -14.23 73.91
C SER A 89 8.81 -14.95 73.31
N LEU A 90 9.79 -15.25 74.17
CA LEU A 90 11.02 -15.92 73.74
C LEU A 90 11.16 -17.29 74.38
N LEU A 91 11.39 -18.31 73.55
CA LEU A 91 11.60 -19.68 74.02
C LEU A 91 13.09 -19.97 73.98
N ILE A 92 13.66 -20.30 75.14
CA ILE A 92 15.04 -20.81 75.20
C ILE A 92 14.98 -22.33 75.27
N ARG A 93 15.54 -22.99 74.24
CA ARG A 93 15.45 -24.45 74.13
C ARG A 93 16.18 -25.15 75.26
N ALA A 94 17.39 -24.70 75.59
CA ALA A 94 18.15 -25.31 76.66
C ALA A 94 19.02 -24.24 77.33
N VAL A 95 18.87 -24.14 78.63
CA VAL A 95 19.46 -23.09 79.45
C VAL A 95 20.78 -23.59 80.05
N ASP A 96 21.69 -22.66 80.38
CA ASP A 96 22.94 -22.99 81.07
C ASP A 96 23.23 -21.90 82.10
N ARG A 97 24.38 -22.03 82.77
CA ARG A 97 24.79 -21.11 83.85
C ARG A 97 24.95 -19.67 83.40
N GLY A 98 25.29 -19.44 82.13
CA GLY A 98 25.39 -18.06 81.66
C GLY A 98 24.09 -17.32 81.47
N ASP A 99 22.95 -18.04 81.51
CA ASP A 99 21.65 -17.45 81.26
C ASP A 99 20.91 -16.92 82.50
N GLU A 100 21.44 -17.08 83.71
CA GLU A 100 20.74 -16.57 84.89
C GLU A 100 20.76 -15.06 84.92
N GLY A 101 19.64 -14.45 85.32
CA GLY A 101 19.66 -12.99 85.30
C GLY A 101 18.34 -12.40 84.90
N VAL A 102 18.31 -11.07 84.74
CA VAL A 102 17.11 -10.36 84.35
C VAL A 102 17.13 -10.12 82.84
N TYR A 103 16.08 -10.60 82.17
CA TYR A 103 15.90 -10.43 80.74
C TYR A 103 14.93 -9.30 80.48
N THR A 104 15.28 -8.41 79.57
CA THR A 104 14.37 -7.35 79.18
C THR A 104 13.96 -7.53 77.72
N CYS A 105 12.65 -7.56 77.53
CA CYS A 105 12.01 -7.54 76.22
C CYS A 105 11.74 -6.09 75.91
N ASN A 106 12.35 -5.57 74.85
CA ASN A 106 12.26 -4.16 74.54
C ASN A 106 11.46 -3.97 73.26
N LEU A 107 10.39 -3.18 73.36
CA LEU A 107 9.58 -2.72 72.25
C LEU A 107 10.01 -1.30 71.93
N HIS A 108 10.23 -1.01 70.65
CA HIS A 108 10.58 0.33 70.26
C HIS A 108 9.87 0.68 68.98
N HIS A 109 9.21 1.84 68.98
CA HIS A 109 8.55 2.34 67.79
C HIS A 109 9.44 3.48 67.32
N HIS A 110 10.08 3.25 66.17
CA HIS A 110 11.04 4.20 65.62
C HIS A 110 10.33 5.40 65.02
N TYR A 111 9.07 5.26 64.65
CA TYR A 111 8.37 6.36 64.00
C TYR A 111 7.89 7.37 65.03
N CYS A 112 7.16 6.91 66.04
CA CYS A 112 6.79 7.79 67.15
C CYS A 112 7.97 8.00 68.10
N HIS A 113 9.03 7.21 67.92
CA HIS A 113 10.23 7.15 68.76
C HIS A 113 9.89 6.89 70.22
N LEU A 114 8.96 5.98 70.47
CA LEU A 114 8.69 5.61 71.85
C LEU A 114 9.45 4.34 72.17
N ASP A 115 9.83 4.19 73.44
CA ASP A 115 10.54 3.02 73.91
C ASP A 115 9.86 2.48 75.15
N GLU A 116 9.71 1.16 75.21
CA GLU A 116 9.11 0.50 76.35
C GLU A 116 9.82 -0.84 76.53
N SER A 117 9.97 -1.26 77.78
CA SER A 117 10.70 -2.48 78.07
C SER A 117 10.04 -3.16 79.25
N LEU A 118 10.17 -4.48 79.30
CA LEU A 118 9.71 -5.24 80.45
C LEU A 118 10.77 -6.26 80.87
N ALA A 119 10.78 -6.57 82.16
CA ALA A 119 11.76 -7.46 82.74
C ALA A 119 11.12 -8.77 83.19
N VAL A 120 11.91 -9.83 83.12
CA VAL A 120 11.56 -11.14 83.64
C VAL A 120 12.84 -11.70 84.27
N ARG A 121 12.73 -12.22 85.49
CA ARG A 121 13.91 -12.73 86.19
C ARG A 121 14.01 -14.24 86.04
N LEU A 122 15.13 -14.72 85.52
CA LEU A 122 15.39 -16.15 85.38
C LEU A 122 16.32 -16.67 86.46
N GLU A 123 15.86 -17.73 87.14
CA GLU A 123 16.64 -18.51 88.09
C GLU A 123 16.52 -19.97 87.68
N VAL A 124 17.66 -20.62 87.54
CA VAL A 124 17.74 -22.00 87.08
C VAL A 124 17.99 -22.91 88.27
N THR A 125 17.07 -23.82 88.51
CA THR A 125 17.15 -24.74 89.63
C THR A 125 17.62 -26.12 89.17
N GLU A 126 17.66 -27.06 90.10
CA GLU A 126 17.99 -28.45 89.83
C GLU A 126 16.82 -29.40 90.05
N ASP A 127 15.87 -29.03 90.93
CA ASP A 127 14.69 -29.86 91.17
C ASP A 127 13.51 -29.33 90.37
N PRO A 128 12.87 -30.17 89.56
CA PRO A 128 11.74 -29.70 88.75
C PRO A 128 10.49 -29.38 89.52
N LEU A 129 10.28 -29.96 90.71
CA LEU A 129 9.10 -29.65 91.49
C LEU A 129 9.14 -28.29 92.14
N LEU A 130 10.30 -27.64 92.19
CA LEU A 130 10.42 -26.26 92.64
C LEU A 130 10.23 -25.25 91.51
N SER A 131 9.99 -25.72 90.28
CA SER A 131 9.88 -24.83 89.14
C SER A 131 8.52 -24.13 89.12
N ARG A 132 8.54 -22.80 89.12
CA ARG A 132 7.33 -22.01 89.18
C ARG A 132 7.53 -20.70 88.43
N ALA A 133 6.41 -20.04 88.13
CA ALA A 133 6.37 -18.69 87.56
C ALA A 133 5.53 -17.84 88.49
N TYR A 134 6.10 -16.77 89.04
CA TYR A 134 5.38 -15.96 90.02
C TYR A 134 5.63 -14.48 89.77
N TRP A 135 4.90 -13.65 90.50
CA TRP A 135 4.93 -12.21 90.33
C TRP A 135 5.62 -11.61 91.55
N ASP A 136 6.80 -11.02 91.37
CA ASP A 136 7.53 -10.54 92.54
C ASP A 136 7.06 -9.16 93.00
N GLY A 137 6.06 -8.59 92.35
CA GLY A 137 5.58 -7.25 92.64
C GLY A 137 5.72 -6.28 91.47
N GLU A 138 6.67 -6.54 90.57
CA GLU A 138 6.83 -5.66 89.42
C GLU A 138 7.28 -6.38 88.15
N LYS A 139 7.57 -7.67 88.24
CA LYS A 139 8.00 -8.42 87.08
C LYS A 139 7.75 -9.91 87.33
N GLU A 140 7.62 -10.66 86.25
CA GLU A 140 7.50 -12.10 86.39
C GLU A 140 8.87 -12.70 86.68
N VAL A 141 8.90 -13.66 87.60
CA VAL A 141 10.11 -14.39 87.94
C VAL A 141 9.85 -15.87 87.65
N LEU A 142 10.65 -16.45 86.76
CA LEU A 142 10.55 -17.86 86.39
C LEU A 142 11.75 -18.63 86.93
N VAL A 143 11.45 -19.67 87.69
CA VAL A 143 12.43 -20.66 88.13
C VAL A 143 12.28 -21.88 87.25
N VAL A 144 13.31 -22.21 86.47
CA VAL A 144 13.26 -23.25 85.44
C VAL A 144 14.38 -24.24 85.70
N ALA A 145 14.08 -25.53 85.56
CA ALA A 145 15.09 -26.57 85.67
C ALA A 145 16.11 -26.46 84.55
N HIS A 146 17.35 -26.84 84.85
CA HIS A 146 18.43 -26.80 83.87
C HIS A 146 18.16 -27.72 82.69
N GLY A 147 18.41 -27.20 81.49
CA GLY A 147 18.19 -27.93 80.26
C GLY A 147 16.76 -27.95 79.75
N ALA A 148 15.80 -27.48 80.54
CA ALA A 148 14.43 -27.37 80.09
C ALA A 148 14.26 -26.09 79.27
N PRO A 149 13.22 -25.99 78.44
CA PRO A 149 12.99 -24.73 77.74
C PRO A 149 12.34 -23.72 78.67
N ALA A 150 12.55 -22.45 78.37
CA ALA A 150 12.01 -21.35 79.15
C ALA A 150 11.23 -20.44 78.22
N LEU A 151 9.94 -20.29 78.48
CA LEU A 151 9.11 -19.36 77.73
C LEU A 151 8.99 -18.09 78.56
N MET A 152 9.74 -17.07 78.16
CA MET A 152 9.65 -15.77 78.82
C MET A 152 8.62 -14.95 78.06
N THR A 153 7.49 -14.72 78.72
CA THR A 153 6.33 -14.13 78.09
C THR A 153 6.54 -12.64 77.91
N CYS A 154 6.25 -12.14 76.70
CA CYS A 154 6.26 -10.70 76.43
C CYS A 154 5.09 -10.45 75.49
N ILE A 155 3.96 -10.05 76.06
CA ILE A 155 2.72 -9.86 75.33
C ILE A 155 2.31 -8.41 75.49
N ASN A 156 2.11 -7.72 74.37
CA ASN A 156 1.69 -6.32 74.38
C ASN A 156 0.65 -6.20 73.27
N ARG A 157 -0.61 -6.13 73.67
CA ARG A 157 -1.74 -6.13 72.77
C ARG A 157 -2.18 -4.74 72.37
N ALA A 158 -1.39 -3.72 72.67
CA ALA A 158 -1.71 -2.37 72.21
C ALA A 158 -1.67 -2.33 70.68
N HIS A 159 -2.58 -1.53 70.10
CA HIS A 159 -2.72 -1.49 68.65
C HIS A 159 -1.51 -0.86 67.97
N VAL A 160 -0.75 -0.03 68.70
CA VAL A 160 0.41 0.65 68.14
C VAL A 160 1.52 -0.32 67.79
N TRP A 161 1.54 -1.50 68.41
CA TRP A 161 2.61 -2.46 68.18
C TRP A 161 2.30 -3.46 67.09
N THR A 162 1.04 -3.64 66.71
CA THR A 162 0.76 -4.70 65.77
C THR A 162 0.82 -4.13 64.36
N ASP A 163 0.73 -5.00 63.37
CA ASP A 163 0.86 -4.61 61.98
C ASP A 163 -0.47 -4.25 61.34
N ARG A 164 -1.51 -4.02 62.16
CA ARG A 164 -2.85 -3.78 61.65
C ARG A 164 -2.95 -2.49 60.84
N HIS A 165 -2.62 -1.34 61.43
CA HIS A 165 -2.87 -0.16 60.62
C HIS A 165 -1.61 0.59 60.20
N LEU A 166 -1.08 1.40 61.12
CA LEU A 166 0.05 2.31 60.90
C LEU A 166 -0.07 3.02 59.55
N GLU A 167 -1.19 3.72 59.38
CA GLU A 167 -1.32 4.80 58.42
C GLU A 167 -0.87 6.11 59.06
N GLU A 168 0.29 6.61 58.63
CA GLU A 168 1.06 7.50 59.47
C GLU A 168 0.51 8.91 59.47
N ALA A 169 0.16 9.43 58.27
CA ALA A 169 -0.05 10.85 57.98
C ALA A 169 -1.11 11.55 58.82
N GLN A 170 -1.88 10.83 59.65
CA GLN A 170 -2.81 11.54 60.50
C GLN A 170 -2.15 12.31 61.64
N GLN A 171 -0.84 12.47 61.88
CA GLN A 171 -0.40 13.57 62.72
C GLN A 171 -0.75 14.90 62.09
N VAL A 172 -1.24 15.82 62.92
CA VAL A 172 -1.55 17.18 62.52
C VAL A 172 -1.19 18.12 63.66
N VAL A 173 -0.68 19.29 63.31
CA VAL A 173 -0.45 20.35 64.28
C VAL A 173 -1.38 21.52 63.96
N HIS A 174 -2.01 22.06 64.99
CA HIS A 174 -2.92 23.18 64.89
C HIS A 174 -2.34 24.40 65.62
N TRP A 175 -2.40 25.55 64.99
CA TRP A 175 -2.16 26.82 65.66
C TRP A 175 -3.48 27.56 65.82
N ASP A 176 -3.84 27.83 67.07
CA ASP A 176 -5.07 28.49 67.47
C ASP A 176 -4.74 29.83 68.11
N ARG A 177 -5.74 30.72 68.07
CA ARG A 177 -5.63 32.04 68.68
C ARG A 177 -6.95 32.29 69.40
N GLN A 178 -6.84 32.72 70.65
CA GLN A 178 -7.95 33.07 71.51
C GLN A 178 -7.87 34.56 71.76
N LEU A 179 -8.75 35.33 71.15
CA LEU A 179 -8.65 36.75 71.38
C LEU A 179 -9.30 37.04 72.74
N PRO A 180 -8.92 38.14 73.40
CA PRO A 180 -9.56 38.50 74.67
C PRO A 180 -11.05 38.76 74.50
N GLY A 181 -11.83 38.28 75.47
CA GLY A 181 -13.28 38.38 75.44
C GLY A 181 -13.96 37.27 74.66
N VAL A 182 -13.29 36.74 73.63
CA VAL A 182 -13.83 35.64 72.86
C VAL A 182 -13.76 34.37 73.72
N SER A 183 -14.91 33.72 73.90
CA SER A 183 -14.95 32.47 74.65
C SER A 183 -14.28 31.35 73.86
N HIS A 184 -13.98 30.26 74.56
CA HIS A 184 -13.37 29.11 73.93
C HIS A 184 -14.34 28.40 72.98
N ASP A 185 -13.77 27.42 72.26
CA ASP A 185 -14.32 26.59 71.17
C ASP A 185 -14.62 27.36 69.89
N ARG A 186 -14.95 28.66 69.99
CA ARG A 186 -15.16 29.52 68.82
C ARG A 186 -13.90 30.31 68.48
N ALA A 187 -12.74 29.79 68.88
CA ALA A 187 -11.47 30.44 68.57
C ALA A 187 -11.16 30.30 67.10
N ASP A 188 -10.55 31.33 66.52
CA ASP A 188 -10.26 31.29 65.11
C ASP A 188 -8.98 30.50 64.91
N ARG A 189 -9.01 29.60 63.94
CA ARG A 189 -7.82 28.85 63.57
C ARG A 189 -6.84 29.76 62.87
N LEU A 190 -5.56 29.68 63.27
CA LEU A 190 -4.52 30.42 62.59
C LEU A 190 -3.83 29.55 61.55
N LEU A 191 -3.46 28.33 61.92
CA LEU A 191 -2.78 27.49 60.95
C LEU A 191 -3.15 26.03 61.20
N ASP A 192 -3.43 25.30 60.13
CA ASP A 192 -3.51 23.85 60.19
C ASP A 192 -2.39 23.29 59.33
N LEU A 193 -1.56 22.43 59.92
CA LEU A 193 -0.44 21.85 59.21
C LEU A 193 -0.50 20.33 59.27
N TYR A 194 -0.61 19.73 58.09
CA TYR A 194 -0.63 18.30 57.88
C TYR A 194 0.80 17.87 57.63
N ALA A 195 1.12 16.63 58.05
CA ALA A 195 2.47 16.10 57.91
C ALA A 195 2.93 16.11 56.46
N SER A 196 2.01 15.99 55.50
CA SER A 196 2.36 16.02 54.09
C SER A 196 2.91 17.38 53.63
N GLY A 197 2.73 18.44 54.42
CA GLY A 197 3.24 19.76 54.10
C GLY A 197 2.18 20.82 53.90
N GLU A 198 0.94 20.41 53.61
CA GLU A 198 -0.15 21.33 53.32
C GLU A 198 -0.50 22.17 54.54
N ARG A 199 -0.74 23.46 54.30
CA ARG A 199 -1.10 24.41 55.34
C ARG A 199 -2.43 25.09 55.02
N ARG A 200 -3.17 25.40 56.08
CA ARG A 200 -4.41 26.17 56.02
C ARG A 200 -4.39 27.33 57.00
N ALA A 201 -4.36 28.54 56.47
CA ALA A 201 -4.48 29.74 57.27
C ALA A 201 -5.88 30.30 57.04
N TYR A 202 -6.44 30.91 58.08
CA TYR A 202 -7.80 31.41 58.04
C TYR A 202 -7.80 32.89 58.39
N GLY A 203 -8.80 33.62 57.91
CA GLY A 203 -8.89 35.02 58.22
C GLY A 203 -8.58 35.92 57.03
N PRO A 204 -8.78 37.22 57.21
CA PRO A 204 -8.48 38.21 56.15
C PRO A 204 -7.00 38.27 55.84
N PRO A 205 -6.61 38.89 54.70
CA PRO A 205 -5.17 38.95 54.33
C PRO A 205 -4.25 39.59 55.37
N PHE A 206 -4.74 40.53 56.19
CA PHE A 206 -3.91 41.12 57.24
C PHE A 206 -3.36 40.08 58.22
N LEU A 207 -4.10 39.01 58.47
CA LEU A 207 -3.63 37.98 59.37
C LEU A 207 -2.80 36.94 58.64
N ARG A 208 -3.26 36.51 57.46
CA ARG A 208 -2.58 35.47 56.71
C ARG A 208 -1.21 35.89 56.20
N ASP A 209 -1.03 37.17 55.84
CA ASP A 209 0.26 37.65 55.33
C ASP A 209 1.33 37.68 56.43
N ARG A 210 0.91 37.77 57.69
CA ARG A 210 1.84 37.96 58.79
C ARG A 210 2.09 36.69 59.59
N VAL A 211 1.41 35.59 59.28
CA VAL A 211 1.51 34.37 60.07
C VAL A 211 2.28 33.34 59.25
N SER A 212 3.34 32.84 59.84
CA SER A 212 4.20 31.86 59.21
C SER A 212 4.81 30.96 60.27
N VAL A 213 5.10 29.73 59.86
CA VAL A 213 5.87 28.77 60.63
C VAL A 213 7.00 28.36 59.70
N ASN A 214 8.19 28.11 60.27
CA ASN A 214 9.38 27.75 59.51
C ASN A 214 9.11 26.54 58.61
N THR A 215 9.78 26.52 57.47
CA THR A 215 9.45 25.59 56.39
C THR A 215 9.81 24.15 56.73
N ASN A 216 10.68 23.95 57.73
CA ASN A 216 11.08 22.64 58.20
C ASN A 216 10.29 22.27 59.45
N ALA A 217 9.03 22.69 59.51
CA ALA A 217 8.20 22.54 60.71
C ALA A 217 8.02 21.08 61.11
N PHE A 218 7.46 20.29 60.21
CA PHE A 218 7.17 18.89 60.51
C PHE A 218 8.39 18.00 60.43
N ALA A 219 9.43 18.44 59.70
CA ALA A 219 10.63 17.63 59.59
C ALA A 219 11.38 17.50 60.91
N ARG A 220 11.47 18.59 61.66
CA ARG A 220 12.22 18.57 62.92
C ARG A 220 11.30 18.59 64.12
N GLY A 221 9.99 18.64 63.88
CA GLY A 221 9.03 18.74 64.96
C GLY A 221 9.09 20.04 65.71
N ASP A 222 9.40 21.13 65.03
CA ASP A 222 9.48 22.45 65.64
C ASP A 222 8.43 23.26 64.89
N PHE A 223 7.35 23.59 65.57
CA PHE A 223 6.21 24.25 64.98
C PHE A 223 6.03 25.63 65.58
N SER A 224 7.13 26.21 66.02
CA SER A 224 7.15 27.52 66.67
C SER A 224 6.54 28.57 65.74
N LEU A 225 5.63 29.37 66.28
CA LEU A 225 4.94 30.36 65.48
C LEU A 225 5.77 31.62 65.40
N ARG A 226 5.99 32.12 64.20
CA ARG A 226 6.65 33.39 63.99
C ARG A 226 5.60 34.40 63.54
N ILE A 227 5.47 35.48 64.29
CA ILE A 227 4.53 36.55 63.99
C ILE A 227 5.35 37.78 63.66
N ASP A 228 5.34 38.15 62.39
CA ASP A 228 6.05 39.33 61.93
C ASP A 228 5.18 40.55 62.16
N GLU A 229 5.83 41.68 62.52
CA GLU A 229 5.25 43.03 62.68
C GLU A 229 4.03 43.00 63.61
N LEU A 230 4.34 42.74 64.89
CA LEU A 230 3.33 42.59 65.92
C LEU A 230 2.46 43.83 66.04
N GLU A 231 1.15 43.63 65.96
CA GLU A 231 0.20 44.71 66.17
C GLU A 231 -0.58 44.43 67.45
N ARG A 232 -1.27 45.48 67.91
CA ARG A 232 -2.09 45.38 69.12
C ARG A 232 -3.19 44.33 68.97
N ALA A 233 -3.70 44.13 67.75
CA ALA A 233 -4.70 43.10 67.50
C ALA A 233 -4.13 41.68 67.57
N ASP A 234 -2.81 41.51 67.69
CA ASP A 234 -2.24 40.16 67.79
C ASP A 234 -2.27 39.60 69.20
N GLU A 235 -2.55 40.43 70.20
CA GLU A 235 -2.50 39.98 71.60
C GLU A 235 -3.60 38.96 71.86
N GLY A 236 -3.32 38.04 72.77
CA GLY A 236 -4.27 36.98 73.07
C GLY A 236 -3.58 35.71 73.52
N ILE A 237 -4.36 34.65 73.59
CA ILE A 237 -3.92 33.36 74.06
C ILE A 237 -3.71 32.48 72.83
N TYR A 238 -2.47 32.16 72.54
CA TYR A 238 -2.11 31.31 71.41
C TYR A 238 -1.92 29.89 71.89
N SER A 239 -2.25 28.94 71.03
CA SER A 239 -2.08 27.55 71.44
C SER A 239 -1.54 26.73 70.28
N CYS A 240 -0.48 25.99 70.57
CA CYS A 240 0.13 25.01 69.70
C CYS A 240 -0.45 23.66 70.08
N HIS A 241 -1.03 22.95 69.11
CA HIS A 241 -1.59 21.63 69.36
C HIS A 241 -0.87 20.63 68.48
N LEU A 242 -0.10 19.76 69.11
CA LEU A 242 0.58 18.68 68.42
C LEU A 242 -0.26 17.43 68.62
N HIS A 243 -0.60 16.77 67.51
CA HIS A 243 -1.46 15.60 67.53
C HIS A 243 -0.75 14.53 66.71
N HIS A 244 -0.43 13.41 67.34
CA HIS A 244 0.02 12.22 66.67
C HIS A 244 -1.00 11.18 67.12
N HIS A 245 -2.08 11.07 66.34
CA HIS A 245 -3.26 10.32 66.77
C HIS A 245 -3.02 8.83 66.87
N TYR A 246 -2.22 8.25 65.98
CA TYR A 246 -2.06 6.80 66.01
C TYR A 246 -1.25 6.34 67.23
N CYS A 247 -0.14 7.01 67.51
CA CYS A 247 0.70 6.63 68.65
C CYS A 247 0.23 7.26 69.96
N GLY A 248 -0.89 7.97 69.94
CA GLY A 248 -1.47 8.54 71.14
C GLY A 248 -0.81 9.75 71.76
N LEU A 249 -0.06 10.53 70.99
CA LEU A 249 0.49 11.77 71.51
C LEU A 249 -0.52 12.88 71.25
N HIS A 250 -0.97 13.55 72.31
CA HIS A 250 -1.95 14.62 72.15
C HIS A 250 -1.62 15.71 73.16
N GLU A 251 -0.86 16.71 72.71
CA GLU A 251 -0.43 17.75 73.62
C GLU A 251 -0.75 19.12 73.02
N ARG A 252 -0.94 20.09 73.90
CA ARG A 252 -1.07 21.48 73.54
C ARG A 252 -0.25 22.30 74.51
N ARG A 253 0.28 23.39 73.99
CA ARG A 253 1.01 24.37 74.75
C ARG A 253 0.30 25.70 74.57
N VAL A 254 0.23 26.45 75.65
CA VAL A 254 -0.54 27.69 75.69
C VAL A 254 0.43 28.82 75.96
N PHE A 255 0.29 29.90 75.20
CA PHE A 255 1.17 31.05 75.32
C PHE A 255 0.26 32.26 75.48
N HIS A 256 0.40 32.98 76.59
CA HIS A 256 -0.35 34.21 76.77
C HIS A 256 0.52 35.34 76.22
N LEU A 257 0.18 35.80 75.02
CA LEU A 257 0.96 36.82 74.36
C LEU A 257 0.33 38.17 74.67
N GLN A 258 1.09 39.00 75.37
CA GLN A 258 0.76 40.39 75.61
C GLN A 258 1.90 41.21 75.05
N VAL A 259 1.56 42.29 74.37
CA VAL A 259 2.57 43.15 73.78
C VAL A 259 2.52 44.46 74.54
N THR A 260 3.54 44.69 75.36
CA THR A 260 3.64 45.89 76.19
C THR A 260 5.04 46.49 76.22
N GLU A 261 6.06 45.62 76.24
CA GLU A 261 7.33 46.00 76.84
C GLU A 261 8.47 45.26 76.15
N PRO A 262 9.62 45.91 75.90
CA PRO A 262 10.72 45.23 75.19
C PRO A 262 11.71 44.45 76.05
N ALA A 263 11.94 44.86 77.30
CA ALA A 263 13.15 44.43 77.99
C ALA A 263 12.95 43.89 79.40
N PHE A 264 11.88 44.31 80.10
CA PHE A 264 11.74 44.06 81.53
C PHE A 264 10.82 42.88 81.82
N GLU A 265 10.93 41.81 81.03
CA GLU A 265 10.12 40.62 81.21
C GLU A 265 10.60 39.79 82.40
N PRO A 266 9.69 39.09 83.06
CA PRO A 266 10.08 38.06 84.03
C PRO A 266 10.09 36.70 83.38
N PRO A 267 11.09 35.84 83.68
CA PRO A 267 11.11 34.52 83.06
C PRO A 267 10.09 33.56 83.65
N SER A 268 9.06 33.24 82.85
CA SER A 268 8.03 32.31 83.25
C SER A 268 8.45 30.88 82.90
N ALA A 269 7.64 29.93 83.38
CA ALA A 269 7.81 28.47 83.17
C ALA A 269 9.18 27.94 83.56
N SER B 1 62.46 -9.68 24.55
CA SER B 1 63.20 -10.88 24.20
C SER B 1 62.32 -12.11 24.32
N SER B 2 62.92 -13.28 24.12
CA SER B 2 62.17 -14.53 24.18
C SER B 2 63.13 -15.67 24.46
N SER B 3 62.55 -16.80 24.83
CA SER B 3 63.19 -18.09 24.70
C SER B 3 63.24 -18.50 23.23
N LEU B 4 64.44 -18.78 22.72
CA LEU B 4 64.57 -19.19 21.33
C LEU B 4 64.17 -20.65 21.19
N VAL B 5 63.75 -21.04 19.98
CA VAL B 5 63.53 -22.47 19.76
C VAL B 5 64.34 -22.99 18.59
N SER B 6 64.22 -22.39 17.41
CA SER B 6 65.04 -22.88 16.31
C SER B 6 65.73 -21.70 15.63
N GLU B 7 67.03 -21.83 15.47
CA GLU B 7 67.87 -20.84 14.81
C GLU B 7 68.34 -21.45 13.50
N SER B 8 68.05 -20.80 12.38
CA SER B 8 68.44 -21.42 11.11
C SER B 8 69.00 -20.36 10.18
N VAL B 9 69.72 -20.84 9.16
CA VAL B 9 70.24 -19.99 8.10
C VAL B 9 69.48 -20.28 6.82
N VAL B 10 69.01 -19.23 6.16
CA VAL B 10 68.25 -19.35 4.92
C VAL B 10 68.89 -18.47 3.85
N SER B 11 69.32 -19.09 2.75
CA SER B 11 69.92 -18.39 1.62
C SER B 11 69.01 -18.56 0.41
N LEU B 12 68.53 -17.46 -0.15
CA LEU B 12 67.61 -17.51 -1.26
C LEU B 12 67.97 -16.47 -2.31
N ALA B 13 67.42 -16.65 -3.50
CA ALA B 13 67.66 -15.79 -4.66
C ALA B 13 66.79 -14.54 -4.65
N ALA B 14 67.38 -13.47 -5.18
CA ALA B 14 66.69 -12.21 -5.43
C ALA B 14 65.54 -12.39 -6.42
N GLY B 15 64.39 -11.83 -6.06
CA GLY B 15 63.17 -11.95 -6.85
C GLY B 15 62.33 -13.19 -6.58
N THR B 16 62.63 -13.93 -5.53
CA THR B 16 61.90 -15.13 -5.16
C THR B 16 61.04 -14.80 -3.95
N GLN B 17 60.51 -15.83 -3.30
CA GLN B 17 59.66 -15.66 -2.12
C GLN B 17 60.27 -16.41 -0.96
N ALA B 18 60.54 -15.69 0.12
CA ALA B 18 61.01 -16.27 1.36
C ALA B 18 59.82 -16.73 2.20
N VAL B 19 59.96 -17.88 2.83
CA VAL B 19 58.98 -18.38 3.78
C VAL B 19 59.74 -18.70 5.07
N LEU B 20 59.53 -17.88 6.08
CA LEU B 20 60.15 -18.08 7.37
C LEU B 20 59.07 -18.70 8.24
N ARG B 21 59.16 -20.00 8.45
CA ARG B 21 58.09 -20.74 9.08
C ARG B 21 57.99 -20.38 10.55
N CYS B 22 56.78 -20.04 10.99
CA CYS B 22 56.54 -19.74 12.40
C CYS B 22 55.10 -20.18 12.62
N GLN B 23 54.93 -21.37 13.20
CA GLN B 23 53.62 -21.97 13.38
C GLN B 23 53.55 -22.47 14.81
N SER B 24 52.35 -22.46 15.37
CA SER B 24 52.20 -22.97 16.71
C SER B 24 50.77 -23.40 17.01
N PRO B 25 50.55 -24.69 17.29
CA PRO B 25 49.24 -25.12 17.75
C PRO B 25 48.88 -24.58 19.12
N ARG B 26 49.88 -24.20 19.93
CA ARG B 26 49.64 -23.69 21.26
C ARG B 26 49.43 -22.17 21.29
N MET B 27 49.54 -21.49 20.16
CA MET B 27 49.17 -20.09 20.06
C MET B 27 47.89 -19.90 19.28
N VAL B 28 47.21 -20.99 18.92
CA VAL B 28 45.98 -20.92 18.15
C VAL B 28 44.88 -20.35 19.03
N TRP B 29 44.14 -19.39 18.51
CA TRP B 29 43.06 -18.75 19.23
C TRP B 29 42.14 -18.22 18.14
N THR B 30 40.91 -17.88 18.51
CA THR B 30 39.99 -17.41 17.48
C THR B 30 39.35 -16.12 17.92
N GLN B 31 38.71 -15.44 16.96
CA GLN B 31 38.07 -14.16 17.25
C GLN B 31 36.72 -14.33 17.93
N ASP B 32 36.71 -15.13 18.99
CA ASP B 32 35.59 -15.44 19.85
C ASP B 32 36.23 -16.00 21.10
N ARG B 33 35.50 -15.96 22.19
CA ARG B 33 36.06 -16.43 23.45
C ARG B 33 35.37 -17.73 23.87
N LEU B 34 34.90 -18.48 22.87
CA LEU B 34 34.18 -19.73 23.00
C LEU B 34 34.93 -20.69 23.91
N HIS B 35 34.41 -20.84 25.13
CA HIS B 35 34.99 -21.60 26.23
C HIS B 35 36.51 -21.47 26.32
N ASP B 36 36.99 -20.22 26.36
CA ASP B 36 38.42 -19.96 26.54
C ASP B 36 38.83 -19.82 28.00
N ARG B 37 37.95 -20.21 28.92
CA ARG B 37 38.29 -20.41 30.31
C ARG B 37 37.72 -21.73 30.76
N GLN B 38 37.66 -22.68 29.83
CA GLN B 38 37.09 -23.99 30.08
C GLN B 38 38.21 -24.89 30.59
N ARG B 39 38.06 -25.35 31.82
CA ARG B 39 38.97 -26.32 32.40
C ARG B 39 38.17 -27.53 32.80
N VAL B 40 38.88 -28.63 33.03
CA VAL B 40 38.27 -29.87 33.50
C VAL B 40 39.21 -30.56 34.45
N VAL B 41 38.66 -31.05 35.55
CA VAL B 41 39.34 -31.94 36.45
C VAL B 41 38.65 -33.28 36.31
N HIS B 42 39.41 -34.36 36.33
CA HIS B 42 38.80 -35.68 36.38
C HIS B 42 39.72 -36.69 37.05
N TRP B 43 39.12 -37.61 37.80
CA TRP B 43 39.84 -38.68 38.46
C TRP B 43 39.61 -39.98 37.70
N ASP B 44 40.70 -40.68 37.40
CA ASP B 44 40.63 -41.97 36.73
C ASP B 44 41.20 -43.05 37.63
N LEU B 45 40.71 -44.28 37.47
CA LEU B 45 41.18 -45.44 38.23
C LEU B 45 41.69 -46.52 37.32
N SER B 46 42.91 -47.00 37.59
CA SER B 46 43.51 -48.09 36.84
C SER B 46 43.94 -49.16 37.82
N GLY B 47 44.22 -50.34 37.27
CA GLY B 47 44.53 -51.49 38.11
C GLY B 47 45.67 -52.35 37.61
N GLY B 48 46.86 -51.78 37.49
CA GLY B 48 48.01 -52.56 37.09
C GLY B 48 48.26 -52.54 35.61
N PRO B 49 49.30 -53.26 35.17
CA PRO B 49 49.63 -53.28 33.73
C PRO B 49 48.60 -53.97 32.87
N GLY B 50 47.78 -54.86 33.42
CA GLY B 50 46.85 -55.59 32.58
C GLY B 50 45.40 -55.19 32.78
N SER B 51 45.17 -53.93 33.14
CA SER B 51 43.82 -53.40 33.24
C SER B 51 43.78 -52.00 32.62
N GLN B 52 42.57 -51.58 32.26
CA GLN B 52 42.34 -50.33 31.56
C GLN B 52 41.87 -49.29 32.56
N ARG B 53 42.43 -48.08 32.49
CA ARG B 53 42.01 -47.04 33.41
C ARG B 53 40.57 -46.61 33.13
N ARG B 54 39.84 -46.29 34.20
CA ARG B 54 38.44 -45.91 34.13
C ARG B 54 38.15 -44.57 34.80
N ARG B 55 37.43 -43.71 34.08
CA ARG B 55 36.97 -42.41 34.57
C ARG B 55 35.91 -42.55 35.67
N LEU B 56 36.16 -41.93 36.82
CA LEU B 56 35.21 -41.98 37.93
C LEU B 56 34.34 -40.74 38.05
N VAL B 57 34.94 -39.55 38.06
CA VAL B 57 34.27 -38.27 38.38
C VAL B 57 35.02 -37.15 37.67
N ASP B 58 34.26 -36.16 37.16
CA ASP B 58 34.84 -34.99 36.52
C ASP B 58 34.07 -33.73 36.92
N MET B 59 34.68 -32.59 36.61
CA MET B 59 34.09 -31.30 36.92
C MET B 59 34.65 -30.24 35.98
N TYR B 60 33.75 -29.48 35.37
CA TYR B 60 34.10 -28.35 34.53
C TYR B 60 34.37 -27.13 35.38
N SER B 61 35.19 -26.22 34.84
CA SER B 61 35.42 -24.93 35.45
C SER B 61 34.11 -24.17 35.64
N ALA B 62 34.01 -23.49 36.79
CA ALA B 62 32.82 -22.78 37.26
C ALA B 62 31.60 -23.69 37.44
N GLY B 63 31.81 -25.00 37.58
CA GLY B 63 30.71 -25.94 37.72
C GLY B 63 30.89 -26.87 38.91
N GLU B 64 29.94 -27.79 39.02
CA GLU B 64 29.92 -28.81 40.07
C GLU B 64 30.32 -30.17 39.52
N GLN B 65 30.85 -30.99 40.42
CA GLN B 65 31.37 -32.32 40.08
C GLN B 65 30.27 -33.25 39.57
N ARG B 66 30.63 -34.05 38.57
CA ARG B 66 29.72 -35.00 37.95
C ARG B 66 30.21 -36.42 38.24
N VAL B 67 29.31 -37.26 38.74
CA VAL B 67 29.61 -38.66 39.02
C VAL B 67 29.07 -39.53 37.88
N TYR B 68 29.83 -40.55 37.50
CA TYR B 68 29.49 -41.35 36.33
C TYR B 68 28.70 -42.60 36.68
N GLU B 69 28.87 -43.12 37.88
CA GLU B 69 28.17 -44.31 38.33
C GLU B 69 27.15 -43.96 39.40
N PRO B 70 25.86 -44.30 39.21
CA PRO B 70 24.85 -44.02 40.23
C PRO B 70 25.15 -44.65 41.58
N ARG B 71 25.85 -45.78 41.59
CA ARG B 71 26.32 -46.40 42.82
C ARG B 71 27.23 -45.47 43.62
N ASP B 72 28.07 -44.70 42.93
CA ASP B 72 29.05 -43.83 43.55
C ASP B 72 28.51 -42.50 44.05
N ARG B 73 27.23 -42.18 43.82
CA ARG B 73 26.66 -40.95 44.36
C ARG B 73 26.74 -40.89 45.88
N ASP B 74 27.16 -39.73 46.40
CA ASP B 74 27.43 -39.41 47.79
C ASP B 74 28.56 -40.28 48.37
N ARG B 75 29.32 -40.95 47.52
CA ARG B 75 30.40 -41.83 47.92
C ARG B 75 31.75 -41.31 47.46
N LEU B 76 31.81 -40.77 46.25
CA LEU B 76 32.99 -40.09 45.75
C LEU B 76 32.71 -38.59 45.82
N LEU B 77 33.52 -37.85 46.56
CA LEU B 77 33.23 -36.44 46.79
C LEU B 77 34.45 -35.61 46.48
N LEU B 78 34.26 -34.52 45.75
CA LEU B 78 35.29 -33.52 45.56
C LEU B 78 34.88 -32.25 46.30
N SER B 79 35.87 -31.42 46.62
CA SER B 79 35.59 -30.10 47.17
C SER B 79 34.94 -29.22 46.10
N PRO B 80 33.74 -28.69 46.36
CA PRO B 80 33.06 -27.84 45.35
C PRO B 80 33.78 -26.57 44.99
N SER B 81 34.66 -26.06 45.86
CA SER B 81 35.44 -24.86 45.58
C SER B 81 36.87 -25.20 45.23
N ALA B 82 37.05 -26.33 44.51
CA ALA B 82 38.38 -26.81 44.11
C ALA B 82 39.14 -25.76 43.31
N PHE B 83 38.43 -25.02 42.46
CA PHE B 83 39.04 -24.02 41.60
C PHE B 83 39.39 -22.73 42.32
N HIS B 84 39.09 -22.58 43.62
CA HIS B 84 39.52 -21.35 44.26
C HIS B 84 40.97 -21.44 44.75
N ASP B 85 41.37 -22.56 45.36
CA ASP B 85 42.71 -22.70 45.90
C ASP B 85 43.51 -23.80 45.21
N GLY B 86 42.94 -24.48 44.22
CA GLY B 86 43.64 -25.56 43.58
C GLY B 86 43.67 -26.83 44.39
N ASN B 87 42.71 -27.02 45.30
CA ASN B 87 42.62 -28.21 46.14
C ASN B 87 41.61 -29.16 45.48
N PHE B 88 42.12 -30.07 44.67
CA PHE B 88 41.32 -31.03 43.91
C PHE B 88 41.22 -32.39 44.58
N SER B 89 41.45 -32.45 45.90
CA SER B 89 41.44 -33.72 46.63
C SER B 89 40.09 -34.43 46.54
N LEU B 90 40.14 -35.76 46.53
CA LEU B 90 38.97 -36.61 46.40
C LEU B 90 38.78 -37.44 47.67
N LEU B 91 37.59 -37.37 48.25
CA LEU B 91 37.24 -38.14 49.44
C LEU B 91 36.39 -39.35 49.06
N ILE B 92 36.90 -40.54 49.38
CA ILE B 92 36.14 -41.79 49.33
C ILE B 92 35.66 -42.11 50.74
N ARG B 93 34.34 -42.13 50.93
CA ARG B 93 33.76 -42.27 52.27
C ARG B 93 34.11 -43.60 52.93
N ALA B 94 34.05 -44.71 52.19
CA ALA B 94 34.39 -46.01 52.74
C ALA B 94 34.97 -46.90 51.65
N VAL B 95 36.16 -47.41 51.92
CA VAL B 95 36.94 -48.16 50.96
C VAL B 95 36.72 -49.66 51.15
N ASP B 96 36.99 -50.43 50.11
CA ASP B 96 36.95 -51.89 50.18
C ASP B 96 38.13 -52.46 49.40
N ARG B 97 38.23 -53.79 49.40
CA ARG B 97 39.35 -54.49 48.76
C ARG B 97 39.37 -54.26 47.24
N GLY B 98 38.21 -54.04 46.63
CA GLY B 98 38.08 -53.75 45.22
C GLY B 98 38.53 -52.37 44.81
N ASP B 99 38.81 -51.49 45.77
CA ASP B 99 39.19 -50.11 45.50
C ASP B 99 40.69 -49.92 45.29
N GLU B 100 41.50 -50.98 45.38
CA GLU B 100 42.95 -50.85 45.22
C GLU B 100 43.31 -50.51 43.78
N GLY B 101 44.31 -49.67 43.61
CA GLY B 101 44.69 -49.27 42.28
C GLY B 101 45.23 -47.85 42.25
N VAL B 102 45.55 -47.40 41.04
CA VAL B 102 46.12 -46.07 40.83
C VAL B 102 45.03 -45.10 40.41
N TYR B 103 44.84 -44.04 41.18
CA TYR B 103 43.91 -42.96 40.87
C TYR B 103 44.72 -41.79 40.33
N THR B 104 44.28 -41.22 39.21
CA THR B 104 44.93 -40.07 38.61
C THR B 104 44.01 -38.85 38.64
N CYS B 105 44.53 -37.75 39.19
CA CYS B 105 43.89 -36.45 39.19
C CYS B 105 44.40 -35.66 37.99
N ASN B 106 43.49 -35.33 37.07
CA ASN B 106 43.84 -34.68 35.81
C ASN B 106 43.25 -33.29 35.72
N LEU B 107 44.13 -32.30 35.51
CA LEU B 107 43.80 -30.93 35.17
C LEU B 107 44.02 -30.68 33.69
N HIS B 108 43.05 -30.04 33.03
CA HIS B 108 43.24 -29.64 31.65
C HIS B 108 42.66 -28.24 31.43
N HIS B 109 43.48 -27.38 30.86
CA HIS B 109 43.14 -26.01 30.49
C HIS B 109 43.11 -25.93 28.97
N HIS B 110 41.93 -25.68 28.40
CA HIS B 110 41.75 -25.62 26.96
C HIS B 110 42.37 -24.40 26.32
N TYR B 111 42.59 -23.33 27.07
CA TYR B 111 43.11 -22.11 26.46
C TYR B 111 44.61 -22.20 26.24
N CYS B 112 45.37 -22.46 27.30
CA CYS B 112 46.80 -22.62 27.11
C CYS B 112 47.17 -24.00 26.58
N HIS B 113 46.19 -24.92 26.46
CA HIS B 113 46.39 -26.33 26.12
C HIS B 113 47.32 -26.99 27.13
N LEU B 114 47.08 -26.71 28.41
CA LEU B 114 47.87 -27.33 29.46
C LEU B 114 47.18 -28.55 30.07
N ASP B 115 47.98 -29.55 30.39
CA ASP B 115 47.51 -30.73 31.11
C ASP B 115 48.52 -31.08 32.19
N GLU B 116 48.01 -31.37 33.39
CA GLU B 116 48.83 -31.83 34.51
C GLU B 116 48.06 -32.85 35.33
N SER B 117 48.76 -33.88 35.79
CA SER B 117 48.11 -34.99 36.45
C SER B 117 49.01 -35.51 37.56
N LEU B 118 48.37 -36.09 38.58
CA LEU B 118 49.12 -36.76 39.63
C LEU B 118 48.48 -38.11 39.94
N ALA B 119 49.31 -39.07 40.34
CA ALA B 119 48.87 -40.42 40.63
C ALA B 119 49.00 -40.72 42.12
N VAL B 120 48.07 -41.53 42.62
CA VAL B 120 48.07 -42.01 44.00
C VAL B 120 47.67 -43.47 43.99
N ARG B 121 48.40 -44.31 44.72
CA ARG B 121 48.04 -45.71 44.80
C ARG B 121 47.24 -45.93 46.06
N LEU B 122 46.06 -46.51 45.92
CA LEU B 122 45.21 -46.84 47.05
C LEU B 122 45.39 -48.32 47.36
N GLU B 123 45.73 -48.62 48.60
CA GLU B 123 45.81 -49.98 49.08
C GLU B 123 44.96 -50.06 50.34
N VAL B 124 44.00 -50.97 50.32
CA VAL B 124 43.02 -51.14 51.38
C VAL B 124 43.34 -52.37 52.19
N THR B 125 43.63 -52.16 53.46
CA THR B 125 43.95 -53.21 54.40
C THR B 125 42.75 -53.45 55.32
N GLU B 126 42.93 -54.31 56.32
CA GLU B 126 41.93 -54.57 57.34
C GLU B 126 42.34 -54.10 58.72
N ASP B 127 43.63 -53.97 58.99
CA ASP B 127 44.14 -53.53 60.28
C ASP B 127 44.43 -52.04 60.28
N PRO B 128 43.87 -51.29 61.24
CA PRO B 128 44.13 -49.84 61.27
C PRO B 128 45.54 -49.47 61.67
N LEU B 129 46.27 -50.33 62.40
CA LEU B 129 47.64 -49.99 62.74
C LEU B 129 48.60 -50.14 61.57
N LEU B 130 48.18 -50.80 60.48
CA LEU B 130 48.97 -50.80 59.26
C LEU B 130 48.63 -49.62 58.35
N SER B 131 47.67 -48.80 58.74
CA SER B 131 47.20 -47.71 57.88
C SER B 131 48.20 -46.55 57.93
N ARG B 132 48.72 -46.20 56.76
CA ARG B 132 49.72 -45.15 56.66
C ARG B 132 49.60 -44.44 55.31
N ALA B 133 50.25 -43.29 55.22
CA ALA B 133 50.38 -42.53 53.98
C ALA B 133 51.87 -42.36 53.74
N TYR B 134 52.37 -42.86 52.62
CA TYR B 134 53.80 -42.78 52.37
C TYR B 134 54.06 -42.48 50.90
N TRP B 135 55.31 -42.17 50.58
CA TRP B 135 55.72 -41.79 49.25
C TRP B 135 56.62 -42.92 48.73
N ASP B 136 56.17 -43.60 47.67
CA ASP B 136 56.89 -44.79 47.22
C ASP B 136 58.12 -44.48 46.37
N GLY B 137 58.43 -43.20 46.16
CA GLY B 137 59.51 -42.77 45.28
C GLY B 137 59.03 -41.95 44.10
N GLU B 138 57.78 -42.14 43.69
CA GLU B 138 57.26 -41.35 42.58
C GLU B 138 55.77 -41.00 42.72
N LYS B 139 55.11 -41.54 43.75
CA LYS B 139 53.69 -41.24 43.96
C LYS B 139 53.35 -41.51 45.42
N GLU B 140 52.30 -40.83 45.89
CA GLU B 140 51.81 -41.13 47.22
C GLU B 140 51.00 -42.42 47.17
N VAL B 141 51.21 -43.26 48.18
CA VAL B 141 50.46 -44.48 48.37
C VAL B 141 49.76 -44.37 49.71
N LEU B 142 48.46 -44.53 49.69
CA LEU B 142 47.62 -44.43 50.88
C LEU B 142 47.20 -45.84 51.29
N VAL B 143 47.54 -46.21 52.51
CA VAL B 143 47.11 -47.46 53.13
C VAL B 143 45.97 -47.14 54.07
N VAL B 144 44.78 -47.66 53.78
CA VAL B 144 43.61 -47.33 54.58
C VAL B 144 42.91 -48.60 55.03
N ALA B 145 42.47 -48.61 56.28
CA ALA B 145 41.66 -49.71 56.79
C ALA B 145 40.32 -49.73 56.07
N HIS B 146 39.76 -50.92 55.92
CA HIS B 146 38.46 -51.09 55.26
C HIS B 146 37.36 -50.34 55.99
N GLY B 147 36.53 -49.64 55.22
CA GLY B 147 35.46 -48.82 55.75
C GLY B 147 35.87 -47.45 56.23
N ALA B 148 37.16 -47.17 56.31
CA ALA B 148 37.62 -45.84 56.66
C ALA B 148 37.58 -44.95 55.42
N PRO B 149 37.54 -43.64 55.57
CA PRO B 149 37.61 -42.78 54.38
C PRO B 149 39.05 -42.60 53.93
N ALA B 150 39.18 -42.28 52.64
CA ALA B 150 40.48 -42.01 52.03
C ALA B 150 40.38 -40.65 51.38
N LEU B 151 41.17 -39.70 51.85
CA LEU B 151 41.23 -38.38 51.26
C LEU B 151 42.51 -38.37 50.41
N MET B 152 42.34 -38.47 49.10
CA MET B 152 43.45 -38.46 48.16
C MET B 152 43.76 -37.04 47.74
N THR B 153 44.91 -36.56 48.18
CA THR B 153 45.27 -35.16 48.04
C THR B 153 45.69 -34.89 46.60
N CYS B 154 45.13 -33.81 46.04
CA CYS B 154 45.53 -33.30 44.73
C CYS B 154 45.50 -31.79 44.87
N ILE B 155 46.65 -31.22 45.19
CA ILE B 155 46.77 -29.80 45.46
C ILE B 155 47.79 -29.22 44.49
N ASN B 156 47.36 -28.22 43.73
CA ASN B 156 48.21 -27.51 42.78
C ASN B 156 47.73 -26.06 42.90
N ARG B 157 48.52 -25.25 43.60
CA ARG B 157 48.11 -23.90 43.94
C ARG B 157 48.59 -22.87 42.92
N ALA B 158 49.07 -23.30 41.76
CA ALA B 158 49.46 -22.38 40.70
C ALA B 158 48.27 -21.57 40.21
N HIS B 159 48.53 -20.32 39.84
CA HIS B 159 47.48 -19.39 39.46
C HIS B 159 46.75 -19.77 38.19
N VAL B 160 47.41 -20.53 37.29
CA VAL B 160 46.80 -20.89 36.01
C VAL B 160 45.62 -21.85 36.16
N TRP B 161 45.57 -22.61 37.26
CA TRP B 161 44.49 -23.57 37.47
C TRP B 161 43.34 -23.01 38.29
N THR B 162 43.57 -21.95 39.03
CA THR B 162 42.54 -21.39 39.87
C THR B 162 41.93 -20.21 39.12
N ASP B 163 40.77 -19.76 39.58
CA ASP B 163 40.05 -18.70 38.85
C ASP B 163 40.63 -17.30 39.05
N ARG B 164 41.96 -17.17 38.95
CA ARG B 164 42.60 -15.86 39.05
C ARG B 164 42.31 -15.04 37.79
N HIS B 165 43.29 -14.39 37.19
CA HIS B 165 42.92 -13.63 36.00
C HIS B 165 42.44 -14.49 34.84
N LEU B 166 43.37 -15.12 34.10
CA LEU B 166 43.17 -15.93 32.89
C LEU B 166 42.08 -15.41 31.95
N GLU B 167 41.94 -14.09 31.85
CA GLU B 167 41.18 -13.40 30.82
C GLU B 167 42.06 -12.53 29.95
N GLU B 168 43.21 -13.07 29.52
CA GLU B 168 44.33 -12.23 29.13
C GLU B 168 44.05 -11.52 27.81
N ALA B 169 43.52 -12.29 26.85
CA ALA B 169 43.40 -11.94 25.42
C ALA B 169 44.57 -11.13 24.91
N GLN B 170 45.77 -11.67 25.15
CA GLN B 170 47.01 -11.05 24.73
C GLN B 170 47.99 -12.11 24.28
N GLN B 171 47.50 -13.09 23.53
CA GLN B 171 48.42 -13.79 22.65
C GLN B 171 48.93 -12.76 21.67
N VAL B 172 50.23 -12.74 21.44
CA VAL B 172 50.71 -11.80 20.44
C VAL B 172 51.90 -12.41 19.71
N VAL B 173 51.94 -12.20 18.40
CA VAL B 173 53.11 -12.54 17.59
C VAL B 173 53.69 -11.26 17.02
N HIS B 174 55.00 -11.12 17.13
CA HIS B 174 55.75 -10.00 16.60
C HIS B 174 56.70 -10.50 15.52
N TRP B 175 56.76 -9.78 14.42
CA TRP B 175 57.84 -9.96 13.47
C TRP B 175 58.74 -8.75 13.62
N ASP B 176 60.00 -9.01 13.93
CA ASP B 176 60.98 -7.99 14.22
C ASP B 176 62.02 -8.01 13.11
N ARG B 177 62.69 -6.87 12.94
CA ARG B 177 63.73 -6.77 11.93
C ARG B 177 64.92 -6.07 12.55
N GLN B 178 66.08 -6.72 12.44
CA GLN B 178 67.35 -6.22 12.91
C GLN B 178 68.25 -6.05 11.70
N LEU B 179 68.49 -4.80 11.33
CA LEU B 179 69.27 -4.49 10.15
C LEU B 179 70.76 -4.69 10.46
N PRO B 180 71.58 -4.93 9.44
CA PRO B 180 73.02 -5.16 9.68
C PRO B 180 73.76 -4.00 10.35
N GLY B 181 74.65 -4.35 11.26
CA GLY B 181 75.46 -3.42 12.03
C GLY B 181 74.81 -2.85 13.28
N VAL B 182 73.50 -2.65 13.26
CA VAL B 182 72.79 -2.18 14.45
C VAL B 182 72.68 -3.32 15.46
N SER B 183 73.13 -3.05 16.69
CA SER B 183 73.04 -4.03 17.76
C SER B 183 71.59 -4.23 18.20
N HIS B 184 71.36 -5.30 18.95
CA HIS B 184 70.05 -5.61 19.50
C HIS B 184 69.64 -4.60 20.58
N ASP B 185 68.41 -4.82 21.08
CA ASP B 185 67.57 -4.02 21.99
C ASP B 185 67.02 -2.75 21.32
N ARG B 186 67.75 -2.19 20.36
CA ARG B 186 67.25 -1.11 19.52
C ARG B 186 66.75 -1.65 18.20
N ALA B 187 66.30 -2.91 18.19
CA ALA B 187 65.80 -3.53 16.99
C ALA B 187 64.47 -2.91 16.58
N ASP B 188 64.28 -2.76 15.28
CA ASP B 188 63.08 -2.12 14.76
C ASP B 188 61.93 -3.11 14.68
N ARG B 189 60.78 -2.70 15.19
CA ARG B 189 59.58 -3.49 15.06
C ARG B 189 59.08 -3.45 13.62
N LEU B 190 58.78 -4.63 13.06
CA LEU B 190 58.22 -4.70 11.72
C LEU B 190 56.72 -4.90 11.72
N LEU B 191 56.22 -5.87 12.49
CA LEU B 191 54.81 -6.24 12.47
C LEU B 191 54.37 -6.67 13.84
N ASP B 192 53.19 -6.20 14.25
CA ASP B 192 52.48 -6.70 15.40
C ASP B 192 51.16 -7.32 15.01
N LEU B 193 50.95 -8.57 15.41
CA LEU B 193 49.71 -9.29 15.16
C LEU B 193 49.15 -9.75 16.50
N TYR B 194 48.02 -9.17 16.86
CA TYR B 194 47.34 -9.39 18.12
C TYR B 194 46.23 -10.41 17.97
N ALA B 195 46.05 -11.22 19.02
CA ALA B 195 45.02 -12.25 19.03
C ALA B 195 43.62 -11.69 18.84
N SER B 196 43.37 -10.48 19.33
CA SER B 196 42.06 -9.85 19.17
C SER B 196 41.74 -9.47 17.72
N GLY B 197 42.74 -9.44 16.83
CA GLY B 197 42.53 -9.11 15.43
C GLY B 197 43.22 -7.84 15.00
N GLU B 198 43.53 -6.96 15.96
CA GLU B 198 44.18 -5.68 15.69
C GLU B 198 45.58 -5.93 15.15
N ARG B 199 45.96 -5.19 14.11
CA ARG B 199 47.27 -5.34 13.47
C ARG B 199 48.02 -4.01 13.43
N ARG B 200 49.33 -4.08 13.53
CA ARG B 200 50.21 -2.92 13.40
C ARG B 200 51.30 -3.18 12.39
N ALA B 201 51.27 -2.43 11.29
CA ALA B 201 52.31 -2.47 10.28
C ALA B 201 53.18 -1.24 10.46
N TYR B 202 54.47 -1.40 10.24
CA TYR B 202 55.45 -0.34 10.45
C TYR B 202 56.28 -0.15 9.20
N GLY B 203 56.83 1.06 9.07
CA GLY B 203 57.72 1.34 7.98
C GLY B 203 57.12 2.21 6.91
N PRO B 204 57.97 2.65 5.98
CA PRO B 204 57.50 3.41 4.82
C PRO B 204 56.65 2.55 3.92
N PRO B 205 55.89 3.16 2.98
CA PRO B 205 55.06 2.36 2.05
C PRO B 205 55.84 1.34 1.23
N PHE B 206 57.13 1.60 0.99
CA PHE B 206 58.00 0.72 0.23
C PHE B 206 58.09 -0.67 0.84
N LEU B 207 58.02 -0.76 2.15
CA LEU B 207 58.12 -2.05 2.82
C LEU B 207 56.77 -2.73 3.03
N ARG B 208 55.74 -1.97 3.40
CA ARG B 208 54.46 -2.56 3.78
C ARG B 208 53.80 -3.32 2.64
N ASP B 209 54.00 -2.91 1.38
CA ASP B 209 53.38 -3.62 0.27
C ASP B 209 53.99 -5.02 0.04
N ARG B 210 55.23 -5.27 0.48
CA ARG B 210 55.87 -6.54 0.18
C ARG B 210 55.91 -7.51 1.36
N VAL B 211 55.56 -7.06 2.55
CA VAL B 211 55.63 -7.88 3.75
C VAL B 211 54.21 -8.11 4.27
N SER B 212 53.84 -9.38 4.43
CA SER B 212 52.50 -9.70 4.85
C SER B 212 52.49 -11.02 5.62
N VAL B 213 51.46 -11.17 6.43
CA VAL B 213 51.11 -12.42 7.09
C VAL B 213 49.69 -12.74 6.67
N ASN B 214 49.40 -14.02 6.44
CA ASN B 214 48.09 -14.46 5.99
C ASN B 214 46.99 -14.01 6.95
N THR B 215 45.83 -13.70 6.36
CA THR B 215 44.78 -13.00 7.10
C THR B 215 44.08 -13.89 8.11
N ASN B 216 44.12 -15.21 7.92
CA ASN B 216 43.51 -16.16 8.85
C ASN B 216 44.54 -16.80 9.77
N ALA B 217 45.55 -16.02 10.18
CA ALA B 217 46.73 -16.51 10.90
C ALA B 217 46.36 -17.28 12.17
N PHE B 218 45.55 -16.67 13.04
CA PHE B 218 45.22 -17.34 14.30
C PHE B 218 44.23 -18.47 14.10
N ALA B 219 43.46 -18.42 13.02
CA ALA B 219 42.54 -19.51 12.71
C ALA B 219 43.30 -20.78 12.33
N ARG B 220 44.39 -20.64 11.57
CA ARG B 220 45.14 -21.79 11.10
C ARG B 220 46.46 -22.00 11.82
N GLY B 221 46.83 -21.11 12.75
CA GLY B 221 48.10 -21.23 13.43
C GLY B 221 49.31 -21.02 12.55
N ASP B 222 49.21 -20.14 11.56
CA ASP B 222 50.30 -19.89 10.60
C ASP B 222 50.71 -18.43 10.70
N PHE B 223 51.90 -18.18 11.25
CA PHE B 223 52.40 -16.83 11.42
C PHE B 223 53.69 -16.64 10.62
N SER B 224 53.87 -17.49 9.61
CA SER B 224 55.06 -17.50 8.76
C SER B 224 55.25 -16.18 8.04
N LEU B 225 56.48 -15.69 8.02
CA LEU B 225 56.76 -14.47 7.28
C LEU B 225 56.94 -14.82 5.81
N ARG B 226 56.17 -14.15 4.97
CA ARG B 226 56.27 -14.30 3.52
C ARG B 226 56.92 -13.04 2.97
N ILE B 227 58.04 -13.20 2.28
CA ILE B 227 58.73 -12.09 1.65
C ILE B 227 58.68 -12.31 0.15
N ASP B 228 57.85 -11.54 -0.53
CA ASP B 228 57.76 -11.61 -1.97
C ASP B 228 58.81 -10.70 -2.56
N GLU B 229 59.34 -11.09 -3.73
CA GLU B 229 60.28 -10.33 -4.58
C GLU B 229 61.51 -9.89 -3.78
N LEU B 230 62.31 -10.90 -3.43
CA LEU B 230 63.50 -10.68 -2.59
C LEU B 230 64.48 -9.70 -3.26
N GLU B 231 64.89 -8.71 -2.49
CA GLU B 231 65.91 -7.77 -2.90
C GLU B 231 67.13 -7.97 -2.00
N ARG B 232 68.31 -7.54 -2.47
CA ARG B 232 69.51 -7.61 -1.66
C ARG B 232 69.39 -6.73 -0.41
N ALA B 233 68.68 -5.61 -0.53
CA ALA B 233 68.43 -4.72 0.61
C ALA B 233 67.47 -5.32 1.63
N ASP B 234 66.83 -6.44 1.32
CA ASP B 234 65.91 -7.09 2.24
C ASP B 234 66.61 -8.00 3.24
N GLU B 235 67.90 -8.29 3.05
CA GLU B 235 68.61 -9.22 3.92
C GLU B 235 68.75 -8.64 5.32
N GLY B 236 68.86 -9.52 6.31
CA GLY B 236 68.95 -9.07 7.68
C GLY B 236 68.44 -10.14 8.64
N ILE B 237 68.30 -9.76 9.90
CA ILE B 237 67.91 -10.71 10.93
C ILE B 237 66.44 -10.48 11.26
N TYR B 238 65.59 -11.40 10.85
CA TYR B 238 64.17 -11.33 11.15
C TYR B 238 63.85 -12.26 12.32
N SER B 239 62.88 -11.87 13.13
CA SER B 239 62.55 -12.68 14.30
C SER B 239 61.06 -12.76 14.56
N CYS B 240 60.55 -13.97 14.76
CA CYS B 240 59.17 -14.22 15.14
C CYS B 240 59.13 -14.38 16.66
N HIS B 241 58.28 -13.60 17.33
CA HIS B 241 58.15 -13.61 18.78
C HIS B 241 56.71 -13.97 19.17
N LEU B 242 56.55 -15.12 19.80
CA LEU B 242 55.28 -15.59 20.31
C LEU B 242 55.26 -15.33 21.82
N HIS B 243 54.23 -14.63 22.28
CA HIS B 243 54.14 -14.25 23.69
C HIS B 243 52.75 -14.57 24.24
N HIS B 244 52.74 -15.42 25.27
CA HIS B 244 51.63 -15.73 26.17
C HIS B 244 52.15 -15.44 27.58
N HIS B 245 51.98 -14.22 28.06
CA HIS B 245 52.61 -13.83 29.31
C HIS B 245 51.99 -14.52 30.53
N TYR B 246 50.67 -14.77 30.51
CA TYR B 246 50.04 -15.39 31.67
C TYR B 246 50.48 -16.84 31.86
N CYS B 247 50.50 -17.62 30.77
CA CYS B 247 50.99 -19.00 30.89
C CYS B 247 52.51 -19.08 30.72
N GLY B 248 53.19 -17.95 30.56
CA GLY B 248 54.64 -17.89 30.49
C GLY B 248 55.33 -18.41 29.25
N LEU B 249 54.66 -18.39 28.11
CA LEU B 249 55.27 -18.81 26.87
C LEU B 249 55.93 -17.60 26.21
N HIS B 250 57.23 -17.70 25.96
CA HIS B 250 58.03 -16.64 25.32
C HIS B 250 58.94 -17.39 24.36
N GLU B 251 58.56 -17.43 23.10
CA GLU B 251 59.35 -18.15 22.13
C GLU B 251 59.68 -17.24 20.96
N ARG B 252 60.83 -17.48 20.36
CA ARG B 252 61.22 -16.78 19.16
C ARG B 252 61.89 -17.74 18.21
N ARG B 253 61.73 -17.44 16.93
CA ARG B 253 62.47 -18.07 15.86
C ARG B 253 63.22 -16.96 15.15
N VAL B 254 64.47 -17.22 14.80
CA VAL B 254 65.32 -16.20 14.22
C VAL B 254 65.75 -16.71 12.86
N PHE B 255 65.68 -15.85 11.85
CA PHE B 255 66.02 -16.18 10.49
C PHE B 255 67.03 -15.16 10.00
N HIS B 256 68.20 -15.64 9.62
CA HIS B 256 69.21 -14.81 8.98
C HIS B 256 68.94 -14.87 7.48
N LEU B 257 68.38 -13.81 6.92
CA LEU B 257 68.02 -13.79 5.51
C LEU B 257 69.23 -13.27 4.74
N GLN B 258 69.72 -14.09 3.83
CA GLN B 258 70.82 -13.82 2.92
C GLN B 258 70.32 -13.86 1.49
N VAL B 259 70.84 -12.98 0.64
CA VAL B 259 70.41 -12.96 -0.75
C VAL B 259 71.54 -13.53 -1.59
N THR B 260 71.31 -14.72 -2.11
CA THR B 260 72.24 -15.53 -2.91
C THR B 260 71.39 -16.40 -3.82
N GLU B 261 71.98 -17.50 -4.30
CA GLU B 261 71.23 -18.57 -4.95
C GLU B 261 70.15 -19.16 -4.04
N SER C 1 -19.04 -48.47 10.93
CA SER C 1 -19.52 -49.21 12.10
C SER C 1 -20.05 -48.28 13.19
N SER C 2 -21.28 -47.79 13.00
CA SER C 2 -21.90 -46.83 13.90
C SER C 2 -23.06 -47.47 14.65
N SER C 3 -23.10 -47.26 15.95
CA SER C 3 -24.18 -47.78 16.78
C SER C 3 -25.45 -46.96 16.57
N LEU C 4 -26.57 -47.66 16.44
CA LEU C 4 -27.86 -47.00 16.31
C LEU C 4 -28.30 -46.44 17.66
N VAL C 5 -28.94 -45.27 17.65
CA VAL C 5 -29.40 -44.71 18.91
C VAL C 5 -30.87 -45.03 19.06
N SER C 6 -31.66 -44.49 18.14
CA SER C 6 -33.08 -44.78 18.07
C SER C 6 -33.55 -44.57 16.65
N GLU C 7 -34.54 -45.35 16.25
CA GLU C 7 -34.98 -45.45 14.87
C GLU C 7 -36.43 -45.04 14.84
N SER C 8 -36.80 -44.14 13.94
CA SER C 8 -38.21 -43.85 13.78
C SER C 8 -38.54 -43.54 12.33
N VAL C 9 -39.82 -43.67 12.03
CA VAL C 9 -40.41 -43.31 10.75
C VAL C 9 -41.25 -42.07 11.03
N VAL C 10 -41.13 -41.05 10.19
CA VAL C 10 -41.84 -39.79 10.39
C VAL C 10 -42.67 -39.46 9.15
N SER C 11 -43.99 -39.38 9.33
CA SER C 11 -44.90 -39.03 8.26
C SER C 11 -45.60 -37.71 8.59
N LEU C 12 -45.46 -36.72 7.70
CA LEU C 12 -46.05 -35.40 7.91
C LEU C 12 -46.62 -34.95 6.58
N ALA C 13 -47.51 -33.95 6.63
CA ALA C 13 -48.22 -33.50 5.44
C ALA C 13 -47.40 -32.55 4.59
N ALA C 14 -47.63 -32.64 3.28
CA ALA C 14 -47.08 -31.71 2.30
C ALA C 14 -47.57 -30.29 2.57
N GLY C 15 -46.69 -29.31 2.35
CA GLY C 15 -47.00 -27.93 2.60
C GLY C 15 -46.63 -27.46 3.98
N THR C 16 -46.43 -28.37 4.91
CA THR C 16 -46.00 -28.06 6.27
C THR C 16 -44.48 -27.96 6.33
N GLN C 17 -43.96 -27.69 7.53
CA GLN C 17 -42.54 -27.56 7.80
C GLN C 17 -42.08 -28.78 8.58
N ALA C 18 -41.04 -29.46 8.09
CA ALA C 18 -40.51 -30.62 8.79
C ALA C 18 -39.54 -30.25 9.90
N VAL C 19 -39.61 -31.00 10.99
CA VAL C 19 -38.67 -30.90 12.11
C VAL C 19 -38.13 -32.31 12.34
N LEU C 20 -36.86 -32.52 11.98
CA LEU C 20 -36.20 -33.82 12.10
C LEU C 20 -35.37 -33.80 13.36
N ARG C 21 -35.89 -34.46 14.39
CA ARG C 21 -35.33 -34.40 15.73
C ARG C 21 -34.05 -35.21 15.83
N CYS C 22 -33.01 -34.61 16.38
CA CYS C 22 -31.73 -35.27 16.65
C CYS C 22 -31.16 -34.58 17.88
N GLN C 23 -31.25 -35.24 19.03
CA GLN C 23 -30.85 -34.63 20.27
C GLN C 23 -29.92 -35.57 21.01
N SER C 24 -28.94 -34.98 21.70
CA SER C 24 -28.00 -35.75 22.51
C SER C 24 -27.32 -34.88 23.56
N PRO C 25 -27.52 -35.16 24.85
CA PRO C 25 -26.76 -34.43 25.88
C PRO C 25 -25.27 -34.73 25.87
N ARG C 26 -24.83 -35.83 25.28
CA ARG C 26 -23.41 -36.20 25.26
C ARG C 26 -22.65 -35.56 24.11
N MET C 27 -23.30 -34.76 23.28
CA MET C 27 -22.63 -34.00 22.23
C MET C 27 -22.51 -32.52 22.55
N VAL C 28 -22.84 -32.12 23.77
CA VAL C 28 -22.77 -30.71 24.13
C VAL C 28 -21.30 -30.28 24.22
N TRP C 29 -20.98 -29.18 23.54
CA TRP C 29 -19.66 -28.56 23.57
C TRP C 29 -19.82 -27.12 23.13
N THR C 30 -18.84 -26.29 23.45
CA THR C 30 -18.82 -24.89 23.06
C THR C 30 -17.49 -24.62 22.39
N GLN C 31 -17.47 -23.55 21.59
CA GLN C 31 -16.31 -23.03 20.86
C GLN C 31 -14.98 -23.01 21.62
N ASP C 32 -15.04 -22.76 22.92
CA ASP C 32 -13.87 -22.69 23.75
C ASP C 32 -13.40 -24.08 24.18
N ARG C 33 -12.11 -24.16 24.53
CA ARG C 33 -11.43 -25.36 25.03
C ARG C 33 -11.25 -25.26 26.54
N LEU C 34 -12.28 -24.78 27.22
CA LEU C 34 -12.29 -24.55 28.66
C LEU C 34 -12.21 -25.86 29.44
N HIS C 35 -10.98 -26.21 29.82
CA HIS C 35 -10.64 -27.39 30.64
C HIS C 35 -11.15 -28.69 30.02
N ASP C 36 -10.98 -28.82 28.71
CA ASP C 36 -11.45 -30.02 28.02
C ASP C 36 -10.70 -31.25 28.50
N ARG C 37 -9.37 -31.18 28.54
CA ARG C 37 -8.57 -32.27 29.09
C ARG C 37 -8.64 -32.35 30.61
N GLN C 38 -9.82 -32.54 31.18
CA GLN C 38 -9.94 -32.63 32.62
C GLN C 38 -10.57 -33.95 33.01
N ARG C 39 -9.82 -34.72 33.78
CA ARG C 39 -10.26 -35.97 34.36
C ARG C 39 -10.16 -35.81 35.86
N VAL C 40 -10.80 -36.71 36.58
CA VAL C 40 -10.78 -36.72 38.03
C VAL C 40 -10.76 -38.16 38.51
N VAL C 41 -9.93 -38.40 39.52
CA VAL C 41 -9.92 -39.66 40.23
C VAL C 41 -10.51 -39.37 41.60
N HIS C 42 -11.33 -40.28 42.10
CA HIS C 42 -11.73 -40.16 43.49
C HIS C 42 -12.03 -41.52 44.07
N TRP C 43 -11.60 -41.69 45.32
CA TRP C 43 -11.82 -42.90 46.07
C TRP C 43 -12.89 -42.62 47.11
N ASP C 44 -13.88 -43.50 47.18
CA ASP C 44 -14.97 -43.35 48.13
C ASP C 44 -14.94 -44.53 49.10
N LEU C 45 -15.42 -44.29 50.31
CA LEU C 45 -15.49 -45.32 51.34
C LEU C 45 -16.94 -45.50 51.78
N SER C 46 -17.40 -46.75 51.77
CA SER C 46 -18.72 -47.10 52.24
C SER C 46 -18.62 -48.27 53.20
N GLY C 47 -19.70 -48.50 53.93
CA GLY C 47 -19.77 -49.53 54.94
C GLY C 47 -21.11 -50.23 54.91
N GLY C 48 -21.46 -50.80 53.77
CA GLY C 48 -22.69 -51.53 53.63
C GLY C 48 -23.84 -50.67 53.13
N PRO C 49 -25.00 -51.28 52.94
CA PRO C 49 -26.16 -50.52 52.43
C PRO C 49 -26.75 -49.52 53.41
N GLY C 50 -26.53 -49.67 54.71
CA GLY C 50 -27.20 -48.79 55.66
C GLY C 50 -26.32 -47.77 56.32
N SER C 51 -25.32 -47.29 55.59
CA SER C 51 -24.44 -46.22 56.03
C SER C 51 -24.27 -45.23 54.89
N GLN C 52 -23.84 -44.02 55.23
CA GLN C 52 -23.76 -42.94 54.25
C GLN C 52 -22.31 -42.86 53.76
N ARG C 53 -22.15 -42.83 52.43
CA ARG C 53 -20.84 -42.76 51.81
C ARG C 53 -20.16 -41.43 52.06
N ARG C 54 -18.84 -41.45 52.17
CA ARG C 54 -18.03 -40.25 52.32
C ARG C 54 -16.95 -40.22 51.27
N ARG C 55 -16.83 -39.09 50.58
CA ARG C 55 -15.71 -38.88 49.67
C ARG C 55 -14.43 -38.72 50.45
N LEU C 56 -13.43 -39.55 50.13
CA LEU C 56 -12.19 -39.54 50.87
C LEU C 56 -11.12 -38.68 50.21
N VAL C 57 -10.90 -38.86 48.91
CA VAL C 57 -9.81 -38.20 48.18
C VAL C 57 -10.22 -38.06 46.73
N ASP C 58 -9.81 -36.95 46.13
CA ASP C 58 -10.04 -36.64 44.71
C ASP C 58 -8.77 -36.01 44.16
N MET C 59 -8.68 -35.99 42.83
CA MET C 59 -7.52 -35.42 42.13
C MET C 59 -7.88 -35.10 40.70
N TYR C 60 -7.55 -33.89 40.26
CA TYR C 60 -7.69 -33.53 38.85
C TYR C 60 -6.52 -34.01 38.02
N SER C 61 -6.80 -34.22 36.74
CA SER C 61 -5.77 -34.56 35.76
C SER C 61 -4.68 -33.50 35.73
N ALA C 62 -3.44 -33.96 35.61
CA ALA C 62 -2.21 -33.15 35.67
C ALA C 62 -2.07 -32.41 37.00
N GLY C 63 -2.75 -32.86 38.05
CA GLY C 63 -2.72 -32.20 39.33
C GLY C 63 -2.40 -33.15 40.46
N GLU C 64 -2.42 -32.61 41.67
CA GLU C 64 -2.10 -33.35 42.87
C GLU C 64 -3.33 -33.70 43.70
N GLN C 65 -3.23 -34.83 44.39
CA GLN C 65 -4.32 -35.39 45.18
C GLN C 65 -4.71 -34.50 46.36
N ARG C 66 -6.01 -34.46 46.65
CA ARG C 66 -6.53 -33.69 47.78
C ARG C 66 -7.12 -34.64 48.80
N VAL C 67 -6.64 -34.55 50.04
CA VAL C 67 -7.11 -35.36 51.16
C VAL C 67 -8.02 -34.52 52.05
N TYR C 68 -9.09 -35.12 52.55
CA TYR C 68 -10.10 -34.45 53.35
C TYR C 68 -9.87 -34.58 54.85
N GLU C 69 -9.16 -35.62 55.29
CA GLU C 69 -8.86 -35.82 56.70
C GLU C 69 -7.41 -35.48 56.98
N PRO C 70 -7.15 -34.52 57.87
CA PRO C 70 -5.76 -34.12 58.18
C PRO C 70 -4.87 -35.24 58.71
N ARG C 71 -5.44 -36.21 59.45
CA ARG C 71 -4.65 -37.36 59.88
C ARG C 71 -4.17 -38.19 58.69
N ASP C 72 -5.02 -38.33 57.67
CA ASP C 72 -4.71 -39.17 56.51
C ASP C 72 -3.81 -38.50 55.49
N ARG C 73 -3.51 -37.21 55.62
CA ARG C 73 -2.53 -36.57 54.77
C ARG C 73 -1.15 -37.20 54.96
N ASP C 74 -0.45 -37.42 53.83
CA ASP C 74 0.83 -38.12 53.68
C ASP C 74 0.76 -39.61 54.05
N ARG C 75 -0.44 -40.14 54.18
CA ARG C 75 -0.75 -41.53 54.50
C ARG C 75 -1.50 -42.23 53.39
N LEU C 76 -2.44 -41.54 52.76
CA LEU C 76 -3.17 -42.04 51.61
C LEU C 76 -2.53 -41.40 50.39
N LEU C 77 -1.93 -42.21 49.53
CA LEU C 77 -1.16 -41.65 48.42
C LEU C 77 -1.52 -42.32 47.11
N LEU C 78 -1.65 -41.49 46.09
CA LEU C 78 -1.70 -41.93 44.71
C LEU C 78 -0.38 -41.54 44.07
N SER C 79 -0.05 -42.22 43.00
CA SER C 79 1.10 -41.82 42.20
C SER C 79 0.78 -40.48 41.55
N PRO C 80 1.63 -39.45 41.74
CA PRO C 80 1.35 -38.14 41.11
C PRO C 80 1.32 -38.19 39.59
N SER C 81 1.94 -39.19 38.97
CA SER C 81 1.90 -39.39 37.52
C SER C 81 1.00 -40.55 37.16
N ALA C 82 -0.11 -40.71 37.91
CA ALA C 82 -1.07 -41.79 37.68
C ALA C 82 -1.65 -41.75 36.27
N PHE C 83 -1.89 -40.55 35.75
CA PHE C 83 -2.56 -40.36 34.48
C PHE C 83 -1.68 -40.64 33.27
N HIS C 84 -0.39 -40.92 33.46
CA HIS C 84 0.45 -41.19 32.30
C HIS C 84 0.32 -42.62 31.81
N ASP C 85 0.25 -43.60 32.71
CA ASP C 85 0.14 -45.00 32.33
C ASP C 85 -1.18 -45.61 32.76
N GLY C 86 -2.05 -44.85 33.39
CA GLY C 86 -3.31 -45.37 33.85
C GLY C 86 -3.20 -46.21 35.09
N ASN C 87 -2.15 -45.99 35.90
CA ASN C 87 -1.93 -46.71 37.14
C ASN C 87 -2.51 -45.83 38.25
N PHE C 88 -3.79 -46.02 38.53
CA PHE C 88 -4.50 -45.25 39.54
C PHE C 88 -4.56 -45.96 40.86
N SER C 89 -3.65 -46.92 41.08
CA SER C 89 -3.63 -47.68 42.32
C SER C 89 -3.38 -46.76 43.50
N LEU C 90 -3.92 -47.14 44.65
CA LEU C 90 -3.83 -46.35 45.87
C LEU C 90 -2.95 -47.07 46.88
N LEU C 91 -1.89 -46.43 47.34
CA LEU C 91 -1.04 -46.97 48.38
C LEU C 91 -1.39 -46.28 49.69
N ILE C 92 -1.91 -47.05 50.63
CA ILE C 92 -2.12 -46.58 51.99
C ILE C 92 -1.00 -47.12 52.88
N ARG C 93 -0.27 -46.18 53.50
CA ARG C 93 0.97 -46.49 54.21
C ARG C 93 0.75 -47.46 55.38
N ALA C 94 -0.28 -47.23 56.18
CA ALA C 94 -0.54 -48.10 57.34
C ALA C 94 -2.03 -48.17 57.61
N VAL C 95 -2.55 -49.38 57.72
CA VAL C 95 -3.99 -49.59 57.86
C VAL C 95 -4.32 -49.68 59.35
N ASP C 96 -5.58 -49.40 59.67
CA ASP C 96 -6.06 -49.59 61.04
C ASP C 96 -7.47 -50.19 60.98
N ARG C 97 -8.02 -50.46 62.18
CA ARG C 97 -9.34 -51.08 62.28
C ARG C 97 -10.47 -50.19 61.78
N GLY C 98 -10.31 -48.87 61.88
CA GLY C 98 -11.33 -47.95 61.40
C GLY C 98 -11.43 -47.84 59.89
N ASP C 99 -10.47 -48.41 59.16
CA ASP C 99 -10.43 -48.34 57.72
C ASP C 99 -11.22 -49.44 57.03
N GLU C 100 -11.84 -50.35 57.79
CA GLU C 100 -12.56 -51.47 57.21
C GLU C 100 -13.82 -50.99 56.47
N GLY C 101 -14.08 -51.60 55.33
CA GLY C 101 -15.21 -51.19 54.50
C GLY C 101 -14.87 -51.36 53.03
N VAL C 102 -15.80 -50.95 52.18
CA VAL C 102 -15.65 -51.07 50.73
C VAL C 102 -15.17 -49.74 50.16
N TYR C 103 -14.03 -49.77 49.48
CA TYR C 103 -13.45 -48.62 48.81
C TYR C 103 -13.72 -48.74 47.32
N THR C 104 -14.21 -47.66 46.72
CA THR C 104 -14.50 -47.63 45.29
C THR C 104 -13.57 -46.64 44.61
N CYS C 105 -12.92 -47.11 43.53
CA CYS C 105 -12.09 -46.30 42.65
C CYS C 105 -12.95 -45.78 41.49
N ASN C 106 -13.07 -44.46 41.39
CA ASN C 106 -13.88 -43.78 40.40
C ASN C 106 -13.00 -42.95 39.49
N LEU C 107 -13.05 -43.23 38.19
CA LEU C 107 -12.48 -42.37 37.16
C LEU C 107 -13.61 -41.61 36.46
N HIS C 108 -13.42 -40.32 36.23
CA HIS C 108 -14.41 -39.57 35.49
C HIS C 108 -13.78 -38.58 34.52
N HIS C 109 -14.26 -38.60 33.28
CA HIS C 109 -13.84 -37.69 32.24
C HIS C 109 -14.97 -36.71 32.00
N HIS C 110 -14.69 -35.43 32.30
CA HIS C 110 -15.71 -34.39 32.20
C HIS C 110 -16.09 -34.03 30.79
N TYR C 111 -15.26 -34.31 29.79
CA TYR C 111 -15.68 -33.94 28.46
C TYR C 111 -16.63 -34.98 27.89
N CYS C 112 -16.25 -36.26 27.92
CA CYS C 112 -17.17 -37.29 27.48
C CYS C 112 -18.24 -37.57 28.52
N HIS C 113 -18.09 -37.02 29.73
CA HIS C 113 -18.95 -37.23 30.88
C HIS C 113 -19.05 -38.71 31.20
N LEU C 114 -17.91 -39.39 31.14
CA LEU C 114 -17.87 -40.79 31.50
C LEU C 114 -17.41 -40.98 32.93
N ASP C 115 -17.96 -42.00 33.56
CA ASP C 115 -17.59 -42.44 34.89
C ASP C 115 -17.43 -43.94 34.87
N GLU C 116 -16.38 -44.43 35.53
CA GLU C 116 -16.17 -45.86 35.64
C GLU C 116 -15.63 -46.13 37.03
N SER C 117 -16.12 -47.20 37.65
CA SER C 117 -15.76 -47.44 39.03
C SER C 117 -15.69 -48.94 39.28
N LEU C 118 -14.79 -49.29 40.20
CA LEU C 118 -14.77 -50.66 40.70
C LEU C 118 -14.54 -50.62 42.20
N ALA C 119 -15.05 -51.63 42.88
CA ALA C 119 -15.00 -51.71 44.32
C ALA C 119 -14.04 -52.80 44.78
N VAL C 120 -13.43 -52.56 45.93
CA VAL C 120 -12.58 -53.52 46.63
C VAL C 120 -12.93 -53.38 48.10
N ARG C 121 -13.20 -54.50 48.77
CA ARG C 121 -13.52 -54.43 50.19
C ARG C 121 -12.24 -54.68 50.99
N LEU C 122 -11.91 -53.75 51.87
CA LEU C 122 -10.75 -53.88 52.73
C LEU C 122 -11.19 -54.35 54.09
N GLU C 123 -10.57 -55.42 54.57
CA GLU C 123 -10.80 -55.92 55.91
C GLU C 123 -9.45 -56.08 56.61
N VAL C 124 -9.32 -55.48 57.80
CA VAL C 124 -8.08 -55.43 58.55
C VAL C 124 -8.09 -56.48 59.66
N THR C 125 -7.15 -57.41 59.60
CA THR C 125 -7.05 -58.45 60.61
C THR C 125 -5.93 -58.11 61.58
N GLU C 126 -5.65 -59.06 62.48
CA GLU C 126 -4.51 -58.96 63.39
C GLU C 126 -3.44 -59.99 63.09
N ASP C 127 -3.81 -61.10 62.46
CA ASP C 127 -2.92 -62.18 62.07
C ASP C 127 -2.55 -62.02 60.60
N PRO C 128 -1.25 -62.03 60.28
CA PRO C 128 -0.85 -61.88 58.88
C PRO C 128 -1.12 -63.08 57.99
N LEU C 129 -1.24 -64.28 58.56
CA LEU C 129 -1.52 -65.47 57.76
C LEU C 129 -2.96 -65.56 57.23
N LEU C 130 -3.88 -64.75 57.74
CA LEU C 130 -5.22 -64.70 57.18
C LEU C 130 -5.33 -63.70 56.02
N SER C 131 -4.25 -62.99 55.69
CA SER C 131 -4.28 -61.96 54.67
C SER C 131 -4.25 -62.55 53.26
N ARG C 132 -5.27 -62.25 52.46
CA ARG C 132 -5.36 -62.78 51.11
C ARG C 132 -6.06 -61.75 50.24
N ALA C 133 -5.92 -61.91 48.92
CA ALA C 133 -6.62 -61.10 47.93
C ALA C 133 -7.40 -62.00 46.99
N TYR C 134 -8.72 -61.81 46.93
CA TYR C 134 -9.49 -62.69 46.06
C TYR C 134 -10.59 -61.92 45.34
N TRP C 135 -11.18 -62.57 44.36
CA TRP C 135 -12.22 -61.99 43.51
C TRP C 135 -13.51 -62.74 43.85
N ASP C 136 -14.49 -62.04 44.42
CA ASP C 136 -15.68 -62.72 44.89
C ASP C 136 -16.70 -63.01 43.79
N GLY C 137 -16.39 -62.65 42.55
CA GLY C 137 -17.30 -62.78 41.43
C GLY C 137 -17.68 -61.46 40.81
N GLU C 138 -17.60 -60.36 41.56
CA GLU C 138 -17.94 -59.06 41.00
C GLU C 138 -17.08 -57.93 41.55
N LYS C 139 -16.24 -58.22 42.55
CA LYS C 139 -15.36 -57.21 43.12
C LYS C 139 -14.19 -57.88 43.82
N GLU C 140 -13.07 -57.17 43.89
CA GLU C 140 -11.94 -57.65 44.65
C GLU C 140 -12.11 -57.40 46.15
N VAL C 141 -11.72 -58.37 46.96
CA VAL C 141 -11.72 -58.25 48.41
C VAL C 141 -10.28 -58.44 48.88
N LEU C 142 -9.76 -57.45 49.59
CA LEU C 142 -8.42 -57.44 50.15
C LEU C 142 -8.49 -57.61 51.67
N VAL C 143 -7.83 -58.65 52.16
CA VAL C 143 -7.64 -58.89 53.58
C VAL C 143 -6.21 -58.47 53.93
N VAL C 144 -6.06 -57.49 54.81
CA VAL C 144 -4.75 -56.90 55.10
C VAL C 144 -4.45 -56.96 56.60
N ALA C 145 -3.22 -57.34 56.93
CA ALA C 145 -2.75 -57.29 58.30
C ALA C 145 -2.67 -55.85 58.78
N HIS C 146 -2.93 -55.64 60.08
CA HIS C 146 -2.91 -54.32 60.69
C HIS C 146 -1.53 -53.66 60.60
N GLY C 147 -1.52 -52.38 60.20
CA GLY C 147 -0.30 -51.60 60.06
C GLY C 147 0.50 -51.80 58.79
N ALA C 148 0.16 -52.79 57.97
CA ALA C 148 0.88 -52.99 56.73
C ALA C 148 0.35 -52.03 55.66
N PRO C 149 1.13 -51.75 54.61
CA PRO C 149 0.60 -50.92 53.53
C PRO C 149 -0.28 -51.74 52.60
N ALA C 150 -1.20 -51.06 51.93
CA ALA C 150 -2.09 -51.72 50.99
C ALA C 150 -2.07 -50.99 49.66
N LEU C 151 -1.70 -51.72 48.61
CA LEU C 151 -1.73 -51.21 47.24
C LEU C 151 -3.02 -51.75 46.62
N MET C 152 -4.03 -50.89 46.51
CA MET C 152 -5.29 -51.25 45.86
C MET C 152 -5.18 -50.89 44.40
N THR C 153 -5.10 -51.89 43.54
CA THR C 153 -4.85 -51.64 42.13
C THR C 153 -6.12 -51.15 41.45
N CYS C 154 -5.97 -50.10 40.64
CA CYS C 154 -7.04 -49.58 39.80
C CYS C 154 -6.36 -49.16 38.52
N ILE C 155 -6.37 -50.04 37.52
CA ILE C 155 -5.65 -49.82 36.28
C ILE C 155 -6.65 -49.85 35.13
N ASN C 156 -6.70 -48.77 34.36
CA ASN C 156 -7.57 -48.65 33.20
C ASN C 156 -6.71 -47.93 32.17
N ARG C 157 -6.17 -48.69 31.23
CA ARG C 157 -5.22 -48.18 30.26
C ARG C 157 -5.88 -47.73 28.97
N ALA C 158 -7.20 -47.52 28.99
CA ALA C 158 -7.91 -47.01 27.84
C ALA C 158 -7.35 -45.65 27.44
N HIS C 159 -7.41 -45.39 26.12
CA HIS C 159 -6.73 -44.24 25.53
C HIS C 159 -7.28 -42.92 26.05
N VAL C 160 -8.53 -42.91 26.49
CA VAL C 160 -9.15 -41.71 27.03
C VAL C 160 -8.56 -41.35 28.39
N TRP C 161 -8.05 -42.33 29.15
CA TRP C 161 -7.55 -42.05 30.49
C TRP C 161 -6.05 -41.81 30.57
N THR C 162 -5.28 -42.28 29.60
CA THR C 162 -3.83 -42.12 29.62
C THR C 162 -3.45 -40.71 29.18
N ASP C 163 -2.19 -40.35 29.42
CA ASP C 163 -1.67 -39.02 29.06
C ASP C 163 -1.09 -39.13 27.66
N ARG C 164 -1.83 -38.62 26.68
CA ARG C 164 -1.48 -38.70 25.27
C ARG C 164 -2.02 -37.39 24.68
N HIS C 165 -2.16 -37.26 23.35
CA HIS C 165 -2.54 -35.97 22.79
C HIS C 165 -3.81 -35.46 23.44
N LEU C 166 -4.81 -36.34 23.56
CA LEU C 166 -6.11 -36.08 24.21
C LEU C 166 -6.81 -34.79 23.78
N GLU C 167 -6.69 -34.44 22.51
CA GLU C 167 -7.43 -33.28 22.04
C GLU C 167 -8.23 -33.74 20.84
N GLU C 168 -9.53 -33.49 20.91
CA GLU C 168 -10.48 -33.96 19.94
C GLU C 168 -10.25 -33.29 18.59
N ALA C 169 -10.70 -32.03 18.49
CA ALA C 169 -10.61 -31.08 17.38
C ALA C 169 -11.46 -31.41 16.16
N GLN C 170 -12.08 -32.60 16.07
CA GLN C 170 -12.81 -32.87 14.84
C GLN C 170 -14.10 -33.69 14.96
N GLN C 171 -14.78 -33.70 16.13
CA GLN C 171 -16.13 -34.29 16.19
C GLN C 171 -16.97 -33.71 15.06
N VAL C 172 -17.73 -34.55 14.37
CA VAL C 172 -18.55 -34.05 13.27
C VAL C 172 -19.90 -34.75 13.35
N VAL C 173 -20.94 -34.00 13.02
CA VAL C 173 -22.28 -34.51 12.86
C VAL C 173 -22.58 -34.45 11.37
N HIS C 174 -23.10 -35.53 10.83
CA HIS C 174 -23.46 -35.64 9.44
C HIS C 174 -24.98 -35.77 9.31
N TRP C 175 -25.56 -35.03 8.39
CA TRP C 175 -26.93 -35.29 7.96
C TRP C 175 -26.84 -35.86 6.56
N ASP C 176 -27.37 -37.07 6.40
CA ASP C 176 -27.40 -37.82 5.16
C ASP C 176 -28.82 -38.02 4.69
N ARG C 177 -28.96 -38.27 3.40
CA ARG C 177 -30.24 -38.51 2.77
C ARG C 177 -30.09 -39.66 1.79
N GLN C 178 -30.97 -40.64 1.91
CA GLN C 178 -31.03 -41.78 1.03
C GLN C 178 -32.35 -41.66 0.32
N LEU C 179 -32.29 -41.39 -0.97
CA LEU C 179 -33.45 -41.07 -1.77
C LEU C 179 -34.28 -42.34 -1.98
N PRO C 180 -35.58 -42.21 -2.25
CA PRO C 180 -36.39 -43.42 -2.47
C PRO C 180 -35.90 -44.17 -3.69
N GLY C 181 -35.74 -45.47 -3.53
CA GLY C 181 -35.22 -46.32 -4.56
C GLY C 181 -33.70 -46.30 -4.62
N VAL C 182 -33.06 -45.16 -4.34
CA VAL C 182 -31.61 -45.03 -4.37
C VAL C 182 -31.00 -45.76 -3.18
N SER C 183 -30.06 -46.67 -3.45
CA SER C 183 -29.36 -47.39 -2.40
C SER C 183 -28.40 -46.48 -1.63
N HIS C 184 -28.01 -46.96 -0.44
CA HIS C 184 -27.08 -46.30 0.46
C HIS C 184 -25.65 -46.33 -0.12
N ASP C 185 -24.75 -45.65 0.61
CA ASP C 185 -23.33 -45.32 0.40
C ASP C 185 -23.09 -44.31 -0.73
N ARG C 186 -23.93 -44.29 -1.76
CA ARG C 186 -23.88 -43.25 -2.78
C ARG C 186 -24.91 -42.18 -2.49
N ALA C 187 -25.24 -42.03 -1.22
CA ALA C 187 -26.17 -41.04 -0.74
C ALA C 187 -25.59 -39.63 -0.84
N ASP C 188 -26.47 -38.66 -1.08
CA ASP C 188 -26.00 -37.30 -1.24
C ASP C 188 -25.72 -36.74 0.14
N ARG C 189 -24.57 -36.09 0.27
CA ARG C 189 -24.25 -35.41 1.51
C ARG C 189 -25.18 -34.21 1.64
N LEU C 190 -25.87 -34.10 2.78
CA LEU C 190 -26.76 -32.96 2.96
C LEU C 190 -26.13 -31.90 3.86
N LEU C 191 -25.63 -32.31 5.02
CA LEU C 191 -25.14 -31.31 5.94
C LEU C 191 -23.95 -31.86 6.70
N ASP C 192 -22.91 -31.05 6.81
CA ASP C 192 -21.80 -31.37 7.70
C ASP C 192 -21.74 -30.30 8.78
N LEU C 193 -21.71 -30.75 10.03
CA LEU C 193 -21.64 -29.86 11.18
C LEU C 193 -20.36 -30.21 11.91
N TYR C 194 -19.42 -29.29 11.91
CA TYR C 194 -18.13 -29.48 12.54
C TYR C 194 -18.18 -28.87 13.92
N ALA C 195 -17.41 -29.47 14.84
CA ALA C 195 -17.37 -29.03 16.24
C ALA C 195 -17.03 -27.55 16.37
N SER C 196 -16.23 -27.01 15.43
CA SER C 196 -15.90 -25.60 15.40
C SER C 196 -17.10 -24.71 15.08
N GLY C 197 -18.19 -25.26 14.57
CA GLY C 197 -19.38 -24.48 14.25
C GLY C 197 -19.71 -24.43 12.77
N GLU C 198 -18.72 -24.63 11.92
CA GLU C 198 -18.92 -24.59 10.47
C GLU C 198 -19.82 -25.71 9.97
N ARG C 199 -20.65 -25.35 9.00
CA ARG C 199 -21.55 -26.27 8.33
C ARG C 199 -21.23 -26.24 6.85
N ARG C 200 -21.40 -27.41 6.22
CA ARG C 200 -21.17 -27.53 4.78
C ARG C 200 -22.38 -28.18 4.12
N ALA C 201 -23.06 -27.41 3.27
CA ALA C 201 -24.19 -27.87 2.48
C ALA C 201 -23.80 -28.06 1.02
N TYR C 202 -24.40 -29.06 0.39
CA TYR C 202 -24.10 -29.42 -1.00
C TYR C 202 -25.38 -29.43 -1.81
N GLY C 203 -25.26 -29.29 -3.12
CA GLY C 203 -26.43 -29.32 -3.97
C GLY C 203 -26.88 -28.02 -4.59
N PRO C 204 -27.85 -28.11 -5.49
CA PRO C 204 -28.41 -26.91 -6.17
C PRO C 204 -29.13 -26.00 -5.20
N PRO C 205 -29.40 -24.73 -5.59
CA PRO C 205 -30.07 -23.79 -4.68
C PRO C 205 -31.43 -24.23 -4.19
N PHE C 206 -32.17 -25.00 -5.00
CA PHE C 206 -33.48 -25.50 -4.61
C PHE C 206 -33.41 -26.37 -3.36
N LEU C 207 -32.29 -27.05 -3.13
CA LEU C 207 -32.13 -27.85 -1.92
C LEU C 207 -31.54 -27.05 -0.77
N ARG C 208 -30.51 -26.23 -1.04
CA ARG C 208 -29.81 -25.50 0.02
C ARG C 208 -30.68 -24.48 0.74
N ASP C 209 -31.68 -23.90 0.05
CA ASP C 209 -32.51 -22.86 0.65
C ASP C 209 -33.37 -23.35 1.80
N ARG C 210 -33.66 -24.65 1.84
CA ARG C 210 -34.60 -25.22 2.78
C ARG C 210 -33.98 -25.97 3.93
N VAL C 211 -32.67 -26.21 3.94
CA VAL C 211 -32.08 -27.05 4.98
C VAL C 211 -31.23 -26.21 5.92
N SER C 212 -31.58 -26.24 7.21
CA SER C 212 -30.90 -25.48 8.23
C SER C 212 -30.99 -26.19 9.56
N VAL C 213 -29.99 -25.94 10.40
CA VAL C 213 -29.98 -26.32 11.81
C VAL C 213 -29.72 -25.06 12.61
N ASN C 214 -30.34 -24.98 13.79
CA ASN C 214 -30.16 -23.83 14.67
C ASN C 214 -28.67 -23.63 14.98
N THR C 215 -28.30 -22.36 15.16
CA THR C 215 -26.88 -22.00 15.19
C THR C 215 -26.17 -22.49 16.44
N ASN C 216 -26.89 -22.77 17.51
CA ASN C 216 -26.30 -23.33 18.72
C ASN C 216 -26.54 -24.83 18.82
N ALA C 217 -26.54 -25.54 17.68
CA ALA C 217 -26.90 -26.96 17.63
C ALA C 217 -26.04 -27.82 18.53
N PHE C 218 -24.73 -27.73 18.38
CA PHE C 218 -23.82 -28.54 19.18
C PHE C 218 -23.68 -27.97 20.59
N ALA C 219 -24.00 -26.68 20.75
CA ALA C 219 -23.98 -26.05 22.07
C ALA C 219 -25.06 -26.65 22.97
N ARG C 220 -26.22 -26.97 22.40
CA ARG C 220 -27.32 -27.51 23.17
C ARG C 220 -27.48 -29.00 22.93
N GLY C 221 -26.66 -29.58 22.05
CA GLY C 221 -26.75 -30.98 21.70
C GLY C 221 -28.05 -31.36 21.03
N ASP C 222 -28.65 -30.43 20.29
CA ASP C 222 -29.90 -30.63 19.57
C ASP C 222 -29.58 -30.28 18.13
N PHE C 223 -29.65 -31.28 17.25
CA PHE C 223 -29.29 -31.11 15.86
C PHE C 223 -30.51 -31.24 14.95
N SER C 224 -31.70 -30.98 15.47
CA SER C 224 -32.93 -31.09 14.69
C SER C 224 -32.89 -30.16 13.49
N LEU C 225 -33.16 -30.72 12.33
CA LEU C 225 -33.21 -29.96 11.09
C LEU C 225 -34.61 -29.39 10.92
N ARG C 226 -34.69 -28.10 10.67
CA ARG C 226 -35.97 -27.50 10.33
C ARG C 226 -35.94 -27.21 8.84
N ILE C 227 -36.87 -27.83 8.12
CA ILE C 227 -36.98 -27.68 6.67
C ILE C 227 -38.31 -27.03 6.35
N ASP C 228 -38.26 -25.79 5.90
CA ASP C 228 -39.44 -25.05 5.50
C ASP C 228 -39.87 -25.41 4.09
N GLU C 229 -41.20 -25.37 3.87
CA GLU C 229 -41.85 -25.58 2.59
C GLU C 229 -41.47 -26.93 1.99
N LEU C 230 -41.95 -27.98 2.66
CA LEU C 230 -41.61 -29.36 2.32
C LEU C 230 -41.96 -29.70 0.88
N GLU C 231 -40.98 -30.20 0.16
CA GLU C 231 -41.11 -30.67 -1.19
C GLU C 231 -40.90 -32.18 -1.18
N ARG C 232 -41.32 -32.82 -2.27
CA ARG C 232 -41.13 -34.26 -2.43
C ARG C 232 -39.67 -34.66 -2.42
N ALA C 233 -38.77 -33.77 -2.85
CA ALA C 233 -37.34 -34.08 -2.80
C ALA C 233 -36.79 -34.19 -1.39
N ASP C 234 -37.57 -33.82 -0.36
CA ASP C 234 -37.14 -34.00 1.01
C ASP C 234 -37.47 -35.37 1.55
N GLU C 235 -38.35 -36.14 0.90
CA GLU C 235 -38.69 -37.44 1.44
C GLU C 235 -37.53 -38.40 1.25
N GLY C 236 -37.38 -39.32 2.19
CA GLY C 236 -36.25 -40.24 2.11
C GLY C 236 -35.78 -40.65 3.49
N ILE C 237 -34.62 -41.29 3.51
CA ILE C 237 -34.01 -41.80 4.73
C ILE C 237 -32.90 -40.85 5.15
N TYR C 238 -33.13 -40.13 6.24
CA TYR C 238 -32.15 -39.20 6.78
C TYR C 238 -31.37 -39.87 7.88
N SER C 239 -30.12 -39.45 8.01
CA SER C 239 -29.33 -40.02 9.08
C SER C 239 -28.50 -38.91 9.71
N CYS C 240 -28.63 -38.79 11.03
CA CYS C 240 -27.83 -37.91 11.85
C CYS C 240 -26.71 -38.77 12.42
N HIS C 241 -25.47 -38.36 12.18
CA HIS C 241 -24.30 -39.11 12.61
C HIS C 241 -23.46 -38.26 13.54
N LEU C 242 -23.33 -38.68 14.79
CA LEU C 242 -22.42 -38.02 15.69
C LEU C 242 -21.16 -38.86 15.69
N HIS C 243 -20.03 -38.21 15.44
CA HIS C 243 -18.75 -38.89 15.35
C HIS C 243 -17.78 -38.18 16.27
N HIS C 244 -17.34 -38.92 17.27
CA HIS C 244 -16.28 -38.62 18.21
C HIS C 244 -15.29 -39.77 18.06
N HIS C 245 -14.32 -39.57 17.17
CA HIS C 245 -13.39 -40.63 16.80
C HIS C 245 -12.50 -40.96 17.98
N TYR C 246 -12.11 -39.93 18.74
CA TYR C 246 -11.23 -40.10 19.89
C TYR C 246 -11.89 -40.84 21.05
N CYS C 247 -13.10 -40.46 21.43
CA CYS C 247 -13.73 -41.10 22.57
C CYS C 247 -14.44 -42.39 22.18
N GLY C 248 -14.36 -42.76 20.90
CA GLY C 248 -14.97 -43.97 20.40
C GLY C 248 -16.47 -43.89 20.32
N LEU C 249 -17.01 -42.69 20.24
CA LEU C 249 -18.45 -42.50 20.08
C LEU C 249 -18.74 -42.39 18.59
N HIS C 250 -19.57 -43.28 18.08
CA HIS C 250 -19.97 -43.28 16.68
C HIS C 250 -21.42 -43.71 16.70
N GLU C 251 -22.32 -42.75 16.66
CA GLU C 251 -23.74 -43.05 16.77
C GLU C 251 -24.50 -42.45 15.60
N ARG C 252 -25.57 -43.11 15.20
CA ARG C 252 -26.45 -42.50 14.21
C ARG C 252 -27.90 -42.76 14.53
N ARG C 253 -28.73 -41.83 14.08
CA ARG C 253 -30.17 -41.93 14.11
C ARG C 253 -30.68 -41.90 12.68
N VAL C 254 -31.65 -42.76 12.38
CA VAL C 254 -32.15 -42.99 11.03
C VAL C 254 -33.63 -42.63 11.01
N PHE C 255 -34.04 -41.90 9.98
CA PHE C 255 -35.38 -41.37 9.87
C PHE C 255 -35.95 -41.74 8.51
N HIS C 256 -37.07 -42.47 8.49
CA HIS C 256 -37.79 -42.70 7.24
C HIS C 256 -38.85 -41.61 7.09
N LEU C 257 -38.58 -40.63 6.23
CA LEU C 257 -39.49 -39.52 6.03
C LEU C 257 -40.38 -39.85 4.86
N GLN C 258 -41.68 -39.94 5.13
CA GLN C 258 -42.77 -40.18 4.21
C GLN C 258 -43.71 -39.00 4.26
N VAL C 259 -44.32 -38.64 3.14
CA VAL C 259 -45.29 -37.54 3.18
C VAL C 259 -46.68 -38.14 2.97
N THR C 260 -47.45 -38.12 4.06
CA THR C 260 -48.82 -38.62 4.28
C THR C 260 -49.20 -38.15 5.68
N GLU C 261 -50.43 -38.51 6.10
CA GLU C 261 -50.91 -38.51 7.48
C GLU C 261 -50.73 -37.18 8.21
N PRO C 262 -51.59 -36.17 7.94
CA PRO C 262 -51.39 -34.84 8.55
C PRO C 262 -51.55 -34.78 10.06
N ALA C 263 -52.67 -35.26 10.60
CA ALA C 263 -52.87 -35.33 12.03
C ALA C 263 -53.12 -36.74 12.53
N PHE C 264 -53.21 -37.71 11.63
CA PHE C 264 -53.57 -39.09 11.94
C PHE C 264 -52.31 -39.98 12.05
N GLU C 265 -51.11 -39.37 12.07
CA GLU C 265 -49.89 -40.18 11.94
C GLU C 265 -49.57 -40.91 13.24
N PRO C 266 -49.20 -42.18 13.16
CA PRO C 266 -48.66 -42.89 14.31
C PRO C 266 -47.17 -42.64 14.44
N PRO C 267 -46.72 -41.99 15.52
CA PRO C 267 -45.27 -41.76 15.69
C PRO C 267 -44.58 -43.07 16.06
N SER C 268 -43.71 -43.54 15.17
CA SER C 268 -43.09 -44.85 15.34
C SER C 268 -42.07 -44.84 16.47
N ALA C 269 -41.93 -46.01 17.11
CA ALA C 269 -41.03 -46.28 18.24
C ALA C 269 -41.17 -45.29 19.40
N SER D 1 -8.81 -55.25 -1.56
CA SER D 1 -7.41 -55.24 -1.17
C SER D 1 -6.56 -55.90 -2.25
N SER D 2 -5.35 -56.30 -1.89
CA SER D 2 -4.41 -56.93 -2.81
C SER D 2 -3.32 -57.65 -2.01
N SER D 3 -2.55 -58.47 -2.71
CA SER D 3 -1.45 -59.23 -2.13
C SER D 3 -0.16 -58.79 -2.79
N LEU D 4 0.88 -58.62 -1.98
CA LEU D 4 2.17 -58.16 -2.50
C LEU D 4 2.82 -59.24 -3.35
N VAL D 5 3.08 -58.93 -4.62
CA VAL D 5 3.74 -59.91 -5.48
C VAL D 5 5.25 -59.80 -5.36
N SER D 6 5.81 -58.67 -5.76
CA SER D 6 7.26 -58.48 -5.79
C SER D 6 7.56 -57.00 -5.57
N GLU D 7 8.66 -56.75 -4.88
CA GLU D 7 9.17 -55.39 -4.66
C GLU D 7 10.42 -55.19 -5.51
N SER D 8 10.54 -53.99 -6.07
CA SER D 8 11.84 -53.55 -6.54
C SER D 8 11.97 -52.04 -6.37
N VAL D 9 13.22 -51.59 -6.37
CA VAL D 9 13.57 -50.18 -6.36
C VAL D 9 14.09 -49.89 -7.76
N VAL D 10 13.66 -48.78 -8.35
CA VAL D 10 14.06 -48.46 -9.71
C VAL D 10 14.75 -47.10 -9.68
N SER D 11 16.03 -47.09 -10.03
CA SER D 11 16.83 -45.88 -10.12
C SER D 11 17.28 -45.68 -11.55
N LEU D 12 16.83 -44.59 -12.16
CA LEU D 12 17.09 -44.31 -13.55
C LEU D 12 17.50 -42.85 -13.65
N ALA D 13 18.12 -42.52 -14.77
CA ALA D 13 18.67 -41.18 -14.96
C ALA D 13 17.63 -40.26 -15.59
N ALA D 14 17.87 -38.96 -15.42
CA ALA D 14 16.95 -37.95 -15.93
C ALA D 14 17.05 -37.87 -17.45
N GLY D 15 15.89 -37.66 -18.09
CA GLY D 15 15.81 -37.60 -19.53
C GLY D 15 15.48 -38.93 -20.20
N THR D 16 15.66 -40.03 -19.50
CA THR D 16 15.33 -41.34 -20.03
C THR D 16 13.84 -41.64 -19.85
N GLN D 17 13.42 -42.81 -20.32
CA GLN D 17 12.03 -43.28 -20.21
C GLN D 17 11.98 -44.45 -19.25
N ALA D 18 11.14 -44.34 -18.22
CA ALA D 18 10.96 -45.47 -17.31
C ALA D 18 9.92 -46.43 -17.86
N VAL D 19 10.21 -47.72 -17.71
CA VAL D 19 9.28 -48.80 -18.03
C VAL D 19 9.18 -49.68 -16.78
N LEU D 20 8.03 -49.63 -16.13
CA LEU D 20 7.77 -50.41 -14.93
C LEU D 20 6.98 -51.64 -15.33
N ARG D 21 7.66 -52.79 -15.32
CA ARG D 21 7.08 -54.01 -15.85
C ARG D 21 5.97 -54.52 -14.93
N CYS D 22 4.83 -54.81 -15.51
CA CYS D 22 3.71 -55.39 -14.77
C CYS D 22 3.04 -56.31 -15.77
N GLN D 23 3.35 -57.60 -15.65
CA GLN D 23 2.84 -58.63 -16.54
C GLN D 23 2.33 -59.77 -15.68
N SER D 24 1.27 -60.39 -16.17
CA SER D 24 0.65 -61.51 -15.49
C SER D 24 -0.21 -62.28 -16.46
N PRO D 25 0.04 -63.58 -16.62
CA PRO D 25 -0.87 -64.41 -17.43
C PRO D 25 -2.27 -64.50 -16.85
N ARG D 26 -2.45 -64.17 -15.56
CA ARG D 26 -3.76 -64.21 -14.94
C ARG D 26 -4.59 -62.94 -15.09
N MET D 27 -4.11 -61.91 -15.78
CA MET D 27 -4.98 -60.79 -16.08
C MET D 27 -5.38 -60.72 -17.55
N VAL D 28 -5.04 -61.76 -18.32
CA VAL D 28 -5.33 -61.76 -19.75
C VAL D 28 -6.83 -61.90 -19.98
N TRP D 29 -7.33 -61.13 -20.93
CA TRP D 29 -8.72 -61.15 -21.37
C TRP D 29 -8.67 -60.57 -22.77
N THR D 30 -9.70 -60.82 -23.56
CA THR D 30 -9.66 -60.29 -24.91
C THR D 30 -10.99 -59.60 -25.18
N GLN D 31 -11.01 -58.72 -26.19
CA GLN D 31 -12.19 -57.97 -26.58
C GLN D 31 -13.11 -58.80 -27.47
N ASP D 32 -13.37 -60.03 -27.03
CA ASP D 32 -14.24 -61.00 -27.66
C ASP D 32 -14.50 -62.04 -26.59
N ARG D 33 -15.65 -62.70 -26.66
CA ARG D 33 -16.03 -63.65 -25.62
C ARG D 33 -15.54 -65.00 -26.11
N LEU D 34 -14.23 -65.19 -25.93
CA LEU D 34 -13.51 -66.37 -26.38
C LEU D 34 -13.68 -67.54 -25.40
N HIS D 35 -14.95 -67.90 -25.18
CA HIS D 35 -15.42 -68.98 -24.29
C HIS D 35 -14.84 -68.88 -22.88
N ASP D 36 -14.79 -67.66 -22.36
CA ASP D 36 -14.28 -67.43 -21.01
C ASP D 36 -15.14 -68.14 -19.97
N ARG D 37 -16.47 -68.04 -20.11
CA ARG D 37 -17.44 -68.71 -19.25
C ARG D 37 -17.43 -70.24 -19.39
N GLN D 38 -16.58 -70.81 -20.23
CA GLN D 38 -16.51 -72.26 -20.40
C GLN D 38 -15.57 -72.85 -19.37
N ARG D 39 -16.08 -73.76 -18.56
CA ARG D 39 -15.28 -74.49 -17.59
C ARG D 39 -15.35 -75.95 -17.99
N VAL D 40 -14.51 -76.78 -17.36
CA VAL D 40 -14.51 -78.21 -17.64
C VAL D 40 -14.29 -78.96 -16.35
N VAL D 41 -15.11 -79.98 -16.12
CA VAL D 41 -14.90 -80.94 -15.05
C VAL D 41 -14.46 -82.22 -15.73
N HIS D 42 -13.51 -82.93 -15.13
CA HIS D 42 -13.13 -84.23 -15.68
C HIS D 42 -12.59 -85.18 -14.62
N TRP D 43 -12.92 -86.45 -14.82
CA TRP D 43 -12.45 -87.53 -13.96
C TRP D 43 -11.32 -88.25 -14.69
N ASP D 44 -10.20 -88.46 -14.00
CA ASP D 44 -9.05 -89.15 -14.59
C ASP D 44 -8.75 -90.42 -13.81
N LEU D 45 -8.16 -91.38 -14.52
CA LEU D 45 -7.73 -92.66 -13.95
C LEU D 45 -6.25 -92.88 -14.11
N SER D 46 -5.59 -93.18 -13.01
CA SER D 46 -4.18 -93.52 -12.96
C SER D 46 -4.04 -94.80 -12.15
N GLY D 47 -2.87 -95.41 -12.22
CA GLY D 47 -2.62 -96.66 -11.52
C GLY D 47 -1.25 -96.57 -10.93
N GLY D 48 -1.04 -95.57 -10.06
CA GLY D 48 0.22 -95.38 -9.41
C GLY D 48 1.08 -94.40 -10.19
N PRO D 49 2.29 -94.15 -9.68
CA PRO D 49 3.19 -93.20 -10.36
C PRO D 49 3.71 -93.68 -11.72
N GLY D 50 3.66 -94.99 -12.00
CA GLY D 50 4.26 -95.52 -13.20
C GLY D 50 3.22 -95.94 -14.23
N SER D 51 2.13 -95.18 -14.26
CA SER D 51 1.08 -95.34 -15.24
C SER D 51 0.70 -93.96 -15.74
N GLN D 52 0.06 -93.92 -16.90
CA GLN D 52 -0.29 -92.68 -17.56
C GLN D 52 -1.73 -92.37 -17.18
N ARG D 53 -2.00 -91.12 -16.79
CA ARG D 53 -3.38 -90.79 -16.48
C ARG D 53 -4.16 -90.83 -17.77
N ARG D 54 -5.41 -91.24 -17.67
CA ARG D 54 -6.28 -91.29 -18.84
C ARG D 54 -7.51 -90.48 -18.56
N ARG D 55 -7.85 -89.59 -19.48
CA ARG D 55 -9.08 -88.84 -19.35
C ARG D 55 -10.24 -89.80 -19.56
N LEU D 56 -11.13 -89.89 -18.57
CA LEU D 56 -12.24 -90.83 -18.60
C LEU D 56 -13.51 -90.19 -19.12
N VAL D 57 -13.85 -89.04 -18.54
CA VAL D 57 -15.08 -88.34 -18.85
C VAL D 57 -14.83 -86.90 -18.47
N ASP D 58 -15.40 -86.00 -19.26
CA ASP D 58 -15.33 -84.58 -19.04
C ASP D 58 -16.66 -83.95 -19.37
N MET D 59 -16.85 -82.71 -18.94
CA MET D 59 -18.10 -82.02 -19.18
C MET D 59 -17.82 -80.54 -19.16
N TYR D 60 -18.27 -79.87 -20.20
CA TYR D 60 -18.20 -78.44 -20.37
C TYR D 60 -19.35 -77.82 -19.62
N SER D 61 -19.17 -76.58 -19.17
CA SER D 61 -20.26 -75.82 -18.60
C SER D 61 -21.39 -75.65 -19.61
N ALA D 62 -22.64 -75.75 -19.10
CA ALA D 62 -23.89 -75.73 -19.88
C ALA D 62 -23.95 -76.87 -20.91
N GLY D 63 -23.18 -77.93 -20.69
CA GLY D 63 -23.14 -79.05 -21.61
C GLY D 63 -23.33 -80.38 -20.90
N GLU D 64 -23.24 -81.44 -21.70
CA GLU D 64 -23.39 -82.81 -21.27
C GLU D 64 -22.04 -83.51 -21.20
N GLN D 65 -21.92 -84.44 -20.26
CA GLN D 65 -20.66 -85.16 -20.08
C GLN D 65 -20.40 -86.09 -21.25
N ARG D 66 -19.13 -86.14 -21.67
CA ARG D 66 -18.69 -87.03 -22.74
C ARG D 66 -17.71 -88.05 -22.18
N VAL D 67 -18.00 -89.32 -22.38
CA VAL D 67 -17.10 -90.41 -21.99
C VAL D 67 -16.36 -90.90 -23.24
N TYR D 68 -15.11 -91.30 -23.06
CA TYR D 68 -14.20 -91.60 -24.16
C TYR D 68 -14.20 -93.07 -24.59
N GLU D 69 -14.59 -93.99 -23.72
CA GLU D 69 -14.61 -95.41 -24.06
C GLU D 69 -16.03 -95.92 -24.23
N PRO D 70 -16.35 -96.49 -25.40
CA PRO D 70 -17.70 -97.05 -25.62
C PRO D 70 -18.09 -98.12 -24.63
N ARG D 71 -17.11 -98.88 -24.11
CA ARG D 71 -17.38 -99.87 -23.08
C ARG D 71 -17.91 -99.21 -21.81
N ASP D 72 -17.40 -98.02 -21.47
CA ASP D 72 -17.80 -97.32 -20.25
C ASP D 72 -19.11 -96.54 -20.39
N ARG D 73 -19.68 -96.45 -21.59
CA ARG D 73 -20.97 -95.78 -21.78
C ARG D 73 -22.08 -96.44 -20.96
N ASP D 74 -22.91 -95.58 -20.35
CA ASP D 74 -24.01 -95.89 -19.42
C ASP D 74 -23.54 -96.56 -18.14
N ARG D 75 -22.24 -96.57 -17.88
CA ARG D 75 -21.64 -97.20 -16.71
C ARG D 75 -20.96 -96.21 -15.79
N LEU D 76 -20.28 -95.23 -16.35
CA LEU D 76 -19.71 -94.12 -15.60
C LEU D 76 -20.63 -92.94 -15.78
N LEU D 77 -21.21 -92.45 -14.68
CA LEU D 77 -22.25 -91.43 -14.80
C LEU D 77 -21.99 -90.27 -13.86
N LEU D 78 -22.21 -89.08 -14.38
CA LEU D 78 -22.23 -87.82 -13.65
C LEU D 78 -23.68 -87.33 -13.57
N SER D 79 -23.93 -86.47 -12.59
CA SER D 79 -25.20 -85.76 -12.54
C SER D 79 -25.26 -84.81 -13.72
N PRO D 80 -26.29 -84.88 -14.57
CA PRO D 80 -26.36 -83.96 -15.73
C PRO D 80 -26.46 -82.49 -15.36
N SER D 81 -26.95 -82.17 -14.17
CA SER D 81 -27.02 -80.81 -13.67
C SER D 81 -25.96 -80.56 -12.60
N ALA D 82 -24.76 -81.14 -12.79
CA ALA D 82 -23.67 -81.07 -11.82
C ALA D 82 -23.29 -79.62 -11.48
N PHE D 83 -23.34 -78.73 -12.46
CA PHE D 83 -22.94 -77.35 -12.26
C PHE D 83 -23.96 -76.52 -11.50
N HIS D 84 -25.08 -77.08 -11.06
CA HIS D 84 -25.98 -76.22 -10.29
C HIS D 84 -25.58 -76.13 -8.82
N ASP D 85 -25.21 -77.23 -8.17
CA ASP D 85 -24.82 -77.12 -6.77
C ASP D 85 -23.36 -77.51 -6.57
N GLY D 86 -22.63 -77.84 -7.64
CA GLY D 86 -21.24 -78.22 -7.53
C GLY D 86 -20.99 -79.65 -7.08
N ASN D 87 -21.93 -80.57 -7.31
CA ASN D 87 -21.76 -81.97 -6.95
C ASN D 87 -21.29 -82.69 -8.21
N PHE D 88 -19.98 -82.86 -8.33
CA PHE D 88 -19.33 -83.46 -9.49
C PHE D 88 -19.07 -84.96 -9.29
N SER D 89 -19.82 -85.58 -8.37
CA SER D 89 -19.66 -87.00 -8.02
C SER D 89 -19.87 -87.94 -9.18
N LEU D 90 -19.15 -89.05 -9.18
CA LEU D 90 -19.24 -90.06 -10.23
C LEU D 90 -19.77 -91.37 -9.67
N LEU D 91 -20.84 -91.88 -10.28
CA LEU D 91 -21.40 -93.18 -9.91
C LEU D 91 -20.99 -94.22 -10.97
N ILE D 92 -20.32 -95.27 -10.51
CA ILE D 92 -19.99 -96.44 -11.33
C ILE D 92 -21.05 -97.52 -11.13
N ARG D 93 -21.77 -97.83 -12.21
CA ARG D 93 -22.92 -98.75 -12.16
C ARG D 93 -22.51 -100.16 -11.75
N ALA D 94 -21.46 -100.69 -12.36
CA ALA D 94 -20.97 -102.03 -12.02
C ALA D 94 -19.47 -102.04 -12.27
N VAL D 95 -18.73 -102.42 -11.23
CA VAL D 95 -17.28 -102.31 -11.25
C VAL D 95 -16.66 -103.65 -11.64
N ASP D 96 -15.43 -103.58 -12.16
CA ASP D 96 -14.63 -104.76 -12.46
C ASP D 96 -13.18 -104.47 -12.08
N ARG D 97 -12.32 -105.47 -12.32
CA ARG D 97 -10.90 -105.36 -11.98
C ARG D 97 -10.18 -104.26 -12.76
N GLY D 98 -10.65 -103.94 -13.96
CA GLY D 98 -10.02 -102.89 -14.74
C GLY D 98 -10.21 -101.49 -14.22
N ASP D 99 -11.12 -101.28 -13.26
CA ASP D 99 -11.36 -99.96 -12.72
C ASP D 99 -10.50 -99.61 -11.52
N GLU D 100 -9.66 -100.53 -11.04
CA GLU D 100 -8.86 -100.25 -9.86
C GLU D 100 -7.81 -99.21 -10.17
N GLY D 101 -7.58 -98.31 -9.23
CA GLY D 101 -6.64 -97.24 -9.47
C GLY D 101 -7.10 -95.97 -8.77
N VAL D 102 -6.35 -94.90 -9.03
CA VAL D 102 -6.62 -93.61 -8.44
C VAL D 102 -7.44 -92.79 -9.43
N TYR D 103 -8.61 -92.37 -8.99
CA TYR D 103 -9.48 -91.48 -9.74
C TYR D 103 -9.28 -90.07 -9.20
N THR D 104 -9.08 -89.12 -10.09
CA THR D 104 -8.96 -87.74 -9.68
C THR D 104 -10.12 -86.96 -10.25
N CYS D 105 -10.81 -86.25 -9.38
CA CYS D 105 -11.87 -85.31 -9.79
C CYS D 105 -11.17 -83.98 -9.96
N ASN D 106 -11.12 -83.49 -11.20
CA ASN D 106 -10.41 -82.28 -11.58
C ASN D 106 -11.42 -81.24 -12.06
N LEU D 107 -11.41 -80.09 -11.43
CA LEU D 107 -12.14 -78.93 -11.92
C LEU D 107 -11.15 -77.98 -12.56
N HIS D 108 -11.53 -77.45 -13.73
CA HIS D 108 -10.68 -76.53 -14.46
C HIS D 108 -11.46 -75.37 -15.03
N HIS D 109 -10.94 -74.17 -14.84
CA HIS D 109 -11.53 -72.96 -15.39
C HIS D 109 -10.64 -72.53 -16.55
N HIS D 110 -11.19 -72.53 -17.76
CA HIS D 110 -10.36 -72.20 -18.91
C HIS D 110 -9.99 -70.72 -18.92
N TYR D 111 -10.81 -69.88 -18.31
CA TYR D 111 -10.49 -68.47 -18.27
C TYR D 111 -9.57 -68.14 -17.11
N CYS D 112 -9.91 -68.60 -15.91
CA CYS D 112 -9.03 -68.32 -14.78
C CYS D 112 -7.76 -69.15 -14.78
N HIS D 113 -7.67 -70.18 -15.63
CA HIS D 113 -6.53 -71.13 -15.71
C HIS D 113 -6.19 -71.75 -14.35
N LEU D 114 -7.22 -72.01 -13.55
CA LEU D 114 -7.05 -72.74 -12.31
C LEU D 114 -7.50 -74.19 -12.50
N ASP D 115 -6.81 -75.06 -11.76
CA ASP D 115 -7.07 -76.49 -11.71
C ASP D 115 -7.11 -76.88 -10.24
N GLU D 116 -8.06 -77.74 -9.90
CA GLU D 116 -8.21 -78.24 -8.55
C GLU D 116 -8.55 -79.70 -8.65
N SER D 117 -7.99 -80.51 -7.77
CA SER D 117 -8.13 -81.95 -7.92
C SER D 117 -8.23 -82.61 -6.56
N LEU D 118 -8.92 -83.74 -6.55
CA LEU D 118 -8.93 -84.61 -5.39
C LEU D 118 -8.76 -86.04 -5.88
N ALA D 119 -8.15 -86.88 -5.04
CA ALA D 119 -7.85 -88.25 -5.39
C ALA D 119 -8.69 -89.22 -4.56
N VAL D 120 -8.99 -90.36 -5.15
CA VAL D 120 -9.65 -91.48 -4.48
C VAL D 120 -9.02 -92.77 -4.99
N ARG D 121 -8.69 -93.67 -4.08
CA ARG D 121 -8.14 -94.97 -4.46
C ARG D 121 -9.26 -95.99 -4.51
N LEU D 122 -9.45 -96.61 -5.67
CA LEU D 122 -10.46 -97.63 -5.86
C LEU D 122 -9.82 -99.02 -5.89
N GLU D 123 -10.29 -99.90 -5.00
CA GLU D 123 -9.92 -101.32 -5.00
C GLU D 123 -11.17 -102.19 -4.95
N VAL D 124 -11.23 -103.18 -5.82
CA VAL D 124 -12.42 -104.02 -5.96
C VAL D 124 -12.22 -105.32 -5.19
N THR D 125 -13.04 -105.52 -4.17
CA THR D 125 -13.06 -106.69 -3.31
C THR D 125 -14.25 -107.56 -3.68
N GLU D 126 -14.51 -108.59 -2.88
CA GLU D 126 -15.65 -109.48 -3.09
C GLU D 126 -16.74 -109.35 -2.04
N ASP D 127 -16.43 -108.89 -0.83
CA ASP D 127 -17.49 -108.84 0.17
C ASP D 127 -18.12 -107.45 0.25
N PRO D 128 -19.44 -107.36 0.13
CA PRO D 128 -20.11 -106.05 0.18
C PRO D 128 -20.14 -105.39 1.55
N LEU D 129 -20.10 -106.15 2.65
CA LEU D 129 -20.11 -105.54 3.96
C LEU D 129 -18.77 -104.91 4.35
N LEU D 130 -17.69 -105.22 3.64
CA LEU D 130 -16.41 -104.55 3.83
C LEU D 130 -16.30 -103.30 2.97
N SER D 131 -17.33 -103.01 2.16
CA SER D 131 -17.28 -101.89 1.23
C SER D 131 -17.48 -100.58 1.99
N ARG D 132 -16.50 -99.70 1.92
CA ARG D 132 -16.55 -98.44 2.63
C ARG D 132 -15.78 -97.37 1.88
N ALA D 133 -16.05 -96.12 2.28
CA ALA D 133 -15.32 -94.95 1.80
C ALA D 133 -14.77 -94.24 3.02
N TYR D 134 -13.45 -94.09 3.08
CA TYR D 134 -12.87 -93.48 4.27
C TYR D 134 -11.76 -92.54 3.86
N TRP D 135 -11.27 -91.76 4.82
CA TRP D 135 -10.28 -90.75 4.56
C TRP D 135 -8.98 -91.23 5.16
N ASP D 136 -8.00 -91.54 4.30
CA ASP D 136 -6.72 -92.10 4.74
C ASP D 136 -5.73 -91.07 5.25
N GLY D 137 -6.13 -89.80 5.32
CA GLY D 137 -5.26 -88.71 5.71
C GLY D 137 -5.08 -87.66 4.63
N GLU D 138 -5.23 -88.05 3.36
CA GLU D 138 -5.10 -87.07 2.29
C GLU D 138 -6.03 -87.37 1.12
N LYS D 139 -6.71 -88.50 1.14
CA LYS D 139 -7.59 -88.86 0.04
C LYS D 139 -8.62 -89.87 0.49
N GLU D 140 -9.74 -89.89 -0.22
CA GLU D 140 -10.76 -90.90 -0.02
C GLU D 140 -10.36 -92.23 -0.64
N VAL D 141 -10.69 -93.30 0.07
CA VAL D 141 -10.44 -94.67 -0.36
C VAL D 141 -11.77 -95.39 -0.46
N LEU D 142 -12.03 -95.96 -1.65
CA LEU D 142 -13.22 -96.73 -2.00
C LEU D 142 -12.87 -98.22 -2.11
N VAL D 143 -13.54 -99.02 -1.29
CA VAL D 143 -13.53 -100.47 -1.36
C VAL D 143 -14.86 -100.87 -1.96
N VAL D 144 -14.87 -101.51 -3.14
CA VAL D 144 -16.17 -101.83 -3.74
C VAL D 144 -16.25 -103.30 -4.13
N ALA D 145 -17.37 -103.93 -3.80
CA ALA D 145 -17.68 -105.29 -4.24
C ALA D 145 -17.95 -105.31 -5.74
N HIS D 146 -17.62 -106.45 -6.37
CA HIS D 146 -17.89 -106.64 -7.80
C HIS D 146 -19.38 -106.54 -8.11
N GLY D 147 -19.71 -105.79 -9.18
CA GLY D 147 -21.08 -105.58 -9.60
C GLY D 147 -21.85 -104.55 -8.81
N ALA D 148 -21.32 -104.07 -7.69
CA ALA D 148 -21.97 -103.01 -6.92
C ALA D 148 -21.68 -101.65 -7.52
N PRO D 149 -22.52 -100.64 -7.27
CA PRO D 149 -22.19 -99.29 -7.70
C PRO D 149 -21.25 -98.63 -6.71
N ALA D 150 -20.48 -97.66 -7.21
CA ALA D 150 -19.58 -96.88 -6.37
C ALA D 150 -19.88 -95.42 -6.63
N LEU D 151 -20.36 -94.72 -5.61
CA LEU D 151 -20.60 -93.29 -5.71
C LEU D 151 -19.44 -92.55 -5.05
N MET D 152 -18.54 -92.01 -5.86
CA MET D 152 -17.44 -91.21 -5.35
C MET D 152 -17.87 -89.75 -5.35
N THR D 153 -18.04 -89.19 -4.16
CA THR D 153 -18.56 -87.85 -3.98
C THR D 153 -17.49 -86.81 -4.28
N CYS D 154 -17.84 -85.81 -5.08
CA CYS D 154 -16.94 -84.69 -5.38
C CYS D 154 -17.82 -83.44 -5.37
N ILE D 155 -17.81 -82.73 -4.23
CA ILE D 155 -18.68 -81.58 -4.00
C ILE D 155 -17.81 -80.35 -3.78
N ASN D 156 -18.07 -79.31 -4.56
CA ASN D 156 -17.32 -78.05 -4.49
C ASN D 156 -18.34 -76.93 -4.61
N ARG D 157 -18.65 -76.31 -3.46
CA ARG D 157 -19.71 -75.33 -3.36
C ARG D 157 -19.24 -73.90 -3.58
N ALA D 158 -18.01 -73.73 -4.07
CA ALA D 158 -17.50 -72.41 -4.42
C ALA D 158 -18.35 -71.79 -5.53
N HIS D 159 -18.49 -70.46 -5.48
CA HIS D 159 -19.40 -69.76 -6.39
C HIS D 159 -18.98 -69.89 -7.84
N VAL D 160 -17.68 -70.09 -8.08
CA VAL D 160 -17.16 -70.26 -9.43
C VAL D 160 -17.60 -71.61 -10.01
N TRP D 161 -17.94 -72.58 -9.15
CA TRP D 161 -18.30 -73.90 -9.64
C TRP D 161 -19.79 -74.09 -9.84
N THR D 162 -20.62 -73.28 -9.20
CA THR D 162 -22.06 -73.46 -9.27
C THR D 162 -22.55 -72.47 -10.32
N ASP D 163 -23.78 -72.66 -10.81
CA ASP D 163 -24.23 -71.82 -11.93
C ASP D 163 -24.78 -70.49 -11.41
N ARG D 164 -23.85 -69.68 -10.89
CA ARG D 164 -24.06 -68.26 -10.67
C ARG D 164 -23.84 -67.47 -11.96
N HIS D 165 -23.66 -66.16 -11.83
CA HIS D 165 -23.54 -65.29 -13.00
C HIS D 165 -22.20 -65.46 -13.73
N LEU D 166 -21.12 -65.66 -12.98
CA LEU D 166 -19.72 -65.87 -13.42
C LEU D 166 -19.18 -65.20 -14.68
N GLU D 167 -19.56 -63.95 -14.99
CA GLU D 167 -18.75 -63.14 -15.90
C GLU D 167 -18.62 -61.75 -15.31
N GLU D 168 -17.38 -61.34 -15.03
CA GLU D 168 -17.18 -60.25 -14.09
C GLU D 168 -17.48 -58.91 -14.74
N ALA D 169 -17.02 -58.73 -15.99
CA ALA D 169 -17.01 -57.54 -16.83
C ALA D 169 -16.09 -56.44 -16.32
N GLN D 170 -15.47 -56.61 -15.16
CA GLN D 170 -14.79 -55.53 -14.48
C GLN D 170 -13.53 -56.08 -13.85
N GLN D 171 -12.82 -56.88 -14.65
CA GLN D 171 -11.39 -57.03 -14.48
C GLN D 171 -10.79 -55.66 -14.65
N VAL D 172 -9.91 -55.26 -13.74
CA VAL D 172 -9.38 -53.91 -13.84
C VAL D 172 -7.91 -53.88 -13.42
N VAL D 173 -7.16 -53.02 -14.09
CA VAL D 173 -5.79 -52.68 -13.74
C VAL D 173 -5.77 -51.24 -13.27
N HIS D 174 -5.15 -50.99 -12.13
CA HIS D 174 -4.98 -49.66 -11.60
C HIS D 174 -3.50 -49.34 -11.57
N TRP D 175 -3.14 -48.15 -12.02
CA TRP D 175 -1.81 -47.63 -11.76
C TRP D 175 -1.99 -46.55 -10.72
N ASP D 176 -1.35 -46.74 -9.58
CA ASP D 176 -1.41 -45.85 -8.44
C ASP D 176 -0.02 -45.29 -8.18
N ARG D 177 0.02 -44.11 -7.57
CA ARG D 177 1.26 -43.41 -7.28
C ARG D 177 1.18 -42.86 -5.87
N GLN D 178 2.23 -43.09 -5.10
CA GLN D 178 2.36 -42.62 -3.74
C GLN D 178 3.48 -41.60 -3.74
N LEU D 179 3.10 -40.34 -3.60
CA LEU D 179 4.01 -39.22 -3.61
C LEU D 179 4.70 -39.13 -2.25
N PRO D 180 5.84 -38.45 -2.17
CA PRO D 180 6.45 -38.23 -0.85
C PRO D 180 5.51 -37.37 0.00
N GLY D 181 5.41 -37.74 1.27
CA GLY D 181 4.55 -37.01 2.18
C GLY D 181 3.07 -37.35 2.26
N VAL D 182 2.46 -37.80 1.16
CA VAL D 182 1.04 -38.12 1.21
C VAL D 182 0.83 -39.40 2.02
N SER D 183 -0.10 -39.33 2.98
CA SER D 183 -0.49 -40.49 3.77
C SER D 183 -1.21 -41.51 2.89
N HIS D 184 -1.38 -42.72 3.42
CA HIS D 184 -2.08 -43.74 2.64
C HIS D 184 -3.56 -43.38 2.46
N ASP D 185 -4.23 -44.14 1.58
CA ASP D 185 -5.60 -43.97 1.06
C ASP D 185 -5.79 -42.73 0.19
N ARG D 186 -4.99 -41.67 0.42
CA ARG D 186 -5.01 -40.45 -0.38
C ARG D 186 -3.99 -40.46 -1.50
N ALA D 187 -3.58 -41.64 -1.96
CA ALA D 187 -2.69 -41.73 -3.09
C ALA D 187 -3.45 -41.39 -4.37
N ASP D 188 -2.79 -40.70 -5.29
CA ASP D 188 -3.50 -40.32 -6.50
C ASP D 188 -3.52 -41.48 -7.47
N ARG D 189 -4.70 -41.75 -8.02
CA ARG D 189 -4.80 -42.72 -9.08
C ARG D 189 -4.17 -42.15 -10.34
N LEU D 190 -3.33 -42.93 -11.00
CA LEU D 190 -2.74 -42.46 -12.24
C LEU D 190 -3.47 -42.97 -13.47
N LEU D 191 -3.80 -44.26 -13.49
CA LEU D 191 -4.37 -44.81 -14.71
C LEU D 191 -5.40 -45.88 -14.35
N ASP D 192 -6.53 -45.85 -15.06
CA ASP D 192 -7.53 -46.89 -14.95
C ASP D 192 -7.63 -47.67 -16.27
N LEU D 193 -7.50 -48.99 -16.19
CA LEU D 193 -7.58 -49.87 -17.35
C LEU D 193 -8.66 -50.92 -17.15
N TYR D 194 -9.73 -50.87 -17.93
CA TYR D 194 -10.75 -51.90 -17.85
C TYR D 194 -10.48 -52.93 -18.93
N ALA D 195 -10.82 -54.18 -18.62
CA ALA D 195 -10.63 -55.30 -19.54
C ALA D 195 -11.36 -55.07 -20.87
N SER D 196 -12.49 -54.36 -20.81
CA SER D 196 -13.30 -54.01 -21.96
C SER D 196 -12.59 -53.06 -22.93
N GLY D 197 -11.49 -52.44 -22.53
CA GLY D 197 -10.74 -51.53 -23.38
C GLY D 197 -10.65 -50.10 -22.85
N GLU D 198 -11.55 -49.70 -21.97
CA GLU D 198 -11.58 -48.33 -21.46
C GLU D 198 -10.32 -48.00 -20.67
N ARG D 199 -9.79 -46.80 -20.93
CA ARG D 199 -8.66 -46.26 -20.18
C ARG D 199 -9.09 -44.90 -19.66
N ARG D 200 -8.66 -44.58 -18.45
CA ARG D 200 -8.96 -43.31 -17.82
C ARG D 200 -7.68 -42.72 -17.27
N ALA D 201 -7.31 -41.56 -17.79
CA ALA D 201 -6.16 -40.81 -17.31
C ALA D 201 -6.66 -39.68 -16.44
N TYR D 202 -5.87 -39.36 -15.41
CA TYR D 202 -6.27 -38.39 -14.41
C TYR D 202 -5.20 -37.30 -14.34
N GLY D 203 -5.59 -36.12 -13.87
CA GLY D 203 -4.62 -35.06 -13.77
C GLY D 203 -4.80 -34.02 -14.85
N PRO D 204 -4.05 -32.93 -14.77
CA PRO D 204 -4.08 -31.90 -15.82
C PRO D 204 -3.57 -32.45 -17.13
N PRO D 205 -3.88 -31.81 -18.27
CA PRO D 205 -3.44 -32.33 -19.57
C PRO D 205 -1.94 -32.45 -19.73
N PHE D 206 -1.17 -31.55 -19.12
CA PHE D 206 0.29 -31.59 -19.18
C PHE D 206 0.87 -32.87 -18.59
N LEU D 207 0.16 -33.46 -17.61
CA LEU D 207 0.61 -34.69 -16.98
C LEU D 207 0.16 -35.92 -17.76
N ARG D 208 -1.05 -35.86 -18.33
CA ARG D 208 -1.61 -36.99 -19.07
C ARG D 208 -0.77 -37.36 -20.29
N ASP D 209 -0.10 -36.37 -20.89
CA ASP D 209 0.74 -36.58 -22.07
C ASP D 209 1.96 -37.46 -21.77
N ARG D 210 2.35 -37.59 -20.50
CA ARG D 210 3.57 -38.28 -20.13
C ARG D 210 3.31 -39.68 -19.58
N VAL D 211 2.06 -40.06 -19.38
CA VAL D 211 1.69 -41.36 -18.81
C VAL D 211 0.98 -42.19 -19.87
N SER D 212 1.51 -43.39 -20.15
CA SER D 212 0.93 -44.23 -21.19
C SER D 212 1.10 -45.70 -20.86
N VAL D 213 0.18 -46.50 -21.38
CA VAL D 213 0.20 -47.96 -21.38
C VAL D 213 0.05 -48.46 -22.81
N ASN D 214 0.74 -49.56 -23.15
CA ASN D 214 0.68 -50.17 -24.48
C ASN D 214 -0.76 -50.49 -24.88
N THR D 215 -1.02 -50.40 -26.18
CA THR D 215 -2.40 -50.42 -26.67
C THR D 215 -3.04 -51.82 -26.63
N ASN D 216 -2.24 -52.87 -26.66
CA ASN D 216 -2.73 -54.24 -26.56
C ASN D 216 -2.55 -54.83 -25.17
N ALA D 217 -2.77 -54.00 -24.13
CA ALA D 217 -2.45 -54.34 -22.75
C ALA D 217 -3.12 -55.64 -22.28
N PHE D 218 -4.44 -55.74 -22.45
CA PHE D 218 -5.10 -56.95 -21.99
C PHE D 218 -4.89 -58.13 -22.94
N ALA D 219 -4.49 -57.87 -24.19
CA ALA D 219 -4.21 -58.94 -25.15
C ALA D 219 -3.00 -59.78 -24.72
N ARG D 220 -1.95 -59.15 -24.20
CA ARG D 220 -0.78 -59.89 -23.77
C ARG D 220 -0.67 -59.98 -22.26
N GLY D 221 -1.59 -59.35 -21.53
CA GLY D 221 -1.50 -59.29 -20.10
C GLY D 221 -0.32 -58.47 -19.63
N ASP D 222 0.02 -57.42 -20.38
CA ASP D 222 1.18 -56.57 -20.12
C ASP D 222 0.64 -55.16 -19.88
N PHE D 223 0.75 -54.69 -18.65
CA PHE D 223 0.24 -53.39 -18.27
C PHE D 223 1.37 -52.47 -17.81
N SER D 224 2.58 -52.72 -18.32
CA SER D 224 3.79 -51.99 -17.93
C SER D 224 3.62 -50.49 -18.14
N LEU D 225 4.02 -49.72 -17.15
CA LEU D 225 3.91 -48.27 -17.25
C LEU D 225 5.12 -47.71 -17.98
N ARG D 226 4.88 -46.96 -19.04
CA ARG D 226 5.94 -46.22 -19.70
C ARG D 226 5.72 -44.74 -19.47
N ILE D 227 6.68 -44.10 -18.82
CA ILE D 227 6.67 -42.66 -18.63
C ILE D 227 7.92 -42.08 -19.29
N ASP D 228 7.69 -41.32 -20.37
CA ASP D 228 8.77 -40.70 -21.13
C ASP D 228 9.23 -39.41 -20.47
N GLU D 229 10.53 -39.10 -20.65
CA GLU D 229 11.19 -37.89 -20.17
C GLU D 229 11.08 -37.82 -18.63
N LEU D 230 11.84 -38.72 -18.02
CA LEU D 230 11.84 -38.87 -16.57
C LEU D 230 12.23 -37.56 -15.90
N GLU D 231 11.35 -37.09 -15.03
CA GLU D 231 11.53 -35.90 -14.23
C GLU D 231 11.55 -36.32 -12.76
N ARG D 232 12.04 -35.43 -11.89
CA ARG D 232 11.99 -35.68 -10.45
C ARG D 232 10.55 -35.81 -9.96
N ALA D 233 9.60 -35.15 -10.63
CA ALA D 233 8.18 -35.30 -10.32
C ALA D 233 7.64 -36.68 -10.66
N ASP D 234 8.42 -37.53 -11.32
CA ASP D 234 8.04 -38.91 -11.56
C ASP D 234 8.43 -39.82 -10.41
N GLU D 235 9.25 -39.34 -9.47
CA GLU D 235 9.71 -40.15 -8.34
C GLU D 235 8.55 -40.45 -7.38
N GLY D 236 8.62 -41.60 -6.74
CA GLY D 236 7.61 -42.00 -5.79
C GLY D 236 7.47 -43.52 -5.76
N ILE D 237 6.45 -43.96 -5.05
CA ILE D 237 6.16 -45.38 -4.88
C ILE D 237 4.97 -45.69 -5.77
N TYR D 238 5.20 -46.43 -6.84
CA TYR D 238 4.14 -46.79 -7.77
C TYR D 238 3.64 -48.18 -7.48
N SER D 239 2.37 -48.40 -7.75
CA SER D 239 1.81 -49.71 -7.51
C SER D 239 0.89 -50.06 -8.66
N CYS D 240 1.10 -51.25 -9.20
CA CYS D 240 0.22 -51.83 -10.19
C CYS D 240 -0.74 -52.73 -9.43
N HIS D 241 -2.03 -52.51 -9.63
CA HIS D 241 -3.06 -53.25 -8.91
C HIS D 241 -3.89 -54.01 -9.92
N LEU D 242 -3.82 -55.33 -9.86
CA LEU D 242 -4.62 -56.20 -10.69
C LEU D 242 -5.77 -56.70 -9.83
N HIS D 243 -6.99 -56.50 -10.31
CA HIS D 243 -8.18 -56.88 -9.57
C HIS D 243 -9.08 -57.66 -10.51
N HIS D 244 -9.31 -58.91 -10.17
CA HIS D 244 -10.26 -59.83 -10.79
C HIS D 244 -11.14 -60.26 -9.63
N HIS D 245 -12.18 -59.48 -9.38
CA HIS D 245 -12.97 -59.61 -8.15
C HIS D 245 -13.77 -60.89 -8.09
N TYR D 246 -14.31 -61.34 -9.24
CA TYR D 246 -15.14 -62.53 -9.20
C TYR D 246 -14.30 -63.79 -8.93
N CYS D 247 -13.17 -63.93 -9.60
CA CYS D 247 -12.32 -65.10 -9.44
C CYS D 247 -11.39 -64.96 -8.24
N GLY D 248 -11.51 -63.86 -7.51
CA GLY D 248 -10.77 -63.62 -6.28
C GLY D 248 -9.29 -63.33 -6.41
N LEU D 249 -8.83 -62.84 -7.55
CA LEU D 249 -7.44 -62.42 -7.67
C LEU D 249 -7.37 -60.94 -7.33
N HIS D 250 -6.56 -60.61 -6.34
CA HIS D 250 -6.38 -59.22 -5.92
C HIS D 250 -4.90 -59.10 -5.57
N GLU D 251 -4.11 -58.64 -6.52
CA GLU D 251 -2.68 -58.54 -6.29
C GLU D 251 -2.18 -57.14 -6.64
N ARG D 252 -1.09 -56.76 -6.00
CA ARG D 252 -0.41 -55.52 -6.34
C ARG D 252 1.09 -55.74 -6.35
N ARG D 253 1.76 -54.97 -7.21
CA ARG D 253 3.20 -54.93 -7.33
C ARG D 253 3.65 -53.52 -7.01
N VAL D 254 4.78 -53.40 -6.32
CA VAL D 254 5.26 -52.13 -5.83
C VAL D 254 6.59 -51.83 -6.52
N PHE D 255 6.73 -50.59 -6.98
CA PHE D 255 7.91 -50.13 -7.70
C PHE D 255 8.35 -48.84 -7.03
N HIS D 256 9.57 -48.84 -6.48
CA HIS D 256 10.12 -47.59 -5.94
C HIS D 256 10.94 -46.90 -7.01
N LEU D 257 10.35 -45.88 -7.65
CA LEU D 257 11.01 -45.15 -8.71
C LEU D 257 11.66 -43.92 -8.10
N GLN D 258 12.98 -43.85 -8.15
CA GLN D 258 13.73 -42.67 -7.79
C GLN D 258 14.57 -42.23 -8.97
N VAL D 259 14.54 -40.95 -9.31
CA VAL D 259 15.37 -40.54 -10.44
C VAL D 259 16.39 -39.59 -9.85
N THR D 260 17.43 -40.15 -9.21
CA THR D 260 18.50 -39.35 -8.66
C THR D 260 19.84 -40.08 -8.63
N GLU D 261 20.08 -41.00 -9.57
CA GLU D 261 21.23 -41.93 -9.47
C GLU D 261 21.65 -42.38 -10.87
N PRO D 262 22.93 -42.18 -11.22
CA PRO D 262 23.44 -42.65 -12.52
C PRO D 262 23.62 -44.16 -12.66
N ALA D 263 24.33 -44.57 -13.72
CA ALA D 263 24.47 -45.96 -14.17
C ALA D 263 25.17 -46.94 -13.23
N PHE D 264 25.53 -46.52 -12.01
CA PHE D 264 26.20 -47.37 -11.04
C PHE D 264 25.25 -48.12 -10.10
N GLU D 265 24.02 -48.42 -10.54
CA GLU D 265 23.10 -48.89 -9.51
C GLU D 265 22.88 -50.40 -9.57
N PRO D 266 22.73 -51.04 -8.40
CA PRO D 266 22.49 -52.49 -8.34
C PRO D 266 21.01 -52.82 -8.35
N PRO D 267 20.60 -53.89 -9.03
CA PRO D 267 19.18 -54.26 -9.06
C PRO D 267 18.76 -55.08 -7.86
N SER D 268 17.48 -54.96 -7.52
CA SER D 268 16.88 -55.70 -6.41
C SER D 268 15.78 -56.64 -6.91
N ALA D 269 15.72 -57.82 -6.30
CA ALA D 269 14.82 -58.94 -6.66
C ALA D 269 14.90 -59.32 -8.14
N TYR E 1 -2.05 66.91 54.30
CA TYR E 1 -2.11 67.30 52.91
C TYR E 1 -2.29 66.06 52.04
N GLU E 2 -3.27 66.12 51.12
CA GLU E 2 -3.55 65.01 50.22
C GLU E 2 -2.86 65.23 48.88
N HIS E 3 -2.00 64.28 48.50
CA HIS E 3 -1.31 64.30 47.22
C HIS E 3 -1.88 63.22 46.32
N VAL E 4 -2.25 63.60 45.11
CA VAL E 4 -2.86 62.70 44.13
C VAL E 4 -1.83 62.43 43.05
N THR E 5 -1.52 61.15 42.81
CA THR E 5 -0.53 60.78 41.81
C THR E 5 -0.96 59.52 41.09
N VAL E 6 -0.31 59.23 39.97
CA VAL E 6 -0.60 58.06 39.17
C VAL E 6 0.70 57.33 38.82
N ILE E 7 0.76 56.04 39.16
CA ILE E 7 1.95 55.25 38.82
C ILE E 7 1.52 54.11 37.89
N PRO E 8 2.36 53.67 36.96
CA PRO E 8 1.96 52.54 36.12
C PRO E 8 1.92 51.24 36.90
N ASN E 9 0.99 50.38 36.50
CA ASN E 9 0.76 49.09 37.15
C ASN E 9 1.84 48.08 36.74
N THR E 10 3.03 48.24 37.31
CA THR E 10 4.14 47.36 37.00
C THR E 10 4.83 46.96 38.30
N VAL E 11 4.91 45.66 38.54
CA VAL E 11 5.49 45.14 39.78
C VAL E 11 7.01 45.16 39.65
N GLY E 12 7.69 45.54 40.72
CA GLY E 12 9.13 45.55 40.77
C GLY E 12 9.77 46.77 40.14
N VAL E 13 9.02 47.82 39.89
CA VAL E 13 9.56 49.05 39.34
C VAL E 13 9.28 50.16 40.35
N PRO E 14 10.32 50.68 41.00
CA PRO E 14 10.13 51.73 42.01
C PRO E 14 9.89 53.11 41.40
N TYR E 15 8.82 53.77 41.85
CA TYR E 15 8.44 55.12 41.43
C TYR E 15 8.56 56.17 42.53
N LYS E 16 9.03 57.34 42.12
CA LYS E 16 9.33 58.49 42.96
C LYS E 16 8.17 59.47 42.94
N THR E 17 7.69 59.90 44.11
CA THR E 17 6.63 60.91 44.16
C THR E 17 7.07 62.05 45.05
N LEU E 18 7.02 63.25 44.51
CA LEU E 18 7.41 64.47 45.22
C LEU E 18 6.22 65.24 45.75
N VAL E 19 6.08 65.32 47.08
CA VAL E 19 5.11 66.20 47.70
C VAL E 19 5.84 67.46 48.15
N ASN E 20 5.47 68.60 47.56
CA ASN E 20 6.11 69.88 47.85
C ASN E 20 5.10 70.84 48.46
N ARG E 21 5.08 70.94 49.78
CA ARG E 21 4.23 71.92 50.43
C ARG E 21 5.02 73.21 50.57
N PRO E 22 4.53 74.32 50.01
CA PRO E 22 5.25 75.60 50.08
C PRO E 22 5.48 76.05 51.51
N GLY E 23 6.72 76.43 51.80
CA GLY E 23 7.13 76.80 53.13
C GLY E 23 7.55 75.63 53.96
N TYR E 24 7.58 74.44 53.38
CA TYR E 24 8.01 73.23 54.06
C TYR E 24 9.00 72.51 53.16
N SER E 25 9.96 71.84 53.77
CA SER E 25 10.93 71.07 53.01
C SER E 25 10.22 69.99 52.19
N PRO E 26 10.57 69.82 50.92
CA PRO E 26 9.93 68.79 50.09
C PRO E 26 10.19 67.38 50.59
N MET E 27 9.23 66.50 50.34
CA MET E 27 9.31 65.11 50.78
C MET E 27 9.12 64.17 49.60
N VAL E 28 10.01 63.18 49.47
CA VAL E 28 9.92 62.19 48.40
C VAL E 28 9.49 60.87 49.00
N LEU E 29 8.43 60.28 48.46
CA LEU E 29 7.94 58.99 48.89
C LEU E 29 8.20 58.00 47.78
N GLU E 30 8.80 56.88 48.14
CA GLU E 30 9.09 55.86 47.15
C GLU E 30 8.10 54.71 47.22
N MET E 31 7.46 54.38 46.11
CA MET E 31 6.52 53.26 46.11
C MET E 31 6.96 52.18 45.13
N GLU E 32 6.90 50.93 45.60
CA GLU E 32 7.26 49.78 44.80
C GLU E 32 6.25 48.69 45.07
N LEU E 33 5.65 48.17 44.01
CA LEU E 33 4.69 47.09 44.14
C LEU E 33 5.38 45.76 44.40
N GLN E 34 4.65 44.84 45.01
CA GLN E 34 5.10 43.47 45.16
C GLN E 34 4.13 42.48 44.57
N SER E 35 2.83 42.79 44.61
CA SER E 35 1.81 41.91 44.08
C SER E 35 0.55 42.74 43.84
N VAL E 36 -0.14 42.42 42.75
CA VAL E 36 -1.42 43.04 42.43
C VAL E 36 -2.36 41.87 42.20
N THR E 37 -3.35 41.72 43.07
CA THR E 37 -4.24 40.57 43.04
C THR E 37 -5.61 40.99 42.53
N LEU E 38 -6.14 40.21 41.58
CA LEU E 38 -7.45 40.44 40.98
C LEU E 38 -8.35 39.27 41.34
N GLU E 39 -9.25 39.48 42.31
CA GLU E 39 -10.15 38.44 42.77
C GLU E 39 -11.48 38.55 42.05
N PRO E 40 -11.79 37.66 41.11
CA PRO E 40 -13.08 37.75 40.44
C PRO E 40 -14.18 37.16 41.31
N THR E 41 -15.39 37.62 41.09
CA THR E 41 -16.56 37.10 41.78
C THR E 41 -16.95 35.78 41.17
N LEU E 42 -17.07 34.75 41.99
CA LEU E 42 -17.36 33.42 41.50
C LEU E 42 -18.83 33.08 41.66
N SER E 43 -19.35 32.36 40.67
CA SER E 43 -20.72 31.86 40.69
C SER E 43 -20.65 30.42 40.22
N LEU E 44 -20.86 29.48 41.14
CA LEU E 44 -20.77 28.06 40.81
C LEU E 44 -21.90 27.63 39.90
N ASP E 45 -21.55 27.26 38.67
CA ASP E 45 -22.56 26.75 37.76
C ASP E 45 -22.77 25.26 37.99
N TYR E 46 -21.70 24.45 37.91
CA TYR E 46 -21.85 23.01 38.16
C TYR E 46 -20.48 22.36 38.35
N ILE E 47 -20.52 21.10 38.77
CA ILE E 47 -19.34 20.26 38.92
C ILE E 47 -19.48 19.07 37.99
N THR E 48 -18.35 18.57 37.48
CA THR E 48 -18.32 17.35 36.68
C THR E 48 -17.24 16.43 37.23
N CYS E 49 -17.44 15.14 37.02
CA CYS E 49 -16.57 14.12 37.59
C CYS E 49 -16.70 12.82 36.78
N GLU E 50 -16.06 11.77 37.27
CA GLU E 50 -16.10 10.45 36.67
C GLU E 50 -17.41 9.72 36.97
N TYR E 51 -17.97 9.08 35.95
CA TYR E 51 -19.16 8.27 36.13
C TYR E 51 -18.79 6.83 36.49
N LYS E 52 -19.78 6.10 36.97
CA LYS E 52 -19.64 4.70 37.36
C LYS E 52 -20.81 3.94 36.73
N THR E 53 -20.52 2.92 35.94
CA THR E 53 -21.58 2.12 35.33
C THR E 53 -21.96 0.97 36.25
N VAL E 54 -23.05 1.14 36.98
CA VAL E 54 -23.55 0.09 37.86
C VAL E 54 -24.36 -0.89 37.03
N ILE E 55 -23.84 -2.11 36.91
CA ILE E 55 -24.48 -3.19 36.17
C ILE E 55 -24.68 -4.33 37.16
N PRO E 56 -25.90 -4.60 37.60
CA PRO E 56 -26.13 -5.72 38.51
C PRO E 56 -26.10 -7.02 37.76
N SER E 57 -26.29 -8.11 38.51
CA SER E 57 -26.31 -9.44 37.93
C SER E 57 -27.48 -9.62 36.97
N PRO E 58 -27.26 -10.20 35.79
CA PRO E 58 -28.35 -10.34 34.81
C PRO E 58 -29.39 -11.34 35.24
N TYR E 59 -30.65 -11.01 35.01
CA TYR E 59 -31.76 -11.87 35.40
C TYR E 59 -31.99 -12.93 34.34
N VAL E 60 -31.49 -14.14 34.56
CA VAL E 60 -31.72 -15.22 33.61
C VAL E 60 -32.98 -15.97 34.02
N LYS E 61 -34.04 -15.78 33.24
CA LYS E 61 -35.29 -16.48 33.49
C LYS E 61 -35.26 -17.74 32.63
N CYS E 62 -35.06 -18.88 33.28
CA CYS E 62 -35.04 -20.17 32.61
C CYS E 62 -36.46 -20.65 32.38
N CYS E 63 -36.72 -21.10 31.15
CA CYS E 63 -38.02 -21.62 30.69
C CYS E 63 -39.13 -20.58 30.80
N GLY E 64 -38.78 -19.29 30.78
CA GLY E 64 -39.76 -18.23 30.84
C GLY E 64 -39.28 -16.96 30.19
N THR E 65 -40.17 -15.98 30.13
CA THR E 65 -39.91 -14.69 29.51
C THR E 65 -39.87 -13.61 30.59
N ALA E 66 -38.74 -12.92 30.70
CA ALA E 66 -38.56 -11.87 31.68
C ALA E 66 -39.22 -10.57 31.21
N GLU E 67 -39.60 -9.72 32.17
CA GLU E 67 -40.26 -8.46 31.90
C GLU E 67 -39.53 -7.29 32.55
N CYS E 68 -39.25 -6.27 31.75
CA CYS E 68 -38.56 -5.06 32.17
C CYS E 68 -39.48 -4.12 32.95
N LYS E 69 -38.98 -3.60 34.07
CA LYS E 69 -39.75 -2.64 34.86
C LYS E 69 -39.20 -1.24 34.59
N ASP E 70 -40.10 -0.31 34.29
CA ASP E 70 -39.74 1.07 33.98
C ASP E 70 -39.40 1.83 35.25
N LYS E 71 -38.12 2.12 35.45
CA LYS E 71 -37.66 2.89 36.60
C LYS E 71 -37.30 4.30 36.17
N SER E 72 -37.03 5.15 37.16
CA SER E 72 -36.57 6.52 36.91
C SER E 72 -35.12 6.57 37.37
N LEU E 73 -34.21 6.22 36.46
CA LEU E 73 -32.78 6.27 36.69
C LEU E 73 -32.10 6.83 35.45
N PRO E 74 -30.97 7.54 35.62
CA PRO E 74 -30.29 8.14 34.46
C PRO E 74 -29.69 7.07 33.57
N ASP E 75 -30.01 7.16 32.26
CA ASP E 75 -29.59 6.22 31.22
C ASP E 75 -29.96 4.78 31.57
N TYR E 76 -31.15 4.63 32.15
CA TYR E 76 -31.68 3.31 32.52
C TYR E 76 -31.88 2.46 31.28
N SER E 77 -31.25 1.29 31.24
CA SER E 77 -31.36 0.46 30.05
C SER E 77 -31.74 -0.98 30.40
N CYS E 78 -32.74 -1.51 29.71
CA CYS E 78 -33.26 -2.85 29.90
C CYS E 78 -33.53 -3.51 28.56
N LYS E 79 -33.16 -4.78 28.45
CA LYS E 79 -33.40 -5.53 27.23
C LYS E 79 -33.56 -7.01 27.53
N VAL E 80 -34.59 -7.62 26.95
CA VAL E 80 -34.85 -9.05 27.12
C VAL E 80 -34.37 -9.77 25.87
N PHE E 81 -33.38 -10.65 26.04
CA PHE E 81 -32.82 -11.45 24.96
C PHE E 81 -33.37 -12.87 25.05
N THR E 82 -33.98 -13.33 23.96
CA THR E 82 -34.57 -14.65 23.90
C THR E 82 -33.58 -15.68 23.36
N GLY E 83 -33.83 -16.94 23.69
CA GLY E 83 -33.00 -18.02 23.22
C GLY E 83 -31.60 -18.10 23.81
N VAL E 84 -31.46 -17.82 25.08
CA VAL E 84 -30.16 -17.87 25.72
C VAL E 84 -29.95 -19.27 26.30
N TYR E 85 -28.72 -19.74 26.22
CA TYR E 85 -28.35 -21.07 26.70
C TYR E 85 -27.07 -20.93 27.50
N PRO E 86 -27.15 -20.46 28.74
CA PRO E 86 -25.95 -20.15 29.52
C PRO E 86 -25.27 -21.39 30.09
N PHE E 87 -23.94 -21.33 30.15
CA PHE E 87 -23.14 -22.43 30.67
C PHE E 87 -22.45 -22.08 31.98
N MET E 88 -22.51 -23.02 32.90
CA MET E 88 -21.86 -23.03 34.20
C MET E 88 -20.92 -24.24 34.19
N TRP E 89 -20.36 -24.59 35.36
CA TRP E 89 -19.45 -25.72 35.54
C TRP E 89 -20.00 -27.02 34.98
N GLY E 90 -21.26 -27.32 35.28
CA GLY E 90 -21.86 -28.58 34.89
C GLY E 90 -22.84 -28.56 33.73
N GLY E 91 -22.61 -27.74 32.74
CA GLY E 91 -23.52 -27.70 31.62
C GLY E 91 -24.44 -26.49 31.67
N ALA E 92 -25.57 -26.62 31.01
CA ALA E 92 -26.53 -25.53 30.93
C ALA E 92 -27.15 -25.24 32.29
N TYR E 93 -27.24 -23.95 32.61
CA TYR E 93 -27.85 -23.54 33.86
C TYR E 93 -29.37 -23.69 33.81
N CYS E 94 -29.94 -23.57 32.62
CA CYS E 94 -31.37 -23.70 32.41
C CYS E 94 -31.65 -25.08 31.85
N PHE E 95 -32.77 -25.67 32.26
CA PHE E 95 -33.13 -27.00 31.80
C PHE E 95 -33.62 -26.95 30.36
N CYS E 96 -34.37 -25.90 30.00
CA CYS E 96 -34.90 -25.76 28.66
C CYS E 96 -33.81 -25.31 27.69
N ASP E 97 -33.93 -25.75 26.43
CA ASP E 97 -32.93 -25.41 25.42
C ASP E 97 -33.15 -24.04 24.79
N ALA E 98 -34.38 -23.67 24.45
CA ALA E 98 -34.59 -22.43 23.71
C ALA E 98 -35.52 -21.41 24.35
N GLU E 99 -36.45 -21.83 25.19
CA GLU E 99 -37.43 -20.88 25.73
C GLU E 99 -36.93 -20.08 26.94
N ASN E 100 -35.62 -19.86 27.04
CA ASN E 100 -35.04 -19.14 28.17
C ASN E 100 -34.70 -17.72 27.74
N THR E 101 -34.85 -16.77 28.65
CA THR E 101 -34.62 -15.36 28.36
C THR E 101 -33.65 -14.77 29.37
N GLN E 102 -32.92 -13.76 28.92
CA GLN E 102 -31.99 -13.00 29.76
C GLN E 102 -32.41 -11.54 29.80
N LEU E 103 -32.63 -11.03 31.01
CA LEU E 103 -33.00 -9.65 31.26
C LEU E 103 -31.73 -8.89 31.64
N SER E 104 -31.32 -7.96 30.77
CA SER E 104 -30.17 -7.10 30.98
C SER E 104 -30.63 -5.74 31.48
N GLU E 105 -30.08 -5.31 32.60
CA GLU E 105 -30.36 -4.01 33.20
C GLU E 105 -29.06 -3.30 33.54
N ALA E 106 -29.03 -1.98 33.34
CA ALA E 106 -27.83 -1.20 33.64
C ALA E 106 -28.20 0.25 33.87
N HIS E 107 -27.44 0.90 34.76
CA HIS E 107 -27.64 2.33 35.02
C HIS E 107 -26.31 2.96 35.44
N VAL E 108 -26.22 4.27 35.26
CA VAL E 108 -25.01 5.05 35.53
C VAL E 108 -25.21 5.92 36.77
N GLU E 109 -24.15 6.07 37.57
CA GLU E 109 -24.19 6.88 38.77
C GLU E 109 -22.88 7.67 38.92
N LYS E 110 -22.86 8.58 39.89
CA LYS E 110 -21.65 9.33 40.21
C LYS E 110 -20.66 8.44 40.94
N SER E 111 -19.37 8.59 40.64
CA SER E 111 -18.36 7.81 41.33
C SER E 111 -18.05 8.38 42.69
N GLU E 112 -17.45 7.53 43.54
CA GLU E 112 -17.02 7.97 44.86
C GLU E 112 -15.90 9.00 44.80
N SER E 113 -15.12 9.01 43.72
CA SER E 113 -14.01 9.93 43.56
C SER E 113 -14.46 11.37 43.34
N CYS E 114 -15.72 11.58 42.97
CA CYS E 114 -16.29 12.89 42.66
C CYS E 114 -16.08 13.94 43.75
N LYS E 115 -15.92 13.53 45.00
CA LYS E 115 -15.71 14.52 46.05
C LYS E 115 -14.27 15.03 46.08
N THR E 116 -13.30 14.21 45.67
CA THR E 116 -11.90 14.64 45.67
C THR E 116 -11.38 15.03 44.29
N GLU E 117 -11.55 14.19 43.28
CA GLU E 117 -11.05 14.46 41.94
C GLU E 117 -12.23 14.87 41.07
N PHE E 118 -12.30 16.16 40.77
CA PHE E 118 -13.42 16.73 40.05
C PHE E 118 -12.99 18.00 39.37
N ALA E 119 -13.71 18.38 38.32
CA ALA E 119 -13.50 19.67 37.68
C ALA E 119 -14.77 20.48 37.82
N SER E 120 -14.64 21.74 38.22
CA SER E 120 -15.80 22.58 38.44
C SER E 120 -15.87 23.72 37.44
N ALA E 121 -17.07 23.96 36.92
CA ALA E 121 -17.35 25.02 35.96
C ALA E 121 -18.01 26.18 36.69
N TYR E 122 -17.32 27.32 36.73
CA TYR E 122 -17.72 28.55 37.39
C TYR E 122 -18.02 29.67 36.40
N ARG E 123 -18.88 30.56 36.85
CA ARG E 123 -19.24 31.78 36.16
C ARG E 123 -18.56 32.95 36.85
N ALA E 124 -17.58 33.54 36.19
CA ALA E 124 -16.80 34.64 36.75
C ALA E 124 -17.43 35.96 36.35
N HIS E 125 -17.59 36.86 37.31
CA HIS E 125 -18.20 38.16 37.03
C HIS E 125 -17.21 39.26 37.38
N THR E 126 -17.70 40.35 37.98
CA THR E 126 -16.86 41.49 38.33
C THR E 126 -15.72 41.10 39.26
N ALA E 127 -14.59 41.78 39.09
CA ALA E 127 -13.39 41.48 39.85
C ALA E 127 -13.00 42.63 40.76
N SER E 128 -12.58 42.30 41.97
CA SER E 128 -12.09 43.27 42.94
C SER E 128 -10.57 43.35 42.79
N ALA E 129 -9.90 44.10 43.65
CA ALA E 129 -8.45 44.26 43.48
C ALA E 129 -7.80 44.61 44.81
N SER E 130 -6.66 43.97 45.08
CA SER E 130 -5.87 44.22 46.28
C SER E 130 -4.40 44.19 45.91
N ALA E 131 -3.61 45.03 46.57
CA ALA E 131 -2.19 45.17 46.28
C ALA E 131 -1.38 45.26 47.56
N LYS E 132 -0.16 44.71 47.49
CA LYS E 132 0.82 44.79 48.56
C LYS E 132 1.96 45.68 48.08
N LEU E 133 2.15 46.81 48.74
CA LEU E 133 3.11 47.82 48.33
C LEU E 133 4.13 48.11 49.41
N ARG E 134 5.40 48.16 49.03
CA ARG E 134 6.48 48.60 49.91
C ARG E 134 6.74 50.07 49.63
N VAL E 135 6.70 50.89 50.66
CA VAL E 135 6.89 52.32 50.53
C VAL E 135 8.07 52.77 51.39
N LEU E 136 9.01 53.44 50.76
CA LEU E 136 10.14 54.07 51.43
C LEU E 136 9.66 55.44 51.89
N TYR E 137 9.30 55.48 53.17
CA TYR E 137 8.78 56.63 53.91
C TYR E 137 9.78 57.02 54.98
N GLN E 138 10.34 58.23 54.86
CA GLN E 138 11.30 58.80 55.81
C GLN E 138 12.51 57.88 56.03
N GLY E 139 13.03 57.32 54.94
CA GLY E 139 14.13 56.41 55.11
C GLY E 139 13.78 55.04 55.63
N ASN E 140 12.49 54.69 55.69
CA ASN E 140 12.10 53.41 56.24
C ASN E 140 11.22 52.64 55.27
N ASN E 141 11.37 51.32 55.27
CA ASN E 141 10.55 50.44 54.45
C ASN E 141 9.29 50.06 55.21
N ILE E 142 8.13 50.49 54.70
CA ILE E 142 6.84 50.20 55.30
C ILE E 142 6.04 49.34 54.33
N THR E 143 5.30 48.37 54.86
CA THR E 143 4.47 47.48 54.04
C THR E 143 2.99 47.79 54.23
N VAL E 144 2.29 48.04 53.12
CA VAL E 144 0.86 48.30 53.13
C VAL E 144 0.19 47.24 52.27
N ALA E 145 -0.96 46.74 52.72
CA ALA E 145 -1.69 45.67 52.04
C ALA E 145 -3.13 46.14 51.89
N ALA E 146 -3.40 46.88 50.82
CA ALA E 146 -4.67 47.59 50.70
C ALA E 146 -5.48 47.11 49.51
N TYR E 147 -6.78 47.29 49.57
CA TYR E 147 -7.63 46.94 48.44
C TYR E 147 -7.47 48.00 47.35
N ALA E 148 -7.14 47.58 46.14
CA ALA E 148 -6.96 48.54 45.05
C ALA E 148 -8.27 48.91 44.38
N ASN E 149 -9.28 49.24 45.16
CA ASN E 149 -10.58 49.61 44.66
C ASN E 149 -10.91 51.08 44.88
N GLY E 150 -10.11 51.78 45.67
CA GLY E 150 -10.36 53.16 46.02
C GLY E 150 -11.22 53.38 47.23
N ASP E 151 -11.50 52.35 48.04
CA ASP E 151 -12.27 52.58 49.25
C ASP E 151 -11.70 51.78 50.42
N HIS E 152 -10.38 51.80 50.58
CA HIS E 152 -9.76 51.08 51.68
C HIS E 152 -8.53 51.88 52.12
N ALA E 153 -8.72 52.72 53.12
CA ALA E 153 -7.67 53.59 53.63
C ALA E 153 -6.83 52.85 54.65
N VAL E 154 -5.52 52.84 54.47
CA VAL E 154 -4.63 52.21 55.43
C VAL E 154 -3.67 53.27 55.94
N THR E 155 -3.68 53.50 57.25
CA THR E 155 -2.81 54.50 57.86
C THR E 155 -1.69 53.77 58.59
N VAL E 156 -0.46 54.03 58.14
CA VAL E 156 0.73 53.47 58.76
C VAL E 156 1.68 54.62 59.06
N LYS E 157 2.07 54.72 60.34
CA LYS E 157 2.95 55.78 60.87
C LYS E 157 2.37 57.15 60.54
N ASP E 158 1.04 57.26 60.72
CA ASP E 158 0.18 58.42 60.47
C ASP E 158 0.02 58.75 59.00
N ALA E 159 0.59 57.97 58.08
CA ALA E 159 0.46 58.24 56.65
C ALA E 159 -0.71 57.43 56.10
N LYS E 160 -1.73 58.14 55.60
CA LYS E 160 -2.92 57.51 55.03
C LYS E 160 -2.74 57.23 53.55
N PHE E 161 -2.93 55.97 53.16
CA PHE E 161 -2.82 55.52 51.78
C PHE E 161 -4.18 55.07 51.28
N VAL E 162 -4.59 55.54 50.09
CA VAL E 162 -5.66 54.89 49.33
C VAL E 162 -5.18 54.64 47.92
N VAL E 163 -5.57 53.49 47.36
CA VAL E 163 -5.02 52.98 46.12
C VAL E 163 -6.16 52.56 45.20
N GLY E 164 -6.07 52.97 43.94
CA GLY E 164 -7.04 52.58 42.94
C GLY E 164 -8.26 53.47 42.94
N PRO E 165 -9.32 53.06 42.20
CA PRO E 165 -9.50 51.88 41.35
C PRO E 165 -8.74 51.97 40.02
N MET E 166 -8.34 50.82 39.46
CA MET E 166 -7.60 50.80 38.20
C MET E 166 -8.37 51.46 37.06
N SER E 167 -7.61 52.24 36.27
CA SER E 167 -8.16 52.93 35.11
C SER E 167 -8.64 51.95 34.05
N SER E 168 -8.01 50.79 33.96
CA SER E 168 -8.39 49.76 33.00
C SER E 168 -9.07 48.61 33.74
N ALA E 169 -10.22 48.20 33.22
CA ALA E 169 -11.00 47.13 33.82
C ALA E 169 -10.74 45.79 33.14
N TRP E 170 -9.65 45.67 32.39
CA TRP E 170 -9.33 44.44 31.70
C TRP E 170 -9.06 43.32 32.69
N THR E 171 -9.53 42.12 32.35
CA THR E 171 -9.36 40.95 33.19
C THR E 171 -8.98 39.76 32.31
N PRO E 172 -8.09 38.89 32.76
CA PRO E 172 -7.75 37.71 31.96
C PRO E 172 -8.82 36.64 31.96
N PHE E 173 -9.78 36.70 32.87
CA PHE E 173 -10.84 35.72 32.93
C PHE E 173 -12.03 36.12 32.08
N ASP E 174 -12.60 35.15 31.37
CA ASP E 174 -13.82 35.38 30.63
C ASP E 174 -15.02 35.06 31.50
N ASN E 175 -16.21 35.09 30.90
CA ASN E 175 -17.44 34.82 31.62
C ASN E 175 -17.52 33.39 32.11
N LYS E 176 -16.97 32.44 31.36
CA LYS E 176 -17.03 31.03 31.71
C LYS E 176 -15.64 30.49 31.97
N ILE E 177 -15.41 29.90 33.15
CA ILE E 177 -14.11 29.33 33.47
C ILE E 177 -14.31 27.91 34.01
N VAL E 178 -13.29 27.07 33.82
CA VAL E 178 -13.28 25.71 34.32
C VAL E 178 -12.02 25.53 35.17
N VAL E 179 -12.16 25.08 36.39
CA VAL E 179 -11.01 24.89 37.26
C VAL E 179 -10.91 23.43 37.66
N TYR E 180 -9.72 22.87 37.48
CA TYR E 180 -9.32 21.52 37.87
C TYR E 180 -8.12 21.73 38.76
N LYS E 181 -8.26 21.37 40.04
CA LYS E 181 -7.33 21.61 41.14
C LYS E 181 -6.46 22.84 41.04
N GLY E 182 -5.26 22.73 40.47
CA GLY E 182 -4.43 23.92 40.36
C GLY E 182 -4.70 24.73 39.12
N ASP E 183 -4.96 24.02 38.04
CA ASP E 183 -5.17 24.63 36.73
C ASP E 183 -6.54 25.25 36.52
N VAL E 184 -6.54 26.41 35.85
CA VAL E 184 -7.74 27.10 35.41
C VAL E 184 -7.70 27.17 33.88
N TYR E 185 -8.85 26.96 33.25
CA TYR E 185 -8.97 26.96 31.80
C TYR E 185 -10.11 27.87 31.36
N ASN E 186 -9.86 28.62 30.31
CA ASN E 186 -10.89 29.46 29.71
C ASN E 186 -11.69 28.54 28.81
N MET E 187 -12.88 28.13 29.24
CA MET E 187 -13.66 27.18 28.46
C MET E 187 -15.13 27.52 28.47
N ASP E 188 -15.74 27.52 27.28
CA ASP E 188 -17.18 27.73 27.09
C ASP E 188 -17.94 26.42 27.29
N TYR E 189 -18.02 26.01 28.56
CA TYR E 189 -18.64 24.76 28.95
C TYR E 189 -20.13 24.72 28.58
N PRO E 190 -20.66 23.53 28.26
CA PRO E 190 -22.08 23.44 27.92
C PRO E 190 -22.96 23.66 29.15
N PRO E 191 -24.11 24.28 28.98
CA PRO E 191 -25.00 24.57 30.12
C PRO E 191 -25.59 23.31 30.75
N PHE E 192 -26.21 23.51 31.91
CA PHE E 192 -26.58 22.40 32.78
C PHE E 192 -27.85 21.74 32.28
N GLY E 193 -27.72 20.48 31.89
CA GLY E 193 -28.83 19.73 31.36
C GLY E 193 -28.78 19.54 29.88
N ALA E 194 -27.63 19.72 29.26
CA ALA E 194 -27.52 19.65 27.81
C ALA E 194 -26.17 19.06 27.42
N GLY E 195 -25.67 18.11 28.21
CA GLY E 195 -24.36 17.57 27.92
C GLY E 195 -24.42 16.58 26.79
N ARG E 196 -23.39 16.48 26.13
CA ARG E 196 -23.29 15.55 25.03
C ARG E 196 -22.48 14.33 25.41
N PRO E 197 -22.78 13.18 24.81
CA PRO E 197 -22.01 11.97 25.11
C PRO E 197 -20.60 12.06 24.58
N GLY E 198 -19.66 11.57 25.35
CA GLY E 198 -18.28 11.61 24.92
C GLY E 198 -17.64 12.98 24.97
N GLN E 199 -18.32 13.98 25.50
CA GLN E 199 -17.81 15.32 25.56
C GLN E 199 -17.74 15.75 27.02
N PHE E 200 -17.01 16.82 27.27
CA PHE E 200 -16.92 17.41 28.60
C PHE E 200 -18.32 17.82 29.07
N GLY E 201 -18.76 17.25 30.18
CA GLY E 201 -20.08 17.54 30.70
C GLY E 201 -21.13 16.47 30.51
N ASP E 202 -20.71 15.24 30.18
CA ASP E 202 -21.64 14.12 30.04
C ASP E 202 -22.39 13.81 31.33
N ILE E 203 -21.77 14.05 32.48
CA ILE E 203 -22.42 13.90 33.78
C ILE E 203 -22.26 15.20 34.56
N GLN E 204 -23.39 15.77 34.99
CA GLN E 204 -23.42 17.05 35.67
C GLN E 204 -24.24 16.95 36.95
N SER E 205 -23.67 17.41 38.06
CA SER E 205 -24.41 17.54 39.30
C SER E 205 -24.27 18.97 39.78
N ARG E 206 -25.20 19.39 40.64
CA ARG E 206 -25.24 20.79 41.05
C ARG E 206 -24.24 21.10 42.16
N THR E 207 -23.98 20.16 43.05
CA THR E 207 -23.08 20.36 44.18
C THR E 207 -22.32 19.06 44.40
N PRO E 208 -21.19 19.11 45.13
CA PRO E 208 -20.44 17.87 45.40
C PRO E 208 -21.18 16.81 46.21
N GLU E 209 -22.32 17.14 46.82
CA GLU E 209 -23.07 16.17 47.60
C GLU E 209 -24.53 16.06 47.14
N SER E 210 -24.88 16.71 46.03
CA SER E 210 -26.20 16.55 45.41
C SER E 210 -26.53 15.11 45.08
N LYS E 211 -27.65 14.64 45.62
CA LYS E 211 -28.01 13.23 45.50
C LYS E 211 -28.61 12.92 44.15
N ASP E 212 -29.19 13.93 43.49
CA ASP E 212 -29.70 13.79 42.13
C ASP E 212 -28.67 14.35 41.15
N VAL E 213 -28.68 13.80 39.94
CA VAL E 213 -27.63 14.06 38.97
C VAL E 213 -28.18 13.90 37.56
N TYR E 214 -27.59 14.60 36.60
CA TYR E 214 -28.00 14.56 35.20
C TYR E 214 -26.91 13.84 34.42
N ALA E 215 -27.31 12.94 33.54
CA ALA E 215 -26.33 12.11 32.85
C ALA E 215 -26.76 11.84 31.42
N ASN E 216 -25.82 11.97 30.49
CA ASN E 216 -26.05 11.66 29.09
C ASN E 216 -24.79 10.94 28.62
N THR E 217 -24.73 9.63 28.84
CA THR E 217 -23.55 8.84 28.59
C THR E 217 -23.70 7.81 27.48
N GLN E 218 -24.87 7.73 26.85
CA GLN E 218 -25.14 6.87 25.67
C GLN E 218 -24.97 5.36 25.91
N LEU E 219 -25.61 4.83 26.97
CA LEU E 219 -25.58 3.38 27.21
C LEU E 219 -26.39 2.61 26.18
N VAL E 220 -25.74 1.75 25.41
CA VAL E 220 -26.44 0.90 24.46
C VAL E 220 -25.99 -0.53 24.72
N LEU E 221 -26.94 -1.39 25.08
CA LEU E 221 -26.67 -2.79 25.37
C LEU E 221 -26.72 -3.66 24.13
N GLN E 222 -25.76 -4.57 24.01
CA GLN E 222 -25.73 -5.51 22.89
C GLN E 222 -26.09 -6.90 23.38
N ARG E 223 -26.47 -7.74 22.41
CA ARG E 223 -26.86 -9.12 22.71
C ARG E 223 -25.68 -9.97 23.16
N PRO E 224 -25.79 -10.68 24.28
CA PRO E 224 -24.67 -11.48 24.77
C PRO E 224 -24.32 -12.66 23.88
N ALA E 225 -23.05 -13.04 23.92
CA ALA E 225 -22.50 -14.15 23.17
C ALA E 225 -23.04 -15.51 23.64
N ALA E 226 -22.99 -16.46 22.71
CA ALA E 226 -23.44 -17.83 22.88
C ALA E 226 -22.81 -18.54 24.08
N GLY E 227 -23.67 -18.99 24.98
CA GLY E 227 -23.32 -19.78 26.16
C GLY E 227 -22.41 -19.16 27.19
N THR E 228 -22.35 -17.84 27.27
CA THR E 228 -21.55 -17.17 28.29
C THR E 228 -22.49 -16.26 29.08
N VAL E 229 -22.40 -16.31 30.40
CA VAL E 229 -23.23 -15.47 31.24
C VAL E 229 -22.44 -14.19 31.56
N HIS E 230 -22.83 -13.10 30.91
CA HIS E 230 -22.22 -11.79 31.08
C HIS E 230 -23.13 -10.75 30.48
N VAL E 231 -22.85 -9.49 30.79
CA VAL E 231 -23.66 -8.37 30.30
C VAL E 231 -22.78 -7.47 29.43
N PRO E 232 -22.66 -7.75 28.13
CA PRO E 232 -21.85 -6.88 27.28
C PRO E 232 -22.55 -5.56 27.06
N TYR E 233 -21.78 -4.50 26.98
CA TYR E 233 -22.37 -3.19 26.80
C TYR E 233 -21.41 -2.33 26.01
N SER E 234 -21.97 -1.34 25.34
CA SER E 234 -21.22 -0.39 24.55
C SER E 234 -21.36 0.96 25.23
N GLN E 235 -20.24 1.66 25.41
CA GLN E 235 -20.28 2.88 26.16
C GLN E 235 -19.29 3.90 25.66
N ALA E 236 -19.72 5.15 25.61
CA ALA E 236 -18.82 6.21 25.27
C ALA E 236 -17.89 6.41 26.46
N PRO E 237 -16.58 6.38 26.26
CA PRO E 237 -15.64 6.54 27.40
C PRO E 237 -15.78 7.92 28.04
N SER E 238 -15.34 7.97 29.30
CA SER E 238 -15.37 9.16 30.14
C SER E 238 -14.85 10.41 29.47
N GLY E 239 -15.72 11.42 29.36
CA GLY E 239 -15.31 12.68 28.79
C GLY E 239 -14.29 13.38 29.66
N PHE E 240 -14.43 13.24 30.98
CA PHE E 240 -13.48 13.85 31.88
C PHE E 240 -12.11 13.16 31.83
N LYS E 241 -12.08 11.82 31.83
CA LYS E 241 -10.80 11.12 31.87
C LYS E 241 -10.03 11.20 30.56
N TYR E 242 -10.71 11.38 29.43
CA TYR E 242 -9.94 11.54 28.21
C TYR E 242 -9.67 13.01 27.97
N TRP E 243 -10.60 13.88 28.39
CA TRP E 243 -10.44 15.33 28.28
C TRP E 243 -9.17 15.84 28.93
N LEU E 244 -8.66 15.17 29.97
CA LEU E 244 -7.53 15.69 30.73
C LEU E 244 -6.22 15.62 29.97
N LYS E 245 -6.18 15.08 28.77
CA LYS E 245 -4.94 14.90 28.05
C LYS E 245 -4.77 15.92 26.95
N GLU E 246 -5.81 16.17 26.18
CA GLU E 246 -5.77 17.14 25.08
C GLU E 246 -6.31 18.49 25.54
N ARG E 247 -5.89 18.95 26.72
CA ARG E 247 -6.48 20.15 27.26
C ARG E 247 -5.92 21.40 26.61
N GLY E 248 -4.70 21.32 26.12
CA GLY E 248 -4.14 22.49 25.50
C GLY E 248 -3.44 23.32 26.54
N ALA E 249 -3.01 24.49 26.11
CA ALA E 249 -2.28 25.39 27.00
C ALA E 249 -3.18 25.90 28.11
N SER E 250 -2.63 25.90 29.33
CA SER E 250 -3.38 26.40 30.44
C SER E 250 -3.40 27.91 30.42
N LEU E 251 -4.26 28.50 31.24
CA LEU E 251 -4.27 29.95 31.38
C LEU E 251 -3.01 30.47 32.02
N GLN E 252 -2.31 29.63 32.79
CA GLN E 252 -1.03 30.00 33.38
C GLN E 252 0.01 30.32 32.32
N HIS E 253 -0.08 29.65 31.17
CA HIS E 253 0.87 29.85 30.09
C HIS E 253 0.34 30.72 28.96
N THR E 254 -0.96 30.76 28.73
CA THR E 254 -1.48 31.48 27.58
C THR E 254 -1.96 32.90 27.89
N ALA E 255 -2.18 33.25 29.15
CA ALA E 255 -2.70 34.56 29.48
C ALA E 255 -1.70 35.66 29.10
N PRO E 256 -2.16 36.75 28.51
CA PRO E 256 -1.26 37.85 28.15
C PRO E 256 -0.82 38.61 29.39
N PHE E 257 0.15 39.52 29.15
CA PHE E 257 0.74 40.43 30.13
C PHE E 257 1.38 39.73 31.32
N GLY E 258 1.72 38.46 31.19
CA GLY E 258 2.38 37.71 32.26
C GLY E 258 1.62 37.55 33.54
N CYS E 259 0.29 37.44 33.47
CA CYS E 259 -0.50 37.18 34.68
C CYS E 259 -0.15 35.82 35.26
N GLN E 260 0.04 35.75 36.56
CA GLN E 260 0.27 34.50 37.26
C GLN E 260 -1.00 34.10 37.98
N ILE E 261 -1.48 32.89 37.74
CA ILE E 261 -2.74 32.47 38.34
C ILE E 261 -2.47 31.45 39.42
N ALA E 262 -3.00 31.72 40.61
CA ALA E 262 -2.87 30.86 41.76
C ALA E 262 -4.26 30.41 42.17
N THR E 263 -4.32 29.37 42.99
CA THR E 263 -5.62 28.86 43.41
C THR E 263 -5.72 28.84 44.92
N ASN E 264 -6.92 28.48 45.39
CA ASN E 264 -7.37 28.40 46.76
C ASN E 264 -7.19 29.74 47.48
N PRO E 265 -7.88 30.82 47.05
CA PRO E 265 -8.84 31.04 45.97
C PRO E 265 -8.13 31.38 44.66
N VAL E 266 -8.83 31.23 43.54
CA VAL E 266 -8.24 31.54 42.25
C VAL E 266 -8.01 33.05 42.13
N ARG E 267 -6.80 33.42 41.72
CA ARG E 267 -6.42 34.82 41.68
C ARG E 267 -5.37 35.09 40.61
N ALA E 268 -5.44 36.31 40.07
CA ALA E 268 -4.52 36.82 39.05
C ALA E 268 -3.51 37.75 39.71
N VAL E 269 -2.24 37.38 39.63
CA VAL E 269 -1.14 38.11 40.26
C VAL E 269 -0.30 38.80 39.19
N ASN E 270 0.05 40.07 39.46
CA ASN E 270 0.97 40.88 38.67
C ASN E 270 0.55 41.04 37.21
N CYS E 271 -0.72 41.36 36.98
CA CYS E 271 -1.14 41.65 35.62
C CYS E 271 -0.71 43.07 35.29
N ALA E 272 0.32 43.19 34.47
CA ALA E 272 0.92 44.47 34.08
C ALA E 272 0.05 45.16 33.03
N VAL E 273 -1.05 45.73 33.49
CA VAL E 273 -1.98 46.41 32.60
C VAL E 273 -2.40 47.75 33.20
N GLY E 274 -2.27 48.80 32.40
CA GLY E 274 -2.71 50.12 32.78
C GLY E 274 -1.91 50.81 33.88
N ASN E 275 -2.55 51.82 34.46
CA ASN E 275 -1.99 52.62 35.53
C ASN E 275 -2.96 52.64 36.71
N ILE E 276 -2.45 53.09 37.85
CA ILE E 276 -3.20 53.15 39.10
C ILE E 276 -3.07 54.54 39.70
N PRO E 277 -4.17 55.15 40.14
CA PRO E 277 -4.06 56.39 40.92
C PRO E 277 -3.98 56.08 42.41
N ILE E 278 -3.11 56.81 43.08
CA ILE E 278 -2.85 56.67 44.51
C ILE E 278 -2.93 58.03 45.16
N SER E 279 -3.74 58.12 46.21
CA SER E 279 -3.88 59.36 46.98
C SER E 279 -3.31 59.14 48.36
N ILE E 280 -2.41 60.02 48.76
CA ILE E 280 -1.70 59.90 50.03
C ILE E 280 -1.97 61.11 50.90
N ASP E 281 -2.61 60.87 52.04
CA ASP E 281 -2.85 61.92 53.02
C ASP E 281 -1.73 61.88 54.05
N ILE E 282 -1.27 63.05 54.47
CA ILE E 282 -0.17 63.14 55.42
C ILE E 282 -0.38 64.39 56.28
N PRO E 283 -0.38 64.24 57.61
CA PRO E 283 -0.58 65.41 58.48
C PRO E 283 0.59 66.39 58.50
N ASP E 284 0.46 67.44 59.30
CA ASP E 284 1.45 68.50 59.34
C ASP E 284 2.61 68.20 60.28
N ALA E 285 2.47 67.23 61.17
CA ALA E 285 3.55 66.91 62.11
C ALA E 285 4.75 66.32 61.40
N ALA E 286 4.52 65.61 60.29
CA ALA E 286 5.62 65.03 59.53
C ALA E 286 6.43 66.09 58.80
N PHE E 287 5.83 67.23 58.48
CA PHE E 287 6.52 68.26 57.74
C PHE E 287 7.37 69.13 58.65
N THR E 288 8.46 69.65 58.09
CA THR E 288 9.39 70.52 58.80
C THR E 288 9.53 71.80 58.00
N ARG E 289 9.50 72.92 58.71
CA ARG E 289 9.60 74.24 58.07
C ARG E 289 10.97 74.42 57.41
N VAL E 290 10.97 75.29 56.39
CA VAL E 290 12.17 75.58 55.60
C VAL E 290 13.32 76.09 56.45
N VAL E 291 13.04 76.86 57.50
CA VAL E 291 14.12 77.45 58.29
C VAL E 291 14.91 76.39 59.08
N ASP E 292 14.24 75.42 59.67
CA ASP E 292 14.98 74.37 60.35
C ASP E 292 15.60 73.38 59.39
N ALA E 293 15.15 73.34 58.12
CA ALA E 293 15.83 72.37 57.27
C ALA E 293 17.06 73.01 56.62
N PRO E 294 18.10 72.22 56.31
CA PRO E 294 19.28 72.81 55.68
C PRO E 294 19.02 73.28 54.26
N SER E 295 19.62 74.40 53.92
CA SER E 295 19.57 74.98 52.58
C SER E 295 20.82 74.60 51.81
N VAL E 296 20.73 74.70 50.49
CA VAL E 296 21.88 74.48 49.62
C VAL E 296 21.90 75.55 48.55
N THR E 297 23.10 75.96 48.15
CA THR E 297 23.27 76.98 47.13
C THR E 297 24.57 76.73 46.38
N ASP E 298 24.69 77.42 45.24
CA ASP E 298 25.85 77.36 44.33
C ASP E 298 26.18 75.92 43.95
N MET E 299 25.15 75.19 43.56
CA MET E 299 25.31 73.81 43.18
C MET E 299 25.58 73.69 41.69
N SER E 300 26.42 72.74 41.34
CA SER E 300 26.77 72.49 39.94
C SER E 300 26.66 71.00 39.69
N CYS E 301 26.36 70.63 38.46
CA CYS E 301 26.12 69.24 38.13
C CYS E 301 27.01 68.81 36.97
N GLU E 302 27.70 67.70 37.17
CA GLU E 302 28.56 67.13 36.13
C GLU E 302 28.25 65.66 35.97
N VAL E 303 28.18 65.22 34.73
CA VAL E 303 27.92 63.82 34.45
C VAL E 303 29.18 63.24 33.82
N PRO E 304 30.05 62.63 34.63
CA PRO E 304 31.28 62.08 34.07
C PRO E 304 31.06 60.81 33.28
N ALA E 305 29.97 60.09 33.54
CA ALA E 305 29.70 58.87 32.81
C ALA E 305 28.20 58.63 32.77
N CYS E 306 27.67 58.38 31.58
CA CYS E 306 26.26 58.05 31.47
C CYS E 306 26.07 57.13 30.28
N THR E 307 25.28 56.08 30.50
CA THR E 307 24.93 55.11 29.47
C THR E 307 23.45 54.83 29.62
N HIS E 308 22.69 55.09 28.57
CA HIS E 308 21.25 54.89 28.63
C HIS E 308 20.97 53.40 28.53
N SER E 309 20.73 52.78 29.68
CA SER E 309 20.50 51.36 29.73
C SER E 309 19.52 51.03 30.85
N SER E 310 19.20 49.73 30.96
CA SER E 310 18.33 49.24 32.01
C SER E 310 18.97 49.32 33.38
N ASP E 311 20.29 49.20 33.45
CA ASP E 311 21.01 49.18 34.71
C ASP E 311 21.32 50.59 35.17
N PHE E 312 22.13 50.71 36.24
CA PHE E 312 22.50 52.01 36.81
C PHE E 312 23.51 52.62 35.84
N GLY E 313 23.01 53.15 34.72
CA GLY E 313 23.97 53.62 33.76
C GLY E 313 24.39 55.05 33.85
N GLY E 314 23.77 55.87 34.69
CA GLY E 314 24.15 57.27 34.85
C GLY E 314 24.74 57.55 36.22
N VAL E 315 25.81 58.34 36.24
CA VAL E 315 26.45 58.80 37.47
C VAL E 315 26.58 60.31 37.37
N ALA E 316 26.15 61.03 38.42
CA ALA E 316 26.23 62.47 38.42
C ALA E 316 26.82 62.96 39.73
N ILE E 317 27.79 63.87 39.61
CA ILE E 317 28.47 64.48 40.74
C ILE E 317 27.99 65.93 40.84
N ILE E 318 27.35 66.25 41.96
CA ILE E 318 26.79 67.57 42.21
C ILE E 318 27.59 68.26 43.32
N LYS E 319 28.20 69.38 42.99
CA LYS E 319 28.91 70.16 43.99
C LYS E 319 27.90 71.06 44.67
N TYR E 320 28.00 71.18 45.99
CA TYR E 320 27.01 71.91 46.76
C TYR E 320 27.69 72.67 47.89
N THR E 321 26.92 73.52 48.56
CA THR E 321 27.37 74.25 49.75
C THR E 321 26.21 74.23 50.74
N ALA E 322 26.19 73.21 51.59
CA ALA E 322 25.12 73.05 52.56
C ALA E 322 25.29 74.03 53.71
N SER E 323 24.16 74.55 54.21
CA SER E 323 24.22 75.50 55.31
C SER E 323 24.57 74.81 56.62
N LYS E 324 24.05 73.61 56.84
CA LYS E 324 24.33 72.84 58.04
C LYS E 324 24.19 71.37 57.67
N LYS E 325 24.50 70.51 58.63
CA LYS E 325 24.40 69.07 58.38
C LYS E 325 22.94 68.64 58.46
N GLY E 326 22.54 67.77 57.54
CA GLY E 326 21.17 67.30 57.51
C GLY E 326 20.87 66.60 56.20
N LYS E 327 19.67 66.05 56.11
CA LYS E 327 19.26 65.31 54.92
C LYS E 327 18.57 66.20 53.88
N CYS E 328 18.52 65.71 52.65
CA CYS E 328 17.83 66.39 51.55
C CYS E 328 17.27 65.36 50.58
N ALA E 329 16.26 65.81 49.84
CA ALA E 329 15.51 64.99 48.88
C ALA E 329 15.78 65.42 47.45
N VAL E 330 16.44 64.54 46.69
CA VAL E 330 16.77 64.79 45.29
C VAL E 330 15.67 64.26 44.37
N HIS E 331 15.21 65.10 43.44
CA HIS E 331 14.17 64.69 42.51
C HIS E 331 14.30 65.36 41.15
N SER E 332 14.04 64.60 40.09
CA SER E 332 14.13 65.10 38.72
C SER E 332 12.85 65.78 38.30
N MET E 333 12.96 66.99 37.76
CA MET E 333 11.77 67.68 37.29
C MET E 333 11.34 67.22 35.90
N THR E 334 12.13 66.40 35.23
CA THR E 334 11.75 65.84 33.95
C THR E 334 11.45 64.36 34.14
N ASN E 335 10.28 63.93 33.70
CA ASN E 335 9.82 62.56 33.89
C ASN E 335 10.65 61.51 33.16
N ALA E 336 11.44 61.90 32.16
CA ALA E 336 12.20 60.91 31.40
C ALA E 336 13.43 60.38 32.11
N VAL E 337 13.90 61.01 33.17
CA VAL E 337 15.08 60.56 33.90
C VAL E 337 14.69 60.32 35.36
N THR E 338 15.16 59.22 35.93
CA THR E 338 14.86 58.88 37.32
C THR E 338 16.15 58.63 38.09
N ILE E 339 16.25 59.21 39.28
CA ILE E 339 17.42 59.05 40.14
C ILE E 339 17.13 57.93 41.10
N ARG E 340 18.09 57.06 41.33
CA ARG E 340 17.87 55.92 42.22
C ARG E 340 17.72 56.36 43.67
N GLU E 341 18.54 57.30 44.13
CA GLU E 341 18.52 57.72 45.52
C GLU E 341 17.40 58.71 45.82
N ALA E 342 16.76 58.53 46.97
CA ALA E 342 15.69 59.40 47.45
C ALA E 342 16.14 60.43 48.45
N ASP E 343 16.83 60.00 49.50
CA ASP E 343 17.20 60.86 50.62
C ASP E 343 18.69 60.71 50.88
N VAL E 344 19.38 61.83 51.03
CA VAL E 344 20.83 61.76 51.07
C VAL E 344 21.35 62.85 52.01
N GLU E 345 22.46 62.57 52.67
CA GLU E 345 22.93 63.33 53.82
C GLU E 345 24.01 64.33 53.39
N VAL E 346 23.67 65.62 53.42
CA VAL E 346 24.62 66.69 53.14
C VAL E 346 25.21 67.19 54.45
N GLU E 347 26.46 67.64 54.40
CA GLU E 347 27.20 68.13 55.56
C GLU E 347 27.49 69.62 55.49
N GLY E 348 28.19 70.10 54.46
CA GLY E 348 28.56 71.50 54.35
C GLY E 348 29.11 71.83 52.98
N ASN E 349 30.38 72.16 52.87
CA ASN E 349 30.98 72.46 51.57
C ASN E 349 31.66 71.19 51.06
N SER E 350 30.98 70.50 50.14
CA SER E 350 31.46 69.25 49.57
C SER E 350 30.66 68.96 48.30
N GLN E 351 30.82 67.74 47.78
CA GLN E 351 30.12 67.30 46.58
C GLN E 351 29.50 65.94 46.86
N LEU E 352 28.38 65.70 46.20
CA LEU E 352 27.55 64.51 46.37
C LEU E 352 27.45 63.71 45.08
N GLN E 353 27.27 62.39 45.21
CA GLN E 353 27.16 61.49 44.07
C GLN E 353 25.79 60.82 44.00
N ILE E 354 25.13 60.94 42.86
CA ILE E 354 23.83 60.31 42.64
C ILE E 354 23.89 59.43 41.41
N SER E 355 23.07 58.39 41.39
CA SER E 355 22.97 57.46 40.28
C SER E 355 21.62 57.65 39.60
N PHE E 356 21.62 57.79 38.27
CA PHE E 356 20.38 58.01 37.55
C PHE E 356 20.26 57.04 36.38
N SER E 357 19.02 56.81 35.99
CA SER E 357 18.66 55.97 34.85
C SER E 357 17.85 56.79 33.86
N THR E 358 18.20 56.71 32.59
CA THR E 358 17.50 57.46 31.56
C THR E 358 17.55 56.72 30.25
N ALA E 359 16.67 57.12 29.33
CA ALA E 359 16.63 56.55 28.00
C ALA E 359 17.12 57.51 26.92
N LEU E 360 17.20 58.80 27.21
CA LEU E 360 17.63 59.77 26.21
C LEU E 360 19.14 59.74 26.05
N ALA E 361 19.61 59.85 24.81
CA ALA E 361 21.04 59.89 24.58
C ALA E 361 21.63 61.22 24.99
N SER E 362 20.92 62.31 24.74
CA SER E 362 21.31 63.67 25.12
C SER E 362 20.29 64.14 26.13
N ALA E 363 20.61 63.98 27.41
CA ALA E 363 19.70 64.29 28.50
C ALA E 363 19.90 65.72 28.99
N GLU E 364 18.91 66.58 28.73
CA GLU E 364 18.87 67.94 29.23
C GLU E 364 17.83 67.91 30.35
N PHE E 365 18.30 67.96 31.60
CA PHE E 365 17.40 67.80 32.73
C PHE E 365 17.78 68.67 33.91
N ARG E 366 16.78 69.03 34.70
CA ARG E 366 16.94 69.82 35.91
C ARG E 366 16.67 68.95 37.13
N VAL E 367 17.55 69.02 38.12
CA VAL E 367 17.42 68.24 39.34
C VAL E 367 17.17 69.18 40.52
N GLN E 368 16.12 68.91 41.28
CA GLN E 368 15.79 69.67 42.47
C GLN E 368 16.37 68.97 43.69
N VAL E 369 16.68 69.77 44.70
CA VAL E 369 17.20 69.33 45.98
C VAL E 369 16.98 70.48 46.96
N CYS E 370 16.22 70.20 48.02
CA CYS E 370 15.79 71.12 49.09
C CYS E 370 15.50 72.52 48.57
N SER E 371 14.51 72.56 47.68
CA SER E 371 14.06 73.76 46.96
C SER E 371 15.24 74.47 46.28
N THR E 372 15.87 73.76 45.36
CA THR E 372 17.02 74.31 44.63
C THR E 372 17.16 73.45 43.37
N GLN E 373 16.81 74.04 42.22
CA GLN E 373 16.89 73.38 40.93
C GLN E 373 18.18 73.73 40.21
N VAL E 374 18.93 72.71 39.81
CA VAL E 374 20.17 72.91 39.07
C VAL E 374 20.06 72.20 37.72
N HIS E 375 20.46 72.91 36.67
CA HIS E 375 20.42 72.36 35.31
C HIS E 375 21.68 71.55 35.02
N CYS E 376 21.50 70.36 34.49
CA CYS E 376 22.61 69.49 34.10
C CYS E 376 22.50 69.25 32.58
N ALA E 377 23.48 68.55 32.03
CA ALA E 377 23.49 68.27 30.58
C ALA E 377 24.39 67.07 30.29
N ALA E 378 23.83 66.01 29.70
CA ALA E 378 24.55 64.77 29.48
C ALA E 378 24.44 64.29 28.04
N ALA E 379 25.50 63.61 27.59
CA ALA E 379 25.51 62.89 26.31
C ALA E 379 25.90 61.45 26.58
N CYS E 380 25.00 60.52 26.29
CA CYS E 380 25.05 59.16 26.80
C CYS E 380 25.14 58.15 25.67
N HIS E 381 25.91 57.05 25.89
CA HIS E 381 26.21 56.03 24.90
C HIS E 381 25.35 54.78 25.06
N PRO E 382 25.08 54.07 23.96
CA PRO E 382 24.29 52.84 24.05
C PRO E 382 25.10 51.73 24.68
N PRO E 383 24.44 50.78 25.36
CA PRO E 383 25.18 49.71 26.01
C PRO E 383 25.51 48.56 25.06
N LYS E 384 26.46 47.75 25.50
CA LYS E 384 26.95 46.63 24.72
C LYS E 384 26.05 45.39 24.75
N ASP E 385 25.28 45.17 25.80
CA ASP E 385 24.58 43.89 25.94
C ASP E 385 23.14 44.00 25.46
N HIS E 386 22.66 42.94 24.82
CA HIS E 386 21.34 42.95 24.22
C HIS E 386 20.19 42.44 25.10
N ILE E 387 20.40 41.52 26.03
CA ILE E 387 19.27 40.99 26.80
C ILE E 387 19.43 41.21 28.28
N VAL E 388 18.41 41.78 28.89
CA VAL E 388 18.34 41.98 30.34
C VAL E 388 17.27 41.03 30.85
N ASN E 389 17.45 40.54 32.06
CA ASN E 389 16.42 39.72 32.68
C ASN E 389 15.52 40.54 33.59
N TYR E 390 15.71 41.86 33.65
CA TYR E 390 14.90 42.73 34.50
C TYR E 390 14.55 44.04 33.80
N PRO E 391 13.31 44.50 33.94
CA PRO E 391 12.90 45.76 33.31
C PRO E 391 13.38 46.96 34.14
N ALA E 392 13.30 48.16 33.54
CA ALA E 392 13.73 49.35 34.24
C ALA E 392 12.76 50.51 34.05
N SER E 393 12.98 51.54 34.86
CA SER E 393 12.13 52.72 34.90
C SER E 393 12.23 53.60 33.66
N HIS E 394 13.36 53.57 32.96
CA HIS E 394 13.70 54.64 32.02
C HIS E 394 12.86 54.63 30.75
N THR E 395 12.02 53.60 30.55
CA THR E 395 11.30 53.40 29.28
C THR E 395 10.29 54.50 28.94
N THR E 396 10.02 55.42 29.86
CA THR E 396 9.03 56.47 29.63
C THR E 396 9.60 57.47 28.62
N LEU E 397 9.41 57.18 27.34
CA LEU E 397 9.97 57.99 26.27
C LEU E 397 8.89 58.39 25.28
N GLY E 398 9.08 59.53 24.63
CA GLY E 398 8.18 60.03 23.63
C GLY E 398 8.75 59.94 22.23
N VAL E 399 8.11 60.66 21.31
CA VAL E 399 8.61 60.78 19.95
C VAL E 399 9.38 62.08 19.86
N GLN E 400 8.93 63.09 20.60
CA GLN E 400 9.69 64.32 20.78
C GLN E 400 10.77 63.99 21.80
N ASP E 401 11.90 63.51 21.30
CA ASP E 401 12.97 62.97 22.13
C ASP E 401 14.26 63.68 21.76
N ILE E 402 14.89 64.30 22.75
CA ILE E 402 15.96 65.27 22.55
C ILE E 402 17.21 64.56 22.02
N SER E 403 17.49 64.75 20.74
CA SER E 403 18.56 64.06 20.05
C SER E 403 19.90 64.74 20.38
N THR E 404 20.93 64.37 19.63
CA THR E 404 22.21 65.07 19.57
C THR E 404 22.11 66.31 18.70
N THR E 405 23.25 66.73 18.12
CA THR E 405 23.37 67.71 17.03
C THR E 405 22.24 67.61 16.00
N ALA E 406 21.81 66.38 15.68
CA ALA E 406 20.73 66.01 14.76
C ALA E 406 19.56 67.00 14.73
N MET E 407 19.06 67.42 15.91
CA MET E 407 18.10 68.53 15.96
C MET E 407 18.60 69.77 15.20
N SER E 408 19.86 70.16 15.38
CA SER E 408 20.37 71.28 14.59
C SER E 408 20.56 70.89 13.13
N TRP E 409 20.80 69.61 12.88
CA TRP E 409 20.94 69.13 11.51
C TRP E 409 19.62 69.24 10.75
N VAL E 410 18.53 68.84 11.39
CA VAL E 410 17.23 68.96 10.75
C VAL E 410 16.78 70.43 10.74
N GLN E 411 17.30 71.27 11.64
CA GLN E 411 17.12 72.71 11.47
C GLN E 411 17.84 73.20 10.22
N LYS E 412 19.01 72.62 9.92
CA LYS E 412 19.77 73.04 8.75
C LYS E 412 19.06 72.63 7.47
N ILE E 413 18.50 71.41 7.42
CA ILE E 413 17.98 70.90 6.16
C ILE E 413 16.63 71.50 5.78
N THR E 414 16.01 72.30 6.63
CA THR E 414 14.68 72.84 6.36
C THR E 414 14.75 74.22 5.72
N GLY E 415 15.75 74.43 4.86
CA GLY E 415 15.94 75.68 4.15
C GLY E 415 14.97 75.81 2.99
N GLY E 416 13.74 76.18 3.31
CA GLY E 416 12.67 76.34 2.33
C GLY E 416 12.88 77.36 1.23
N VAL E 417 11.88 77.48 0.37
CA VAL E 417 11.98 78.26 -0.87
C VAL E 417 11.00 79.41 -0.81
N GLY E 418 10.83 79.95 0.40
CA GLY E 418 9.97 81.11 0.59
C GLY E 418 10.43 82.32 -0.18
N LEU E 419 11.75 82.48 -0.34
CA LEU E 419 12.24 83.59 -1.16
C LEU E 419 11.94 83.39 -2.63
N ILE E 420 11.92 82.15 -3.12
CA ILE E 420 11.62 81.92 -4.52
C ILE E 420 10.14 82.17 -4.80
N VAL E 421 9.27 81.73 -3.89
CA VAL E 421 7.84 82.01 -4.09
C VAL E 421 7.54 83.50 -3.84
N ALA E 422 8.34 84.18 -3.01
CA ALA E 422 8.19 85.63 -2.84
C ALA E 422 8.60 86.37 -4.11
N VAL E 423 9.68 85.91 -4.76
CA VAL E 423 10.07 86.46 -6.07
C VAL E 423 8.98 86.22 -7.10
N ALA E 424 8.32 85.05 -7.03
CA ALA E 424 7.21 84.76 -7.94
C ALA E 424 6.05 85.73 -7.74
N ALA E 425 5.70 86.00 -6.47
CA ALA E 425 4.63 86.94 -6.18
C ALA E 425 5.03 88.37 -6.56
N LEU E 426 6.32 88.69 -6.44
CA LEU E 426 6.82 90.00 -6.86
C LEU E 426 6.71 90.16 -8.37
N ILE E 427 7.03 89.10 -9.11
CA ILE E 427 6.93 89.20 -10.55
C ILE E 427 5.46 89.26 -10.95
N LEU E 428 4.58 88.62 -10.17
CA LEU E 428 3.16 88.69 -10.48
C LEU E 428 2.61 90.09 -10.17
N ILE E 429 3.16 90.76 -9.17
CA ILE E 429 2.66 92.12 -8.92
C ILE E 429 3.32 93.11 -9.89
N VAL E 430 4.54 92.87 -10.37
CA VAL E 430 5.07 93.75 -11.42
C VAL E 430 4.51 93.41 -12.80
N VAL E 431 3.66 92.40 -12.88
CA VAL E 431 2.77 92.29 -14.03
C VAL E 431 1.48 93.05 -13.78
N LEU E 432 0.91 92.88 -12.58
CA LEU E 432 -0.30 93.61 -12.18
C LEU E 432 -0.11 95.13 -12.12
N CYS E 433 1.12 95.64 -12.03
CA CYS E 433 1.31 97.09 -12.03
C CYS E 433 1.04 97.74 -13.37
N VAL E 434 0.93 96.97 -14.44
CA VAL E 434 0.62 97.52 -15.75
C VAL E 434 -0.83 97.97 -15.80
N SER E 435 -1.75 97.12 -15.35
CA SER E 435 -3.15 97.49 -15.14
C SER E 435 -3.69 96.62 -14.00
N PHE E 436 -3.60 97.14 -12.76
CA PHE E 436 -4.31 96.59 -11.61
C PHE E 436 -5.03 97.67 -10.81
N SER E 437 -5.86 98.47 -11.49
CA SER E 437 -6.46 99.64 -10.84
C SER E 437 -7.56 99.22 -9.88
N ARG E 438 -8.63 98.63 -10.41
CA ARG E 438 -9.90 98.45 -9.69
C ARG E 438 -9.86 97.21 -8.80
N HIS E 439 -8.96 97.23 -7.82
CA HIS E 439 -8.94 96.19 -6.79
C HIS E 439 -8.38 96.73 -5.48
N ASN F 1 -12.24 -7.35 65.30
CA ASN F 1 -11.06 -6.65 64.81
C ASN F 1 -11.02 -6.76 63.29
N PHE F 2 -11.84 -5.91 62.66
CA PHE F 2 -12.06 -5.89 61.21
C PHE F 2 -12.57 -7.25 60.72
N ASN F 3 -13.60 -7.76 61.40
CA ASN F 3 -14.26 -8.98 60.98
C ASN F 3 -15.51 -8.62 60.17
N VAL F 4 -15.26 -8.04 59.01
CA VAL F 4 -16.32 -7.62 58.11
C VAL F 4 -16.54 -8.64 57.00
N TYR F 5 -16.12 -9.89 57.20
CA TYR F 5 -16.23 -10.94 56.21
C TYR F 5 -16.85 -12.18 56.85
N LYS F 6 -17.94 -11.98 57.55
CA LYS F 6 -18.66 -13.06 58.20
C LYS F 6 -19.52 -13.89 57.25
N ALA F 7 -19.75 -13.43 56.02
CA ALA F 7 -20.67 -14.09 55.09
C ALA F 7 -20.06 -14.18 53.70
N THR F 8 -18.83 -14.69 53.63
CA THR F 8 -18.02 -14.58 52.43
C THR F 8 -17.56 -15.95 51.94
N ARG F 9 -17.24 -16.00 50.65
CA ARG F 9 -16.66 -17.17 49.99
C ARG F 9 -15.86 -16.69 48.80
N PRO F 10 -15.12 -17.58 48.14
CA PRO F 10 -14.64 -17.25 46.79
C PRO F 10 -15.71 -17.55 45.75
N TYR F 11 -15.71 -16.71 44.71
CA TYR F 11 -16.88 -16.50 43.85
C TYR F 11 -16.50 -16.71 42.39
N LEU F 12 -15.97 -17.91 42.12
CA LEU F 12 -15.33 -18.35 40.87
C LEU F 12 -16.06 -17.89 39.61
N ALA F 13 -15.30 -17.53 38.58
CA ALA F 13 -15.93 -16.87 37.45
C ALA F 13 -15.25 -17.35 36.17
N HIS F 14 -15.50 -16.63 35.08
CA HIS F 14 -15.19 -17.11 33.73
C HIS F 14 -14.36 -16.05 33.01
N CYS F 15 -13.05 -16.23 33.04
CA CYS F 15 -12.01 -15.35 32.51
C CYS F 15 -11.78 -15.64 31.03
N PRO F 16 -11.63 -14.57 30.23
CA PRO F 16 -11.46 -14.76 28.78
C PRO F 16 -10.12 -15.34 28.38
N ASP F 17 -9.16 -15.47 29.29
CA ASP F 17 -7.95 -16.23 29.00
C ASP F 17 -7.37 -16.80 30.28
N CYS F 18 -7.36 -18.13 30.39
CA CYS F 18 -6.67 -18.82 31.48
C CYS F 18 -5.22 -19.11 31.14
N GLY F 19 -4.61 -18.31 30.28
CA GLY F 19 -3.44 -18.75 29.55
C GLY F 19 -3.89 -19.51 28.32
N GLU F 20 -2.90 -19.99 27.55
CA GLU F 20 -3.00 -20.76 26.31
C GLU F 20 -4.06 -20.24 25.34
N GLY F 21 -4.21 -18.92 25.24
CA GLY F 21 -5.14 -18.35 24.31
C GLY F 21 -6.58 -18.39 24.77
N HIS F 22 -7.16 -19.59 24.82
CA HIS F 22 -8.59 -19.71 24.97
C HIS F 22 -9.03 -19.50 26.43
N SER F 23 -10.30 -19.21 26.59
CA SER F 23 -10.90 -18.81 27.85
C SER F 23 -11.08 -20.00 28.79
N CYS F 24 -11.25 -19.70 30.08
CA CYS F 24 -11.44 -20.73 31.09
C CYS F 24 -12.25 -20.16 32.25
N HIS F 25 -12.74 -21.07 33.09
CA HIS F 25 -13.30 -20.72 34.38
C HIS F 25 -12.16 -20.63 35.38
N SER F 26 -11.89 -19.44 35.88
CA SER F 26 -10.80 -19.22 36.80
C SER F 26 -11.29 -18.78 38.16
N PRO F 27 -10.48 -18.98 39.21
CA PRO F 27 -10.76 -18.36 40.50
C PRO F 27 -10.38 -16.90 40.56
N ILE F 28 -9.59 -16.41 39.62
CA ILE F 28 -9.04 -15.07 39.70
C ILE F 28 -9.54 -14.18 38.56
N ALA F 29 -10.74 -14.45 38.09
CA ALA F 29 -11.33 -13.64 37.03
C ALA F 29 -11.67 -12.28 37.58
N LEU F 30 -10.80 -11.31 37.31
CA LEU F 30 -10.97 -9.96 37.83
C LEU F 30 -12.19 -9.29 37.23
N GLU F 31 -13.01 -8.69 38.08
CA GLU F 31 -14.31 -8.21 37.65
C GLU F 31 -14.36 -6.70 37.45
N ARG F 32 -13.48 -5.97 38.11
CA ARG F 32 -13.54 -4.51 38.08
C ARG F 32 -12.15 -3.97 38.32
N ILE F 33 -11.84 -2.88 37.65
CA ILE F 33 -10.51 -2.29 37.70
C ILE F 33 -10.64 -0.78 37.61
N ARG F 34 -10.18 -0.09 38.64
CA ARG F 34 -10.31 1.35 38.69
C ARG F 34 -8.95 2.02 38.89
N ASN F 35 -8.72 3.08 38.14
CA ASN F 35 -7.39 3.67 38.02
C ASN F 35 -7.43 5.18 38.16
N GLU F 36 -8.46 5.74 38.81
CA GLU F 36 -8.65 7.18 38.83
C GLU F 36 -7.64 7.90 39.72
N ALA F 37 -6.91 7.18 40.56
CA ALA F 37 -5.82 7.78 41.31
C ALA F 37 -4.69 8.13 40.34
N THR F 38 -4.36 9.42 40.27
CA THR F 38 -3.43 9.94 39.27
C THR F 38 -1.98 9.49 39.47
N ASP F 39 -1.68 8.76 40.53
CA ASP F 39 -0.33 8.25 40.75
C ASP F 39 -0.18 6.81 40.31
N GLY F 40 -1.01 6.36 39.36
CA GLY F 40 -0.74 5.12 38.66
C GLY F 40 -1.03 3.88 39.46
N THR F 41 -1.69 4.01 40.61
CA THR F 41 -2.00 2.85 41.43
C THR F 41 -3.25 2.18 40.87
N LEU F 42 -3.09 0.97 40.38
CA LEU F 42 -4.21 0.21 39.87
C LEU F 42 -4.92 -0.51 41.01
N LYS F 43 -6.23 -0.35 41.08
CA LYS F 43 -7.04 -0.96 42.13
C LYS F 43 -7.93 -2.00 41.46
N ILE F 44 -7.71 -3.27 41.81
CA ILE F 44 -8.31 -4.40 41.11
C ILE F 44 -9.22 -5.17 42.05
N GLN F 45 -10.48 -5.31 41.65
CA GLN F 45 -11.45 -6.22 42.26
C GLN F 45 -11.25 -7.62 41.71
N VAL F 46 -10.72 -8.50 42.56
CA VAL F 46 -10.45 -9.89 42.20
C VAL F 46 -11.58 -10.75 42.77
N SER F 47 -11.91 -11.83 42.06
CA SER F 47 -13.06 -12.67 42.41
C SER F 47 -12.89 -13.39 43.74
N LEU F 48 -11.68 -13.82 44.07
CA LEU F 48 -11.47 -14.49 45.35
C LEU F 48 -11.23 -13.47 46.46
N GLN F 49 -10.87 -13.97 47.63
CA GLN F 49 -10.53 -13.16 48.78
C GLN F 49 -9.23 -13.65 49.39
N ILE F 50 -8.62 -12.79 50.21
CA ILE F 50 -7.35 -13.05 50.86
C ILE F 50 -7.48 -12.83 52.36
N GLY F 51 -6.46 -13.30 53.08
CA GLY F 51 -6.31 -13.00 54.50
C GLY F 51 -7.12 -13.88 55.43
N ILE F 52 -8.44 -13.89 55.25
CA ILE F 52 -9.31 -14.74 56.05
C ILE F 52 -9.05 -16.19 55.67
N LYS F 53 -8.90 -17.05 56.66
CA LYS F 53 -8.64 -18.44 56.38
C LYS F 53 -9.97 -19.17 56.19
N THR F 54 -9.93 -20.50 56.12
CA THR F 54 -11.15 -21.30 56.05
C THR F 54 -11.97 -21.16 57.34
N ASP F 55 -11.30 -21.18 58.49
CA ASP F 55 -11.96 -21.14 59.79
C ASP F 55 -12.25 -19.71 60.26
N ASP F 56 -12.31 -18.75 59.33
CA ASP F 56 -12.82 -17.39 59.54
C ASP F 56 -11.98 -16.61 60.53
N SER F 57 -10.66 -16.71 60.39
CA SER F 57 -9.74 -15.87 61.16
C SER F 57 -9.49 -14.60 60.34
N HIS F 58 -8.56 -13.76 60.81
CA HIS F 58 -8.09 -12.61 60.04
C HIS F 58 -6.57 -12.60 60.00
N ASP F 59 -5.98 -13.74 59.65
CA ASP F 59 -4.53 -13.88 59.61
C ASP F 59 -3.95 -13.12 58.42
N TRP F 60 -2.65 -12.89 58.46
CA TRP F 60 -1.96 -12.06 57.50
C TRP F 60 -0.96 -12.88 56.67
N THR F 61 -1.33 -14.11 56.36
CA THR F 61 -0.41 -15.03 55.69
C THR F 61 -1.02 -15.67 54.45
N LYS F 62 -2.34 -15.86 54.45
CA LYS F 62 -2.91 -16.75 53.45
C LYS F 62 -4.04 -16.11 52.64
N LEU F 63 -4.74 -16.95 51.89
CA LEU F 63 -5.85 -16.53 51.02
C LEU F 63 -6.71 -17.74 50.75
N ARG F 64 -7.92 -17.48 50.26
CA ARG F 64 -8.88 -18.51 49.93
C ARG F 64 -9.20 -18.49 48.45
N TYR F 65 -9.42 -19.68 47.90
CA TYR F 65 -9.77 -19.85 46.51
C TYR F 65 -10.60 -21.11 46.41
N MET F 66 -11.68 -21.07 45.65
CA MET F 66 -12.61 -22.19 45.64
C MET F 66 -12.32 -23.09 44.45
N ASP F 67 -12.58 -24.38 44.63
CA ASP F 67 -12.64 -25.32 43.51
C ASP F 67 -13.72 -26.35 43.79
N SER F 68 -14.66 -26.49 42.84
CA SER F 68 -15.80 -27.40 42.90
C SER F 68 -16.61 -27.20 44.19
N HIS F 69 -16.85 -25.91 44.50
CA HIS F 69 -17.54 -25.45 45.71
C HIS F 69 -16.83 -25.91 46.99
N THR F 70 -15.52 -26.10 46.93
CA THR F 70 -14.72 -26.43 48.10
C THR F 70 -13.73 -25.30 48.32
N PRO F 71 -13.73 -24.64 49.48
CA PRO F 71 -12.80 -23.53 49.71
C PRO F 71 -11.44 -24.03 50.17
N ALA F 72 -10.42 -23.82 49.33
CA ALA F 72 -9.05 -24.20 49.63
C ALA F 72 -8.24 -22.96 49.97
N ASP F 73 -7.04 -23.18 50.51
CA ASP F 73 -6.19 -22.12 51.00
C ASP F 73 -4.89 -22.06 50.21
N ALA F 74 -4.31 -20.87 50.10
CA ALA F 74 -3.04 -20.67 49.40
C ALA F 74 -2.33 -19.46 49.98
N GLU F 75 -1.16 -19.18 49.43
CA GLU F 75 -0.19 -18.27 50.03
C GLU F 75 -0.18 -16.93 49.30
N ARG F 76 -0.13 -15.85 50.07
CA ARG F 76 -0.07 -14.50 49.50
C ARG F 76 1.22 -14.28 48.72
N ALA F 77 2.29 -14.96 49.12
CA ALA F 77 3.59 -14.75 48.50
C ALA F 77 3.68 -15.34 47.11
N GLY F 78 2.75 -16.21 46.73
CA GLY F 78 2.84 -16.81 45.41
C GLY F 78 2.08 -16.05 44.36
N LEU F 79 1.14 -15.21 44.77
CA LEU F 79 0.36 -14.48 43.79
C LEU F 79 1.20 -13.34 43.23
N LEU F 80 0.87 -12.92 42.02
CA LEU F 80 1.62 -11.86 41.36
C LEU F 80 0.74 -11.26 40.28
N VAL F 81 1.02 -10.02 39.92
CA VAL F 81 0.36 -9.38 38.80
C VAL F 81 1.42 -8.79 37.89
N ARG F 82 1.12 -8.79 36.60
CA ARG F 82 2.05 -8.33 35.57
C ARG F 82 1.29 -7.54 34.53
N THR F 83 1.81 -6.37 34.16
CA THR F 83 1.42 -5.72 32.93
C THR F 83 2.39 -6.05 31.80
N SER F 84 3.62 -5.69 31.96
CA SER F 84 4.72 -6.32 31.23
C SER F 84 5.83 -6.73 32.18
N ALA F 85 6.14 -5.90 33.16
CA ALA F 85 7.06 -6.21 34.24
C ALA F 85 6.31 -6.86 35.39
N PRO F 86 7.00 -7.64 36.23
CA PRO F 86 6.39 -8.11 37.47
C PRO F 86 6.08 -6.94 38.40
N CYS F 87 4.79 -6.73 38.67
CA CYS F 87 4.40 -5.57 39.46
C CYS F 87 4.74 -5.78 40.93
N THR F 88 4.49 -4.75 41.72
CA THR F 88 4.65 -4.80 43.16
C THR F 88 3.28 -4.68 43.80
N ILE F 89 2.98 -5.59 44.72
CA ILE F 89 1.73 -5.51 45.47
C ILE F 89 1.94 -4.63 46.69
N THR F 90 1.03 -3.68 46.88
CA THR F 90 1.12 -2.73 47.98
C THR F 90 -0.02 -2.93 48.98
N GLY F 91 -1.25 -2.80 48.53
CA GLY F 91 -2.42 -2.91 49.39
C GLY F 91 -3.16 -4.20 49.10
N THR F 92 -3.41 -4.96 50.17
CA THR F 92 -3.97 -6.31 50.08
C THR F 92 -5.13 -6.39 51.07
N MET F 93 -6.37 -6.39 50.59
CA MET F 93 -7.50 -6.49 51.53
C MET F 93 -8.67 -7.21 50.87
N GLY F 94 -8.89 -8.47 51.30
CA GLY F 94 -10.02 -9.28 50.91
C GLY F 94 -10.15 -9.50 49.42
N HIS F 95 -11.19 -8.93 48.83
CA HIS F 95 -11.39 -8.99 47.38
C HIS F 95 -10.77 -7.81 46.66
N PHE F 96 -9.66 -7.27 47.17
CA PHE F 96 -9.09 -6.07 46.59
C PHE F 96 -7.57 -6.11 46.65
N ILE F 97 -6.96 -5.67 45.55
CA ILE F 97 -5.51 -5.61 45.44
C ILE F 97 -5.12 -4.29 44.78
N LEU F 98 -4.00 -3.71 45.23
CA LEU F 98 -3.47 -2.49 44.67
C LEU F 98 -2.08 -2.74 44.13
N ALA F 99 -1.75 -2.09 43.02
CA ALA F 99 -0.46 -2.30 42.39
C ALA F 99 0.05 -0.97 41.86
N ARG F 100 1.36 -0.93 41.60
CA ARG F 100 2.03 0.26 41.07
C ARG F 100 3.13 -0.22 40.14
N CYS F 101 2.87 -0.20 38.83
CA CYS F 101 3.79 -0.83 37.90
C CYS F 101 3.58 -0.23 36.52
N PRO F 102 4.63 -0.20 35.65
CA PRO F 102 4.64 0.74 34.52
C PRO F 102 3.71 0.37 33.37
N LYS F 103 3.89 1.09 32.26
CA LYS F 103 3.09 0.99 31.06
C LYS F 103 3.17 -0.41 30.47
N GLY F 104 2.12 -1.19 30.68
CA GLY F 104 1.91 -2.42 29.97
C GLY F 104 0.58 -2.41 29.26
N GLU F 105 0.54 -3.09 28.12
CA GLU F 105 -0.62 -3.04 27.23
C GLU F 105 -1.79 -3.87 27.73
N THR F 106 -1.56 -4.85 28.60
CA THR F 106 -2.63 -5.67 29.14
C THR F 106 -2.25 -6.15 30.51
N LEU F 107 -3.22 -6.66 31.26
CA LEU F 107 -3.05 -6.92 32.68
C LEU F 107 -3.24 -8.42 32.95
N THR F 108 -2.49 -8.96 33.90
CA THR F 108 -2.59 -10.36 34.25
C THR F 108 -2.41 -10.53 35.75
N VAL F 109 -3.22 -11.41 36.34
CA VAL F 109 -3.09 -11.87 37.71
C VAL F 109 -2.80 -13.36 37.65
N GLY F 110 -1.91 -13.83 38.52
CA GLY F 110 -1.62 -15.24 38.59
C GLY F 110 -1.32 -15.69 39.99
N PHE F 111 -1.70 -16.93 40.31
CA PHE F 111 -1.29 -17.55 41.56
C PHE F 111 -1.29 -19.06 41.39
N THR F 112 -0.62 -19.71 42.33
CA THR F 112 -0.39 -21.16 42.29
C THR F 112 -1.13 -21.82 43.45
N ASP F 113 -1.88 -22.89 43.14
CA ASP F 113 -2.69 -23.57 44.13
C ASP F 113 -1.82 -24.32 45.14
N SER F 114 -2.48 -24.85 46.16
CA SER F 114 -1.86 -25.80 47.08
C SER F 114 -1.74 -27.20 46.48
N ARG F 115 -2.36 -27.43 45.33
CA ARG F 115 -2.05 -28.57 44.48
C ARG F 115 -1.03 -28.22 43.43
N LYS F 116 -0.38 -27.06 43.58
CA LYS F 116 0.79 -26.63 42.80
C LYS F 116 0.46 -26.51 41.32
N ILE F 117 -0.67 -25.89 41.03
CA ILE F 117 -1.09 -25.58 39.67
C ILE F 117 -1.16 -24.06 39.57
N SER F 118 -0.43 -23.49 38.62
CA SER F 118 -0.44 -22.06 38.42
C SER F 118 -1.58 -21.65 37.48
N HIS F 119 -2.21 -20.52 37.79
CA HIS F 119 -3.34 -20.01 37.02
C HIS F 119 -3.14 -18.53 36.80
N THR F 120 -3.30 -18.12 35.54
CA THR F 120 -3.10 -16.74 35.10
C THR F 120 -4.34 -16.30 34.34
N CYS F 121 -5.09 -15.37 34.92
CA CYS F 121 -6.18 -14.69 34.22
C CYS F 121 -5.69 -13.33 33.75
N THR F 122 -5.81 -13.09 32.46
CA THR F 122 -5.45 -11.80 31.89
C THR F 122 -6.68 -11.09 31.34
N HIS F 123 -6.49 -9.82 31.03
CA HIS F 123 -7.52 -8.94 30.57
C HIS F 123 -6.92 -7.85 29.72
N PRO F 124 -7.53 -7.55 28.60
CA PRO F 124 -7.07 -6.42 27.78
C PRO F 124 -7.47 -5.14 28.48
N PHE F 125 -6.48 -4.41 28.96
CA PHE F 125 -6.71 -3.09 29.53
C PHE F 125 -5.55 -2.19 29.19
N HIS F 126 -5.85 -1.03 28.63
CA HIS F 126 -4.84 -0.08 28.21
C HIS F 126 -4.43 0.74 29.42
N HIS F 127 -3.44 0.24 30.15
CA HIS F 127 -2.89 1.02 31.24
C HIS F 127 -1.96 2.06 30.66
N GLU F 128 -2.27 3.33 30.89
CA GLU F 128 -1.40 4.40 30.47
C GLU F 128 -1.28 5.37 31.63
N PRO F 129 -0.07 5.71 32.05
CA PRO F 129 0.09 6.59 33.20
C PRO F 129 -0.28 8.01 32.85
N PRO F 130 -1.04 8.70 33.69
CA PRO F 130 -1.33 10.10 33.40
C PRO F 130 -0.11 10.95 33.69
N VAL F 131 0.10 11.95 32.88
CA VAL F 131 1.27 12.81 33.05
C VAL F 131 1.01 13.75 34.22
N ILE F 132 2.04 13.98 35.03
CA ILE F 132 2.01 14.98 36.09
C ILE F 132 3.09 15.99 35.81
N GLY F 133 2.73 17.27 35.89
CA GLY F 133 3.68 18.32 35.62
C GLY F 133 3.89 18.48 34.14
N ARG F 134 5.14 18.70 33.73
CA ARG F 134 5.39 18.98 32.32
C ARG F 134 6.63 18.23 31.84
N GLU F 135 6.91 17.07 32.44
CA GLU F 135 8.00 16.21 32.01
C GLU F 135 7.49 14.78 31.99
N ARG F 136 7.56 14.14 30.83
CA ARG F 136 7.18 12.73 30.72
C ARG F 136 8.37 11.92 31.21
N PHE F 137 8.48 11.84 32.53
CA PHE F 137 9.58 11.17 33.19
C PHE F 137 9.30 9.69 33.35
N HIS F 138 10.19 8.97 34.03
CA HIS F 138 9.99 7.56 34.31
C HIS F 138 9.83 7.27 35.80
N SER F 139 10.84 7.61 36.60
CA SER F 139 10.88 7.31 38.02
C SER F 139 11.32 8.57 38.77
N ARG F 140 10.68 8.84 39.91
CA ARG F 140 10.88 10.14 40.56
C ARG F 140 12.28 10.20 41.16
N PRO F 141 13.00 11.28 40.98
CA PRO F 141 14.39 11.35 41.40
C PRO F 141 14.50 11.76 42.86
N GLN F 142 15.74 11.81 43.34
CA GLN F 142 16.09 12.27 44.67
C GLN F 142 16.01 13.77 44.81
N HIS F 143 15.78 14.52 43.72
CA HIS F 143 15.80 15.98 43.75
C HIS F 143 14.65 16.48 42.90
N GLY F 144 13.50 16.68 43.54
CA GLY F 144 12.27 16.93 42.82
C GLY F 144 11.58 18.18 43.30
N LYS F 145 10.69 18.67 42.46
CA LYS F 145 9.74 19.70 42.81
C LYS F 145 8.46 19.03 43.28
N GLU F 146 7.75 19.69 44.18
CA GLU F 146 6.65 19.07 44.91
C GLU F 146 5.35 19.51 44.26
N LEU F 147 4.63 18.57 43.67
CA LEU F 147 3.34 18.85 43.05
C LEU F 147 2.25 17.98 43.64
N PRO F 148 1.08 18.52 43.93
CA PRO F 148 0.01 17.71 44.51
C PRO F 148 -0.56 16.75 43.48
N CYS F 149 -1.07 15.63 43.97
CA CYS F 149 -1.51 14.53 43.13
C CYS F 149 -2.37 13.62 44.00
N SER F 150 -2.95 12.60 43.37
CA SER F 150 -3.93 11.74 44.04
C SER F 150 -3.48 10.29 44.01
N THR F 151 -3.48 9.66 45.18
CA THR F 151 -3.07 8.27 45.33
C THR F 151 -4.08 7.53 46.18
N TYR F 152 -3.82 6.24 46.37
CA TYR F 152 -4.62 5.40 47.24
C TYR F 152 -3.95 5.30 48.61
N VAL F 153 -4.78 5.22 49.65
CA VAL F 153 -4.31 5.03 51.01
C VAL F 153 -4.85 3.69 51.50
N GLN F 154 -4.21 3.15 52.53
CA GLN F 154 -4.43 1.77 52.96
C GLN F 154 -5.38 1.67 54.13
N SER F 155 -6.41 2.53 54.15
CA SER F 155 -7.38 2.52 55.23
C SER F 155 -8.31 1.32 55.07
N THR F 156 -8.44 0.53 56.13
CA THR F 156 -9.24 -0.68 56.05
C THR F 156 -10.72 -0.38 56.20
N ALA F 157 -11.13 0.13 57.36
CA ALA F 157 -12.52 0.44 57.65
C ALA F 157 -12.90 1.72 56.91
N ALA F 158 -13.46 1.56 55.71
CA ALA F 158 -13.75 2.66 54.81
C ALA F 158 -15.26 2.90 54.73
N THR F 159 -15.62 4.18 54.60
CA THR F 159 -17.01 4.61 54.64
C THR F 159 -17.50 4.98 53.25
N ALA F 160 -18.71 4.54 52.93
CA ALA F 160 -19.49 4.92 51.75
C ALA F 160 -18.76 4.59 50.45
N GLU F 161 -18.48 3.30 50.30
CA GLU F 161 -18.15 2.70 49.00
C GLU F 161 -18.55 1.23 49.09
N GLU F 162 -19.73 0.91 48.57
CA GLU F 162 -20.53 -0.20 49.05
C GLU F 162 -20.89 -1.16 47.94
N ILE F 163 -20.85 -2.46 48.25
CA ILE F 163 -21.27 -3.53 47.36
C ILE F 163 -22.37 -4.36 48.03
N GLU F 164 -23.30 -4.82 47.19
CA GLU F 164 -24.50 -5.54 47.64
C GLU F 164 -24.20 -7.03 47.75
N VAL F 165 -24.17 -7.54 48.99
CA VAL F 165 -23.99 -8.96 49.25
C VAL F 165 -25.34 -9.59 49.60
N HIS F 166 -25.63 -10.73 48.99
CA HIS F 166 -26.94 -11.36 48.85
C HIS F 166 -26.71 -12.86 48.60
N MET F 167 -27.78 -13.58 48.04
CA MET F 167 -27.64 -15.02 47.93
C MET F 167 -27.06 -15.43 46.57
N PRO F 168 -26.34 -16.56 46.53
CA PRO F 168 -25.89 -17.14 45.26
C PRO F 168 -27.02 -17.67 44.40
N PRO F 169 -26.72 -17.93 43.12
CA PRO F 169 -27.65 -18.67 42.25
C PRO F 169 -27.40 -20.15 42.43
N ASP F 170 -27.87 -21.00 41.53
CA ASP F 170 -27.71 -22.42 41.76
C ASP F 170 -26.40 -22.89 41.12
N THR F 171 -25.87 -23.99 41.67
CA THR F 171 -24.65 -24.67 41.20
C THR F 171 -24.88 -25.94 40.39
N PRO F 172 -25.08 -25.88 39.07
CA PRO F 172 -25.37 -27.09 38.32
C PRO F 172 -24.12 -27.94 38.11
N ASP F 173 -24.33 -29.26 38.04
CA ASP F 173 -23.26 -30.22 37.85
C ASP F 173 -23.88 -31.49 37.30
N ARG F 174 -23.16 -32.17 36.41
CA ARG F 174 -23.60 -33.45 35.89
C ARG F 174 -22.71 -34.61 36.34
N THR F 175 -21.58 -34.33 37.00
CA THR F 175 -20.66 -35.39 37.40
C THR F 175 -21.18 -36.23 38.56
N LEU F 176 -22.23 -35.79 39.23
CA LEU F 176 -22.73 -36.45 40.43
C LEU F 176 -23.83 -37.45 40.13
N MET F 177 -23.86 -38.01 38.92
CA MET F 177 -24.93 -38.88 38.48
C MET F 177 -24.31 -40.09 37.78
N THR F 178 -24.49 -41.27 38.37
CA THR F 178 -23.98 -42.51 37.83
C THR F 178 -25.13 -43.48 37.55
N GLN F 179 -24.85 -44.44 36.69
CA GLN F 179 -25.84 -45.45 36.30
C GLN F 179 -25.79 -46.59 37.30
N GLN F 180 -26.83 -46.69 38.12
CA GLN F 180 -26.98 -47.82 39.03
C GLN F 180 -27.92 -48.83 38.37
N SER F 181 -27.37 -49.47 37.33
CA SER F 181 -28.03 -50.45 36.46
C SER F 181 -29.32 -49.88 35.86
N GLY F 182 -29.14 -48.85 35.04
CA GLY F 182 -30.26 -48.20 34.41
C GLY F 182 -30.97 -47.19 35.27
N ASN F 183 -30.36 -46.76 36.37
CA ASN F 183 -30.95 -45.80 37.29
C ASN F 183 -30.07 -44.56 37.37
N VAL F 184 -30.56 -43.57 38.09
CA VAL F 184 -29.86 -42.30 38.29
C VAL F 184 -29.54 -42.20 39.77
N LYS F 185 -28.30 -42.48 40.14
CA LYS F 185 -27.88 -42.27 41.52
C LYS F 185 -27.51 -40.80 41.70
N ILE F 186 -28.08 -40.16 42.71
CA ILE F 186 -27.78 -38.76 42.95
C ILE F 186 -26.88 -38.65 44.16
N THR F 187 -25.57 -38.61 43.92
CA THR F 187 -24.64 -38.25 44.96
C THR F 187 -24.69 -36.74 45.17
N VAL F 188 -24.63 -36.32 46.43
CA VAL F 188 -24.87 -34.93 46.79
C VAL F 188 -23.61 -34.35 47.42
N ASN F 189 -22.81 -35.22 48.08
CA ASN F 189 -21.62 -34.85 48.86
C ASN F 189 -21.97 -33.84 49.96
N GLY F 190 -23.06 -34.11 50.67
CA GLY F 190 -23.40 -33.35 51.85
C GLY F 190 -23.92 -31.94 51.62
N GLN F 191 -24.93 -31.81 50.76
CA GLN F 191 -25.44 -30.50 50.37
C GLN F 191 -26.92 -30.65 50.01
N THR F 192 -27.44 -29.69 49.26
CA THR F 192 -28.82 -29.74 48.75
C THR F 192 -28.76 -29.63 47.24
N VAL F 193 -29.42 -30.54 46.54
CA VAL F 193 -29.41 -30.56 45.09
C VAL F 193 -30.84 -30.76 44.58
N ARG F 194 -31.17 -30.08 43.49
CA ARG F 194 -32.45 -30.20 42.80
C ARG F 194 -32.24 -30.96 41.51
N TYR F 195 -33.07 -31.97 41.30
CA TYR F 195 -33.00 -32.79 40.09
C TYR F 195 -34.20 -32.50 39.19
N LYS F 196 -34.02 -32.77 37.91
CA LYS F 196 -35.10 -32.55 36.96
C LYS F 196 -34.92 -33.44 35.75
N CYS F 197 -35.98 -34.16 35.39
CA CYS F 197 -36.09 -34.81 34.08
C CYS F 197 -37.56 -35.04 33.74
N ASN F 198 -37.80 -35.94 32.79
CA ASN F 198 -39.08 -36.06 32.10
C ASN F 198 -39.46 -37.53 31.91
N CYS F 199 -39.00 -38.40 32.81
CA CYS F 199 -39.28 -39.83 32.76
C CYS F 199 -40.14 -40.20 33.96
N GLY F 200 -40.36 -41.51 34.13
CA GLY F 200 -41.26 -42.00 35.16
C GLY F 200 -40.70 -41.79 36.55
N GLY F 201 -41.60 -41.77 37.53
CA GLY F 201 -41.22 -41.45 38.89
C GLY F 201 -41.33 -39.96 39.16
N SER F 202 -40.66 -39.53 40.22
CA SER F 202 -40.59 -38.11 40.53
C SER F 202 -39.67 -37.39 39.55
N ASN F 203 -40.26 -36.87 38.47
CA ASN F 203 -39.49 -36.30 37.38
C ASN F 203 -38.82 -34.98 37.76
N GLU F 204 -39.29 -34.33 38.82
CA GLU F 204 -38.60 -33.19 39.39
C GLU F 204 -38.59 -33.31 40.91
N GLY F 205 -37.78 -32.50 41.54
CA GLY F 205 -37.70 -32.46 42.99
C GLY F 205 -36.31 -32.09 43.44
N LEU F 206 -36.22 -31.79 44.74
CA LEU F 206 -34.95 -31.39 45.37
C LEU F 206 -34.68 -32.34 46.54
N THR F 207 -33.62 -33.13 46.42
CA THR F 207 -33.21 -34.04 47.48
C THR F 207 -32.08 -33.43 48.29
N THR F 208 -31.67 -34.16 49.33
CA THR F 208 -30.60 -33.70 50.21
C THR F 208 -29.50 -34.76 50.32
N THR F 209 -29.88 -36.03 50.23
CA THR F 209 -28.91 -37.12 50.27
C THR F 209 -29.27 -38.08 49.14
N ASP F 210 -28.72 -39.30 49.14
CA ASP F 210 -28.70 -40.15 47.95
C ASP F 210 -30.09 -40.66 47.60
N LYS F 211 -30.44 -40.52 46.32
CA LYS F 211 -31.65 -41.11 45.74
C LYS F 211 -31.26 -41.97 44.54
N VAL F 212 -32.09 -42.97 44.27
CA VAL F 212 -31.90 -43.87 43.14
C VAL F 212 -33.13 -43.71 42.25
N ILE F 213 -33.05 -42.82 41.26
CA ILE F 213 -34.17 -42.54 40.38
C ILE F 213 -34.28 -43.69 39.37
N ASN F 214 -35.35 -44.47 39.49
CA ASN F 214 -35.48 -45.71 38.73
C ASN F 214 -35.74 -45.42 37.26
N ASN F 215 -35.38 -46.40 36.42
CA ASN F 215 -35.53 -46.54 34.97
C ASN F 215 -35.29 -45.27 34.13
N CYS F 216 -34.38 -44.42 34.57
CA CYS F 216 -33.97 -43.26 33.81
C CYS F 216 -32.46 -43.31 33.59
N LYS F 217 -32.03 -42.71 32.49
CA LYS F 217 -30.62 -42.64 32.18
C LYS F 217 -30.03 -41.35 32.76
N ILE F 218 -28.69 -41.31 32.81
CA ILE F 218 -28.02 -40.18 33.44
C ILE F 218 -28.10 -38.94 32.58
N ASP F 219 -28.19 -39.09 31.26
CA ASP F 219 -28.38 -37.94 30.38
C ASP F 219 -29.84 -37.55 30.22
N GLN F 220 -30.77 -38.30 30.83
CA GLN F 220 -32.13 -37.81 30.85
C GLN F 220 -32.35 -36.73 31.90
N CYS F 221 -31.59 -36.76 33.00
CA CYS F 221 -31.81 -35.80 34.08
C CYS F 221 -30.67 -34.80 34.18
N HIS F 222 -30.97 -33.71 34.90
CA HIS F 222 -30.04 -32.64 35.20
C HIS F 222 -30.08 -32.34 36.70
N ALA F 223 -28.91 -32.23 37.32
CA ALA F 223 -28.78 -31.90 38.73
C ALA F 223 -28.28 -30.47 38.89
N ALA F 224 -28.63 -29.84 40.01
CA ALA F 224 -28.18 -28.48 40.30
C ALA F 224 -28.14 -28.28 41.81
N VAL F 225 -26.95 -28.04 42.35
CA VAL F 225 -26.77 -27.93 43.78
C VAL F 225 -27.27 -26.57 44.26
N THR F 226 -28.12 -26.57 45.28
CA THR F 226 -28.70 -25.34 45.81
C THR F 226 -27.96 -24.91 47.06
N ASN F 227 -27.22 -23.81 46.98
CA ASN F 227 -26.54 -23.28 48.16
C ASN F 227 -27.55 -22.61 49.07
N HIS F 228 -27.39 -22.79 50.38
CA HIS F 228 -28.21 -22.07 51.35
C HIS F 228 -27.41 -21.51 52.50
N LYS F 229 -26.10 -21.79 52.58
CA LYS F 229 -25.34 -21.62 53.81
C LYS F 229 -24.58 -20.30 53.89
N ASN F 230 -24.23 -19.66 52.78
CA ASN F 230 -23.44 -18.45 52.85
C ASN F 230 -23.85 -17.52 51.72
N TRP F 231 -23.11 -16.42 51.55
CA TRP F 231 -23.52 -15.32 50.69
C TRP F 231 -22.47 -14.98 49.63
N GLN F 232 -22.92 -14.28 48.57
CA GLN F 232 -22.10 -13.77 47.47
C GLN F 232 -22.50 -12.32 47.21
N TYR F 233 -21.61 -11.55 46.59
CA TYR F 233 -22.07 -10.27 46.05
C TYR F 233 -22.40 -10.39 44.56
N ASN F 234 -22.88 -9.29 43.99
CA ASN F 234 -23.30 -9.26 42.59
C ASN F 234 -22.05 -9.22 41.72
N SER F 235 -21.80 -10.25 41.01
CA SER F 235 -21.05 -10.12 39.77
C SER F 235 -22.00 -10.03 38.60
N PRO F 236 -21.80 -9.09 37.67
CA PRO F 236 -22.55 -9.15 36.40
C PRO F 236 -22.12 -10.30 35.51
N LEU F 237 -21.04 -11.00 35.84
CA LEU F 237 -20.74 -12.27 35.18
C LEU F 237 -21.51 -13.41 35.82
N VAL F 238 -21.87 -13.28 37.09
CA VAL F 238 -22.59 -14.33 37.81
C VAL F 238 -24.08 -14.11 37.59
N PRO F 239 -24.86 -15.15 37.27
CA PRO F 239 -26.29 -14.94 37.02
C PRO F 239 -27.02 -14.63 38.32
N ARG F 240 -28.22 -14.06 38.19
CA ARG F 240 -28.89 -13.46 39.34
C ARG F 240 -29.57 -14.53 40.19
N ASN F 241 -30.16 -14.08 41.31
CA ASN F 241 -30.77 -14.92 42.32
C ASN F 241 -32.07 -15.57 41.88
N ALA F 242 -32.47 -15.38 40.62
CA ALA F 242 -33.54 -16.01 39.85
C ALA F 242 -34.91 -15.45 40.19
N GLU F 243 -34.99 -14.34 40.93
CA GLU F 243 -36.25 -13.59 40.98
C GLU F 243 -36.05 -12.13 40.59
N LEU F 244 -35.06 -11.46 41.20
CA LEU F 244 -34.97 -10.01 41.26
C LEU F 244 -33.72 -9.59 42.01
N GLY F 245 -33.48 -8.29 42.11
CA GLY F 245 -32.45 -7.77 42.98
C GLY F 245 -33.03 -7.45 44.34
N ASP F 246 -33.51 -8.48 45.05
CA ASP F 246 -34.25 -8.32 46.29
C ASP F 246 -33.44 -8.74 47.51
N ARG F 247 -32.63 -9.78 47.40
CA ARG F 247 -31.88 -10.32 48.52
C ARG F 247 -30.79 -9.33 48.92
N LYS F 248 -30.52 -9.22 50.20
CA LYS F 248 -29.87 -8.06 50.78
C LYS F 248 -28.53 -8.41 51.42
N GLY F 249 -27.96 -7.39 52.06
CA GLY F 249 -26.64 -7.34 52.68
C GLY F 249 -25.88 -6.23 51.99
N LYS F 250 -25.17 -5.39 52.74
CA LYS F 250 -24.33 -4.35 52.15
C LYS F 250 -23.00 -4.32 52.88
N ILE F 251 -21.89 -4.39 52.14
CA ILE F 251 -20.58 -4.38 52.77
C ILE F 251 -19.71 -3.35 52.08
N HIS F 252 -18.69 -2.89 52.79
CA HIS F 252 -17.89 -1.78 52.33
C HIS F 252 -16.71 -2.30 51.53
N ILE F 253 -16.12 -1.42 50.74
CA ILE F 253 -14.90 -1.81 50.03
C ILE F 253 -13.77 -0.99 50.66
N PRO F 254 -12.59 -1.57 50.79
CA PRO F 254 -11.50 -0.83 51.44
C PRO F 254 -10.74 0.06 50.49
N PHE F 255 -9.61 0.58 50.98
CA PHE F 255 -8.57 1.28 50.24
C PHE F 255 -9.11 2.53 49.57
N PRO F 256 -9.42 3.56 50.32
CA PRO F 256 -9.87 4.81 49.70
C PRO F 256 -8.68 5.60 49.19
N LEU F 257 -8.95 6.82 48.75
CA LEU F 257 -7.93 7.60 48.08
C LEU F 257 -7.76 8.90 48.83
N ALA F 258 -6.56 9.47 48.71
CA ALA F 258 -6.25 10.76 49.28
C ALA F 258 -5.37 11.51 48.30
N ASN F 259 -5.01 12.72 48.67
CA ASN F 259 -4.20 13.58 47.84
C ASN F 259 -2.89 13.88 48.56
N VAL F 260 -1.79 13.42 47.95
CA VAL F 260 -0.46 13.49 48.53
C VAL F 260 0.26 14.51 47.65
N THR F 261 1.49 14.86 47.98
CA THR F 261 2.27 15.75 47.13
C THR F 261 3.51 14.99 46.71
N CYS F 262 3.58 14.66 45.43
CA CYS F 262 4.62 13.83 44.86
C CYS F 262 5.72 14.70 44.27
N ARG F 263 6.77 14.04 43.77
CA ARG F 263 8.00 14.72 43.36
C ARG F 263 8.18 14.53 41.86
N VAL F 264 7.96 15.59 41.11
CA VAL F 264 8.26 15.59 39.69
C VAL F 264 9.76 15.93 39.64
N PRO F 265 10.52 15.45 38.65
CA PRO F 265 11.89 15.94 38.53
C PRO F 265 11.93 17.36 38.03
N LYS F 266 12.86 18.14 38.60
CA LYS F 266 13.16 19.44 38.03
C LYS F 266 13.87 19.26 36.71
N ALA F 267 13.67 20.21 35.80
CA ALA F 267 14.23 20.06 34.47
C ALA F 267 15.73 20.30 34.49
N ARG F 268 16.38 19.81 33.45
CA ARG F 268 17.78 20.13 33.22
C ARG F 268 17.89 21.59 32.81
N ASN F 269 18.58 22.38 33.63
CA ASN F 269 18.63 23.82 33.39
C ASN F 269 19.55 24.14 32.21
N PRO F 270 19.07 24.92 31.25
CA PRO F 270 19.71 25.00 29.94
C PRO F 270 20.90 25.93 29.90
N THR F 271 21.44 26.12 28.70
CA THR F 271 22.44 27.15 28.48
C THR F 271 21.96 28.09 27.40
N VAL F 272 22.60 29.25 27.29
CA VAL F 272 21.97 30.40 26.68
C VAL F 272 23.04 31.33 26.11
N THR F 273 22.82 31.77 24.88
CA THR F 273 23.51 32.92 24.32
C THR F 273 22.48 33.80 23.64
N TYR F 274 22.94 34.89 23.03
CA TYR F 274 22.01 35.93 22.65
C TYR F 274 22.64 36.82 21.59
N GLY F 275 21.78 37.34 20.72
CA GLY F 275 22.19 38.28 19.70
C GLY F 275 21.19 39.39 19.49
N LYS F 276 21.09 39.85 18.25
CA LYS F 276 20.40 41.08 17.86
C LYS F 276 18.92 41.00 18.18
N ASN F 277 18.54 41.64 19.28
CA ASN F 277 17.28 41.54 20.01
C ASN F 277 16.70 40.12 20.08
N GLN F 278 17.57 39.12 20.21
CA GLN F 278 17.08 37.74 20.15
C GLN F 278 17.95 36.86 21.04
N VAL F 279 17.44 35.68 21.34
CA VAL F 279 18.13 34.74 22.22
C VAL F 279 18.24 33.42 21.48
N THR F 280 19.41 32.79 21.59
CA THR F 280 19.62 31.41 21.15
C THR F 280 19.81 30.55 22.39
N MET F 281 18.85 29.66 22.62
CA MET F 281 18.82 28.82 23.79
C MET F 281 19.24 27.42 23.35
N LEU F 282 20.00 26.74 24.20
CA LEU F 282 20.50 25.41 23.88
C LEU F 282 20.15 24.48 25.03
N LEU F 283 19.63 23.31 24.67
CA LEU F 283 18.73 22.53 25.50
C LEU F 283 19.03 21.05 25.45
N TYR F 284 19.11 20.46 26.64
CA TYR F 284 19.57 19.08 26.81
C TYR F 284 18.47 18.35 27.58
N PRO F 285 17.78 17.40 26.98
CA PRO F 285 16.75 16.66 27.72
C PRO F 285 17.31 15.38 28.32
N ASP F 286 16.45 14.73 29.10
CA ASP F 286 16.65 13.36 29.53
C ASP F 286 15.44 12.50 29.24
N HIS F 287 14.32 13.12 28.88
CA HIS F 287 13.11 12.45 28.41
C HIS F 287 12.31 13.50 27.66
N PRO F 288 11.23 13.11 26.97
CA PRO F 288 10.35 14.10 26.34
C PRO F 288 9.82 15.13 27.34
N THR F 289 10.00 16.40 26.98
CA THR F 289 9.81 17.51 27.90
C THR F 289 9.37 18.68 27.04
N LEU F 290 8.40 19.43 27.53
CA LEU F 290 7.87 20.56 26.79
C LEU F 290 8.48 21.87 27.25
N LEU F 291 8.30 22.90 26.42
CA LEU F 291 8.87 24.21 26.64
C LEU F 291 7.87 25.21 26.11
N SER F 292 7.51 26.20 26.90
CA SER F 292 6.48 27.10 26.48
C SER F 292 7.05 28.51 26.46
N TYR F 293 6.57 29.32 25.51
CA TYR F 293 7.01 30.70 25.51
C TYR F 293 5.91 31.60 24.99
N ARG F 294 5.91 32.81 25.52
CA ARG F 294 4.96 33.83 25.11
C ARG F 294 5.65 35.19 25.20
N ASN F 295 4.93 36.23 24.79
CA ASN F 295 5.40 37.59 24.97
C ASN F 295 4.28 38.43 25.57
N MET F 296 4.68 39.42 26.35
CA MET F 296 3.78 40.11 27.26
C MET F 296 3.11 41.33 26.64
N GLY F 297 2.88 41.32 25.33
CA GLY F 297 2.14 42.38 24.68
C GLY F 297 0.64 42.23 24.89
N GLN F 298 -0.12 42.93 24.05
CA GLN F 298 -1.56 42.76 24.12
C GLN F 298 -1.97 41.42 23.52
N GLU F 299 -1.30 40.97 22.46
CA GLU F 299 -1.53 39.57 22.19
C GLU F 299 -0.55 38.71 22.98
N PRO F 300 -0.91 37.50 23.35
CA PRO F 300 0.05 36.65 24.05
C PRO F 300 0.93 35.84 23.11
N ASN F 301 0.40 35.55 21.91
CA ASN F 301 1.09 34.85 20.82
C ASN F 301 1.78 33.57 21.28
N TYR F 302 0.97 32.65 21.79
CA TYR F 302 1.48 31.51 22.54
C TYR F 302 2.18 30.51 21.63
N HIS F 303 3.27 29.92 22.12
CA HIS F 303 3.85 28.78 21.42
C HIS F 303 4.43 27.80 22.42
N GLU F 304 3.84 26.60 22.51
CA GLU F 304 4.52 25.50 23.18
C GLU F 304 5.33 24.71 22.16
N GLU F 305 6.23 23.87 22.67
CA GLU F 305 6.90 22.86 21.88
C GLU F 305 7.16 21.64 22.75
N TRP F 306 7.19 20.48 22.12
CA TRP F 306 7.72 19.27 22.72
C TRP F 306 9.17 19.06 22.28
N VAL F 307 9.93 18.36 23.11
CA VAL F 307 11.35 18.16 22.89
C VAL F 307 11.69 16.73 23.31
N THR F 308 12.35 16.00 22.40
CA THR F 308 12.83 14.64 22.67
C THR F 308 14.34 14.50 22.65
N HIS F 309 15.03 15.24 21.81
CA HIS F 309 16.48 15.18 21.73
C HIS F 309 17.03 16.59 21.94
N LYS F 310 18.32 16.74 21.66
CA LYS F 310 19.00 18.01 21.88
C LYS F 310 18.40 19.08 20.97
N LYS F 311 18.43 20.33 21.42
CA LYS F 311 17.87 21.36 20.56
C LYS F 311 18.48 22.71 20.87
N GLU F 312 18.89 23.42 19.83
CA GLU F 312 19.06 24.85 19.95
C GLU F 312 17.89 25.52 19.25
N VAL F 313 17.42 26.61 19.83
CA VAL F 313 16.29 27.35 19.29
C VAL F 313 16.64 28.82 19.32
N THR F 314 16.06 29.57 18.38
CA THR F 314 16.23 31.01 18.34
C THR F 314 14.87 31.66 18.49
N LEU F 315 14.82 32.71 19.31
CA LEU F 315 13.57 33.37 19.64
C LEU F 315 13.83 34.86 19.66
N THR F 316 13.05 35.60 18.89
CA THR F 316 13.13 37.04 18.92
C THR F 316 12.20 37.58 20.00
N VAL F 317 12.70 38.56 20.74
CA VAL F 317 11.89 39.17 21.78
C VAL F 317 11.33 40.48 21.27
N PRO F 318 10.15 40.88 21.70
CA PRO F 318 9.64 42.18 21.28
C PRO F 318 10.09 43.25 22.25
N THR F 319 9.59 44.48 22.07
CA THR F 319 10.01 45.57 22.93
C THR F 319 9.45 45.44 24.34
N GLU F 320 8.34 44.73 24.51
CA GLU F 320 7.70 44.69 25.81
C GLU F 320 8.34 43.67 26.73
N GLY F 321 8.72 42.52 26.20
CA GLY F 321 9.30 41.48 27.02
C GLY F 321 8.98 40.12 26.46
N LEU F 322 9.61 39.11 27.06
CA LEU F 322 9.34 37.76 26.61
C LEU F 322 9.52 36.81 27.79
N GLU F 323 8.81 35.69 27.73
CA GLU F 323 8.75 34.75 28.83
C GLU F 323 8.93 33.34 28.30
N VAL F 324 9.88 32.60 28.87
CA VAL F 324 10.02 31.18 28.55
C VAL F 324 9.96 30.36 29.82
N THR F 325 9.49 29.13 29.66
CA THR F 325 9.33 28.18 30.75
C THR F 325 9.78 26.83 30.23
N TRP F 326 10.56 26.11 31.02
CA TRP F 326 11.18 24.89 30.55
C TRP F 326 11.08 23.83 31.62
N GLY F 327 10.32 22.77 31.32
CA GLY F 327 10.11 21.70 32.27
C GLY F 327 9.28 22.21 33.43
N ASN F 328 9.63 21.73 34.62
CA ASN F 328 9.04 22.23 35.86
C ASN F 328 10.07 23.01 36.63
N ASN F 329 10.96 23.68 35.90
CA ASN F 329 11.90 24.62 36.49
C ASN F 329 11.22 25.97 36.68
N GLU F 330 11.98 26.91 37.22
CA GLU F 330 11.45 28.25 37.43
C GLU F 330 11.38 29.00 36.09
N PRO F 331 10.40 29.88 35.94
CA PRO F 331 10.27 30.63 34.69
C PRO F 331 11.42 31.61 34.47
N TYR F 332 11.59 32.00 33.21
CA TYR F 332 12.64 32.94 32.80
C TYR F 332 12.02 34.12 32.08
N LYS F 333 12.52 35.31 32.39
CA LYS F 333 12.05 36.54 31.80
C LYS F 333 13.18 37.16 30.99
N TYR F 334 12.83 37.88 29.93
CA TYR F 334 13.83 38.53 29.10
C TYR F 334 13.30 39.83 28.55
N TRP F 335 14.22 40.73 28.22
CA TRP F 335 13.90 42.05 27.71
C TRP F 335 14.99 42.48 26.76
N PRO F 336 14.65 43.25 25.73
CA PRO F 336 15.69 43.85 24.90
C PRO F 336 16.24 45.09 25.59
N GLN F 337 17.42 45.48 25.15
CA GLN F 337 18.02 46.72 25.62
C GLN F 337 18.20 47.61 24.40
N MET F 338 18.89 48.73 24.60
CA MET F 338 19.18 49.72 23.54
C MET F 338 20.21 49.16 22.57
N SER F 339 19.84 48.06 21.93
CA SER F 339 20.48 47.24 20.91
C SER F 339 22.00 47.24 20.81
N THR F 340 22.58 47.75 19.72
CA THR F 340 23.99 47.40 19.58
C THR F 340 25.06 48.47 19.32
N ASN F 341 25.12 49.07 18.15
CA ASN F 341 26.36 49.71 17.75
C ASN F 341 26.11 50.53 16.49
N GLY F 342 27.18 51.02 15.89
CA GLY F 342 27.13 51.56 14.55
C GLY F 342 27.15 53.07 14.48
N THR F 343 26.77 53.73 15.56
CA THR F 343 26.48 55.16 15.49
C THR F 343 27.00 55.88 16.72
N ALA F 344 27.23 57.18 16.55
CA ALA F 344 27.76 58.07 17.58
C ALA F 344 27.49 59.50 17.14
N HIS F 345 28.13 60.46 17.82
CA HIS F 345 27.79 61.88 17.70
C HIS F 345 28.92 62.69 17.11
N GLY F 346 29.58 62.20 16.07
CA GLY F 346 30.74 62.94 15.57
C GLY F 346 30.53 63.66 14.25
N HIS F 347 31.59 63.78 13.44
CA HIS F 347 31.49 64.41 12.13
C HIS F 347 30.54 63.70 11.18
N PRO F 348 30.53 62.37 11.02
CA PRO F 348 29.43 61.76 10.28
C PRO F 348 28.18 61.73 11.14
N HIS F 349 27.06 61.59 10.46
CA HIS F 349 25.78 61.48 11.14
C HIS F 349 25.53 60.08 11.70
N GLU F 350 25.54 59.07 10.83
CA GLU F 350 24.98 57.73 11.07
C GLU F 350 23.58 57.83 11.67
N ILE F 351 22.78 58.75 11.14
CA ILE F 351 21.52 59.13 11.77
C ILE F 351 20.51 58.00 11.65
N ILE F 352 20.41 57.42 10.46
CA ILE F 352 19.59 56.24 10.26
C ILE F 352 20.20 55.07 11.02
N LEU F 353 21.52 55.05 11.19
CA LEU F 353 22.09 54.02 12.03
C LEU F 353 21.97 54.38 13.51
N TYR F 354 21.69 55.65 13.81
CA TYR F 354 21.01 55.98 15.06
C TYR F 354 19.74 55.16 15.16
N TYR F 355 18.92 55.24 14.12
CA TYR F 355 17.52 54.83 14.19
C TYR F 355 17.39 53.32 14.41
N TYR F 356 18.19 52.53 13.71
CA TYR F 356 18.12 51.09 13.85
C TYR F 356 18.55 50.63 15.24
N GLU F 357 19.26 51.49 15.97
CA GLU F 357 19.38 51.34 17.41
C GLU F 357 18.08 51.71 18.11
N LEU F 358 17.50 52.84 17.73
CA LEU F 358 16.46 53.51 18.52
C LEU F 358 15.07 53.22 17.95
N TYR F 359 14.41 52.19 18.51
CA TYR F 359 13.16 51.52 18.14
C TYR F 359 13.05 51.33 16.62
N PRO F 360 13.80 50.40 16.02
CA PRO F 360 13.80 50.27 14.55
C PRO F 360 12.47 49.85 13.94
N THR F 361 12.45 49.91 12.61
CA THR F 361 11.59 49.31 11.59
C THR F 361 10.22 49.97 11.37
N MET F 362 9.78 50.91 12.19
CA MET F 362 8.86 51.93 11.72
C MET F 362 9.69 53.17 11.41
N THR F 363 9.07 54.33 11.23
CA THR F 363 9.73 55.65 11.34
C THR F 363 10.79 55.94 10.25
N VAL F 364 11.20 54.92 9.49
CA VAL F 364 11.79 55.17 8.20
C VAL F 364 10.71 55.60 7.21
N VAL F 365 9.44 55.34 7.54
CA VAL F 365 8.34 56.01 6.87
C VAL F 365 8.41 57.51 7.08
N ILE F 366 8.83 57.95 8.27
CA ILE F 366 8.94 59.39 8.54
C ILE F 366 10.06 60.02 7.74
N VAL F 367 11.22 59.36 7.64
CA VAL F 367 12.30 59.96 6.88
C VAL F 367 12.02 59.87 5.38
N SER F 368 11.23 58.87 4.96
CA SER F 368 10.93 58.77 3.54
C SER F 368 9.88 59.80 3.14
N VAL F 369 8.90 60.06 4.00
CA VAL F 369 7.94 61.10 3.66
C VAL F 369 8.55 62.49 3.85
N ALA F 370 9.57 62.64 4.70
CA ALA F 370 10.26 63.92 4.76
C ALA F 370 11.03 64.17 3.49
N SER F 371 11.72 63.14 2.98
CA SER F 371 12.37 63.23 1.67
C SER F 371 11.35 63.50 0.58
N PHE F 372 10.18 62.88 0.68
CA PHE F 372 9.11 63.03 -0.31
C PHE F 372 8.60 64.46 -0.36
N VAL F 373 8.31 65.05 0.80
CA VAL F 373 7.78 66.40 0.80
C VAL F 373 8.87 67.41 0.48
N LEU F 374 10.14 67.09 0.76
CA LEU F 374 11.22 67.98 0.38
C LEU F 374 11.41 68.02 -1.13
N LEU F 375 11.42 66.85 -1.79
CA LEU F 375 11.54 66.89 -3.23
C LEU F 375 10.26 67.40 -3.89
N SER F 376 9.12 67.26 -3.21
CA SER F 376 7.88 67.83 -3.75
C SER F 376 7.89 69.36 -3.66
N MET F 377 8.39 69.91 -2.55
CA MET F 377 8.40 71.37 -2.45
C MET F 377 9.47 71.99 -3.33
N VAL F 378 10.61 71.32 -3.54
CA VAL F 378 11.56 71.90 -4.50
C VAL F 378 11.08 71.69 -5.92
N GLY F 379 10.27 70.66 -6.18
CA GLY F 379 9.71 70.47 -7.50
C GLY F 379 8.69 71.55 -7.84
N THR F 380 7.79 71.87 -6.90
CA THR F 380 6.87 72.95 -7.19
C THR F 380 7.54 74.31 -7.08
N ALA F 381 8.69 74.41 -6.40
CA ALA F 381 9.49 75.63 -6.44
C ALA F 381 10.03 75.89 -7.84
N VAL F 382 10.62 74.86 -8.46
CA VAL F 382 11.10 75.03 -9.83
C VAL F 382 9.94 75.14 -10.81
N GLY F 383 8.78 74.58 -10.46
CA GLY F 383 7.59 74.84 -11.26
C GLY F 383 7.13 76.28 -11.19
N MET F 384 7.27 76.91 -10.03
CA MET F 384 7.05 78.35 -9.96
C MET F 384 8.16 79.14 -10.64
N CYS F 385 9.36 78.57 -10.78
CA CYS F 385 10.38 79.24 -11.59
C CYS F 385 10.01 79.19 -13.07
N VAL F 386 9.37 78.10 -13.51
CA VAL F 386 8.94 78.09 -14.90
C VAL F 386 7.67 78.93 -15.06
N CYS F 387 6.90 79.11 -13.98
CA CYS F 387 5.86 80.14 -13.98
C CYS F 387 6.46 81.53 -14.12
N ALA F 388 7.61 81.76 -13.51
CA ALA F 388 8.33 83.01 -13.71
C ALA F 388 8.91 83.10 -15.12
N ARG F 389 9.18 81.96 -15.77
CA ARG F 389 9.57 81.99 -17.17
C ARG F 389 8.37 82.39 -18.05
N ARG F 390 7.18 81.92 -17.67
CA ARG F 390 5.97 82.36 -18.35
C ARG F 390 5.72 83.84 -18.11
N ARG F 391 6.20 84.35 -16.99
CA ARG F 391 6.16 85.79 -16.78
C ARG F 391 7.37 86.53 -17.35
N CYS F 392 8.41 85.81 -17.80
CA CYS F 392 9.35 86.43 -18.73
C CYS F 392 8.68 86.61 -20.08
N ILE F 393 7.80 85.70 -20.45
CA ILE F 393 7.21 85.76 -21.78
C ILE F 393 5.94 86.60 -21.87
N THR F 394 5.24 86.84 -20.75
CA THR F 394 4.04 87.69 -20.83
C THR F 394 4.22 89.17 -21.18
N PRO F 395 5.33 89.85 -20.90
CA PRO F 395 5.55 91.16 -21.55
C PRO F 395 6.34 91.09 -22.84
N TYR F 396 6.98 89.96 -23.12
CA TYR F 396 7.83 89.80 -24.29
C TYR F 396 7.45 88.49 -24.97
N GLU F 397 6.20 88.41 -25.40
CA GLU F 397 5.82 87.29 -26.24
C GLU F 397 6.63 87.30 -27.51
N LEU F 398 6.31 88.22 -28.42
CA LEU F 398 7.16 88.62 -29.55
C LEU F 398 6.83 90.02 -30.02
N THR F 399 6.53 90.95 -29.06
CA THR F 399 6.20 92.37 -29.20
C THR F 399 6.96 92.97 -30.38
N PRO F 400 6.25 93.63 -31.33
CA PRO F 400 6.83 94.14 -32.58
C PRO F 400 8.22 94.76 -32.58
N GLY F 401 8.59 95.47 -31.51
CA GLY F 401 9.92 96.05 -31.43
C GLY F 401 11.05 95.04 -31.41
N ALA F 402 10.75 93.79 -30.99
CA ALA F 402 11.66 92.64 -31.08
C ALA F 402 12.99 92.84 -30.34
N THR F 403 13.03 93.68 -29.32
CA THR F 403 14.28 93.94 -28.62
C THR F 403 14.09 93.75 -27.11
N VAL F 404 15.18 93.30 -26.47
CA VAL F 404 15.20 93.04 -25.03
C VAL F 404 16.39 93.64 -24.27
N PRO F 405 16.63 94.97 -24.28
CA PRO F 405 17.81 95.49 -23.56
C PRO F 405 17.67 95.54 -22.04
N PHE F 406 16.47 95.83 -21.55
CA PHE F 406 16.12 95.77 -20.14
C PHE F 406 14.98 94.78 -19.97
N LEU F 407 14.97 93.77 -20.84
CA LEU F 407 13.94 92.76 -20.85
C LEU F 407 14.54 91.35 -20.85
N LEU F 408 15.71 91.18 -21.47
CA LEU F 408 16.42 89.92 -21.25
C LEU F 408 17.92 90.06 -21.03
N SER F 409 18.54 91.24 -21.22
CA SER F 409 19.99 91.31 -21.18
C SER F 409 20.50 91.12 -19.77
N LEU F 410 19.91 91.83 -18.81
CA LEU F 410 20.18 91.58 -17.41
C LEU F 410 19.28 90.50 -16.82
N LEU F 411 18.32 90.00 -17.60
CA LEU F 411 17.40 88.99 -17.07
C LEU F 411 17.86 87.58 -17.41
N CYS F 412 18.22 87.35 -18.68
CA CYS F 412 18.69 86.08 -19.26
C CYS F 412 17.90 84.88 -18.77
N CYS F 413 16.60 84.89 -19.06
CA CYS F 413 15.82 83.68 -18.80
C CYS F 413 16.24 82.61 -19.80
N VAL F 414 15.98 82.79 -21.11
CA VAL F 414 16.55 81.95 -22.16
C VAL F 414 16.85 82.87 -23.33
N ARG F 415 17.67 82.39 -24.28
CA ARG F 415 17.80 82.95 -25.64
C ARG F 415 18.43 84.34 -25.67
N THR F 416 19.39 84.60 -24.80
CA THR F 416 19.99 85.92 -24.69
C THR F 416 20.88 86.18 -25.90
N THR F 417 20.50 87.15 -26.74
CA THR F 417 21.11 87.36 -28.05
C THR F 417 22.31 88.31 -27.97
N LYS F 418 22.07 89.57 -27.64
CA LYS F 418 22.98 90.67 -27.91
C LYS F 418 23.27 91.39 -26.61
N ALA F 419 24.55 91.45 -26.24
CA ALA F 419 25.02 92.35 -25.20
C ALA F 419 26.46 92.75 -25.47
N ASN G 1 -6.56 97.74 -48.56
CA ASN G 1 -6.25 96.33 -48.77
C ASN G 1 -4.84 96.22 -49.32
N ASP G 2 -3.85 96.28 -48.43
CA ASP G 2 -2.47 95.99 -48.80
C ASP G 2 -1.88 94.79 -48.07
N CYS G 3 -1.93 94.78 -46.74
CA CYS G 3 -1.37 93.68 -45.93
C CYS G 3 -2.38 93.08 -44.95
N ILE G 4 -3.52 92.59 -45.42
CA ILE G 4 -4.57 92.08 -44.54
C ILE G 4 -4.86 90.63 -44.89
N PHE G 5 -4.95 89.76 -43.88
CA PHE G 5 -5.10 88.32 -44.09
C PHE G 5 -6.23 87.75 -43.24
N GLU G 6 -7.01 86.85 -43.83
CA GLU G 6 -8.18 86.24 -43.20
C GLU G 6 -7.83 85.26 -42.08
N VAL G 7 -8.90 84.71 -41.49
CA VAL G 7 -8.96 83.51 -40.67
C VAL G 7 -10.42 83.04 -40.67
N LYS G 8 -10.67 81.77 -40.94
CA LYS G 8 -12.04 81.28 -41.04
C LYS G 8 -12.31 80.08 -40.14
N HIS G 9 -13.52 80.03 -39.60
CA HIS G 9 -13.99 78.99 -38.69
C HIS G 9 -15.41 78.62 -39.11
N GLU G 10 -15.63 77.31 -39.30
CA GLU G 10 -16.84 76.65 -39.81
C GLU G 10 -17.58 77.45 -40.88
N GLY G 11 -16.87 77.80 -41.95
CA GLY G 11 -17.46 78.51 -43.06
C GLY G 11 -17.53 80.02 -42.90
N LYS G 12 -17.55 80.53 -41.69
CA LYS G 12 -17.69 81.96 -41.45
C LYS G 12 -16.32 82.55 -41.17
N VAL G 13 -16.05 83.73 -41.74
CA VAL G 13 -14.82 84.41 -41.40
C VAL G 13 -14.92 84.83 -39.93
N MET G 14 -13.81 84.88 -39.24
CA MET G 14 -13.86 85.08 -37.80
C MET G 14 -12.96 86.22 -37.40
N GLY G 15 -12.92 87.24 -38.23
CA GLY G 15 -11.92 88.25 -38.12
C GLY G 15 -10.72 87.92 -39.00
N TYR G 16 -9.61 88.56 -38.65
CA TYR G 16 -8.40 88.59 -39.45
C TYR G 16 -7.18 88.41 -38.57
N ALA G 17 -6.11 87.88 -39.16
CA ALA G 17 -4.83 87.83 -38.49
C ALA G 17 -3.87 88.63 -39.35
N CYS G 18 -2.84 89.19 -38.73
CA CYS G 18 -1.96 90.08 -39.47
C CYS G 18 -0.50 89.82 -39.17
N LEU G 19 0.34 89.88 -40.20
CA LEU G 19 1.77 89.79 -39.98
C LEU G 19 2.26 91.23 -39.88
N VAL G 20 2.91 91.53 -38.76
CA VAL G 20 3.34 92.89 -38.39
C VAL G 20 4.75 92.80 -37.83
N GLY G 21 5.68 93.50 -38.47
CA GLY G 21 7.09 93.38 -38.12
C GLY G 21 7.52 91.96 -38.40
N ASP G 22 8.03 91.30 -37.36
CA ASP G 22 8.39 89.90 -37.40
C ASP G 22 7.37 89.04 -36.66
N LYS G 23 6.15 89.53 -36.54
CA LYS G 23 5.10 88.94 -35.72
C LYS G 23 3.94 88.42 -36.55
N VAL G 24 3.38 87.28 -36.15
CA VAL G 24 2.07 86.83 -36.63
C VAL G 24 1.10 87.14 -35.50
N MET G 25 0.09 87.94 -35.75
CA MET G 25 -0.75 88.40 -34.67
C MET G 25 -2.19 88.01 -34.87
N LYS G 26 -2.81 87.54 -33.80
CA LYS G 26 -4.22 87.14 -33.81
C LYS G 26 -4.77 87.23 -32.41
N PRO G 27 -5.98 87.74 -32.24
CA PRO G 27 -6.66 87.67 -30.94
C PRO G 27 -6.93 86.23 -30.54
N ALA G 28 -6.72 85.92 -29.26
CA ALA G 28 -6.89 84.56 -28.78
C ALA G 28 -8.36 84.15 -28.82
N HIS G 29 -9.27 85.12 -28.70
CA HIS G 29 -10.70 84.85 -28.62
C HIS G 29 -11.26 84.43 -29.96
N VAL G 30 -10.54 84.70 -31.05
CA VAL G 30 -10.93 84.22 -32.38
C VAL G 30 -10.78 82.71 -32.39
N LYS G 31 -11.91 82.02 -32.44
CA LYS G 31 -11.90 80.57 -32.44
C LYS G 31 -11.63 80.05 -33.84
N GLY G 32 -11.08 78.85 -33.90
CA GLY G 32 -10.90 78.16 -35.16
C GLY G 32 -9.45 78.16 -35.58
N THR G 33 -9.23 77.81 -36.84
CA THR G 33 -7.91 77.64 -37.39
C THR G 33 -7.79 78.41 -38.69
N ILE G 34 -6.62 79.04 -38.89
CA ILE G 34 -6.36 79.71 -40.15
C ILE G 34 -6.33 78.71 -41.29
N ASP G 35 -7.08 79.01 -42.35
CA ASP G 35 -7.25 78.10 -43.47
C ASP G 35 -6.13 78.23 -44.49
N ASN G 36 -4.93 78.57 -44.04
CA ASN G 36 -3.74 78.58 -44.88
C ASN G 36 -2.70 77.82 -44.08
N ALA G 37 -2.17 76.74 -44.66
CA ALA G 37 -1.41 75.74 -43.92
C ALA G 37 -0.08 76.23 -43.36
N ASP G 38 0.54 77.24 -43.97
CA ASP G 38 1.81 77.75 -43.46
C ASP G 38 1.65 78.39 -42.08
N LEU G 39 0.53 79.08 -41.84
CA LEU G 39 0.29 79.74 -40.56
C LEU G 39 -0.12 78.76 -39.46
N ALA G 40 -1.00 77.80 -39.76
CA ALA G 40 -1.58 76.93 -38.73
C ALA G 40 -0.56 76.07 -37.97
N LYS G 41 0.67 75.93 -38.45
CA LYS G 41 1.62 75.02 -37.83
C LYS G 41 2.69 75.69 -36.97
N LEU G 42 2.65 77.01 -36.79
CA LEU G 42 3.68 77.62 -35.97
C LEU G 42 3.43 77.38 -34.50
N ALA G 43 4.48 77.52 -33.71
CA ALA G 43 4.36 77.51 -32.25
C ALA G 43 3.71 78.80 -31.78
N PHE G 44 2.51 78.68 -31.22
CA PHE G 44 1.75 79.82 -30.74
C PHE G 44 1.81 79.88 -29.22
N LYS G 45 2.01 81.08 -28.67
CA LYS G 45 1.96 81.28 -27.23
C LYS G 45 0.73 82.10 -26.89
N ARG G 46 0.01 81.67 -25.86
CA ARG G 46 -1.19 82.35 -25.41
C ARG G 46 -0.88 83.31 -24.27
N SER G 47 -1.52 84.47 -24.32
CA SER G 47 -1.56 85.38 -23.18
C SER G 47 -3.03 85.69 -22.92
N SER G 48 -3.52 85.27 -21.75
CA SER G 48 -4.91 85.48 -21.41
C SER G 48 -5.21 86.92 -21.06
N LYS G 49 -4.28 87.60 -20.37
CA LYS G 49 -4.45 89.00 -20.00
C LYS G 49 -4.69 89.88 -21.21
N TYR G 50 -3.97 89.61 -22.31
CA TYR G 50 -4.05 90.44 -23.48
C TYR G 50 -4.91 89.82 -24.58
N ASP G 51 -5.46 88.62 -24.34
CA ASP G 51 -6.17 87.83 -25.36
C ASP G 51 -5.35 87.65 -26.63
N LEU G 52 -4.09 87.29 -26.48
CA LEU G 52 -3.21 87.28 -27.64
C LEU G 52 -2.70 85.88 -27.92
N GLU G 53 -2.59 85.54 -29.21
CA GLU G 53 -1.95 84.29 -29.65
C GLU G 53 -0.77 84.70 -30.51
N CYS G 54 0.41 84.12 -30.25
CA CYS G 54 1.62 84.63 -30.87
C CYS G 54 2.40 83.58 -31.65
N ALA G 55 3.01 84.04 -32.75
CA ALA G 55 3.90 83.21 -33.57
C ALA G 55 4.94 84.05 -34.29
N GLN G 56 6.08 83.42 -34.54
CA GLN G 56 7.15 83.98 -35.35
C GLN G 56 6.84 83.78 -36.83
N ILE G 57 6.94 84.86 -37.60
CA ILE G 57 6.73 84.80 -39.06
C ILE G 57 7.73 83.85 -39.71
N PRO G 58 7.30 82.93 -40.57
CA PRO G 58 8.23 82.10 -41.34
C PRO G 58 8.96 82.95 -42.37
N VAL G 59 10.11 82.42 -42.83
CA VAL G 59 11.01 83.16 -43.71
C VAL G 59 10.31 83.55 -45.02
N HIS G 60 9.49 82.65 -45.56
CA HIS G 60 8.83 82.82 -46.85
C HIS G 60 7.76 83.90 -46.86
N MET G 61 7.48 84.53 -45.72
CA MET G 61 6.52 85.60 -45.63
C MET G 61 7.17 86.89 -45.18
N LYS G 62 8.47 86.85 -44.83
CA LYS G 62 9.20 88.00 -44.31
C LYS G 62 9.11 89.22 -45.22
N SER G 63 9.16 89.00 -46.55
CA SER G 63 9.14 90.13 -47.46
C SER G 63 7.73 90.68 -47.66
N ASP G 64 6.72 90.07 -47.07
CA ASP G 64 5.35 90.55 -47.12
C ASP G 64 4.96 91.45 -45.95
N ALA G 65 5.85 91.67 -44.97
CA ALA G 65 5.40 92.30 -43.74
C ALA G 65 5.20 93.80 -43.89
N SER G 66 4.29 94.31 -43.06
CA SER G 66 4.04 95.74 -42.93
C SER G 66 5.06 96.40 -42.00
N LYS G 67 5.48 97.61 -42.37
CA LYS G 67 6.25 98.43 -41.44
C LYS G 67 5.33 98.90 -40.29
N PHE G 68 5.96 99.23 -39.16
CA PHE G 68 5.23 99.69 -37.98
C PHE G 68 6.01 100.83 -37.36
N THR G 69 5.42 101.46 -36.34
CA THR G 69 6.16 102.41 -35.53
C THR G 69 5.59 102.44 -34.12
N HIS G 70 6.48 102.71 -33.16
CA HIS G 70 6.12 102.84 -31.76
C HIS G 70 5.54 104.19 -31.40
N GLU G 71 5.84 105.22 -32.18
CA GLU G 71 5.47 106.60 -31.88
C GLU G 71 4.08 106.87 -32.45
N LYS G 72 3.12 107.21 -31.58
CA LYS G 72 1.77 107.54 -32.01
C LYS G 72 1.35 108.93 -31.52
N PRO G 73 1.62 109.97 -32.30
CA PRO G 73 1.07 111.29 -32.01
C PRO G 73 -0.43 111.33 -32.18
N GLU G 74 -1.04 112.29 -31.49
CA GLU G 74 -2.46 112.59 -31.64
C GLU G 74 -2.79 113.01 -33.06
N GLY G 75 -3.97 112.59 -33.53
CA GLY G 75 -4.43 112.95 -34.87
C GLY G 75 -5.45 111.96 -35.38
N TYR G 76 -5.49 111.79 -36.69
CA TYR G 76 -6.36 110.82 -37.33
C TYR G 76 -5.51 109.68 -37.87
N TYR G 77 -6.08 108.49 -37.87
CA TYR G 77 -5.39 107.33 -38.40
C TYR G 77 -6.33 106.64 -39.37
N ASN G 78 -5.87 105.56 -39.96
CA ASN G 78 -6.63 104.86 -40.99
C ASN G 78 -6.91 103.43 -40.59
N TRP G 79 -8.08 102.94 -40.97
CA TRP G 79 -8.34 101.53 -41.08
C TRP G 79 -9.19 101.31 -42.31
N HIS G 80 -9.48 100.03 -42.58
CA HIS G 80 -10.13 99.60 -43.82
C HIS G 80 -11.46 100.30 -44.08
N HIS G 81 -12.17 100.69 -43.02
CA HIS G 81 -13.50 101.27 -43.13
C HIS G 81 -13.46 102.78 -42.99
N GLY G 82 -12.27 103.38 -42.91
CA GLY G 82 -12.19 104.82 -42.89
C GLY G 82 -11.27 105.41 -41.83
N ALA G 83 -11.65 106.58 -41.33
CA ALA G 83 -10.85 107.31 -40.37
C ALA G 83 -11.08 106.80 -38.95
N VAL G 84 -10.02 106.88 -38.14
CA VAL G 84 -10.07 106.53 -36.72
C VAL G 84 -9.44 107.67 -35.95
N GLN G 85 -10.20 108.32 -35.08
CA GLN G 85 -9.66 109.45 -34.34
C GLN G 85 -8.89 108.97 -33.12
N TYR G 86 -7.67 109.46 -32.97
CA TYR G 86 -6.89 109.31 -31.74
C TYR G 86 -6.63 110.67 -31.14
N SER G 87 -7.16 110.89 -29.93
CA SER G 87 -6.90 112.11 -29.21
C SER G 87 -7.21 111.89 -27.74
N GLY G 88 -6.42 112.52 -26.88
CA GLY G 88 -6.66 112.37 -25.46
C GLY G 88 -6.33 111.01 -24.89
N GLY G 89 -5.61 110.18 -25.64
CA GLY G 89 -5.41 108.85 -25.16
C GLY G 89 -6.58 107.95 -25.48
N ARG G 90 -7.48 108.40 -26.36
CA ARG G 90 -8.64 107.62 -26.72
C ARG G 90 -8.80 107.60 -28.24
N PHE G 91 -8.89 106.41 -28.78
CA PHE G 91 -9.24 106.14 -30.16
C PHE G 91 -10.72 105.77 -30.30
N THR G 92 -11.38 106.43 -31.24
CA THR G 92 -12.80 106.30 -31.51
C THR G 92 -13.05 106.26 -33.01
N ILE G 93 -14.24 105.79 -33.38
CA ILE G 93 -14.68 105.65 -34.77
C ILE G 93 -16.16 105.98 -34.85
N PRO G 94 -16.66 106.32 -36.05
CA PRO G 94 -18.11 106.49 -36.22
C PRO G 94 -18.87 105.21 -35.90
N THR G 95 -19.93 105.34 -35.12
CA THR G 95 -20.81 104.22 -34.82
C THR G 95 -21.38 103.60 -36.10
N GLY G 96 -21.17 102.30 -36.26
CA GLY G 96 -21.55 101.59 -37.46
C GLY G 96 -20.41 101.26 -38.39
N ALA G 97 -19.25 101.91 -38.22
CA ALA G 97 -18.07 101.57 -39.02
C ALA G 97 -17.54 100.19 -38.68
N GLY G 98 -17.84 99.67 -37.49
CA GLY G 98 -17.33 98.38 -37.06
C GLY G 98 -18.48 97.46 -36.70
N LYS G 99 -18.28 96.18 -36.96
CA LYS G 99 -19.28 95.14 -36.78
C LYS G 99 -18.53 93.86 -36.45
N PRO G 100 -19.23 92.82 -35.91
CA PRO G 100 -18.61 91.49 -35.77
C PRO G 100 -17.91 91.00 -37.02
N GLY G 101 -16.59 90.76 -36.92
CA GLY G 101 -15.78 90.38 -38.05
C GLY G 101 -14.59 91.29 -38.28
N ASP G 102 -14.69 92.56 -37.86
CA ASP G 102 -13.60 93.48 -38.11
C ASP G 102 -12.46 93.41 -37.11
N SER G 103 -12.57 92.61 -36.04
CA SER G 103 -11.44 92.44 -35.12
C SER G 103 -10.30 91.76 -35.87
N GLY G 104 -9.12 92.37 -35.83
CA GLY G 104 -7.98 91.85 -36.56
C GLY G 104 -7.48 92.77 -37.65
N ARG G 105 -8.32 93.66 -38.15
CA ARG G 105 -7.86 94.72 -39.05
C ARG G 105 -6.78 95.54 -38.36
N PRO G 106 -5.68 95.86 -39.02
CA PRO G 106 -4.70 96.73 -38.39
C PRO G 106 -5.14 98.18 -38.53
N ILE G 107 -4.68 99.00 -37.60
CA ILE G 107 -4.85 100.44 -37.69
C ILE G 107 -3.47 101.03 -37.97
N PHE G 108 -3.39 101.89 -38.97
CA PHE G 108 -2.12 102.41 -39.43
C PHE G 108 -2.19 103.90 -39.63
N ASP G 109 -1.01 104.51 -39.58
CA ASP G 109 -0.83 105.95 -39.69
C ASP G 109 -0.75 106.44 -41.13
N ASN G 110 -0.40 107.71 -41.27
CA ASN G 110 -0.32 108.39 -42.56
C ASN G 110 0.87 107.93 -43.39
N LYS G 111 1.87 107.29 -42.77
CA LYS G 111 2.99 106.73 -43.50
C LYS G 111 2.83 105.23 -43.72
N GLY G 112 1.65 104.70 -43.45
CA GLY G 112 1.34 103.31 -43.68
C GLY G 112 1.92 102.37 -42.65
N ARG G 113 2.44 102.91 -41.55
CA ARG G 113 2.99 102.09 -40.48
C ARG G 113 1.86 101.73 -39.53
N VAL G 114 1.63 100.44 -39.32
CA VAL G 114 0.63 100.00 -38.36
C VAL G 114 1.07 100.37 -36.94
N VAL G 115 0.14 100.96 -36.19
CA VAL G 115 0.42 101.33 -34.81
C VAL G 115 -0.37 100.54 -33.80
N ALA G 116 -1.49 99.93 -34.19
CA ALA G 116 -2.31 99.21 -33.22
C ALA G 116 -3.17 98.18 -33.94
N ILE G 117 -3.65 97.22 -33.15
CA ILE G 117 -4.60 96.21 -33.61
C ILE G 117 -5.89 96.30 -32.80
N VAL G 118 -7.02 96.21 -33.49
CA VAL G 118 -8.33 96.32 -32.85
C VAL G 118 -8.75 94.98 -32.24
N LEU G 119 -9.20 95.00 -30.99
CA LEU G 119 -9.79 93.81 -30.43
C LEU G 119 -11.30 93.94 -30.31
N GLY G 120 -11.81 95.15 -30.18
CA GLY G 120 -13.24 95.32 -29.96
C GLY G 120 -13.55 96.76 -29.62
N GLY G 121 -14.80 97.00 -29.21
CA GLY G 121 -15.21 98.38 -29.02
C GLY G 121 -16.40 98.56 -28.10
N ALA G 122 -16.49 99.77 -27.55
CA ALA G 122 -17.55 100.21 -26.66
C ALA G 122 -18.32 101.34 -27.32
N ASN G 123 -19.59 101.11 -27.59
CA ASN G 123 -20.44 102.16 -28.14
C ASN G 123 -20.71 103.22 -27.05
N GLU G 124 -20.40 104.49 -27.37
CA GLU G 124 -20.68 105.59 -26.44
C GLU G 124 -21.70 106.56 -27.02
N GLY G 125 -22.64 106.04 -27.81
CA GLY G 125 -23.62 106.88 -28.45
C GLY G 125 -23.29 107.19 -29.91
N ALA G 126 -22.99 108.45 -30.21
CA ALA G 126 -22.71 108.86 -31.59
C ALA G 126 -21.48 108.17 -32.16
N ARG G 127 -20.44 107.99 -31.34
CA ARG G 127 -19.22 107.31 -31.76
C ARG G 127 -18.97 106.10 -30.87
N THR G 128 -18.00 105.28 -31.29
CA THR G 128 -17.61 104.08 -30.57
C THR G 128 -16.12 104.16 -30.26
N ALA G 129 -15.76 104.06 -28.97
CA ALA G 129 -14.37 104.03 -28.53
C ALA G 129 -13.86 102.60 -28.50
N LEU G 130 -12.76 102.35 -29.16
CA LEU G 130 -12.27 100.98 -29.31
C LEU G 130 -11.48 100.51 -28.11
N SER G 131 -11.67 99.26 -27.74
CA SER G 131 -10.70 98.56 -26.90
C SER G 131 -9.65 97.95 -27.82
N VAL G 132 -8.38 98.24 -27.52
CA VAL G 132 -7.25 97.90 -28.39
C VAL G 132 -6.05 97.55 -27.53
N VAL G 133 -5.16 96.71 -28.05
CA VAL G 133 -3.83 96.52 -27.49
C VAL G 133 -2.83 97.18 -28.43
N THR G 134 -1.86 97.87 -27.84
CA THR G 134 -0.87 98.64 -28.59
C THR G 134 0.34 98.84 -27.68
N TRP G 135 1.33 99.56 -28.18
CA TRP G 135 2.66 99.46 -27.61
C TRP G 135 2.98 100.71 -26.80
N ASN G 136 3.61 100.50 -25.65
CA ASN G 136 4.10 101.58 -24.81
C ASN G 136 5.39 101.10 -24.18
N LYS G 137 6.48 101.86 -24.41
CA LYS G 137 7.86 101.49 -24.08
C LYS G 137 8.18 100.10 -24.65
N ASP G 138 7.75 99.90 -25.91
CA ASP G 138 7.91 98.70 -26.73
C ASP G 138 7.20 97.48 -26.15
N ILE G 139 6.34 97.66 -25.14
CA ILE G 139 5.64 96.55 -24.51
C ILE G 139 4.17 96.64 -24.87
N VAL G 140 3.58 95.51 -25.30
CA VAL G 140 2.16 95.46 -25.60
C VAL G 140 1.35 95.67 -24.32
N THR G 141 0.28 96.46 -24.45
CA THR G 141 -0.57 96.81 -23.32
C THR G 141 -1.98 96.90 -23.86
N LYS G 142 -2.92 96.42 -23.07
CA LYS G 142 -4.34 96.48 -23.40
C LYS G 142 -5.00 97.70 -22.77
N ILE G 143 -5.65 98.50 -23.60
CA ILE G 143 -6.46 99.63 -23.16
C ILE G 143 -7.89 99.29 -23.53
N THR G 144 -8.74 99.20 -22.52
CA THR G 144 -10.14 98.85 -22.68
C THR G 144 -11.06 99.87 -22.03
N PRO G 145 -11.81 100.64 -22.80
CA PRO G 145 -12.84 101.47 -22.19
C PRO G 145 -13.97 100.59 -21.69
N GLU G 146 -14.61 101.06 -20.61
CA GLU G 146 -15.77 100.41 -20.01
C GLU G 146 -16.85 100.06 -21.02
N GLY G 147 -17.42 98.87 -20.89
CA GLY G 147 -18.52 98.45 -21.74
C GLY G 147 -18.14 98.08 -23.14
N ALA G 148 -16.97 97.46 -23.35
CA ALA G 148 -16.53 97.13 -24.70
C ALA G 148 -17.02 95.77 -25.16
N GLU G 149 -17.45 95.72 -26.41
CA GLU G 149 -17.88 94.51 -27.09
C GLU G 149 -16.84 94.13 -28.14
N GLU G 150 -16.58 92.82 -28.26
CA GLU G 150 -15.69 92.31 -29.29
C GLU G 150 -16.27 92.49 -30.69
N TRP G 151 -15.38 92.77 -31.65
CA TRP G 151 -15.83 92.98 -33.02
C TRP G 151 -15.45 91.79 -33.88
N TYR H 1 66.36 5.13 -24.62
CA TYR H 1 65.97 6.53 -24.52
C TYR H 1 65.29 6.87 -23.21
N GLU H 2 65.12 8.17 -22.98
CA GLU H 2 64.41 8.67 -21.83
C GLU H 2 63.00 8.95 -22.34
N HIS H 3 62.02 8.20 -21.84
CA HIS H 3 60.65 8.27 -22.31
C HIS H 3 59.78 8.96 -21.27
N VAL H 4 59.11 10.04 -21.67
CA VAL H 4 58.24 10.82 -20.79
C VAL H 4 56.81 10.64 -21.25
N THR H 5 55.93 10.21 -20.33
CA THR H 5 54.54 10.05 -20.70
C THR H 5 53.69 10.52 -19.52
N VAL H 6 52.41 10.81 -19.77
CA VAL H 6 51.48 11.25 -18.77
C VAL H 6 50.25 10.34 -18.84
N ILE H 7 49.90 9.71 -17.72
CA ILE H 7 48.74 8.84 -17.70
C ILE H 7 47.71 9.35 -16.71
N PRO H 8 46.41 9.17 -16.95
CA PRO H 8 45.42 9.65 -15.99
C PRO H 8 45.44 8.83 -14.71
N ASN H 9 45.14 9.52 -13.61
CA ASN H 9 45.09 8.91 -12.27
C ASN H 9 43.78 8.15 -12.10
N THR H 10 43.71 6.99 -12.75
CA THR H 10 42.52 6.15 -12.69
C THR H 10 42.93 4.71 -12.48
N VAL H 11 42.41 4.09 -11.44
CA VAL H 11 42.77 2.73 -11.06
C VAL H 11 42.01 1.75 -11.95
N GLY H 12 42.68 0.67 -12.35
CA GLY H 12 42.10 -0.39 -13.15
C GLY H 12 42.04 -0.17 -14.63
N VAL H 13 42.76 0.80 -15.17
CA VAL H 13 42.80 0.96 -16.62
C VAL H 13 44.26 0.89 -17.07
N PRO H 14 44.65 -0.17 -17.78
CA PRO H 14 46.04 -0.31 -18.22
C PRO H 14 46.35 0.57 -19.42
N TYR H 15 47.42 1.34 -19.34
CA TYR H 15 47.82 2.18 -20.47
C TYR H 15 49.14 1.72 -21.09
N LYS H 16 49.14 1.65 -22.41
CA LYS H 16 50.27 1.22 -23.20
C LYS H 16 50.97 2.44 -23.80
N THR H 17 52.29 2.45 -23.71
CA THR H 17 53.11 3.57 -24.18
C THR H 17 54.11 3.10 -25.22
N LEU H 18 54.15 3.82 -26.34
CA LEU H 18 55.01 3.51 -27.47
C LEU H 18 56.31 4.30 -27.40
N VAL H 19 57.42 3.58 -27.25
CA VAL H 19 58.77 4.12 -27.23
C VAL H 19 59.36 3.94 -28.62
N ASN H 20 59.68 5.04 -29.29
CA ASN H 20 60.19 5.01 -30.66
C ASN H 20 61.63 5.51 -30.71
N ARG H 21 62.56 4.58 -30.66
CA ARG H 21 63.98 4.88 -30.81
C ARG H 21 64.35 4.74 -32.28
N PRO H 22 64.89 5.79 -32.92
CA PRO H 22 65.24 5.72 -34.35
C PRO H 22 66.25 4.63 -34.67
N GLY H 23 65.92 3.82 -35.67
CA GLY H 23 66.74 2.71 -36.07
C GLY H 23 66.51 1.46 -35.26
N TYR H 24 65.53 1.49 -34.37
CA TYR H 24 65.21 0.36 -33.50
C TYR H 24 63.73 0.08 -33.54
N SER H 25 63.39 -1.19 -33.35
CA SER H 25 62.02 -1.64 -33.31
C SER H 25 61.28 -0.94 -32.17
N PRO H 26 60.05 -0.49 -32.40
CA PRO H 26 59.29 0.20 -31.34
C PRO H 26 59.06 -0.71 -30.14
N MET H 27 58.96 -0.10 -28.97
CA MET H 27 58.75 -0.85 -27.75
C MET H 27 57.49 -0.36 -27.05
N VAL H 28 56.60 -1.29 -26.70
CA VAL H 28 55.36 -0.93 -26.03
C VAL H 28 55.47 -1.39 -24.59
N LEU H 29 55.26 -0.46 -23.68
CA LEU H 29 55.30 -0.76 -22.26
C LEU H 29 53.90 -0.57 -21.70
N GLU H 30 53.43 -1.58 -20.99
CA GLU H 30 52.12 -1.54 -20.37
C GLU H 30 52.26 -1.21 -18.89
N MET H 31 51.65 -0.12 -18.45
CA MET H 31 51.69 0.27 -17.05
C MET H 31 50.29 0.46 -16.52
N GLU H 32 50.06 -0.06 -15.31
CA GLU H 32 48.77 0.08 -14.65
C GLU H 32 49.07 0.39 -13.19
N LEU H 33 48.52 1.51 -12.70
CA LEU H 33 48.70 1.88 -11.30
C LEU H 33 47.72 1.10 -10.43
N GLN H 34 48.25 0.37 -9.46
CA GLN H 34 47.42 -0.41 -8.56
C GLN H 34 46.76 0.48 -7.52
N SER H 35 47.53 1.35 -6.87
CA SER H 35 47.00 2.13 -5.77
C SER H 35 47.77 3.43 -5.65
N VAL H 36 47.05 4.50 -5.31
CA VAL H 36 47.62 5.82 -5.12
C VAL H 36 47.17 6.30 -3.74
N THR H 37 48.10 6.40 -2.82
CA THR H 37 47.78 6.79 -1.45
C THR H 37 48.26 8.21 -1.16
N LEU H 38 47.40 8.99 -0.52
CA LEU H 38 47.67 10.36 -0.12
C LEU H 38 47.67 10.39 1.40
N GLU H 39 48.86 10.35 1.98
CA GLU H 39 49.00 10.37 3.43
C GLU H 39 49.31 11.80 3.83
N PRO H 40 48.38 12.52 4.44
CA PRO H 40 48.67 13.91 4.80
C PRO H 40 49.53 14.00 6.05
N THR H 41 50.20 15.15 6.17
CA THR H 41 51.03 15.40 7.34
C THR H 41 50.11 15.73 8.49
N LEU H 42 50.23 14.98 9.57
CA LEU H 42 49.35 15.15 10.71
C LEU H 42 50.09 15.92 11.79
N SER H 43 49.35 16.78 12.48
CA SER H 43 49.85 17.57 13.59
C SER H 43 48.82 17.43 14.71
N LEU H 44 49.17 16.68 15.75
CA LEU H 44 48.23 16.44 16.83
C LEU H 44 47.97 17.73 17.58
N ASP H 45 46.74 18.23 17.49
CA ASP H 45 46.41 19.41 18.26
C ASP H 45 46.04 19.05 19.69
N TYR H 46 45.05 18.16 19.85
CA TYR H 46 44.63 17.78 21.20
C TYR H 46 43.77 16.54 21.15
N ILE H 47 43.48 16.00 22.33
CA ILE H 47 42.58 14.87 22.49
C ILE H 47 41.39 15.32 23.34
N THR H 48 40.23 14.71 23.07
CA THR H 48 39.03 14.93 23.85
C THR H 48 38.44 13.56 24.20
N CYS H 49 37.73 13.52 25.34
CA CYS H 49 37.17 12.26 25.84
C CYS H 49 36.06 12.57 26.83
N GLU H 50 35.57 11.52 27.47
CA GLU H 50 34.54 11.61 28.50
C GLU H 50 35.10 12.11 29.82
N TYR H 51 34.37 13.00 30.46
CA TYR H 51 34.80 13.50 31.77
C TYR H 51 34.26 12.60 32.88
N LYS H 52 34.78 12.83 34.09
CA LYS H 52 34.37 12.18 35.31
C LYS H 52 34.16 13.28 36.34
N THR H 53 32.96 13.35 36.91
CA THR H 53 32.66 14.37 37.90
C THR H 53 33.00 13.87 39.30
N VAL H 54 34.15 14.30 39.82
CA VAL H 54 34.58 13.88 41.15
C VAL H 54 33.82 14.74 42.15
N ILE H 55 32.93 14.11 42.89
CA ILE H 55 32.08 14.75 43.89
C ILE H 55 32.36 14.11 45.26
N PRO H 56 33.05 14.79 46.14
CA PRO H 56 33.30 14.22 47.47
C PRO H 56 32.09 14.40 48.38
N SER H 57 32.23 13.89 49.59
CA SER H 57 31.19 14.01 50.61
C SER H 57 31.03 15.47 51.00
N PRO H 58 29.81 15.98 51.11
CA PRO H 58 29.62 17.40 51.44
C PRO H 58 30.03 17.69 52.87
N TYR H 59 30.68 18.83 53.05
CA TYR H 59 31.19 19.26 54.36
C TYR H 59 30.05 19.91 55.11
N VAL H 60 29.43 19.19 56.03
CA VAL H 60 28.35 19.74 56.83
C VAL H 60 28.98 20.40 58.06
N LYS H 61 28.95 21.73 58.09
CA LYS H 61 29.51 22.47 59.22
C LYS H 61 28.39 22.65 60.24
N CYS H 62 28.49 21.87 61.30
CA CYS H 62 27.51 21.85 62.37
C CYS H 62 27.78 22.99 63.36
N CYS H 63 26.72 23.75 63.70
CA CYS H 63 26.81 24.87 64.65
C CYS H 63 27.81 25.95 64.25
N GLY H 64 28.09 26.07 62.96
CA GLY H 64 29.04 27.06 62.50
C GLY H 64 28.76 27.46 61.07
N THR H 65 29.55 28.42 60.59
CA THR H 65 29.44 28.93 59.23
C THR H 65 30.67 28.45 58.48
N ALA H 66 30.45 27.69 57.40
CA ALA H 66 31.55 27.17 56.60
C ALA H 66 32.09 28.23 55.65
N GLU H 67 33.36 28.06 55.28
CA GLU H 67 34.08 28.99 54.43
C GLU H 67 34.69 28.25 53.25
N CYS H 68 34.48 28.77 52.05
CA CYS H 68 35.04 28.20 50.82
C CYS H 68 36.53 28.51 50.72
N LYS H 69 37.31 27.48 50.39
CA LYS H 69 38.75 27.63 50.18
C LYS H 69 39.01 27.62 48.69
N ASP H 70 39.76 28.62 48.22
CA ASP H 70 40.04 28.80 46.79
C ASP H 70 41.11 27.82 46.32
N LYS H 71 40.70 26.81 45.56
CA LYS H 71 41.61 25.85 44.97
C LYS H 71 41.72 26.13 43.47
N SER H 72 42.85 25.74 42.88
CA SER H 72 43.02 25.89 41.43
C SER H 72 42.63 24.63 40.67
N LEU H 73 41.45 24.05 40.97
CA LEU H 73 40.97 22.91 40.20
C LEU H 73 40.14 23.36 38.99
N PRO H 74 40.15 22.59 37.89
CA PRO H 74 39.36 22.98 36.72
C PRO H 74 37.87 22.83 37.00
N ASP H 75 37.12 23.90 36.71
CA ASP H 75 35.68 24.00 36.97
C ASP H 75 35.35 23.73 38.43
N TYR H 76 36.20 24.22 39.31
CA TYR H 76 36.04 24.06 40.75
C TYR H 76 34.78 24.78 41.21
N SER H 77 33.89 24.06 41.89
CA SER H 77 32.64 24.67 42.32
C SER H 77 32.42 24.42 43.81
N CYS H 78 32.12 25.51 44.53
CA CYS H 78 31.81 25.44 45.95
C CYS H 78 30.68 26.41 46.26
N LYS H 79 29.77 25.95 47.12
CA LYS H 79 28.64 26.77 47.53
C LYS H 79 28.26 26.40 48.96
N VAL H 80 28.12 27.41 49.80
CA VAL H 80 27.74 27.22 51.19
C VAL H 80 26.27 27.63 51.35
N PHE H 81 25.44 26.67 51.74
CA PHE H 81 24.01 26.88 51.94
C PHE H 81 23.73 26.95 53.43
N THR H 82 23.10 28.03 53.84
CA THR H 82 22.79 28.27 55.25
C THR H 82 21.42 27.72 55.62
N GLY H 83 21.26 27.45 56.91
CA GLY H 83 20.00 26.97 57.46
C GLY H 83 19.62 25.56 57.04
N VAL H 84 20.60 24.70 56.90
CA VAL H 84 20.35 23.31 56.52
C VAL H 84 20.23 22.50 57.80
N TYR H 85 19.29 21.56 57.83
CA TYR H 85 19.08 20.71 59.00
C TYR H 85 18.94 19.28 58.53
N PRO H 86 20.06 18.62 58.24
CA PRO H 86 20.00 17.28 57.63
C PRO H 86 19.59 16.20 58.61
N PHE H 87 18.85 15.23 58.08
CA PHE H 87 18.33 14.12 58.86
C PHE H 87 18.98 12.82 58.45
N MET H 88 19.28 12.00 59.45
CA MET H 88 19.84 10.68 59.23
C MET H 88 18.79 9.69 59.72
N TRP H 89 19.17 8.41 59.78
CA TRP H 89 18.27 7.35 60.25
C TRP H 89 17.69 7.66 61.62
N GLY H 90 18.54 8.10 62.55
CA GLY H 90 18.10 8.37 63.89
C GLY H 90 17.95 9.84 64.19
N GLY H 91 17.51 10.62 63.22
CA GLY H 91 17.29 12.03 63.46
C GLY H 91 18.36 12.95 62.89
N ALA H 92 18.41 14.13 63.48
CA ALA H 92 19.31 15.19 63.06
C ALA H 92 20.78 14.88 63.31
N TYR H 93 21.60 15.18 62.32
CA TYR H 93 23.03 15.02 62.47
C TYR H 93 23.59 16.11 63.37
N CYS H 94 22.95 17.28 63.37
CA CYS H 94 23.40 18.44 64.13
C CYS H 94 22.60 18.64 65.41
N PHE H 95 23.31 19.10 66.45
CA PHE H 95 22.68 19.43 67.71
C PHE H 95 22.00 20.80 67.65
N CYS H 96 22.58 21.76 66.96
CA CYS H 96 22.01 23.11 66.85
C CYS H 96 20.84 23.09 65.88
N ASP H 97 19.87 23.97 66.15
CA ASP H 97 18.68 23.98 65.31
C ASP H 97 18.83 24.74 64.00
N ALA H 98 19.43 25.93 64.00
CA ALA H 98 19.45 26.71 62.78
C ALA H 98 20.81 27.15 62.27
N GLU H 99 21.82 27.28 63.13
CA GLU H 99 23.09 27.84 62.72
C GLU H 99 24.00 26.80 62.03
N ASN H 100 23.41 25.79 61.41
CA ASN H 100 24.17 24.74 60.74
C ASN H 100 24.10 24.97 59.25
N THR H 101 25.21 24.71 58.56
CA THR H 101 25.31 24.97 57.14
C THR H 101 25.89 23.76 56.39
N GLN H 102 25.58 23.71 55.10
CA GLN H 102 26.08 22.67 54.21
C GLN H 102 27.01 23.27 53.16
N LEU H 103 28.25 22.79 53.12
CA LEU H 103 29.23 23.20 52.12
C LEU H 103 29.28 22.12 51.05
N SER H 104 28.84 22.48 49.84
CA SER H 104 28.87 21.58 48.69
C SER H 104 30.06 21.94 47.82
N GLU H 105 30.90 20.93 47.53
CA GLU H 105 32.08 21.10 46.70
C GLU H 105 32.12 20.02 45.63
N ALA H 106 32.56 20.37 44.42
CA ALA H 106 32.63 19.43 43.31
C ALA H 106 33.66 19.90 42.30
N HIS H 107 34.31 18.93 41.64
CA HIS H 107 35.27 19.28 40.60
C HIS H 107 35.30 18.18 39.53
N VAL H 108 35.76 18.55 38.34
CA VAL H 108 35.75 17.69 37.16
C VAL H 108 37.15 17.21 36.82
N GLU H 109 37.27 15.96 36.37
CA GLU H 109 38.51 15.33 35.96
C GLU H 109 38.27 14.50 34.71
N LYS H 110 39.35 14.01 34.11
CA LYS H 110 39.22 13.08 32.99
C LYS H 110 38.83 11.69 33.50
N SER H 111 38.00 11.01 32.74
CA SER H 111 37.67 9.63 33.08
C SER H 111 38.81 8.71 32.63
N GLU H 112 38.80 7.49 33.18
CA GLU H 112 39.81 6.49 32.81
C GLU H 112 39.69 6.09 31.34
N SER H 113 38.48 6.23 30.77
CA SER H 113 38.18 5.82 29.40
C SER H 113 38.95 6.65 28.40
N CYS H 114 39.45 7.81 28.82
CA CYS H 114 40.27 8.69 28.01
C CYS H 114 41.49 7.99 27.44
N LYS H 115 42.01 6.94 28.12
CA LYS H 115 43.16 6.30 27.49
C LYS H 115 42.76 5.38 26.34
N THR H 116 41.58 4.78 26.40
CA THR H 116 41.11 3.89 25.35
C THR H 116 40.05 4.52 24.45
N GLU H 117 39.04 5.17 25.01
CA GLU H 117 37.92 5.73 24.26
C GLU H 117 38.17 7.23 24.12
N PHE H 118 38.56 7.67 22.93
CA PHE H 118 38.94 9.06 22.76
C PHE H 118 38.81 9.50 21.31
N ALA H 119 38.68 10.81 21.14
CA ALA H 119 38.66 11.45 19.82
C ALA H 119 39.85 12.40 19.74
N SER H 120 40.52 12.43 18.60
CA SER H 120 41.70 13.26 18.42
C SER H 120 41.43 14.37 17.42
N ALA H 121 41.86 15.58 17.75
CA ALA H 121 41.76 16.74 16.87
C ALA H 121 43.16 16.99 16.30
N TYR H 122 43.28 16.80 14.98
CA TYR H 122 44.54 16.95 14.25
C TYR H 122 44.47 18.11 13.27
N ARG H 123 45.63 18.69 13.00
CA ARG H 123 45.78 19.70 11.97
C ARG H 123 46.53 19.13 10.77
N ALA H 124 45.82 18.85 9.68
CA ALA H 124 46.41 18.31 8.46
C ALA H 124 46.68 19.45 7.50
N HIS H 125 47.90 19.51 6.97
CA HIS H 125 48.24 20.58 6.02
C HIS H 125 48.72 20.11 4.66
N THR H 126 49.71 19.21 4.57
CA THR H 126 50.23 18.78 3.28
C THR H 126 50.31 17.26 3.19
N ALA H 127 50.10 16.73 1.99
CA ALA H 127 50.10 15.29 1.76
C ALA H 127 51.24 14.84 0.86
N SER H 128 51.88 13.73 1.25
CA SER H 128 52.93 13.08 0.46
C SER H 128 52.30 11.91 -0.31
N ALA H 129 52.31 12.00 -1.63
CA ALA H 129 51.71 10.99 -2.49
C ALA H 129 52.70 9.90 -2.89
N SER H 130 52.24 8.65 -2.85
CA SER H 130 53.07 7.52 -3.27
C SER H 130 52.20 6.52 -4.01
N ALA H 131 52.79 5.86 -5.02
CA ALA H 131 52.06 4.95 -5.88
C ALA H 131 52.82 3.66 -6.14
N LYS H 132 52.04 2.58 -6.30
CA LYS H 132 52.50 1.24 -6.64
C LYS H 132 52.04 0.93 -8.06
N LEU H 133 52.99 0.69 -8.96
CA LEU H 133 52.73 0.51 -10.39
C LEU H 133 53.18 -0.84 -10.91
N ARG H 134 52.30 -1.54 -11.63
CA ARG H 134 52.65 -2.79 -12.30
C ARG H 134 52.97 -2.53 -13.76
N VAL H 135 54.14 -2.99 -14.21
CA VAL H 135 54.63 -2.79 -15.57
C VAL H 135 54.86 -4.14 -16.24
N LEU H 136 54.27 -4.33 -17.41
CA LEU H 136 54.49 -5.51 -18.24
C LEU H 136 55.74 -5.23 -19.08
N TYR H 137 56.88 -5.68 -18.56
CA TYR H 137 58.18 -5.44 -19.14
C TYR H 137 58.80 -6.75 -19.59
N GLN H 138 59.01 -6.87 -20.91
CA GLN H 138 59.62 -8.03 -21.56
C GLN H 138 58.88 -9.32 -21.24
N GLY H 139 57.55 -9.28 -21.30
CA GLY H 139 56.82 -10.48 -20.99
C GLY H 139 56.72 -10.82 -19.52
N ASN H 140 57.13 -9.91 -18.63
CA ASN H 140 57.04 -10.18 -17.20
C ASN H 140 56.31 -9.07 -16.48
N ASN H 141 55.55 -9.45 -15.45
CA ASN H 141 54.85 -8.47 -14.63
C ASN H 141 55.79 -8.06 -13.51
N ILE H 142 56.18 -6.80 -13.48
CA ILE H 142 57.02 -6.29 -12.39
C ILE H 142 56.22 -5.25 -11.61
N THR H 143 56.34 -5.30 -10.30
CA THR H 143 55.66 -4.37 -9.41
C THR H 143 56.66 -3.43 -8.75
N VAL H 144 56.43 -2.13 -8.90
CA VAL H 144 57.29 -1.11 -8.33
C VAL H 144 56.46 -0.25 -7.38
N ALA H 145 57.15 0.48 -6.53
CA ALA H 145 56.48 1.50 -5.72
C ALA H 145 57.45 2.64 -5.46
N ALA H 146 56.93 3.87 -5.45
CA ALA H 146 57.74 5.05 -5.17
C ALA H 146 56.82 6.21 -4.84
N TYR H 147 57.34 7.18 -4.08
CA TYR H 147 56.55 8.38 -3.85
C TYR H 147 56.59 9.28 -5.08
N ALA H 148 55.39 9.68 -5.51
CA ALA H 148 55.19 10.42 -6.75
C ALA H 148 55.50 11.92 -6.70
N ASN H 149 56.68 12.31 -6.27
CA ASN H 149 56.98 13.73 -6.24
C ASN H 149 57.87 14.16 -7.38
N GLY H 150 58.42 13.21 -8.12
CA GLY H 150 59.36 13.50 -9.18
C GLY H 150 60.79 13.58 -8.69
N ASP H 151 61.05 13.15 -7.47
CA ASP H 151 62.40 13.18 -6.91
C ASP H 151 62.70 11.89 -6.17
N HIS H 152 62.34 10.75 -6.77
CA HIS H 152 62.69 9.46 -6.19
C HIS H 152 62.85 8.47 -7.34
N ALA H 153 64.10 8.28 -7.77
CA ALA H 153 64.37 7.43 -8.91
C ALA H 153 64.48 5.97 -8.46
N VAL H 154 63.73 5.10 -9.12
CA VAL H 154 63.75 3.66 -8.84
C VAL H 154 64.18 2.93 -10.11
N THR H 155 65.29 2.22 -10.03
CA THR H 155 65.81 1.41 -11.12
C THR H 155 65.62 -0.07 -10.82
N VAL H 156 64.80 -0.74 -11.61
CA VAL H 156 64.58 -2.17 -11.47
C VAL H 156 64.74 -2.81 -12.84
N LYS H 157 65.58 -3.86 -12.90
CA LYS H 157 65.89 -4.62 -14.13
C LYS H 157 66.44 -3.69 -15.19
N ASP H 158 67.37 -2.82 -14.76
CA ASP H 158 68.09 -1.80 -15.52
C ASP H 158 67.19 -0.63 -15.95
N ALA H 159 65.90 -0.62 -15.60
CA ALA H 159 65.02 0.46 -16.00
C ALA H 159 64.95 1.49 -14.88
N LYS H 160 65.45 2.69 -15.18
CA LYS H 160 65.45 3.83 -14.25
C LYS H 160 64.18 4.64 -14.48
N PHE H 161 63.41 4.93 -13.44
CA PHE H 161 62.23 5.75 -13.67
C PHE H 161 61.85 6.55 -12.44
N VAL H 162 61.13 7.64 -12.67
CA VAL H 162 60.69 8.51 -11.61
C VAL H 162 59.26 8.94 -11.95
N VAL H 163 58.48 9.20 -10.90
CA VAL H 163 57.03 9.32 -10.98
C VAL H 163 56.58 10.63 -10.35
N GLY H 164 55.66 11.31 -11.03
CA GLY H 164 55.08 12.54 -10.53
C GLY H 164 55.92 13.73 -10.89
N PRO H 165 55.63 14.90 -10.29
CA PRO H 165 54.62 15.29 -9.31
C PRO H 165 53.19 15.36 -9.86
N MET H 166 52.18 15.14 -9.01
CA MET H 166 50.78 15.16 -9.43
C MET H 166 50.41 16.49 -10.08
N SER H 167 49.68 16.39 -11.19
CA SER H 167 49.25 17.58 -11.90
C SER H 167 48.25 18.41 -11.09
N SER H 168 47.42 17.75 -10.30
CA SER H 168 46.43 18.42 -9.46
C SER H 168 46.82 18.27 -8.00
N ALA H 169 46.76 19.38 -7.26
CA ALA H 169 47.12 19.40 -5.86
C ALA H 169 45.92 19.24 -4.94
N TRP H 170 44.79 18.79 -5.48
CA TRP H 170 43.59 18.59 -4.68
C TRP H 170 43.77 17.49 -3.65
N THR H 171 43.22 17.72 -2.46
CA THR H 171 43.25 16.79 -1.35
C THR H 171 41.88 16.77 -0.68
N PRO H 172 41.39 15.62 -0.23
CA PRO H 172 40.09 15.60 0.45
C PRO H 172 40.14 16.13 1.88
N PHE H 173 41.31 16.30 2.46
CA PHE H 173 41.43 16.79 3.82
C PHE H 173 41.53 18.30 3.86
N ASP H 174 40.82 18.90 4.80
CA ASP H 174 40.91 20.33 5.04
C ASP H 174 41.98 20.57 6.10
N ASN H 175 42.11 21.81 6.56
CA ASN H 175 43.10 22.16 7.57
C ASN H 175 42.82 21.50 8.92
N LYS H 176 41.56 21.33 9.28
CA LYS H 176 41.20 20.74 10.57
C LYS H 176 40.52 19.40 10.36
N ILE H 177 41.05 18.36 11.00
CA ILE H 177 40.53 17.01 10.87
C ILE H 177 40.30 16.45 12.26
N VAL H 178 39.28 15.59 12.42
CA VAL H 178 39.07 14.91 13.69
C VAL H 178 39.04 13.41 13.40
N VAL H 179 39.83 12.66 14.15
CA VAL H 179 40.03 11.23 13.95
C VAL H 179 39.49 10.49 15.15
N TYR H 180 38.64 9.51 14.91
CA TYR H 180 38.17 8.61 15.94
C TYR H 180 38.51 7.24 15.38
N LYS H 181 38.40 6.18 16.20
CA LYS H 181 38.80 4.83 15.79
C LYS H 181 38.13 4.38 14.50
N GLY H 182 38.95 4.32 13.45
CA GLY H 182 38.60 4.00 12.08
C GLY H 182 37.69 4.94 11.32
N ASP H 183 37.29 6.08 11.89
CA ASP H 183 36.49 7.06 11.16
C ASP H 183 37.16 8.42 11.19
N VAL H 184 37.18 9.09 10.04
CA VAL H 184 37.76 10.42 9.92
C VAL H 184 36.66 11.39 9.52
N TYR H 185 36.62 12.56 10.17
CA TYR H 185 35.60 13.56 9.90
C TYR H 185 36.26 14.91 9.65
N ASN H 186 35.76 15.61 8.64
CA ASN H 186 36.22 16.96 8.35
C ASN H 186 35.41 17.92 9.20
N MET H 187 36.00 18.44 10.28
CA MET H 187 35.28 19.30 11.21
C MET H 187 36.13 20.46 11.69
N ASP H 188 35.55 21.65 11.70
CA ASP H 188 36.18 22.86 12.22
C ASP H 188 36.03 22.90 13.74
N TYR H 189 36.82 22.04 14.40
CA TYR H 189 36.77 21.90 15.85
C TYR H 189 37.15 23.21 16.55
N PRO H 190 36.56 23.49 17.71
CA PRO H 190 36.91 24.72 18.44
C PRO H 190 38.32 24.67 18.98
N PRO H 191 39.01 25.80 19.01
CA PRO H 191 40.42 25.80 19.45
C PRO H 191 40.55 25.56 20.94
N PHE H 192 41.80 25.37 21.35
CA PHE H 192 42.12 24.65 22.57
C PHE H 192 42.08 25.62 23.73
N GLY H 193 41.09 25.45 24.59
CA GLY H 193 40.88 26.33 25.71
C GLY H 193 39.72 27.26 25.51
N ALA H 194 38.82 26.95 24.57
CA ALA H 194 37.73 27.84 24.21
C ALA H 194 36.50 27.02 23.87
N GLY H 195 36.32 25.91 24.57
CA GLY H 195 35.22 25.03 24.26
C GLY H 195 33.91 25.53 24.84
N ARG H 196 32.90 25.12 24.26
CA ARG H 196 31.61 25.51 24.77
C ARG H 196 31.00 24.35 25.54
N PRO H 197 30.18 24.64 26.56
CA PRO H 197 29.54 23.56 27.29
C PRO H 197 28.49 22.87 26.45
N GLY H 198 28.42 21.55 26.59
CA GLY H 198 27.47 20.78 25.82
C GLY H 198 27.82 20.60 24.36
N GLN H 199 28.98 21.04 23.92
CA GLN H 199 29.40 20.95 22.53
C GLN H 199 30.66 20.11 22.46
N PHE H 200 31.00 19.71 21.24
CA PHE H 200 32.23 18.97 20.99
C PHE H 200 33.43 19.79 21.46
N GLY H 201 34.16 19.23 22.41
CA GLY H 201 35.32 19.89 22.96
C GLY H 201 35.13 20.54 24.32
N ASP H 202 34.06 20.19 25.04
CA ASP H 202 33.83 20.74 26.36
C ASP H 202 34.95 20.39 27.35
N ILE H 203 35.61 19.25 27.18
CA ILE H 203 36.77 18.91 27.99
C ILE H 203 37.92 18.52 27.06
N GLN H 204 39.05 19.22 27.20
CA GLN H 204 40.21 19.05 26.32
C GLN H 204 41.53 18.90 27.06
N SER H 205 42.30 17.88 26.69
CA SER H 205 43.65 17.69 27.18
C SER H 205 44.58 17.55 25.98
N ARG H 206 45.87 17.76 26.20
CA ARG H 206 46.82 17.74 25.09
C ARG H 206 47.23 16.34 24.66
N THR H 207 47.41 15.42 25.59
CA THR H 207 47.89 14.09 25.24
C THR H 207 47.18 13.10 26.16
N PRO H 208 47.16 11.81 25.81
CA PRO H 208 46.45 10.83 26.66
C PRO H 208 46.98 10.65 28.07
N GLU H 209 48.16 11.15 28.42
CA GLU H 209 48.67 10.96 29.77
C GLU H 209 49.03 12.25 30.47
N SER H 210 48.70 13.40 29.88
CA SER H 210 48.92 14.69 30.51
C SER H 210 48.06 14.84 31.77
N LYS H 211 48.48 15.76 32.62
CA LYS H 211 47.89 15.91 33.94
C LYS H 211 47.01 17.15 34.04
N ASP H 212 47.24 18.15 33.19
CA ASP H 212 46.38 19.32 33.16
C ASP H 212 45.38 19.19 32.03
N VAL H 213 44.20 19.79 32.24
CA VAL H 213 43.02 19.60 31.40
C VAL H 213 42.23 20.90 31.46
N TYR H 214 41.50 21.22 30.37
CA TYR H 214 40.67 22.40 30.27
C TYR H 214 39.23 21.94 30.24
N ALA H 215 38.37 22.62 30.99
CA ALA H 215 36.99 22.21 31.15
C ALA H 215 36.08 23.43 31.22
N ASN H 216 34.96 23.36 30.50
CA ASN H 216 33.93 24.40 30.53
C ASN H 216 32.63 23.63 30.45
N THR H 217 32.13 23.21 31.62
CA THR H 217 30.97 22.35 31.71
C THR H 217 29.74 22.97 32.37
N GLN H 218 29.83 24.22 32.86
CA GLN H 218 28.72 24.92 33.52
C GLN H 218 28.19 24.19 34.76
N LEU H 219 29.10 23.69 35.60
CA LEU H 219 28.66 23.01 36.81
C LEU H 219 28.17 24.05 37.81
N VAL H 220 26.89 23.97 38.17
CA VAL H 220 26.29 24.87 39.12
C VAL H 220 25.59 24.03 40.19
N LEU H 221 25.99 24.22 41.43
CA LEU H 221 25.43 23.44 42.53
C LEU H 221 24.14 24.07 43.03
N GLN H 222 23.14 23.25 43.32
CA GLN H 222 21.86 23.74 43.79
C GLN H 222 21.72 23.47 45.28
N ARG H 223 20.81 24.21 45.90
CA ARG H 223 20.56 24.06 47.32
C ARG H 223 19.91 22.71 47.61
N PRO H 224 20.46 21.91 48.53
CA PRO H 224 19.86 20.62 48.85
C PRO H 224 18.52 20.77 49.55
N ALA H 225 17.67 19.76 49.36
CA ALA H 225 16.35 19.75 49.99
C ALA H 225 16.46 19.62 51.51
N ALA H 226 15.43 20.13 52.18
CA ALA H 226 15.29 20.14 53.64
C ALA H 226 15.40 18.75 54.25
N GLY H 227 16.37 18.59 55.15
CA GLY H 227 16.60 17.32 55.83
C GLY H 227 17.03 16.17 54.94
N THR H 228 17.65 16.47 53.81
CA THR H 228 18.09 15.45 52.87
C THR H 228 19.60 15.57 52.70
N VAL H 229 20.29 14.46 52.86
CA VAL H 229 21.73 14.42 52.63
C VAL H 229 21.98 13.91 51.21
N HIS H 230 22.29 14.84 50.33
CA HIS H 230 22.62 14.57 48.93
C HIS H 230 23.23 15.85 48.37
N VAL H 231 23.88 15.72 47.22
CA VAL H 231 24.55 16.84 46.58
C VAL H 231 23.96 17.14 45.21
N PRO H 232 22.90 17.94 45.13
CA PRO H 232 22.33 18.26 43.82
C PRO H 232 23.23 19.21 43.06
N TYR H 233 23.31 19.01 41.75
CA TYR H 233 24.16 19.83 40.91
C TYR H 233 23.60 19.84 39.50
N SER H 234 23.94 20.89 38.75
CA SER H 234 23.54 20.95 37.36
C SER H 234 24.38 19.99 36.54
N GLN H 235 23.70 19.17 35.75
CA GLN H 235 24.34 18.18 34.91
C GLN H 235 25.24 18.84 33.88
N ALA H 236 26.33 18.18 33.55
CA ALA H 236 27.23 18.63 32.50
C ALA H 236 27.09 17.70 31.31
N PRO H 237 26.12 17.93 30.41
CA PRO H 237 25.92 17.01 29.27
C PRO H 237 27.12 16.96 28.34
N SER H 238 27.90 15.87 28.45
CA SER H 238 29.12 15.67 27.68
C SER H 238 28.88 15.72 26.18
N GLY H 239 29.54 16.66 25.51
CA GLY H 239 29.40 16.76 24.07
C GLY H 239 30.01 15.56 23.37
N PHE H 240 31.07 15.00 23.95
CA PHE H 240 31.71 13.82 23.38
C PHE H 240 30.82 12.60 23.48
N LYS H 241 30.10 12.43 24.59
CA LYS H 241 29.32 11.19 24.75
C LYS H 241 28.12 11.14 23.83
N TYR H 242 27.49 12.26 23.54
CA TYR H 242 26.46 12.23 22.52
C TYR H 242 26.97 12.63 21.15
N TRP H 243 28.27 12.91 21.02
CA TRP H 243 28.87 13.17 19.71
C TRP H 243 28.64 12.02 18.74
N LEU H 244 28.52 10.81 19.27
CA LEU H 244 28.40 9.58 18.49
C LEU H 244 27.04 9.44 17.83
N LYS H 245 26.13 10.38 18.03
CA LYS H 245 24.78 10.31 17.48
C LYS H 245 24.57 11.28 16.33
N GLU H 246 25.02 12.53 16.45
CA GLU H 246 24.83 13.53 15.40
C GLU H 246 26.06 13.65 14.50
N ARG H 247 26.66 12.52 14.15
CA ARG H 247 27.91 12.56 13.42
C ARG H 247 27.66 12.78 11.95
N GLY H 248 26.54 12.32 11.48
CA GLY H 248 26.22 12.46 10.06
C GLY H 248 26.81 11.29 9.30
N ALA H 249 27.72 11.60 8.39
CA ALA H 249 28.36 10.59 7.57
C ALA H 249 29.85 10.91 7.57
N SER H 250 30.66 9.87 7.70
CA SER H 250 32.09 10.10 7.71
C SER H 250 32.59 10.40 6.31
N LEU H 251 33.85 10.84 6.24
CA LEU H 251 34.48 11.19 4.97
C LEU H 251 34.60 10.01 4.03
N GLN H 252 34.54 8.78 4.55
CA GLN H 252 34.62 7.57 3.74
C GLN H 252 33.50 7.53 2.71
N HIS H 253 32.35 8.08 3.05
CA HIS H 253 31.19 8.10 2.19
C HIS H 253 30.99 9.44 1.50
N THR H 254 31.47 10.53 2.10
CA THR H 254 31.21 11.87 1.57
C THR H 254 32.31 12.43 0.69
N ALA H 255 33.52 11.89 0.74
CA ALA H 255 34.61 12.43 -0.07
C ALA H 255 34.34 12.20 -1.56
N PRO H 256 34.57 13.20 -2.40
CA PRO H 256 34.38 13.01 -3.83
C PRO H 256 35.48 12.15 -4.43
N PHE H 257 35.29 11.81 -5.71
CA PHE H 257 36.21 11.04 -6.55
C PHE H 257 36.53 9.65 -5.98
N GLY H 258 35.66 9.12 -5.11
CA GLY H 258 35.82 7.79 -4.55
C GLY H 258 37.07 7.56 -3.73
N CYS H 259 37.55 8.60 -3.03
CA CYS H 259 38.69 8.42 -2.14
C CYS H 259 38.33 7.47 -1.00
N GLN H 260 39.24 6.56 -0.69
CA GLN H 260 39.06 5.65 0.44
C GLN H 260 39.95 6.10 1.59
N ILE H 261 39.39 6.29 2.77
CA ILE H 261 40.16 6.81 3.89
C ILE H 261 40.45 5.69 4.87
N ALA H 262 41.72 5.53 5.20
CA ALA H 262 42.16 4.55 6.17
C ALA H 262 42.86 5.29 7.29
N THR H 263 43.04 4.61 8.41
CA THR H 263 43.72 5.20 9.55
C THR H 263 44.91 4.34 9.93
N ASN H 264 45.69 4.89 10.86
CA ASN H 264 46.92 4.31 11.40
C ASN H 264 47.93 3.82 10.36
N PRO H 265 48.45 4.72 9.50
CA PRO H 265 48.23 6.17 9.35
C PRO H 265 47.03 6.51 8.48
N VAL H 266 46.53 7.73 8.65
CA VAL H 266 45.40 8.22 7.86
C VAL H 266 45.86 8.46 6.44
N ARG H 267 45.12 7.90 5.47
CA ARG H 267 45.51 8.04 4.09
C ARG H 267 44.31 7.96 3.16
N ALA H 268 44.42 8.66 2.04
CA ALA H 268 43.42 8.69 0.97
C ALA H 268 43.89 7.79 -0.17
N VAL H 269 43.12 6.75 -0.47
CA VAL H 269 43.48 5.74 -1.46
C VAL H 269 42.62 5.91 -2.70
N ASN H 270 43.28 5.85 -3.87
CA ASN H 270 42.65 5.85 -5.20
C ASN H 270 41.78 7.08 -5.47
N CYS H 271 42.31 8.26 -5.17
CA CYS H 271 41.61 9.49 -5.49
C CYS H 271 41.77 9.76 -6.98
N ALA H 272 40.69 9.55 -7.75
CA ALA H 272 40.70 9.68 -9.21
C ALA H 272 40.65 11.15 -9.61
N VAL H 273 41.79 11.83 -9.48
CA VAL H 273 41.90 13.24 -9.84
C VAL H 273 43.15 13.47 -10.69
N GLY H 274 42.96 14.07 -11.86
CA GLY H 274 44.04 14.48 -12.76
C GLY H 274 44.84 13.36 -13.40
N ASN H 275 46.02 13.74 -13.89
CA ASN H 275 46.95 12.81 -14.51
C ASN H 275 48.30 12.94 -13.82
N ILE H 276 49.19 12.00 -14.13
CA ILE H 276 50.47 11.84 -13.46
C ILE H 276 51.53 11.73 -14.54
N PRO H 277 52.67 12.42 -14.42
CA PRO H 277 53.77 12.20 -15.37
C PRO H 277 54.75 11.17 -14.84
N ILE H 278 55.19 10.29 -15.74
CA ILE H 278 56.13 9.24 -15.44
C ILE H 278 57.23 9.27 -16.49
N SER H 279 58.49 9.35 -16.04
CA SER H 279 59.62 9.32 -16.95
C SER H 279 60.42 8.05 -16.68
N ILE H 280 60.60 7.25 -17.73
CA ILE H 280 61.33 5.98 -17.67
C ILE H 280 62.46 6.01 -18.68
N ASP H 281 63.69 5.98 -18.18
CA ASP H 281 64.85 5.80 -19.03
C ASP H 281 65.22 4.32 -19.04
N ILE H 282 65.72 3.87 -20.18
CA ILE H 282 66.15 2.49 -20.40
C ILE H 282 67.18 2.48 -21.53
N PRO H 283 68.36 1.90 -21.31
CA PRO H 283 69.37 1.86 -22.37
C PRO H 283 69.01 0.93 -23.53
N ASP H 284 69.94 0.80 -24.47
CA ASP H 284 69.68 0.16 -25.75
C ASP H 284 69.55 -1.35 -25.64
N ALA H 285 69.83 -1.96 -24.48
CA ALA H 285 69.77 -3.40 -24.34
C ALA H 285 68.34 -3.92 -24.47
N ALA H 286 67.36 -3.15 -24.02
CA ALA H 286 65.97 -3.53 -24.21
C ALA H 286 65.55 -3.38 -25.67
N PHE H 287 66.21 -2.48 -26.40
CA PHE H 287 65.83 -2.20 -27.77
C PHE H 287 66.41 -3.22 -28.73
N THR H 288 65.68 -3.45 -29.82
CA THR H 288 66.07 -4.39 -30.86
C THR H 288 66.12 -3.63 -32.18
N ARG H 289 67.17 -3.88 -32.96
CA ARG H 289 67.34 -3.20 -34.24
C ARG H 289 66.23 -3.57 -35.22
N VAL H 290 65.93 -2.62 -36.11
CA VAL H 290 64.92 -2.81 -37.14
C VAL H 290 65.27 -4.01 -38.03
N VAL H 291 66.57 -4.21 -38.31
CA VAL H 291 66.99 -5.33 -39.12
C VAL H 291 66.80 -6.64 -38.36
N ASP H 292 67.04 -6.64 -37.04
CA ASP H 292 66.86 -7.83 -36.23
C ASP H 292 65.40 -8.16 -36.01
N ALA H 293 64.51 -7.20 -36.18
CA ALA H 293 63.12 -7.57 -36.00
C ALA H 293 62.54 -8.02 -37.33
N PRO H 294 61.56 -8.91 -37.34
CA PRO H 294 60.97 -9.32 -38.63
C PRO H 294 60.15 -8.21 -39.27
N SER H 295 60.23 -8.15 -40.59
CA SER H 295 59.45 -7.23 -41.40
C SER H 295 58.22 -7.97 -41.92
N VAL H 296 57.25 -7.19 -42.40
CA VAL H 296 55.99 -7.76 -42.87
C VAL H 296 55.57 -7.07 -44.16
N THR H 297 54.61 -7.70 -44.82
CA THR H 297 54.07 -7.23 -46.11
C THR H 297 52.71 -7.88 -46.27
N ASP H 298 51.93 -7.33 -47.22
CA ASP H 298 50.57 -7.79 -47.55
C ASP H 298 49.67 -7.87 -46.32
N MET H 299 49.59 -6.77 -45.58
CA MET H 299 48.73 -6.75 -44.41
C MET H 299 47.31 -6.34 -44.79
N SER H 300 46.34 -7.04 -44.23
CA SER H 300 44.93 -6.74 -44.42
C SER H 300 44.25 -6.90 -43.07
N CYS H 301 43.21 -6.12 -42.83
CA CYS H 301 42.52 -6.17 -41.55
C CYS H 301 41.03 -6.29 -41.79
N GLU H 302 40.39 -7.24 -41.12
CA GLU H 302 38.95 -7.38 -41.23
C GLU H 302 38.36 -7.49 -39.84
N VAL H 303 37.26 -6.79 -39.62
CA VAL H 303 36.59 -6.83 -38.33
C VAL H 303 35.28 -7.56 -38.54
N PRO H 304 35.22 -8.86 -38.25
CA PRO H 304 33.98 -9.60 -38.48
C PRO H 304 32.90 -9.30 -37.47
N ALA H 305 33.26 -8.81 -36.29
CA ALA H 305 32.29 -8.49 -35.26
C ALA H 305 32.84 -7.37 -34.40
N CYS H 306 32.01 -6.36 -34.18
CA CYS H 306 32.42 -5.25 -33.33
C CYS H 306 31.22 -4.65 -32.63
N THR H 307 31.39 -4.42 -31.34
CA THR H 307 30.38 -3.74 -30.54
C THR H 307 31.10 -2.78 -29.60
N HIS H 308 30.73 -1.51 -29.66
CA HIS H 308 31.40 -0.51 -28.83
C HIS H 308 30.86 -0.62 -27.41
N SER H 309 31.66 -1.22 -26.54
CA SER H 309 31.28 -1.45 -25.15
C SER H 309 32.51 -1.32 -24.27
N SER H 310 32.29 -1.49 -22.96
CA SER H 310 33.37 -1.40 -21.98
C SER H 310 34.37 -2.54 -22.12
N ASP H 311 33.92 -3.71 -22.52
CA ASP H 311 34.77 -4.88 -22.64
C ASP H 311 35.38 -4.90 -24.03
N PHE H 312 36.16 -5.94 -24.35
CA PHE H 312 36.74 -6.04 -25.69
C PHE H 312 35.66 -6.50 -26.65
N GLY H 313 34.84 -5.54 -27.07
CA GLY H 313 33.76 -5.88 -27.97
C GLY H 313 34.12 -5.85 -29.42
N GLY H 314 35.33 -5.41 -29.77
CA GLY H 314 35.80 -5.44 -31.13
C GLY H 314 36.89 -6.50 -31.28
N VAL H 315 36.82 -7.26 -32.35
CA VAL H 315 37.83 -8.27 -32.65
C VAL H 315 38.26 -8.04 -34.09
N ALA H 316 39.56 -8.02 -34.35
CA ALA H 316 40.04 -7.79 -35.70
C ALA H 316 41.03 -8.88 -36.08
N ILE H 317 40.83 -9.45 -37.26
CA ILE H 317 41.68 -10.50 -37.81
C ILE H 317 42.50 -9.87 -38.92
N ILE H 318 43.81 -9.88 -38.75
CA ILE H 318 44.73 -9.30 -39.71
C ILE H 318 45.49 -10.42 -40.41
N LYS H 319 45.30 -10.51 -41.72
CA LYS H 319 46.05 -11.45 -42.52
C LYS H 319 47.31 -10.74 -42.94
N TYR H 320 48.44 -11.44 -42.91
CA TYR H 320 49.72 -10.82 -43.19
C TYR H 320 50.63 -11.81 -43.92
N THR H 321 51.81 -11.30 -44.26
CA THR H 321 52.95 -12.12 -44.65
C THR H 321 54.18 -11.51 -43.99
N ALA H 322 54.91 -12.31 -43.22
CA ALA H 322 56.12 -11.86 -42.55
C ALA H 322 57.35 -12.41 -43.25
N SER H 323 58.50 -12.22 -42.62
CA SER H 323 59.77 -12.68 -43.16
C SER H 323 60.46 -13.70 -42.28
N LYS H 324 60.36 -13.54 -40.96
CA LYS H 324 60.98 -14.49 -40.03
C LYS H 324 60.17 -14.49 -38.75
N LYS H 325 60.51 -15.44 -37.86
CA LYS H 325 59.83 -15.57 -36.58
C LYS H 325 60.38 -14.56 -35.59
N GLY H 326 59.49 -14.01 -34.75
CA GLY H 326 59.95 -13.05 -33.76
C GLY H 326 58.80 -12.33 -33.08
N LYS H 327 59.17 -11.50 -32.11
CA LYS H 327 58.21 -10.72 -31.34
C LYS H 327 57.96 -9.37 -32.01
N CYS H 328 56.68 -9.00 -32.17
CA CYS H 328 56.34 -7.70 -32.75
C CYS H 328 55.38 -6.94 -31.86
N ALA H 329 55.65 -5.65 -31.73
CA ALA H 329 54.79 -4.75 -30.98
C ALA H 329 53.65 -4.24 -31.85
N VAL H 330 52.45 -4.18 -31.26
CA VAL H 330 51.25 -3.69 -31.92
C VAL H 330 50.83 -2.39 -31.25
N HIS H 331 50.58 -1.36 -32.05
CA HIS H 331 50.17 -0.09 -31.49
C HIS H 331 49.20 0.64 -32.41
N SER H 332 48.18 1.21 -31.80
CA SER H 332 47.19 2.00 -32.53
C SER H 332 47.66 3.45 -32.66
N MET H 333 47.67 3.94 -33.89
CA MET H 333 48.02 5.35 -34.10
C MET H 333 46.82 6.26 -33.89
N THR H 334 45.63 5.68 -33.70
CA THR H 334 44.41 6.40 -33.45
C THR H 334 44.03 6.22 -31.99
N ASN H 335 43.83 7.34 -31.29
CA ASN H 335 43.53 7.33 -29.87
C ASN H 335 42.19 6.71 -29.53
N ALA H 336 41.27 6.60 -30.48
CA ALA H 336 39.94 6.08 -30.22
C ALA H 336 39.89 4.56 -30.05
N VAL H 337 40.94 3.83 -30.40
CA VAL H 337 40.95 2.38 -30.35
C VAL H 337 42.06 1.93 -29.42
N THR H 338 41.76 0.94 -28.56
CA THR H 338 42.75 0.39 -27.65
C THR H 338 42.77 -1.13 -27.76
N ILE H 339 43.96 -1.70 -27.92
CA ILE H 339 44.14 -3.14 -28.04
C ILE H 339 44.60 -3.70 -26.70
N ARG H 340 44.01 -4.83 -26.29
CA ARG H 340 44.40 -5.47 -25.03
C ARG H 340 45.82 -6.01 -25.11
N GLU H 341 46.14 -6.70 -26.20
CA GLU H 341 47.44 -7.31 -26.35
C GLU H 341 48.47 -6.30 -26.82
N ALA H 342 49.65 -6.32 -26.19
CA ALA H 342 50.73 -5.42 -26.56
C ALA H 342 51.78 -6.06 -27.45
N ASP H 343 52.05 -7.35 -27.30
CA ASP H 343 53.10 -8.02 -28.05
C ASP H 343 52.59 -9.32 -28.63
N VAL H 344 52.99 -9.61 -29.86
CA VAL H 344 52.55 -10.81 -30.56
C VAL H 344 53.77 -11.58 -31.03
N GLU H 345 53.58 -12.86 -31.28
CA GLU H 345 54.63 -13.69 -31.87
C GLU H 345 54.28 -13.94 -33.33
N VAL H 346 55.06 -13.36 -34.21
CA VAL H 346 54.90 -13.49 -35.66
C VAL H 346 55.79 -14.63 -36.14
N GLU H 347 55.29 -15.36 -37.14
CA GLU H 347 56.00 -16.51 -37.72
C GLU H 347 56.31 -16.30 -39.20
N GLY H 348 55.31 -16.12 -40.05
CA GLY H 348 55.49 -16.00 -41.48
C GLY H 348 54.23 -15.59 -42.20
N ASN H 349 53.66 -16.49 -42.98
CA ASN H 349 52.43 -16.20 -43.73
C ASN H 349 51.19 -16.63 -42.96
N SER H 350 51.04 -16.14 -41.74
CA SER H 350 49.91 -16.50 -40.91
C SER H 350 48.94 -15.32 -40.75
N GLN H 351 47.97 -15.48 -39.86
CA GLN H 351 46.98 -14.46 -39.55
C GLN H 351 46.87 -14.32 -38.04
N LEU H 352 46.58 -13.10 -37.59
CA LEU H 352 46.44 -12.80 -36.17
C LEU H 352 45.07 -12.26 -35.82
N GLN H 353 44.61 -12.57 -34.61
CA GLN H 353 43.35 -12.03 -34.11
C GLN H 353 43.64 -11.24 -32.85
N ILE H 354 43.16 -9.99 -32.81
CA ILE H 354 43.36 -9.10 -31.67
C ILE H 354 42.02 -8.59 -31.18
N SER H 355 41.99 -8.25 -29.89
CA SER H 355 40.79 -7.69 -29.25
C SER H 355 41.00 -6.21 -28.92
N PHE H 356 40.06 -5.37 -29.34
CA PHE H 356 40.13 -3.94 -29.15
C PHE H 356 38.81 -3.38 -28.62
N SER H 357 38.93 -2.21 -27.99
CA SER H 357 37.83 -1.44 -27.42
C SER H 357 37.80 -0.06 -28.07
N THR H 358 36.60 0.39 -28.42
CA THR H 358 36.40 1.68 -29.06
C THR H 358 35.05 2.20 -28.60
N ALA H 359 34.87 3.52 -28.66
CA ALA H 359 33.60 4.14 -28.34
C ALA H 359 32.89 4.66 -29.58
N LEU H 360 33.61 4.79 -30.67
CA LEU H 360 33.07 5.28 -31.93
C LEU H 360 32.29 4.19 -32.63
N ALA H 361 31.20 4.57 -33.32
CA ALA H 361 30.38 3.59 -34.00
C ALA H 361 31.11 3.00 -35.21
N SER H 362 31.88 3.81 -35.92
CA SER H 362 32.74 3.31 -36.98
C SER H 362 34.18 3.53 -36.54
N ALA H 363 35.09 2.77 -37.12
CA ALA H 363 36.49 2.87 -36.72
C ALA H 363 37.39 2.71 -37.93
N GLU H 364 37.95 3.82 -38.38
CA GLU H 364 38.93 3.85 -39.46
C GLU H 364 40.24 4.17 -38.76
N PHE H 365 41.08 3.16 -38.58
CA PHE H 365 42.29 3.36 -37.80
C PHE H 365 43.46 2.56 -38.37
N ARG H 366 44.66 3.10 -38.18
CA ARG H 366 45.88 2.47 -38.66
C ARG H 366 46.65 1.90 -37.48
N VAL H 367 47.08 0.65 -37.63
CA VAL H 367 47.83 -0.07 -36.61
C VAL H 367 49.24 -0.32 -37.10
N GLN H 368 50.23 0.09 -36.31
CA GLN H 368 51.62 -0.07 -36.68
C GLN H 368 52.11 -1.43 -36.18
N VAL H 369 51.91 -2.46 -36.98
CA VAL H 369 52.41 -3.78 -36.65
C VAL H 369 53.77 -3.97 -37.34
N CYS H 370 54.76 -4.39 -36.54
CA CYS H 370 56.16 -4.62 -36.94
C CYS H 370 56.72 -3.40 -37.69
N SER H 371 56.52 -2.22 -37.09
CA SER H 371 56.93 -0.93 -37.64
C SER H 371 56.35 -0.68 -39.05
N THR H 372 55.06 -0.98 -39.23
CA THR H 372 54.38 -0.78 -40.50
C THR H 372 52.88 -0.62 -40.24
N GLN H 373 52.30 0.48 -40.70
CA GLN H 373 50.89 0.74 -40.48
C GLN H 373 49.99 0.04 -41.48
N VAL H 374 48.83 -0.43 -40.99
CA VAL H 374 47.78 -1.04 -41.79
C VAL H 374 46.44 -0.41 -41.42
N HIS H 375 45.66 -0.01 -42.43
CA HIS H 375 44.36 0.60 -42.20
C HIS H 375 43.26 -0.44 -42.04
N CYS H 376 42.47 -0.30 -40.97
CA CYS H 376 41.34 -1.16 -40.70
C CYS H 376 40.08 -0.31 -40.64
N ALA H 377 39.05 -0.74 -41.38
CA ALA H 377 37.73 -0.10 -41.40
C ALA H 377 36.71 -0.99 -40.71
N ALA H 378 36.08 -0.48 -39.66
CA ALA H 378 35.15 -1.25 -38.86
C ALA H 378 33.86 -0.48 -38.62
N ALA H 379 32.83 -1.21 -38.22
CA ALA H 379 31.58 -0.65 -37.71
C ALA H 379 31.21 -1.40 -36.44
N CYS H 380 30.89 -0.66 -35.38
CA CYS H 380 30.62 -1.24 -34.07
C CYS H 380 29.24 -0.83 -33.58
N HIS H 381 28.50 -1.81 -32.90
CA HIS H 381 27.11 -1.68 -32.47
C HIS H 381 26.99 -1.40 -30.97
N PRO H 382 25.91 -0.74 -30.53
CA PRO H 382 25.74 -0.49 -29.10
C PRO H 382 25.37 -1.77 -28.38
N PRO H 383 25.76 -1.91 -27.11
CA PRO H 383 25.46 -3.14 -26.39
C PRO H 383 24.06 -3.13 -25.79
N LYS H 384 23.64 -4.33 -25.40
CA LYS H 384 22.30 -4.54 -24.85
C LYS H 384 22.16 -4.04 -23.42
N ASP H 385 23.24 -4.04 -22.63
CA ASP H 385 23.15 -3.75 -21.20
C ASP H 385 23.54 -2.31 -20.90
N HIS H 386 22.80 -1.69 -19.98
CA HIS H 386 23.04 -0.29 -19.65
C HIS H 386 24.00 -0.07 -18.50
N ILE H 387 24.13 -1.00 -17.57
CA ILE H 387 24.98 -0.80 -16.40
C ILE H 387 26.07 -1.85 -16.32
N VAL H 388 27.31 -1.39 -16.25
CA VAL H 388 28.48 -2.23 -16.09
C VAL H 388 29.04 -1.99 -14.69
N ASN H 389 29.62 -3.02 -14.08
CA ASN H 389 30.17 -2.90 -12.74
C ASN H 389 31.67 -2.56 -12.73
N TYR H 390 32.26 -2.30 -13.88
CA TYR H 390 33.67 -1.96 -13.97
C TYR H 390 33.69 -0.78 -14.94
N PRO H 391 34.54 0.22 -14.71
CA PRO H 391 34.51 1.40 -15.58
C PRO H 391 35.12 1.14 -16.94
N ALA H 392 34.76 2.00 -17.87
CA ALA H 392 35.19 1.91 -19.26
C ALA H 392 36.68 2.19 -19.39
N SER H 393 37.21 1.93 -20.59
CA SER H 393 38.61 2.16 -20.85
C SER H 393 38.83 2.81 -22.22
N HIS H 394 37.77 3.19 -22.92
CA HIS H 394 37.85 3.75 -24.26
C HIS H 394 37.39 5.21 -24.31
N THR H 395 37.47 5.93 -23.19
CA THR H 395 36.70 7.15 -22.97
C THR H 395 37.15 8.33 -23.81
N THR H 396 38.29 8.25 -24.48
CA THR H 396 38.89 9.40 -25.16
C THR H 396 38.15 9.70 -26.48
N LEU H 397 37.09 10.49 -26.38
CA LEU H 397 36.32 10.88 -27.56
C LEU H 397 35.78 12.29 -27.36
N GLY H 398 35.56 12.99 -28.48
CA GLY H 398 35.11 14.37 -28.40
C GLY H 398 33.95 14.71 -29.31
N VAL H 399 34.07 15.80 -30.09
CA VAL H 399 33.02 16.21 -30.99
C VAL H 399 33.39 16.06 -32.47
N GLN H 400 34.68 15.94 -32.81
CA GLN H 400 35.08 15.58 -34.16
C GLN H 400 35.22 14.06 -34.20
N ASP H 401 34.08 13.41 -34.13
CA ASP H 401 34.01 11.96 -33.98
C ASP H 401 33.42 11.36 -35.24
N ILE H 402 34.24 10.60 -35.97
CA ILE H 402 33.82 10.00 -37.22
C ILE H 402 32.85 8.86 -36.93
N SER H 403 31.99 8.57 -37.90
CA SER H 403 30.87 7.67 -37.68
C SER H 403 30.61 6.89 -38.97
N THR H 404 29.41 6.36 -39.07
CA THR H 404 28.87 5.69 -40.25
C THR H 404 28.30 6.82 -41.13
N THR H 405 27.32 6.52 -42.00
CA THR H 405 26.73 7.38 -43.04
C THR H 405 26.59 8.87 -42.74
N ALA H 406 26.53 9.23 -41.45
CA ALA H 406 26.43 10.57 -40.87
C ALA H 406 27.18 11.67 -41.61
N MET H 407 28.48 11.50 -41.84
CA MET H 407 29.19 12.57 -42.52
C MET H 407 28.88 12.62 -44.01
N SER H 408 28.48 11.50 -44.62
CA SER H 408 27.95 11.56 -45.98
C SER H 408 26.62 12.30 -45.98
N TRP H 409 25.86 12.14 -44.90
CA TRP H 409 24.56 12.82 -44.78
C TRP H 409 24.75 14.32 -44.63
N VAL H 410 25.73 14.73 -43.83
CA VAL H 410 25.99 16.16 -43.70
C VAL H 410 26.68 16.72 -44.94
N GLN H 411 27.32 15.86 -45.74
CA GLN H 411 27.79 16.30 -47.05
C GLN H 411 26.61 16.55 -47.97
N LYS H 412 25.66 15.61 -48.01
CA LYS H 412 24.53 15.75 -48.91
C LYS H 412 23.61 16.89 -48.50
N ILE H 413 23.59 17.23 -47.21
CA ILE H 413 22.79 18.36 -46.76
C ILE H 413 23.41 19.70 -47.16
N THR H 414 24.71 19.74 -47.41
CA THR H 414 25.42 21.00 -47.68
C THR H 414 25.44 21.38 -49.15
N GLY H 415 24.34 21.14 -49.88
CA GLY H 415 24.14 21.69 -51.20
C GLY H 415 23.86 23.17 -51.17
N GLY H 416 24.90 23.98 -50.93
CA GLY H 416 24.77 25.42 -50.82
C GLY H 416 24.22 26.23 -51.99
N VAL H 417 24.20 27.54 -51.77
CA VAL H 417 23.47 28.50 -52.59
C VAL H 417 24.43 29.38 -53.41
N GLY H 418 25.74 29.21 -53.19
CA GLY H 418 26.77 30.04 -53.82
C GLY H 418 26.74 30.12 -55.34
N LEU H 419 26.18 29.10 -56.00
CA LEU H 419 25.93 29.19 -57.44
C LEU H 419 24.85 30.24 -57.77
N ILE H 420 23.74 30.25 -57.02
CA ILE H 420 22.68 31.20 -57.28
C ILE H 420 23.11 32.60 -56.88
N VAL H 421 23.90 32.67 -55.79
CA VAL H 421 24.50 33.92 -55.37
C VAL H 421 25.45 34.44 -56.45
N ALA H 422 26.19 33.54 -57.10
CA ALA H 422 27.13 33.94 -58.15
C ALA H 422 26.39 34.44 -59.39
N VAL H 423 25.25 33.83 -59.74
CA VAL H 423 24.55 34.32 -60.93
C VAL H 423 23.84 35.65 -60.62
N ALA H 424 23.45 35.86 -59.36
CA ALA H 424 22.91 37.16 -58.98
C ALA H 424 24.01 38.21 -58.97
N ALA H 425 25.21 37.83 -58.53
CA ALA H 425 26.38 38.69 -58.63
C ALA H 425 26.74 38.99 -60.08
N LEU H 426 26.48 38.05 -60.98
CA LEU H 426 26.70 38.27 -62.41
C LEU H 426 25.75 39.33 -62.94
N ILE H 427 24.48 39.25 -62.54
CA ILE H 427 23.49 40.25 -62.96
C ILE H 427 23.85 41.63 -62.39
N LEU H 428 24.26 41.66 -61.12
CA LEU H 428 24.69 42.91 -60.49
C LEU H 428 25.90 43.51 -61.21
N ILE H 429 26.85 42.66 -61.60
CA ILE H 429 28.05 43.11 -62.30
C ILE H 429 27.68 43.67 -63.67
N VAL H 430 26.77 43.00 -64.38
CA VAL H 430 26.43 43.44 -65.73
C VAL H 430 25.57 44.70 -65.67
N VAL H 431 24.95 44.98 -64.52
CA VAL H 431 24.27 46.25 -64.36
C VAL H 431 25.27 47.36 -64.04
N LEU H 432 26.22 47.11 -63.13
CA LEU H 432 27.25 48.12 -62.80
C LEU H 432 28.09 48.49 -64.02
N CYS H 433 28.50 47.51 -64.81
CA CYS H 433 29.44 47.77 -65.89
C CYS H 433 28.80 48.38 -67.13
N VAL H 434 27.52 48.79 -67.09
CA VAL H 434 27.02 49.62 -68.18
C VAL H 434 27.70 50.99 -68.15
N SER H 435 27.92 51.55 -66.97
CA SER H 435 28.62 52.82 -66.87
C SER H 435 29.59 52.90 -65.69
N PHE H 436 30.18 51.78 -65.26
CA PHE H 436 31.09 51.83 -64.12
C PHE H 436 32.54 51.56 -64.52
N SER H 437 33.04 52.21 -65.57
CA SER H 437 34.40 51.99 -66.02
C SER H 437 35.48 52.71 -65.22
N ARG H 438 35.15 53.49 -64.18
CA ARG H 438 36.14 54.37 -63.55
C ARG H 438 36.44 53.99 -62.10
N HIS H 439 35.44 53.95 -61.24
CA HIS H 439 35.63 53.84 -59.81
C HIS H 439 35.49 52.40 -59.35
N ASN I 1 46.16 -9.01 45.58
CA ASN I 1 45.22 -9.92 44.95
C ASN I 1 44.03 -10.16 45.88
N PHE I 2 43.11 -9.19 45.88
CA PHE I 2 41.83 -9.17 46.59
C PHE I 2 41.99 -9.09 48.12
N ASN I 3 43.21 -9.12 48.65
CA ASN I 3 43.48 -8.89 50.06
C ASN I 3 43.77 -7.42 50.31
N VAL I 4 42.80 -6.59 49.96
CA VAL I 4 43.01 -5.15 49.91
C VAL I 4 41.88 -4.50 50.69
N TYR I 5 40.85 -5.29 50.98
CA TYR I 5 39.59 -4.84 51.57
C TYR I 5 39.53 -5.13 53.05
N LYS I 6 40.67 -4.98 53.73
CA LYS I 6 40.83 -5.56 55.06
C LYS I 6 39.94 -4.87 56.09
N ALA I 7 40.04 -3.55 56.20
CA ALA I 7 39.34 -2.81 57.24
C ALA I 7 38.08 -2.13 56.72
N THR I 8 37.47 -2.67 55.66
CA THR I 8 36.37 -2.02 54.99
C THR I 8 35.06 -2.17 55.75
N ARG I 9 34.04 -1.45 55.30
CA ARG I 9 32.71 -1.39 55.93
C ARG I 9 31.68 -0.83 54.95
N PRO I 10 30.53 -1.49 54.81
CA PRO I 10 29.53 -1.06 53.81
C PRO I 10 28.70 0.12 54.28
N TYR I 11 27.69 0.50 53.50
CA TYR I 11 26.97 1.75 53.69
C TYR I 11 25.48 1.53 53.89
N LEU I 12 24.83 2.61 54.30
CA LEU I 12 23.38 2.79 54.24
C LEU I 12 23.16 4.11 53.54
N ALA I 13 22.73 4.08 52.29
CA ALA I 13 22.66 5.33 51.55
C ALA I 13 21.21 5.71 51.31
N HIS I 14 21.03 6.80 50.56
CA HIS I 14 19.73 7.45 50.48
C HIS I 14 19.14 7.09 49.12
N CYS I 15 18.51 5.93 49.06
CA CYS I 15 17.89 5.45 47.85
C CYS I 15 16.64 6.27 47.55
N PRO I 16 16.54 6.88 46.37
CA PRO I 16 15.42 7.80 46.11
C PRO I 16 14.09 7.09 45.93
N ASP I 17 14.09 5.94 45.26
CA ASP I 17 12.91 5.11 45.08
C ASP I 17 13.30 3.69 45.45
N CYS I 18 12.86 3.21 46.61
CA CYS I 18 13.16 1.86 47.04
C CYS I 18 12.08 0.86 46.62
N GLY I 19 11.42 1.12 45.51
CA GLY I 19 10.17 0.45 45.20
C GLY I 19 9.02 1.14 45.92
N GLU I 20 7.80 0.80 45.47
CA GLU I 20 6.51 1.29 45.99
C GLU I 20 6.46 2.82 46.16
N GLY I 21 7.17 3.53 45.29
CA GLY I 21 7.15 4.98 45.30
C GLY I 21 8.24 5.64 46.12
N HIS I 22 8.17 5.56 47.45
CA HIS I 22 8.95 6.45 48.29
C HIS I 22 10.42 6.05 48.37
N SER I 23 11.15 6.78 49.22
CA SER I 23 12.59 6.65 49.40
C SER I 23 12.91 5.77 50.59
N CYS I 24 14.12 5.23 50.59
CA CYS I 24 14.54 4.39 51.69
C CYS I 24 16.01 4.66 52.00
N HIS I 25 16.34 4.72 53.28
CA HIS I 25 17.74 4.68 53.66
C HIS I 25 18.11 3.20 53.63
N SER I 26 18.64 2.80 52.48
CA SER I 26 18.75 1.41 52.11
C SER I 26 20.20 0.97 51.92
N PRO I 27 20.51 -0.31 52.18
CA PRO I 27 21.87 -0.79 51.94
C PRO I 27 22.15 -1.15 50.50
N ILE I 28 21.12 -1.40 49.69
CA ILE I 28 21.29 -1.80 48.29
C ILE I 28 21.35 -0.55 47.41
N ALA I 29 21.38 0.61 48.05
CA ALA I 29 21.22 1.89 47.37
C ALA I 29 22.40 2.20 46.45
N LEU I 30 22.11 2.32 45.16
CA LEU I 30 23.15 2.56 44.16
C LEU I 30 23.51 4.04 44.17
N GLU I 31 24.81 4.32 44.10
CA GLU I 31 25.30 5.69 44.14
C GLU I 31 25.81 6.26 42.81
N ARG I 32 26.38 5.44 41.92
CA ARG I 32 26.99 6.00 40.71
C ARG I 32 27.16 4.91 39.66
N ILE I 33 26.82 5.22 38.42
CA ILE I 33 27.02 4.31 37.31
C ILE I 33 27.96 4.96 36.28
N ARG I 34 28.51 4.13 35.41
CA ARG I 34 29.36 4.59 34.33
C ARG I 34 29.20 3.66 33.14
N ASN I 35 28.94 4.23 31.96
CA ASN I 35 28.55 3.47 30.78
C ASN I 35 29.47 3.77 29.61
N GLU I 36 30.77 3.78 29.86
CA GLU I 36 31.72 4.18 28.82
C GLU I 36 31.91 3.14 27.73
N ALA I 37 31.43 1.91 27.92
CA ALA I 37 31.67 0.85 26.97
C ALA I 37 30.89 1.09 25.68
N THR I 38 31.46 0.65 24.56
CA THR I 38 30.85 0.81 23.26
C THR I 38 29.95 -0.36 22.86
N ASP I 39 29.65 -1.27 23.79
CA ASP I 39 28.82 -2.42 23.44
C ASP I 39 27.87 -2.77 24.57
N GLY I 40 27.43 -1.78 25.35
CA GLY I 40 26.29 -1.93 26.22
C GLY I 40 26.55 -2.58 27.56
N THR I 41 27.80 -2.93 27.88
CA THR I 41 28.08 -3.47 29.18
C THR I 41 28.16 -2.36 30.21
N LEU I 42 27.69 -2.63 31.41
CA LEU I 42 27.52 -1.61 32.45
C LEU I 42 28.39 -1.90 33.66
N LYS I 43 29.08 -0.86 34.13
CA LYS I 43 29.97 -0.91 35.29
C LYS I 43 29.28 -0.14 36.41
N ILE I 44 28.92 -0.86 37.48
CA ILE I 44 28.03 -0.34 38.51
C ILE I 44 28.76 -0.32 39.85
N GLN I 45 28.50 0.73 40.63
CA GLN I 45 29.13 0.97 41.93
C GLN I 45 28.04 1.00 42.99
N VAL I 46 27.88 -0.10 43.70
CA VAL I 46 26.77 -0.27 44.63
C VAL I 46 27.35 -0.17 46.04
N SER I 47 26.49 0.09 47.03
CA SER I 47 26.91 0.30 48.40
C SER I 47 27.10 -0.99 49.19
N LEU I 48 27.26 -2.13 48.53
CA LEU I 48 27.56 -3.38 49.21
C LEU I 48 29.04 -3.69 49.13
N GLN I 49 29.44 -4.72 49.87
CA GLN I 49 30.78 -5.28 49.83
C GLN I 49 30.62 -6.78 49.62
N ILE I 50 30.60 -7.17 48.36
CA ILE I 50 30.31 -8.54 47.97
C ILE I 50 31.59 -9.36 47.98
N GLY I 51 31.43 -10.68 48.08
CA GLY I 51 32.55 -11.59 48.11
C GLY I 51 33.23 -11.74 49.47
N ILE I 52 33.17 -10.69 50.29
CA ILE I 52 33.89 -10.69 51.56
C ILE I 52 33.07 -11.47 52.57
N LYS I 53 33.74 -12.30 53.36
CA LYS I 53 33.11 -12.95 54.50
C LYS I 53 33.52 -12.24 55.79
N THR I 54 33.07 -12.80 56.91
CA THR I 54 33.19 -12.15 58.21
C THR I 54 34.65 -12.03 58.64
N ASP I 55 35.52 -12.91 58.15
CA ASP I 55 36.95 -12.85 58.43
C ASP I 55 37.73 -12.61 57.15
N ASP I 56 37.10 -11.87 56.22
CA ASP I 56 37.69 -11.39 54.97
C ASP I 56 38.23 -12.54 54.10
N SER I 57 37.34 -13.44 53.74
CA SER I 57 37.69 -14.51 52.81
C SER I 57 37.43 -14.06 51.38
N HIS I 58 38.01 -14.81 50.43
CA HIS I 58 37.80 -14.59 49.00
C HIS I 58 36.63 -15.39 48.45
N ASP I 59 35.60 -15.61 49.28
CA ASP I 59 34.46 -16.46 48.95
C ASP I 59 33.70 -15.94 47.74
N TRP I 60 33.21 -16.87 46.92
CA TRP I 60 32.47 -16.54 45.72
C TRP I 60 31.01 -16.96 45.82
N THR I 61 30.45 -16.96 47.03
CA THR I 61 29.03 -17.26 47.22
C THR I 61 28.31 -16.36 48.20
N LYS I 62 29.00 -15.52 48.97
CA LYS I 62 28.35 -14.67 49.96
C LYS I 62 28.62 -13.21 49.67
N LEU I 63 27.99 -12.35 50.47
CA LEU I 63 28.21 -10.91 50.37
C LEU I 63 27.94 -10.23 51.70
N ARG I 64 28.85 -9.35 52.09
CA ARG I 64 28.68 -8.54 53.28
C ARG I 64 27.96 -7.25 52.97
N TYR I 65 27.19 -6.77 53.94
CA TYR I 65 26.41 -5.56 53.77
C TYR I 65 26.07 -5.01 55.15
N MET I 66 26.05 -3.69 55.26
CA MET I 66 25.71 -3.04 56.51
C MET I 66 24.20 -2.93 56.63
N ASP I 67 23.70 -3.17 57.84
CA ASP I 67 22.36 -2.71 58.20
C ASP I 67 22.38 -2.32 59.68
N SER I 68 22.30 -1.02 59.94
CA SER I 68 22.04 -0.42 61.25
C SER I 68 23.08 -0.85 62.28
N HIS I 69 24.34 -0.49 61.99
CA HIS I 69 25.52 -0.85 62.76
C HIS I 69 25.72 -2.36 62.86
N THR I 70 25.20 -3.13 61.92
CA THR I 70 25.45 -4.58 61.90
C THR I 70 26.03 -4.98 60.55
N PRO I 71 27.28 -5.41 60.47
CA PRO I 71 27.79 -5.96 59.21
C PRO I 71 27.35 -7.41 59.08
N ALA I 72 26.42 -7.68 58.18
CA ALA I 72 25.82 -8.99 58.07
C ALA I 72 26.10 -9.59 56.69
N ASP I 73 25.63 -10.81 56.50
CA ASP I 73 25.92 -11.61 55.32
C ASP I 73 24.63 -11.95 54.60
N ALA I 74 24.73 -12.15 53.29
CA ALA I 74 23.64 -12.72 52.51
C ALA I 74 24.23 -13.52 51.36
N GLU I 75 23.34 -14.11 50.56
CA GLU I 75 23.72 -15.01 49.48
C GLU I 75 24.00 -14.22 48.21
N ARG I 76 25.00 -14.69 47.43
CA ARG I 76 25.35 -14.04 46.17
C ARG I 76 24.20 -14.08 45.18
N ALA I 77 23.50 -15.22 45.10
CA ALA I 77 22.45 -15.41 44.10
C ALA I 77 21.22 -14.56 44.37
N GLY I 78 21.12 -13.92 45.52
CA GLY I 78 19.95 -13.13 45.86
C GLY I 78 19.85 -11.85 45.06
N LEU I 79 20.98 -11.33 44.59
CA LEU I 79 21.01 -10.05 43.91
C LEU I 79 20.70 -10.24 42.44
N LEU I 80 20.13 -9.19 41.83
CA LEU I 80 19.75 -9.18 40.43
C LEU I 80 19.46 -7.74 40.04
N VAL I 81 19.81 -7.40 38.81
CA VAL I 81 19.61 -6.05 38.28
C VAL I 81 18.73 -6.16 37.05
N ARG I 82 17.96 -5.10 36.79
CA ARG I 82 16.91 -5.22 35.80
C ARG I 82 16.53 -3.84 35.30
N THR I 83 16.30 -3.70 34.00
CA THR I 83 15.53 -2.55 33.54
C THR I 83 14.08 -2.94 33.21
N SER I 84 13.89 -3.91 32.33
CA SER I 84 12.59 -4.51 32.03
C SER I 84 12.67 -6.02 32.03
N ALA I 85 13.73 -6.57 31.47
CA ALA I 85 14.19 -7.92 31.69
C ALA I 85 15.29 -7.89 32.74
N PRO I 86 15.56 -9.01 33.42
CA PRO I 86 16.77 -9.08 34.24
C PRO I 86 18.01 -9.00 33.37
N CYS I 87 18.94 -8.14 33.77
CA CYS I 87 20.21 -8.12 33.08
C CYS I 87 21.03 -9.32 33.55
N THR I 88 22.04 -9.67 32.76
CA THR I 88 22.91 -10.74 33.24
C THR I 88 23.83 -10.21 34.33
N ILE I 89 24.40 -11.14 35.09
CA ILE I 89 25.36 -10.80 36.15
C ILE I 89 26.68 -11.42 35.77
N THR I 90 27.62 -10.59 35.34
CA THR I 90 28.88 -11.08 34.80
C THR I 90 30.04 -10.86 35.74
N GLY I 91 30.25 -9.63 36.19
CA GLY I 91 31.40 -9.36 37.04
C GLY I 91 31.03 -8.91 38.43
N THR I 92 31.56 -9.58 39.45
CA THR I 92 31.20 -9.31 40.85
C THR I 92 32.46 -9.20 41.68
N MET I 93 32.82 -7.98 42.10
CA MET I 93 33.80 -7.88 43.19
C MET I 93 33.54 -6.59 43.95
N GLY I 94 33.66 -6.66 45.28
CA GLY I 94 33.59 -5.49 46.14
C GLY I 94 32.32 -4.67 46.09
N HIS I 95 32.42 -3.50 45.47
CA HIS I 95 31.30 -2.61 45.28
C HIS I 95 30.86 -2.57 43.82
N PHE I 96 31.48 -3.40 42.98
CA PHE I 96 31.52 -3.19 41.55
C PHE I 96 30.96 -4.40 40.81
N ILE I 97 30.14 -4.10 39.82
CA ILE I 97 29.34 -5.07 39.09
C ILE I 97 29.44 -4.80 37.59
N LEU I 98 29.86 -5.79 36.82
CA LEU I 98 29.64 -5.77 35.40
C LEU I 98 28.35 -6.50 35.09
N ALA I 99 27.49 -5.83 34.33
CA ALA I 99 26.31 -6.44 33.76
C ALA I 99 26.32 -6.25 32.25
N ARG I 100 25.44 -6.99 31.59
CA ARG I 100 25.01 -6.64 30.25
C ARG I 100 23.49 -6.72 30.26
N CYS I 101 22.85 -5.76 29.59
CA CYS I 101 21.49 -5.49 29.94
C CYS I 101 20.74 -4.94 28.74
N PRO I 102 19.45 -5.28 28.58
CA PRO I 102 18.70 -4.79 27.41
C PRO I 102 18.31 -3.32 27.48
N LYS I 103 17.52 -2.91 26.47
CA LYS I 103 17.01 -1.56 26.37
C LYS I 103 16.14 -1.20 27.57
N GLY I 104 16.06 0.09 27.85
CA GLY I 104 15.24 0.51 28.97
C GLY I 104 15.41 1.98 29.27
N GLU I 105 14.79 2.37 30.38
CA GLU I 105 14.72 3.75 30.80
C GLU I 105 15.03 3.97 32.27
N THR I 106 15.10 2.90 33.07
CA THR I 106 15.50 2.98 34.46
C THR I 106 16.42 1.82 34.73
N LEU I 107 16.81 1.67 35.99
CA LEU I 107 17.66 0.55 36.37
C LEU I 107 17.44 0.25 37.84
N THR I 108 17.12 -1.01 38.14
CA THR I 108 16.98 -1.43 39.52
C THR I 108 17.99 -2.52 39.86
N VAL I 109 18.18 -2.68 41.17
CA VAL I 109 19.15 -3.59 41.74
C VAL I 109 18.58 -4.09 43.06
N GLY I 110 18.57 -5.40 43.26
CA GLY I 110 17.95 -5.96 44.43
C GLY I 110 18.74 -7.12 44.96
N PHE I 111 18.56 -7.38 46.26
CA PHE I 111 19.10 -8.59 46.86
C PHE I 111 18.19 -8.97 48.01
N THR I 112 18.05 -10.28 48.22
CA THR I 112 17.19 -10.73 49.28
C THR I 112 17.98 -10.81 50.58
N ASP I 113 17.26 -10.66 51.68
CA ASP I 113 17.89 -10.87 52.97
C ASP I 113 17.89 -12.35 53.32
N SER I 114 18.54 -12.67 54.44
CA SER I 114 18.33 -13.99 55.04
C SER I 114 16.93 -14.06 55.62
N ARG I 115 16.37 -12.92 55.99
CA ARG I 115 15.07 -12.82 56.65
C ARG I 115 13.95 -12.56 55.65
N LYS I 116 14.09 -13.09 54.44
CA LYS I 116 13.06 -13.13 53.40
C LYS I 116 12.60 -11.73 52.96
N ILE I 117 13.47 -10.73 53.10
CA ILE I 117 13.13 -9.38 52.72
C ILE I 117 14.00 -9.01 51.52
N SER I 118 13.36 -8.61 50.42
CA SER I 118 14.06 -8.21 49.21
C SER I 118 14.24 -6.70 49.20
N HIS I 119 15.50 -6.25 49.25
CA HIS I 119 15.84 -4.85 49.14
C HIS I 119 16.10 -4.53 47.68
N THR I 120 15.23 -3.73 47.07
CA THR I 120 15.37 -3.27 45.69
C THR I 120 15.47 -1.76 45.65
N CYS I 121 16.34 -1.23 44.79
CA CYS I 121 16.42 0.20 44.55
C CYS I 121 16.48 0.49 43.05
N THR I 122 15.70 1.47 42.62
CA THR I 122 15.62 1.93 41.25
C THR I 122 16.29 3.29 41.10
N HIS I 123 16.67 3.61 39.85
CA HIS I 123 17.33 4.85 39.49
C HIS I 123 16.95 5.22 38.06
N PRO I 124 16.63 6.49 37.80
CA PRO I 124 16.28 6.92 36.45
C PRO I 124 17.52 7.04 35.58
N PHE I 125 17.63 6.17 34.59
CA PHE I 125 18.74 6.24 33.65
C PHE I 125 18.29 5.65 32.33
N HIS I 126 18.14 6.50 31.32
CA HIS I 126 17.83 6.04 29.97
C HIS I 126 19.04 5.32 29.41
N HIS I 127 18.98 3.98 29.38
CA HIS I 127 20.03 3.16 28.79
C HIS I 127 19.75 2.90 27.33
N GLU I 128 20.61 3.41 26.46
CA GLU I 128 20.59 3.05 25.05
C GLU I 128 22.02 2.69 24.66
N PRO I 129 22.32 1.43 24.37
CA PRO I 129 23.66 1.06 23.90
C PRO I 129 23.91 1.59 22.50
N PRO I 130 25.09 2.13 22.23
CA PRO I 130 25.32 2.80 20.95
C PRO I 130 25.47 1.81 19.81
N VAL I 131 25.11 2.27 18.63
CA VAL I 131 25.20 1.44 17.44
C VAL I 131 26.66 1.30 17.02
N ILE I 132 26.96 0.18 16.37
CA ILE I 132 28.28 -0.09 15.82
C ILE I 132 28.11 -0.29 14.33
N GLY I 133 28.81 0.53 13.55
CA GLY I 133 28.63 0.48 12.13
C GLY I 133 27.34 1.16 11.74
N ARG I 134 26.87 0.85 10.53
CA ARG I 134 25.76 1.57 9.92
C ARG I 134 24.46 0.82 10.11
N GLU I 135 24.27 0.18 11.25
CA GLU I 135 23.09 -0.62 11.53
C GLU I 135 22.57 -0.28 12.91
N ARG I 136 21.26 -0.08 13.01
CA ARG I 136 20.61 -0.02 14.31
C ARG I 136 20.18 -1.43 14.74
N PHE I 137 21.17 -2.33 14.74
CA PHE I 137 20.87 -3.75 14.81
C PHE I 137 20.54 -4.15 16.25
N HIS I 138 20.25 -5.42 16.43
CA HIS I 138 19.53 -5.86 17.60
C HIS I 138 20.27 -6.89 18.44
N SER I 139 20.84 -7.92 17.82
CA SER I 139 21.57 -8.96 18.54
C SER I 139 22.61 -9.57 17.61
N ARG I 140 23.64 -10.16 18.20
CA ARG I 140 24.83 -10.51 17.42
C ARG I 140 24.60 -11.82 16.65
N PRO I 141 24.65 -11.79 15.33
CA PRO I 141 24.34 -12.98 14.55
C PRO I 141 25.56 -13.83 14.25
N GLN I 142 25.36 -14.84 13.39
CA GLN I 142 26.38 -15.84 13.11
C GLN I 142 27.50 -15.31 12.22
N HIS I 143 27.30 -14.17 11.57
CA HIS I 143 28.17 -13.75 10.48
C HIS I 143 28.69 -12.34 10.72
N GLY I 144 29.26 -11.74 9.68
CA GLY I 144 29.49 -10.30 9.69
C GLY I 144 30.94 -9.95 9.92
N LYS I 145 31.18 -8.64 9.89
CA LYS I 145 32.53 -8.10 9.86
C LYS I 145 32.99 -7.81 11.28
N GLU I 146 34.18 -7.23 11.41
CA GLU I 146 34.84 -7.04 12.68
C GLU I 146 35.12 -5.56 12.88
N LEU I 147 34.39 -4.93 13.81
CA LEU I 147 34.65 -3.52 14.05
C LEU I 147 35.04 -3.29 15.49
N PRO I 148 36.03 -2.44 15.76
CA PRO I 148 36.60 -2.37 17.11
C PRO I 148 35.67 -1.69 18.10
N CYS I 149 35.84 -2.05 19.38
CA CYS I 149 34.93 -1.65 20.43
C CYS I 149 35.70 -1.61 21.73
N SER I 150 35.05 -1.09 22.77
CA SER I 150 35.63 -1.04 24.10
C SER I 150 34.74 -1.83 25.04
N THR I 151 35.35 -2.78 25.75
CA THR I 151 34.66 -3.57 26.75
C THR I 151 35.57 -3.79 27.94
N TYR I 152 35.00 -4.27 29.03
CA TYR I 152 35.72 -4.41 30.28
C TYR I 152 36.12 -5.87 30.50
N VAL I 153 37.19 -6.05 31.26
CA VAL I 153 37.62 -7.38 31.69
C VAL I 153 37.52 -7.44 33.21
N GLN I 154 37.86 -8.58 33.80
CA GLN I 154 37.60 -8.76 35.23
C GLN I 154 38.90 -8.94 36.00
N SER I 155 39.88 -8.08 35.74
CA SER I 155 41.11 -8.08 36.50
C SER I 155 40.87 -7.61 37.93
N THR I 156 41.80 -7.99 38.81
CA THR I 156 41.78 -7.57 40.20
C THR I 156 42.85 -6.54 40.53
N ALA I 157 43.86 -6.38 39.67
CA ALA I 157 45.00 -5.49 39.92
C ALA I 157 45.25 -4.62 38.69
N ALA I 158 44.57 -3.48 38.61
CA ALA I 158 44.86 -2.48 37.58
C ALA I 158 45.24 -1.18 38.27
N THR I 159 46.18 -0.45 37.66
CA THR I 159 46.68 0.78 38.25
C THR I 159 45.94 2.00 37.68
N ALA I 160 46.49 3.18 37.98
CA ALA I 160 46.12 4.49 37.42
C ALA I 160 44.69 4.88 37.76
N GLU I 161 44.14 4.34 38.84
CA GLU I 161 42.76 4.59 39.23
C GLU I 161 42.61 4.30 40.72
N GLU I 162 41.82 5.12 41.40
CA GLU I 162 42.04 5.35 42.82
C GLU I 162 40.85 6.08 43.41
N ILE I 163 40.41 5.63 44.58
CA ILE I 163 39.48 6.36 45.43
C ILE I 163 39.98 6.36 46.86
N GLU I 164 39.52 7.34 47.61
CA GLU I 164 40.06 7.67 48.93
C GLU I 164 39.21 7.03 50.01
N VAL I 165 39.74 6.00 50.65
CA VAL I 165 39.12 5.37 51.80
C VAL I 165 39.77 5.95 53.06
N HIS I 166 38.96 6.21 54.08
CA HIS I 166 39.42 6.90 55.27
C HIS I 166 38.47 6.57 56.41
N MET I 167 38.51 7.39 57.46
CA MET I 167 37.68 7.15 58.63
C MET I 167 36.19 7.32 58.33
N PRO I 168 35.38 6.32 58.64
CA PRO I 168 33.93 6.44 58.55
C PRO I 168 33.38 7.44 59.55
N PRO I 169 32.43 8.25 59.12
CA PRO I 169 32.02 9.42 59.92
C PRO I 169 31.05 9.00 61.01
N ASP I 170 30.27 9.93 61.53
CA ASP I 170 29.55 9.68 62.78
C ASP I 170 28.28 8.88 62.45
N THR I 171 27.42 8.67 63.44
CA THR I 171 26.18 7.91 63.25
C THR I 171 25.14 8.44 64.23
N PRO I 172 24.41 9.48 63.87
CA PRO I 172 23.38 9.97 64.80
C PRO I 172 22.15 9.08 64.79
N ASP I 173 22.07 8.22 65.79
CA ASP I 173 20.94 7.32 66.01
C ASP I 173 20.51 7.51 67.46
N ARG I 174 19.42 8.24 67.67
CA ARG I 174 18.93 8.55 69.01
C ARG I 174 17.97 7.49 69.53
N THR I 175 18.16 6.25 69.09
CA THR I 175 17.23 5.16 69.33
C THR I 175 17.47 4.45 70.65
N LEU I 176 18.63 4.65 71.28
CA LEU I 176 18.96 3.88 72.48
C LEU I 176 19.15 4.77 73.70
N MET I 177 18.25 5.72 73.89
CA MET I 177 18.23 6.61 75.05
C MET I 177 16.89 6.37 75.76
N THR I 178 16.91 5.56 76.80
CA THR I 178 15.67 5.22 77.50
C THR I 178 15.48 6.10 78.73
N GLN I 179 14.24 6.13 79.22
CA GLN I 179 13.81 7.06 80.25
C GLN I 179 13.33 6.30 81.46
N GLN I 180 13.95 6.52 82.61
CA GLN I 180 13.46 5.97 83.87
C GLN I 180 12.62 7.01 84.63
N SER I 181 11.59 7.49 83.93
CA SER I 181 10.58 8.45 84.43
C SER I 181 11.23 9.74 84.94
N GLY I 182 11.84 10.47 84.02
CA GLY I 182 12.44 11.74 84.34
C GLY I 182 13.93 11.73 84.15
N ASN I 183 14.58 10.65 84.59
CA ASN I 183 16.00 10.45 84.39
C ASN I 183 16.21 9.54 83.19
N VAL I 184 17.42 9.56 82.64
CA VAL I 184 17.67 8.94 81.35
C VAL I 184 18.88 8.01 81.46
N LYS I 185 18.66 6.72 81.15
CA LYS I 185 19.74 5.79 80.89
C LYS I 185 20.06 5.80 79.40
N ILE I 186 21.35 5.72 79.07
CA ILE I 186 21.79 5.73 77.68
C ILE I 186 22.49 4.40 77.41
N THR I 187 21.76 3.45 76.86
CA THR I 187 22.28 2.11 76.63
C THR I 187 23.28 2.11 75.48
N VAL I 188 24.27 1.22 75.57
CA VAL I 188 25.45 1.36 74.73
C VAL I 188 25.72 0.17 73.81
N ASN I 189 25.26 -1.04 74.21
CA ASN I 189 25.49 -2.30 73.48
C ASN I 189 26.97 -2.59 73.23
N GLY I 190 27.85 -2.14 74.13
CA GLY I 190 29.27 -2.41 73.98
C GLY I 190 29.88 -1.58 72.87
N GLN I 191 29.65 -0.27 72.91
CA GLN I 191 30.20 0.64 71.91
C GLN I 191 30.73 1.88 72.63
N THR I 192 30.97 2.94 71.87
CA THR I 192 31.42 4.23 72.42
C THR I 192 30.55 5.32 71.79
N VAL I 193 29.63 5.86 72.57
CA VAL I 193 28.64 6.81 72.10
C VAL I 193 28.99 8.21 72.59
N ARG I 194 29.20 9.12 71.66
CA ARG I 194 29.19 10.54 71.98
C ARG I 194 27.79 10.97 72.35
N TYR I 195 27.63 11.49 73.57
CA TYR I 195 26.35 12.01 74.02
C TYR I 195 26.50 13.52 74.21
N LYS I 196 25.37 14.22 74.08
CA LYS I 196 25.39 15.68 74.01
C LYS I 196 24.02 16.17 74.46
N CYS I 197 23.93 16.61 75.71
CA CYS I 197 22.65 17.01 76.27
C CYS I 197 22.59 18.51 76.44
N ASN I 198 21.38 19.06 76.33
CA ASN I 198 21.15 20.50 76.44
C ASN I 198 20.81 20.91 77.88
N CYS I 199 21.64 20.51 78.83
CA CYS I 199 21.47 20.88 80.23
C CYS I 199 22.85 21.20 80.80
N GLY I 200 22.94 21.28 82.13
CA GLY I 200 24.21 21.62 82.75
C GLY I 200 24.80 20.50 83.58
N GLY I 201 26.13 20.52 83.75
CA GLY I 201 26.82 19.49 84.49
C GLY I 201 27.64 18.57 83.60
N SER I 202 27.46 17.26 83.76
CA SER I 202 28.10 16.26 82.91
C SER I 202 27.19 15.86 81.75
N ASN I 203 26.72 16.85 81.00
CA ASN I 203 25.66 16.61 80.03
C ASN I 203 26.22 16.08 78.71
N GLU I 204 27.46 16.42 78.39
CA GLU I 204 28.08 16.07 77.13
C GLU I 204 29.37 15.31 77.34
N GLY I 205 29.65 14.39 76.43
CA GLY I 205 30.89 13.63 76.48
C GLY I 205 30.77 12.36 75.66
N LEU I 206 31.69 11.44 75.93
CA LEU I 206 31.72 10.15 75.23
C LEU I 206 31.70 9.04 76.28
N THR I 207 30.72 8.15 76.17
CA THR I 207 30.54 7.10 77.16
C THR I 207 31.11 5.78 76.65
N THR I 208 31.37 4.89 77.61
CA THR I 208 31.72 3.50 77.35
C THR I 208 30.69 2.54 77.92
N THR I 209 30.06 2.87 79.03
CA THR I 209 28.97 2.12 79.63
C THR I 209 27.68 2.91 79.48
N ASP I 210 26.63 2.42 80.14
CA ASP I 210 25.41 3.21 80.26
C ASP I 210 25.63 4.42 81.16
N LYS I 211 25.03 5.54 80.79
CA LYS I 211 25.04 6.75 81.60
C LYS I 211 23.65 7.03 82.14
N VAL I 212 23.62 7.45 83.40
CA VAL I 212 22.41 7.86 84.09
C VAL I 212 22.47 9.37 84.25
N ILE I 213 21.75 10.09 83.40
CA ILE I 213 21.66 11.55 83.52
C ILE I 213 20.37 11.89 84.25
N ASN I 214 20.49 12.70 85.30
CA ASN I 214 19.39 13.01 86.20
C ASN I 214 18.63 14.23 85.68
N ASN I 215 17.39 14.01 85.26
CA ASN I 215 16.43 15.04 84.85
C ASN I 215 16.97 15.88 83.69
N CYS I 216 17.39 15.17 82.65
CA CYS I 216 17.70 15.78 81.35
C CYS I 216 17.14 14.79 80.35
N LYS I 217 15.93 15.09 79.85
CA LYS I 217 15.17 14.15 79.05
C LYS I 217 15.76 14.03 77.65
N ILE I 218 15.28 13.02 76.92
CA ILE I 218 15.91 12.60 75.67
C ILE I 218 15.70 13.65 74.59
N ASP I 219 14.63 14.45 74.68
CA ASP I 219 14.44 15.55 73.75
C ASP I 219 15.36 16.72 74.05
N GLN I 220 16.03 16.71 75.20
CA GLN I 220 17.03 17.69 75.56
C GLN I 220 18.44 17.14 75.33
N CYS I 221 18.58 16.10 74.49
CA CYS I 221 19.84 15.38 74.37
C CYS I 221 20.08 15.00 72.92
N HIS I 222 21.20 14.30 72.71
CA HIS I 222 21.67 13.83 71.41
C HIS I 222 22.64 12.68 71.64
N ALA I 223 22.62 11.69 70.77
CA ALA I 223 23.54 10.56 70.86
C ALA I 223 23.99 10.12 69.48
N ALA I 224 25.24 9.67 69.41
CA ALA I 224 25.80 9.15 68.16
C ALA I 224 26.99 8.26 68.47
N VAL I 225 27.04 7.07 67.86
CA VAL I 225 28.12 6.12 68.13
C VAL I 225 29.36 6.54 67.36
N THR I 226 30.54 6.22 67.89
CA THR I 226 31.81 6.61 67.28
C THR I 226 32.53 5.36 66.77
N ASN I 227 32.19 4.94 65.55
CA ASN I 227 32.70 3.71 64.95
C ASN I 227 34.05 4.01 64.30
N HIS I 228 35.11 3.93 65.10
CA HIS I 228 36.43 4.36 64.67
C HIS I 228 37.30 3.24 64.15
N LYS I 229 36.80 2.00 64.11
CA LYS I 229 37.65 0.86 63.80
C LYS I 229 37.80 0.65 62.30
N ASN I 230 36.69 0.54 61.58
CA ASN I 230 36.70 0.17 60.18
C ASN I 230 37.07 1.37 59.31
N TRP I 231 37.02 1.18 57.99
CA TRP I 231 37.41 2.19 57.01
C TRP I 231 36.38 2.23 55.88
N GLN I 232 35.96 3.44 55.50
CA GLN I 232 34.93 3.64 54.49
C GLN I 232 35.39 4.74 53.55
N TYR I 233 34.97 4.66 52.29
CA TYR I 233 35.48 5.64 51.35
C TYR I 233 34.48 6.80 51.21
N ASN I 234 34.83 7.74 50.35
CA ASN I 234 34.02 8.92 50.11
C ASN I 234 32.79 8.53 49.30
N SER I 235 31.66 8.40 49.97
CA SER I 235 30.41 8.48 49.22
C SER I 235 29.90 9.90 49.17
N PRO I 236 29.32 10.34 48.05
CA PRO I 236 28.65 11.65 48.02
C PRO I 236 27.30 11.66 48.70
N LEU I 237 26.78 10.50 49.09
CA LEU I 237 25.48 10.42 49.74
C LEU I 237 25.60 10.27 51.24
N VAL I 238 26.79 9.96 51.74
CA VAL I 238 27.10 9.96 53.16
C VAL I 238 27.95 11.18 53.44
N PRO I 239 27.61 12.01 54.43
CA PRO I 239 28.42 13.20 54.69
C PRO I 239 29.73 12.82 55.34
N ARG I 240 30.75 13.63 55.09
CA ARG I 240 32.07 13.34 55.62
C ARG I 240 32.08 13.63 57.12
N ASN I 241 33.14 13.20 57.79
CA ASN I 241 33.37 13.70 59.13
C ASN I 241 33.91 15.12 58.97
N ALA I 242 33.01 16.09 59.07
CA ALA I 242 33.27 17.43 58.55
C ALA I 242 33.71 18.37 59.67
N GLU I 243 34.94 18.14 60.12
CA GLU I 243 35.69 19.12 60.91
C GLU I 243 37.11 19.28 60.39
N LEU I 244 37.34 18.98 59.11
CA LEU I 244 38.70 18.82 58.62
C LEU I 244 38.70 19.00 57.11
N GLY I 245 39.90 18.88 56.53
CA GLY I 245 40.07 18.88 55.10
C GLY I 245 40.22 17.47 54.58
N ASP I 246 41.45 17.04 54.35
CA ASP I 246 41.70 15.74 53.79
C ASP I 246 41.54 14.66 54.86
N ARG I 247 41.10 13.49 54.44
CA ARG I 247 41.16 12.28 55.24
C ARG I 247 41.67 11.15 54.36
N LYS I 248 42.73 10.47 54.80
CA LYS I 248 43.54 9.66 53.89
C LYS I 248 43.26 8.17 54.06
N GLY I 249 43.61 7.42 53.02
CA GLY I 249 43.31 6.02 52.86
C GLY I 249 43.16 5.78 51.37
N LYS I 250 43.66 4.67 50.82
CA LYS I 250 43.69 4.53 49.37
C LYS I 250 43.19 3.15 48.95
N ILE I 251 42.42 3.12 47.86
CA ILE I 251 41.95 1.85 47.30
C ILE I 251 41.71 2.02 45.81
N HIS I 252 42.25 1.10 45.02
CA HIS I 252 42.10 1.16 43.57
C HIS I 252 40.73 0.60 43.18
N ILE I 253 40.34 0.81 41.93
CA ILE I 253 39.01 0.38 41.49
C ILE I 253 39.21 -0.62 40.37
N PRO I 254 38.33 -1.62 40.23
CA PRO I 254 38.61 -2.72 39.31
C PRO I 254 38.18 -2.47 37.89
N PHE I 255 38.23 -3.54 37.09
CA PHE I 255 37.55 -3.72 35.82
C PHE I 255 37.97 -2.69 34.79
N PRO I 256 39.18 -2.80 34.25
CA PRO I 256 39.65 -1.80 33.29
C PRO I 256 38.99 -2.00 31.93
N LEU I 257 39.02 -0.93 31.15
CA LEU I 257 38.45 -0.94 29.82
C LEU I 257 39.55 -1.23 28.81
N ALA I 258 39.17 -1.89 27.71
CA ALA I 258 40.12 -2.20 26.65
C ALA I 258 39.35 -2.26 25.33
N ASN I 259 40.08 -2.45 24.25
CA ASN I 259 39.51 -2.43 22.92
C ASN I 259 39.60 -3.82 22.29
N VAL I 260 38.45 -4.46 22.18
CA VAL I 260 38.26 -5.77 21.55
C VAL I 260 37.33 -5.56 20.35
N THR I 261 37.54 -6.35 19.31
CA THR I 261 36.82 -6.15 18.05
C THR I 261 35.48 -6.89 18.11
N CYS I 262 34.39 -6.12 18.12
CA CYS I 262 33.05 -6.70 18.03
C CYS I 262 32.83 -7.39 16.69
N ARG I 263 31.91 -8.34 16.70
CA ARG I 263 31.45 -9.02 15.49
C ARG I 263 30.11 -8.40 15.11
N VAL I 264 30.14 -7.57 14.08
CA VAL I 264 28.96 -6.80 13.66
C VAL I 264 28.09 -7.71 12.81
N PRO I 265 26.83 -7.36 12.54
CA PRO I 265 26.05 -8.14 11.58
C PRO I 265 26.48 -7.90 10.15
N LYS I 266 26.21 -8.89 9.31
CA LYS I 266 26.21 -8.69 7.87
C LYS I 266 24.98 -7.88 7.47
N ALA I 267 24.96 -7.47 6.22
CA ALA I 267 23.80 -6.79 5.68
C ALA I 267 23.00 -7.77 4.84
N ARG I 268 21.97 -7.26 4.18
CA ARG I 268 21.09 -8.09 3.37
C ARG I 268 21.45 -7.85 1.90
N ASN I 269 21.59 -8.91 1.13
CA ASN I 269 21.81 -8.72 -0.30
C ASN I 269 20.52 -8.24 -0.97
N PRO I 270 20.56 -7.11 -1.69
CA PRO I 270 19.35 -6.62 -2.38
C PRO I 270 19.15 -7.27 -3.73
N THR I 271 18.17 -6.79 -4.50
CA THR I 271 18.09 -7.14 -5.91
C THR I 271 18.00 -5.89 -6.77
N VAL I 272 18.47 -6.01 -8.01
CA VAL I 272 18.67 -4.86 -8.89
C VAL I 272 18.09 -5.17 -10.27
N THR I 273 17.77 -4.10 -11.00
CA THR I 273 17.66 -4.15 -12.45
C THR I 273 17.98 -2.77 -13.02
N TYR I 274 18.21 -2.75 -14.32
CA TYR I 274 18.88 -1.66 -14.99
C TYR I 274 17.99 -1.00 -16.03
N GLY I 275 18.39 0.20 -16.44
CA GLY I 275 17.73 0.94 -17.49
C GLY I 275 18.67 2.03 -17.94
N LYS I 276 18.24 2.77 -18.97
CA LYS I 276 19.07 3.81 -19.58
C LYS I 276 19.44 4.87 -18.57
N ASN I 277 20.75 4.92 -18.27
CA ASN I 277 21.39 5.83 -17.33
C ASN I 277 20.80 5.72 -15.92
N GLN I 278 20.14 4.61 -15.58
CA GLN I 278 19.48 4.56 -14.29
C GLN I 278 19.37 3.12 -13.80
N VAL I 279 19.27 2.97 -12.49
CA VAL I 279 19.12 1.67 -11.88
C VAL I 279 17.91 1.73 -10.97
N THR I 280 17.32 0.58 -10.69
CA THR I 280 16.39 0.50 -9.57
C THR I 280 16.65 -0.80 -8.83
N MET I 281 16.25 -0.80 -7.57
CA MET I 281 16.77 -1.75 -6.60
C MET I 281 15.73 -1.96 -5.52
N LEU I 282 15.39 -3.22 -5.26
CA LEU I 282 14.51 -3.56 -4.16
C LEU I 282 15.37 -4.04 -3.00
N LEU I 283 15.12 -3.46 -1.82
CA LEU I 283 15.91 -3.69 -0.62
C LEU I 283 15.08 -4.43 0.41
N TYR I 284 15.76 -5.10 1.35
CA TYR I 284 15.09 -6.01 2.28
C TYR I 284 15.62 -5.88 3.69
N PRO I 285 15.09 -4.95 4.48
CA PRO I 285 15.54 -4.83 5.86
C PRO I 285 15.00 -5.95 6.72
N ASP I 286 15.65 -6.12 7.88
CA ASP I 286 15.07 -6.87 8.98
C ASP I 286 15.21 -6.13 10.30
N HIS I 287 15.98 -5.05 10.33
CA HIS I 287 16.05 -4.07 11.40
C HIS I 287 16.40 -2.77 10.71
N PRO I 288 16.05 -1.62 11.27
CA PRO I 288 16.22 -0.34 10.55
C PRO I 288 17.68 -0.05 10.25
N THR I 289 17.98 0.06 8.96
CA THR I 289 19.35 0.05 8.45
C THR I 289 19.44 1.08 7.35
N LEU I 290 20.57 1.76 7.24
CA LEU I 290 20.70 2.82 6.26
C LEU I 290 21.37 2.32 4.99
N LEU I 291 20.98 2.90 3.87
CA LEU I 291 21.75 2.87 2.64
C LEU I 291 22.41 4.22 2.43
N SER I 292 23.31 4.27 1.46
CA SER I 292 23.89 5.55 1.07
C SER I 292 24.29 5.49 -0.38
N TYR I 293 24.18 6.62 -1.06
CA TYR I 293 24.67 6.69 -2.42
C TYR I 293 25.35 8.03 -2.68
N ARG I 294 26.27 8.02 -3.64
CA ARG I 294 27.03 9.21 -4.00
C ARG I 294 27.53 9.06 -5.43
N ASN I 295 28.02 10.16 -5.97
CA ASN I 295 28.77 10.13 -7.22
C ASN I 295 30.25 10.19 -6.89
N MET I 296 31.08 10.16 -7.94
CA MET I 296 32.51 10.41 -7.78
C MET I 296 32.98 11.62 -8.58
N GLY I 297 32.07 12.51 -8.96
CA GLY I 297 32.43 13.68 -9.74
C GLY I 297 33.07 14.75 -8.88
N GLN I 298 32.93 16.02 -9.31
CA GLN I 298 33.51 17.10 -8.54
C GLN I 298 32.70 17.41 -7.28
N GLU I 299 31.50 16.87 -7.18
CA GLU I 299 30.71 16.88 -5.98
C GLU I 299 29.93 15.57 -5.90
N PRO I 300 29.80 15.01 -4.71
CA PRO I 300 29.21 13.67 -4.59
C PRO I 300 27.71 13.66 -4.46
N ASN I 301 27.14 14.77 -3.96
CA ASN I 301 25.74 14.95 -3.53
C ASN I 301 25.18 13.69 -2.86
N TYR I 302 25.87 13.30 -1.79
CA TYR I 302 25.57 12.06 -1.08
C TYR I 302 24.22 12.11 -0.39
N HIS I 303 23.53 10.98 -0.39
CA HIS I 303 22.30 10.83 0.34
C HIS I 303 22.36 9.56 1.17
N GLU I 304 22.11 9.70 2.47
CA GLU I 304 22.29 8.65 3.46
C GLU I 304 20.96 8.46 4.17
N GLU I 305 20.22 7.40 3.83
CA GLU I 305 18.84 7.29 4.29
C GLU I 305 18.58 5.96 4.97
N TRP I 306 17.89 6.01 6.10
CA TRP I 306 17.42 4.82 6.78
C TRP I 306 16.26 4.20 6.03
N VAL I 307 16.12 2.89 6.18
CA VAL I 307 14.89 2.18 5.83
C VAL I 307 14.48 1.31 7.00
N THR I 308 13.17 1.27 7.24
CA THR I 308 12.56 0.46 8.28
C THR I 308 11.69 -0.63 7.68
N HIS I 309 10.69 -0.26 6.88
CA HIS I 309 10.10 -1.22 5.96
C HIS I 309 10.82 -1.08 4.64
N LYS I 310 10.47 -1.91 3.68
CA LYS I 310 11.31 -2.09 2.52
C LYS I 310 11.00 -1.04 1.46
N LYS I 311 11.95 -0.87 0.55
CA LYS I 311 11.81 0.11 -0.51
C LYS I 311 12.28 -0.48 -1.82
N GLU I 312 11.52 -0.19 -2.87
CA GLU I 312 12.09 -0.13 -4.19
C GLU I 312 12.52 1.32 -4.40
N VAL I 313 13.76 1.50 -4.82
CA VAL I 313 14.30 2.83 -5.06
C VAL I 313 14.88 2.90 -6.45
N THR I 314 14.68 4.03 -7.11
CA THR I 314 15.29 4.27 -8.40
C THR I 314 16.40 5.30 -8.20
N LEU I 315 17.48 5.14 -8.94
CA LEU I 315 18.63 6.02 -8.86
C LEU I 315 19.04 6.42 -10.26
N THR I 316 19.21 7.71 -10.48
CA THR I 316 19.91 8.08 -11.69
C THR I 316 21.39 7.76 -11.53
N VAL I 317 22.07 7.65 -12.67
CA VAL I 317 23.51 7.46 -12.72
C VAL I 317 24.09 8.67 -13.41
N PRO I 318 25.15 9.28 -12.89
CA PRO I 318 25.85 10.31 -13.66
C PRO I 318 26.65 9.67 -14.76
N THR I 319 27.07 10.51 -15.70
CA THR I 319 28.02 10.06 -16.72
C THR I 319 29.37 9.73 -16.12
N GLU I 320 29.68 10.28 -14.95
CA GLU I 320 30.89 9.89 -14.24
C GLU I 320 30.80 8.47 -13.71
N GLY I 321 29.76 8.17 -12.95
CA GLY I 321 29.60 6.86 -12.34
C GLY I 321 29.05 6.97 -10.94
N LEU I 322 28.30 5.94 -10.54
CA LEU I 322 27.54 5.94 -9.31
C LEU I 322 28.08 4.93 -8.31
N GLU I 323 28.24 5.36 -7.07
CA GLU I 323 28.68 4.49 -6.00
C GLU I 323 27.50 4.36 -5.03
N VAL I 324 27.26 3.16 -4.53
CA VAL I 324 26.15 2.91 -3.61
C VAL I 324 26.58 1.87 -2.60
N THR I 325 26.50 2.21 -1.32
CA THR I 325 26.69 1.24 -0.26
C THR I 325 25.37 0.93 0.43
N TRP I 326 25.34 -0.24 1.06
CA TRP I 326 24.14 -0.66 1.78
C TRP I 326 24.58 -1.57 2.92
N GLY I 327 24.41 -1.09 4.14
CA GLY I 327 24.69 -1.81 5.36
C GLY I 327 26.17 -2.06 5.56
N ASN I 328 26.47 -3.20 6.19
CA ASN I 328 27.84 -3.62 6.43
C ASN I 328 28.50 -4.24 5.23
N ASN I 329 27.78 -4.34 4.13
CA ASN I 329 28.24 -5.09 2.96
C ASN I 329 29.41 -4.38 2.30
N GLU I 330 29.99 -5.05 1.33
CA GLU I 330 30.96 -4.39 0.49
C GLU I 330 30.24 -3.41 -0.43
N PRO I 331 30.75 -2.20 -0.57
CA PRO I 331 30.07 -1.19 -1.38
C PRO I 331 30.04 -1.55 -2.86
N TYR I 332 29.10 -0.94 -3.57
CA TYR I 332 28.71 -1.34 -4.90
C TYR I 332 29.06 -0.22 -5.88
N LYS I 333 29.50 -0.60 -7.08
CA LYS I 333 29.96 0.35 -8.08
C LYS I 333 29.17 0.14 -9.36
N TYR I 334 28.80 1.23 -10.01
CA TYR I 334 27.96 1.14 -11.19
C TYR I 334 28.39 2.22 -12.18
N TRP I 335 28.35 1.87 -13.45
CA TRP I 335 28.76 2.78 -14.51
C TRP I 335 27.80 2.66 -15.67
N PRO I 336 27.50 3.76 -16.36
CA PRO I 336 26.55 3.69 -17.46
C PRO I 336 27.22 3.09 -18.69
N GLN I 337 26.40 2.83 -19.69
CA GLN I 337 26.82 2.28 -20.97
C GLN I 337 25.91 2.88 -22.03
N MET I 338 25.99 2.37 -23.25
CA MET I 338 25.22 3.01 -24.31
C MET I 338 23.76 2.54 -24.24
N SER I 339 22.90 3.25 -24.94
CA SER I 339 21.50 3.37 -24.56
C SER I 339 20.69 2.14 -24.92
N THR I 340 19.38 2.23 -24.63
CA THR I 340 18.42 1.20 -25.04
C THR I 340 18.32 1.12 -26.56
N ASN I 341 18.39 2.27 -27.23
CA ASN I 341 18.85 2.42 -28.62
C ASN I 341 18.01 1.61 -29.60
N GLY I 342 16.74 2.00 -29.73
CA GLY I 342 15.97 1.51 -30.85
C GLY I 342 16.30 2.27 -32.12
N THR I 343 17.46 1.96 -32.71
CA THR I 343 18.07 2.78 -33.74
C THR I 343 18.75 1.91 -34.77
N ALA I 344 19.06 2.54 -35.91
CA ALA I 344 19.89 1.94 -36.95
C ALA I 344 20.53 3.07 -37.73
N HIS I 345 21.15 2.75 -38.86
CA HIS I 345 21.63 3.78 -39.77
C HIS I 345 21.35 3.44 -41.23
N GLY I 346 20.93 4.44 -41.97
CA GLY I 346 20.70 4.34 -43.41
C GLY I 346 19.54 5.23 -43.86
N HIS I 347 18.70 4.68 -44.76
CA HIS I 347 17.54 5.40 -45.28
C HIS I 347 16.59 5.90 -44.19
N PRO I 348 15.99 5.03 -43.31
CA PRO I 348 15.20 5.63 -42.23
C PRO I 348 16.13 6.14 -41.15
N HIS I 349 16.53 7.41 -41.32
CA HIS I 349 17.43 8.12 -40.42
C HIS I 349 17.04 8.03 -38.95
N GLU I 350 17.87 7.31 -38.21
CA GLU I 350 17.69 7.02 -36.81
C GLU I 350 18.87 7.51 -36.00
N ILE I 351 19.88 8.08 -36.66
CA ILE I 351 21.07 8.74 -36.14
C ILE I 351 20.79 9.66 -34.94
N ILE I 352 19.61 10.29 -34.94
CA ILE I 352 19.14 11.07 -33.79
C ILE I 352 19.09 10.21 -32.53
N LEU I 353 18.66 8.96 -32.67
CA LEU I 353 18.74 7.97 -31.61
C LEU I 353 20.14 7.34 -31.49
N TYR I 354 21.03 7.62 -32.44
CA TYR I 354 22.47 7.52 -32.23
C TYR I 354 23.04 8.77 -31.59
N TYR I 355 22.18 9.73 -31.29
CA TYR I 355 22.47 10.95 -30.56
C TYR I 355 22.22 10.77 -29.07
N TYR I 356 21.16 10.06 -28.70
CA TYR I 356 20.75 9.97 -27.31
C TYR I 356 21.51 8.93 -26.52
N GLU I 357 22.69 8.53 -26.98
CA GLU I 357 23.67 7.85 -26.15
C GLU I 357 24.80 8.76 -25.71
N LEU I 358 25.12 9.79 -26.48
CA LEU I 358 26.22 10.70 -26.16
C LEU I 358 25.63 12.09 -26.05
N TYR I 359 25.65 12.63 -24.84
CA TYR I 359 25.08 13.92 -24.48
C TYR I 359 23.63 14.11 -24.89
N PRO I 360 22.67 13.49 -24.18
CA PRO I 360 21.29 13.96 -24.31
C PRO I 360 21.21 15.33 -23.69
N THR I 361 20.19 16.10 -24.09
CA THR I 361 19.76 17.45 -23.64
C THR I 361 20.85 18.51 -23.88
N MET I 362 22.00 18.07 -24.37
CA MET I 362 23.15 18.78 -24.89
C MET I 362 23.25 18.26 -26.32
N THR I 363 24.31 18.65 -27.05
CA THR I 363 24.62 18.32 -28.45
C THR I 363 23.39 18.39 -29.40
N VAL I 364 22.38 19.14 -28.99
CA VAL I 364 21.13 19.28 -29.70
C VAL I 364 20.99 20.70 -30.24
N VAL I 365 21.41 21.66 -29.42
CA VAL I 365 21.63 23.06 -29.76
C VAL I 365 22.34 23.19 -31.09
N ILE I 366 23.39 22.37 -31.30
CA ILE I 366 24.03 22.21 -32.60
C ILE I 366 23.06 21.77 -33.71
N VAL I 367 22.08 20.91 -33.41
CA VAL I 367 21.13 20.52 -34.45
C VAL I 367 20.17 21.67 -34.77
N SER I 368 19.72 22.37 -33.72
CA SER I 368 18.80 23.48 -33.92
C SER I 368 19.50 24.64 -34.63
N VAL I 369 20.75 24.92 -34.28
CA VAL I 369 21.48 25.99 -34.94
C VAL I 369 21.90 25.54 -36.33
N ALA I 370 21.97 24.23 -36.59
CA ALA I 370 22.22 23.77 -37.95
C ALA I 370 21.00 24.05 -38.82
N SER I 371 19.80 23.77 -38.29
CA SER I 371 18.58 24.17 -38.99
C SER I 371 18.52 25.68 -39.15
N PHE I 372 18.99 26.42 -38.15
CA PHE I 372 19.07 27.88 -38.21
C PHE I 372 19.97 28.34 -39.35
N VAL I 373 21.18 27.76 -39.47
CA VAL I 373 22.11 28.24 -40.48
C VAL I 373 21.62 27.83 -41.86
N LEU I 374 20.92 26.69 -41.96
CA LEU I 374 20.38 26.31 -43.26
C LEU I 374 19.22 27.23 -43.65
N LEU I 375 18.43 27.66 -42.67
CA LEU I 375 17.37 28.59 -43.01
C LEU I 375 17.90 29.99 -43.26
N SER I 376 19.07 30.35 -42.72
CA SER I 376 19.69 31.59 -43.18
C SER I 376 20.28 31.44 -44.57
N MET I 377 20.68 30.22 -44.95
CA MET I 377 21.09 30.00 -46.34
C MET I 377 19.90 30.14 -47.30
N VAL I 378 18.73 29.64 -46.89
CA VAL I 378 17.52 29.88 -47.67
C VAL I 378 17.15 31.37 -47.65
N GLY I 379 17.40 32.05 -46.54
CA GLY I 379 17.16 33.49 -46.49
C GLY I 379 18.06 34.27 -47.43
N THR I 380 19.32 33.86 -47.56
CA THR I 380 20.20 34.50 -48.52
C THR I 380 19.83 34.12 -49.95
N ALA I 381 19.24 32.93 -50.14
CA ALA I 381 18.67 32.61 -51.45
C ALA I 381 17.52 33.54 -51.79
N VAL I 382 16.67 33.83 -50.81
CA VAL I 382 15.59 34.81 -50.98
C VAL I 382 16.15 36.19 -51.27
N GLY I 383 17.23 36.56 -50.59
CA GLY I 383 17.84 37.87 -50.81
C GLY I 383 18.44 38.01 -52.20
N MET I 384 19.13 36.97 -52.68
CA MET I 384 19.66 36.99 -54.03
C MET I 384 18.55 36.96 -55.08
N CYS I 385 17.46 36.25 -54.78
CA CYS I 385 16.35 36.21 -55.73
C CYS I 385 15.62 37.55 -55.78
N VAL I 386 15.46 38.22 -54.64
CA VAL I 386 14.78 39.50 -54.66
C VAL I 386 15.68 40.59 -55.24
N CYS I 387 17.00 40.44 -55.11
CA CYS I 387 17.89 41.37 -55.78
C CYS I 387 17.90 41.10 -57.28
N ALA I 388 17.74 39.83 -57.68
CA ALA I 388 17.65 39.48 -59.08
C ALA I 388 16.34 39.96 -59.70
N ARG I 389 15.25 39.96 -58.94
CA ARG I 389 14.02 40.50 -59.49
C ARG I 389 14.06 42.02 -59.55
N ARG I 390 14.76 42.66 -58.60
CA ARG I 390 14.95 44.09 -58.69
C ARG I 390 15.88 44.48 -59.84
N ARG I 391 16.85 43.63 -60.15
CA ARG I 391 17.66 43.85 -61.34
C ARG I 391 17.06 43.22 -62.60
N CYS I 392 15.89 42.60 -62.50
CA CYS I 392 15.02 42.48 -63.66
C CYS I 392 14.28 43.78 -63.93
N ILE I 393 13.91 44.48 -62.85
CA ILE I 393 13.04 45.64 -63.00
C ILE I 393 13.84 46.87 -63.42
N THR I 394 15.00 47.10 -62.80
CA THR I 394 15.80 48.28 -63.14
C THR I 394 16.29 48.42 -64.58
N PRO I 395 16.50 47.37 -65.40
CA PRO I 395 16.71 47.65 -66.84
C PRO I 395 15.45 47.97 -67.60
N TYR I 396 14.30 47.52 -67.14
CA TYR I 396 13.07 47.66 -67.88
C TYR I 396 12.02 48.12 -66.88
N GLU I 397 12.12 49.40 -66.49
CA GLU I 397 11.14 49.97 -65.58
C GLU I 397 9.76 49.93 -66.23
N LEU I 398 9.70 50.52 -67.42
CA LEU I 398 8.65 50.66 -68.42
C LEU I 398 9.24 51.66 -69.39
N THR I 399 10.32 51.31 -70.09
CA THR I 399 11.01 52.23 -70.99
C THR I 399 10.06 52.77 -72.05
N PRO I 400 10.32 54.01 -72.57
CA PRO I 400 9.49 54.61 -73.62
C PRO I 400 9.07 53.70 -74.75
N GLY I 401 10.06 52.91 -75.21
CA GLY I 401 9.83 51.87 -76.21
C GLY I 401 8.73 50.90 -75.90
N ALA I 402 8.55 50.58 -74.60
CA ALA I 402 7.58 49.64 -74.02
C ALA I 402 7.36 48.37 -74.83
N THR I 403 8.46 47.80 -75.36
CA THR I 403 8.44 46.59 -76.18
C THR I 403 9.88 46.06 -76.21
N VAL I 404 10.15 45.04 -75.39
CA VAL I 404 11.41 44.30 -75.48
C VAL I 404 11.16 42.80 -75.50
N PRO I 405 10.98 42.21 -76.69
CA PRO I 405 11.01 40.75 -76.79
C PRO I 405 12.39 40.16 -76.55
N PHE I 406 13.46 40.86 -76.95
CA PHE I 406 14.81 40.34 -76.74
C PHE I 406 15.20 40.30 -75.28
N LEU I 407 14.61 41.15 -74.44
CA LEU I 407 14.82 40.99 -73.01
C LEU I 407 13.95 39.88 -72.45
N LEU I 408 12.63 40.06 -72.51
CA LEU I 408 11.69 39.25 -71.78
C LEU I 408 11.54 37.84 -72.34
N SER I 409 11.83 37.65 -73.63
CA SER I 409 11.70 36.33 -74.23
C SER I 409 12.84 35.40 -73.83
N LEU I 410 13.93 35.95 -73.29
CA LEU I 410 14.98 35.13 -72.72
C LEU I 410 14.99 35.13 -71.20
N LEU I 411 14.58 36.22 -70.54
CA LEU I 411 14.77 36.26 -69.10
C LEU I 411 13.67 35.45 -68.41
N CYS I 412 12.41 35.86 -68.57
CA CYS I 412 11.23 35.29 -67.91
C CYS I 412 11.43 35.11 -66.41
N CYS I 413 11.70 36.21 -65.70
CA CYS I 413 11.79 36.09 -64.25
C CYS I 413 10.42 36.21 -63.59
N VAL I 414 9.73 37.33 -63.80
CA VAL I 414 8.41 37.54 -63.19
C VAL I 414 7.67 38.61 -64.01
N ARG I 415 6.36 38.37 -64.20
CA ARG I 415 5.42 39.28 -64.88
C ARG I 415 5.93 39.66 -66.27
N THR I 416 6.23 38.65 -67.06
CA THR I 416 6.98 38.81 -68.30
C THR I 416 6.14 39.45 -69.41
N THR I 417 4.80 39.47 -69.26
CA THR I 417 3.86 39.71 -70.35
C THR I 417 3.78 41.16 -70.83
N LYS I 418 4.58 42.09 -70.34
CA LYS I 418 4.43 43.47 -70.81
C LYS I 418 5.47 43.77 -71.89
N ALA I 419 5.28 43.09 -73.01
CA ALA I 419 5.96 43.30 -74.30
C ALA I 419 7.49 43.19 -74.23
N ASN J 1 -1.06 74.25 -71.30
CA ASN J 1 -0.94 72.80 -71.37
C ASN J 1 -0.81 72.32 -72.81
N ASP J 2 0.43 72.32 -73.29
CA ASP J 2 0.80 71.74 -74.56
C ASP J 2 1.68 70.52 -74.35
N CYS J 3 2.76 70.70 -73.61
CA CYS J 3 3.62 69.62 -73.18
C CYS J 3 3.83 69.63 -71.67
N ILE J 4 3.32 70.65 -70.98
CA ILE J 4 3.61 70.86 -69.56
C ILE J 4 2.90 69.88 -68.65
N PHE J 5 3.68 69.19 -67.81
CA PHE J 5 3.27 68.19 -66.84
C PHE J 5 4.11 68.56 -65.62
N GLU J 6 3.56 68.46 -64.41
CA GLU J 6 4.32 68.94 -63.26
C GLU J 6 4.01 68.27 -61.93
N VAL J 7 5.07 67.98 -61.16
CA VAL J 7 4.96 67.69 -59.73
C VAL J 7 5.32 68.95 -58.95
N LYS J 8 4.45 69.34 -58.02
CA LYS J 8 4.65 70.52 -57.20
C LYS J 8 4.57 70.12 -55.74
N HIS J 9 5.37 70.77 -54.90
CA HIS J 9 5.40 70.42 -53.48
C HIS J 9 5.38 71.68 -52.64
N GLU J 10 4.44 71.72 -51.69
CA GLU J 10 4.07 72.84 -50.80
C GLU J 10 4.16 74.21 -51.48
N GLY J 11 3.46 74.33 -52.59
CA GLY J 11 3.41 75.59 -53.33
C GLY J 11 4.55 75.84 -54.28
N LYS J 12 5.71 75.24 -54.05
CA LYS J 12 6.87 75.50 -54.89
C LYS J 12 7.09 74.35 -55.87
N VAL J 13 7.45 74.70 -57.11
CA VAL J 13 7.79 73.69 -58.10
C VAL J 13 9.08 72.97 -57.69
N MET J 14 8.95 71.66 -57.49
CA MET J 14 10.06 70.78 -57.17
C MET J 14 10.49 70.02 -58.42
N GLY J 15 10.55 70.69 -59.55
CA GLY J 15 10.83 70.00 -60.80
C GLY J 15 9.53 69.52 -61.40
N TYR J 16 9.63 68.59 -62.33
CA TYR J 16 8.45 68.18 -63.07
C TYR J 16 8.46 66.67 -63.19
N ALA J 17 7.27 66.11 -63.31
CA ALA J 17 7.10 64.71 -63.62
C ALA J 17 6.36 64.68 -64.95
N CYS J 18 6.64 63.65 -65.75
CA CYS J 18 6.06 63.59 -67.08
C CYS J 18 5.60 62.17 -67.37
N LEU J 19 4.44 62.01 -67.99
CA LEU J 19 4.06 60.69 -68.45
C LEU J 19 4.47 60.64 -69.92
N VAL J 20 5.31 59.65 -70.23
CA VAL J 20 5.99 59.52 -71.52
C VAL J 20 5.91 58.07 -71.96
N GLY J 21 5.38 57.84 -73.16
CA GLY J 21 5.13 56.48 -73.61
C GLY J 21 4.11 55.82 -72.72
N ASP J 22 4.49 54.70 -72.12
CA ASP J 22 3.65 54.02 -71.16
C ASP J 22 4.15 54.19 -69.72
N LYS J 23 5.00 55.18 -69.48
CA LYS J 23 5.56 55.36 -68.14
C LYS J 23 5.19 56.70 -67.52
N VAL J 24 5.05 56.71 -66.21
CA VAL J 24 5.03 57.94 -65.43
C VAL J 24 6.43 58.07 -64.88
N MET J 25 7.07 59.20 -65.16
CA MET J 25 8.47 59.43 -64.87
C MET J 25 8.62 60.61 -63.94
N LYS J 26 9.51 60.49 -62.98
CA LYS J 26 9.75 61.56 -62.03
C LYS J 26 11.19 61.37 -61.63
N PRO J 27 11.98 62.43 -61.55
CA PRO J 27 13.34 62.29 -60.98
C PRO J 27 13.26 61.88 -59.52
N ALA J 28 14.11 60.91 -59.14
CA ALA J 28 14.02 60.40 -57.78
C ALA J 28 14.50 61.43 -56.77
N HIS J 29 15.39 62.33 -57.17
CA HIS J 29 15.98 63.27 -56.23
C HIS J 29 15.01 64.37 -55.84
N VAL J 30 13.97 64.60 -56.64
CA VAL J 30 12.98 65.59 -56.26
C VAL J 30 12.17 65.04 -55.09
N LYS J 31 12.28 65.71 -53.95
CA LYS J 31 11.55 65.29 -52.77
C LYS J 31 10.12 65.81 -52.85
N GLY J 32 9.21 65.13 -52.17
CA GLY J 32 7.83 65.57 -52.10
C GLY J 32 6.87 64.67 -52.83
N THR J 33 5.69 65.22 -53.09
CA THR J 33 4.51 64.51 -53.57
C THR J 33 3.95 65.14 -54.83
N ILE J 34 3.47 64.28 -55.74
CA ILE J 34 2.78 64.75 -56.94
C ILE J 34 1.54 65.51 -56.50
N ASP J 35 1.37 66.71 -57.04
CA ASP J 35 0.34 67.63 -56.61
C ASP J 35 -1.02 67.36 -57.27
N ASN J 36 -1.28 66.10 -57.60
CA ASN J 36 -2.61 65.67 -58.03
C ASN J 36 -2.89 64.39 -57.26
N ALA J 37 -3.95 64.40 -56.46
CA ALA J 37 -4.21 63.30 -55.52
C ALA J 37 -4.58 62.01 -56.23
N ASP J 38 -5.19 62.11 -57.43
CA ASP J 38 -5.50 60.92 -58.20
C ASP J 38 -4.23 60.22 -58.63
N LEU J 39 -3.20 61.00 -58.95
CA LEU J 39 -1.90 60.47 -59.34
C LEU J 39 -1.15 59.94 -58.11
N ALA J 40 -1.23 60.67 -57.00
CA ALA J 40 -0.49 60.41 -55.78
C ALA J 40 -0.73 59.02 -55.17
N LYS J 41 -1.76 58.30 -55.60
CA LYS J 41 -2.13 57.03 -54.97
C LYS J 41 -1.67 55.81 -55.74
N LEU J 42 -0.98 55.98 -56.87
CA LEU J 42 -0.49 54.83 -57.62
C LEU J 42 0.79 54.26 -57.00
N ALA J 43 1.06 53.00 -57.36
CA ALA J 43 2.30 52.31 -57.01
C ALA J 43 3.49 52.86 -57.79
N PHE J 44 4.41 53.51 -57.09
CA PHE J 44 5.61 54.12 -57.66
C PHE J 44 6.83 53.27 -57.34
N LYS J 45 7.71 53.12 -58.32
CA LYS J 45 8.99 52.45 -58.12
C LYS J 45 10.15 53.44 -58.20
N ARG J 46 11.00 53.39 -57.17
CA ARG J 46 12.20 54.21 -56.99
C ARG J 46 13.46 53.47 -57.41
N SER J 47 14.36 54.17 -58.11
CA SER J 47 15.71 53.71 -58.36
C SER J 47 16.68 54.82 -57.99
N SER J 48 17.50 54.57 -56.97
CA SER J 48 18.50 55.55 -56.54
C SER J 48 19.69 55.59 -57.49
N LYS J 49 20.09 54.43 -58.01
CA LYS J 49 21.24 54.31 -58.89
C LYS J 49 21.13 55.22 -60.12
N TYR J 50 19.95 55.28 -60.72
CA TYR J 50 19.74 56.07 -61.92
C TYR J 50 18.94 57.33 -61.65
N ASP J 51 18.53 57.55 -60.39
CA ASP J 51 17.60 58.60 -59.95
C ASP J 51 16.29 58.62 -60.74
N LEU J 52 15.67 57.46 -60.89
CA LEU J 52 14.44 57.37 -61.67
C LEU J 52 13.27 56.91 -60.82
N GLU J 53 12.11 57.50 -61.04
CA GLU J 53 10.85 57.03 -60.47
C GLU J 53 9.87 56.74 -61.60
N CYS J 54 9.29 55.55 -61.58
CA CYS J 54 8.41 55.09 -62.63
C CYS J 54 7.10 54.58 -62.07
N ALA J 55 6.05 54.72 -62.87
CA ALA J 55 4.74 54.21 -62.52
C ALA J 55 4.01 53.84 -63.81
N GLN J 56 3.05 52.92 -63.71
CA GLN J 56 2.22 52.60 -64.86
C GLN J 56 1.15 53.67 -65.06
N ILE J 57 1.12 54.26 -66.26
CA ILE J 57 0.11 55.25 -66.65
C ILE J 57 -1.28 54.63 -66.62
N PRO J 58 -2.27 55.26 -65.99
CA PRO J 58 -3.64 54.75 -66.10
C PRO J 58 -4.16 54.94 -67.53
N VAL J 59 -5.13 54.10 -67.90
CA VAL J 59 -5.62 54.03 -69.28
C VAL J 59 -6.30 55.33 -69.70
N HIS J 60 -7.14 55.89 -68.83
CA HIS J 60 -7.98 57.03 -69.16
C HIS J 60 -7.22 58.34 -69.37
N MET J 61 -5.90 58.37 -69.27
CA MET J 61 -5.14 59.58 -69.55
C MET J 61 -4.21 59.40 -70.73
N LYS J 62 -4.14 58.18 -71.31
CA LYS J 62 -3.19 57.82 -72.37
C LYS J 62 -3.13 58.80 -73.54
N SER J 63 -4.25 59.42 -73.89
CA SER J 63 -4.23 60.25 -75.08
C SER J 63 -3.53 61.59 -74.90
N ASP J 64 -3.05 61.95 -73.71
CA ASP J 64 -2.27 63.19 -73.66
C ASP J 64 -0.77 62.96 -73.83
N ALA J 65 -0.32 61.71 -73.99
CA ALA J 65 1.09 61.39 -73.89
C ALA J 65 1.87 61.85 -75.11
N SER J 66 3.16 62.11 -74.89
CA SER J 66 4.08 62.46 -75.95
C SER J 66 4.58 61.24 -76.73
N LYS J 67 4.71 61.40 -78.04
CA LYS J 67 5.42 60.45 -78.88
C LYS J 67 6.91 60.52 -78.58
N PHE J 68 7.64 59.46 -78.94
CA PHE J 68 9.06 59.36 -78.64
C PHE J 68 9.82 58.77 -79.82
N THR J 69 11.15 58.85 -79.75
CA THR J 69 12.09 58.18 -80.65
C THR J 69 13.40 57.95 -79.92
N HIS J 70 14.05 56.83 -80.24
CA HIS J 70 15.38 56.53 -79.71
C HIS J 70 16.46 57.25 -80.50
N GLU J 71 16.13 57.64 -81.72
CA GLU J 71 17.06 58.20 -82.68
C GLU J 71 17.17 59.70 -82.47
N LYS J 72 18.39 60.18 -82.19
CA LYS J 72 18.63 61.61 -82.01
C LYS J 72 19.65 62.11 -83.01
N PRO J 73 19.21 62.58 -84.17
CA PRO J 73 20.13 63.26 -85.09
C PRO J 73 20.65 64.54 -84.47
N GLU J 74 21.85 64.94 -84.90
CA GLU J 74 22.42 66.22 -84.54
C GLU J 74 21.57 67.38 -85.06
N GLY J 75 21.45 68.44 -84.27
CA GLY J 75 20.69 69.60 -84.70
C GLY J 75 20.22 70.43 -83.52
N TYR J 76 19.09 71.09 -83.72
CA TYR J 76 18.47 71.88 -82.68
C TYR J 76 17.18 71.20 -82.24
N TYR J 77 16.87 71.31 -80.96
CA TYR J 77 15.65 70.72 -80.43
C TYR J 77 14.94 71.77 -79.59
N ASN J 78 13.82 71.39 -78.99
CA ASN J 78 13.02 72.31 -78.20
C ASN J 78 12.92 71.81 -76.78
N TRP J 79 12.92 72.75 -75.83
CA TRP J 79 12.47 72.53 -74.47
C TRP J 79 11.74 73.77 -73.99
N HIS J 80 11.27 73.68 -72.73
CA HIS J 80 10.42 74.69 -72.10
C HIS J 80 11.00 76.10 -72.16
N HIS J 81 12.32 76.23 -72.13
CA HIS J 81 12.94 77.55 -72.10
C HIS J 81 13.54 77.92 -73.45
N GLY J 82 13.32 77.12 -74.50
CA GLY J 82 13.79 77.52 -75.82
C GLY J 82 14.50 76.44 -76.60
N ALA J 83 15.48 76.84 -77.39
CA ALA J 83 16.21 75.92 -78.25
C ALA J 83 17.28 75.20 -77.43
N VAL J 84 17.58 73.97 -77.83
CA VAL J 84 18.60 73.14 -77.18
C VAL J 84 19.52 72.63 -78.26
N GLN J 85 20.81 72.97 -78.16
CA GLN J 85 21.74 72.55 -79.19
C GLN J 85 22.23 71.13 -78.90
N TYR J 86 22.12 70.22 -79.87
CA TYR J 86 22.75 68.91 -79.80
C TYR J 86 23.74 68.72 -80.93
N SER J 87 25.01 68.56 -80.57
CA SER J 87 26.04 68.22 -81.55
C SER J 87 27.27 67.69 -80.84
N GLY J 88 27.98 66.78 -81.51
CA GLY J 88 29.17 66.19 -80.95
C GLY J 88 28.91 65.21 -79.84
N GLY J 89 27.67 64.77 -79.69
CA GLY J 89 27.32 63.93 -78.58
C GLY J 89 27.07 64.77 -77.36
N ARG J 90 26.77 66.06 -77.56
CA ARG J 90 26.80 67.03 -76.49
C ARG J 90 25.54 67.86 -76.57
N PHE J 91 24.76 67.88 -75.48
CA PHE J 91 23.63 68.79 -75.35
C PHE J 91 24.07 70.02 -74.60
N THR J 92 23.76 71.20 -75.15
CA THR J 92 24.14 72.46 -74.55
C THR J 92 22.97 73.43 -74.57
N ILE J 93 23.10 74.42 -73.69
CA ILE J 93 22.07 75.43 -73.45
C ILE J 93 22.77 76.75 -73.14
N PRO J 94 22.10 77.88 -73.38
CA PRO J 94 22.63 79.15 -72.89
C PRO J 94 22.65 79.18 -71.37
N THR J 95 23.79 79.62 -70.82
CA THR J 95 24.01 79.76 -69.38
C THR J 95 22.98 80.70 -68.73
N GLY J 96 22.31 80.19 -67.69
CA GLY J 96 21.29 80.90 -66.97
C GLY J 96 19.87 80.48 -67.29
N ALA J 97 19.66 79.76 -68.39
CA ALA J 97 18.33 79.24 -68.70
C ALA J 97 17.89 78.17 -67.70
N GLY J 98 18.84 77.48 -67.08
CA GLY J 98 18.50 76.40 -66.16
C GLY J 98 19.17 76.60 -64.82
N LYS J 99 18.47 76.16 -63.78
CA LYS J 99 18.89 76.30 -62.38
C LYS J 99 18.30 75.14 -61.60
N PRO J 100 18.82 74.88 -60.35
CA PRO J 100 18.14 73.94 -59.43
C PRO J 100 16.64 74.16 -59.31
N GLY J 101 15.86 73.14 -59.69
CA GLY J 101 14.41 73.25 -59.78
C GLY J 101 13.90 72.90 -61.16
N ASP J 102 14.74 73.06 -62.17
CA ASP J 102 14.40 72.82 -63.57
C ASP J 102 14.51 71.36 -64.00
N SER J 103 14.95 70.45 -63.12
CA SER J 103 15.03 69.03 -63.45
C SER J 103 13.68 68.44 -63.81
N GLY J 104 13.61 67.74 -64.94
CA GLY J 104 12.37 67.14 -65.41
C GLY J 104 11.85 67.63 -66.73
N ARG J 105 12.31 68.80 -67.21
CA ARG J 105 11.92 69.32 -68.51
C ARG J 105 12.16 68.29 -69.62
N PRO J 106 11.21 68.07 -70.51
CA PRO J 106 11.47 67.20 -71.65
C PRO J 106 12.19 67.96 -72.76
N ILE J 107 12.89 67.22 -73.59
CA ILE J 107 13.44 67.74 -74.83
C ILE J 107 12.66 67.11 -75.97
N PHE J 108 12.20 67.91 -76.90
CA PHE J 108 11.40 67.36 -77.99
C PHE J 108 11.90 67.97 -79.29
N ASP J 109 11.67 67.23 -80.35
CA ASP J 109 12.09 67.60 -81.70
C ASP J 109 11.07 68.50 -82.38
N ASN J 110 11.27 68.72 -83.69
CA ASN J 110 10.40 69.61 -84.45
C ASN J 110 9.01 69.03 -84.64
N LYS J 111 8.84 67.72 -84.45
CA LYS J 111 7.53 67.10 -84.50
C LYS J 111 6.98 66.88 -83.10
N GLY J 112 7.63 67.44 -82.09
CA GLY J 112 7.15 67.35 -80.74
C GLY J 112 7.41 66.02 -80.07
N ARG J 113 8.27 65.18 -80.64
CA ARG J 113 8.58 63.89 -80.05
C ARG J 113 9.69 64.02 -79.02
N VAL J 114 9.40 63.65 -77.78
CA VAL J 114 10.38 63.71 -76.70
C VAL J 114 11.50 62.70 -76.91
N VAL J 115 12.74 63.17 -76.78
CA VAL J 115 13.91 62.33 -76.90
C VAL J 115 14.72 62.22 -75.61
N ALA J 116 14.60 63.15 -74.67
CA ALA J 116 15.38 63.11 -73.44
C ALA J 116 14.69 63.93 -72.35
N ILE J 117 15.11 63.68 -71.11
CA ILE J 117 14.67 64.41 -69.92
C ILE J 117 15.87 65.10 -69.30
N VAL J 118 15.73 66.36 -68.91
CA VAL J 118 16.85 67.08 -68.31
C VAL J 118 16.99 66.65 -66.86
N LEU J 119 18.23 66.35 -66.46
CA LEU J 119 18.57 65.98 -65.10
C LEU J 119 19.30 67.10 -64.36
N GLY J 120 20.04 67.92 -65.08
CA GLY J 120 20.86 68.94 -64.44
C GLY J 120 21.81 69.51 -65.47
N GLY J 121 22.76 70.31 -65.01
CA GLY J 121 23.64 70.96 -65.96
C GLY J 121 24.94 71.39 -65.33
N ALA J 122 25.96 71.52 -66.18
CA ALA J 122 27.27 71.99 -65.75
C ALA J 122 27.57 73.30 -66.48
N ASN J 123 27.63 74.38 -65.71
CA ASN J 123 27.97 75.69 -66.22
C ASN J 123 29.46 75.76 -66.54
N GLU J 124 29.80 76.10 -67.78
CA GLU J 124 31.20 76.27 -68.16
C GLU J 124 31.47 77.70 -68.64
N GLY J 125 30.77 78.67 -68.06
CA GLY J 125 30.91 80.04 -68.46
C GLY J 125 29.83 80.47 -69.44
N ALA J 126 30.21 80.76 -70.69
CA ALA J 126 29.25 81.22 -71.69
C ALA J 126 28.15 80.19 -71.98
N ARG J 127 28.49 78.91 -72.05
CA ARG J 127 27.50 77.88 -72.29
C ARG J 127 27.43 76.92 -71.13
N THR J 128 26.33 76.16 -71.08
CA THR J 128 26.14 75.14 -70.05
C THR J 128 25.84 73.83 -70.74
N ALA J 129 26.66 72.82 -70.48
CA ALA J 129 26.43 71.49 -71.03
C ALA J 129 25.54 70.73 -70.04
N LEU J 130 24.39 70.26 -70.49
CA LEU J 130 23.47 69.67 -69.53
C LEU J 130 23.78 68.20 -69.28
N SER J 131 23.64 67.81 -68.01
CA SER J 131 23.61 66.42 -67.57
C SER J 131 22.21 65.86 -67.78
N VAL J 132 22.13 64.66 -68.36
CA VAL J 132 20.86 64.17 -68.86
C VAL J 132 20.68 62.68 -68.57
N VAL J 133 19.41 62.29 -68.43
CA VAL J 133 18.98 60.90 -68.47
C VAL J 133 18.17 60.75 -69.75
N THR J 134 18.38 59.63 -70.43
CA THR J 134 17.74 59.43 -71.72
C THR J 134 17.70 57.94 -72.00
N TRP J 135 17.18 57.59 -73.17
CA TRP J 135 16.92 56.21 -73.53
C TRP J 135 17.25 56.03 -75.00
N ASN J 136 17.78 54.86 -75.33
CA ASN J 136 18.25 54.59 -76.68
C ASN J 136 18.22 53.09 -76.91
N LYS J 137 17.48 52.66 -77.93
CA LYS J 137 17.19 51.25 -78.23
C LYS J 137 16.68 50.50 -77.00
N ASP J 138 15.71 51.14 -76.34
CA ASP J 138 15.01 50.67 -75.15
C ASP J 138 15.89 50.53 -73.92
N ILE J 139 17.13 51.01 -73.93
CA ILE J 139 17.92 50.93 -72.70
C ILE J 139 18.11 52.34 -72.14
N VAL J 140 17.79 52.47 -70.86
CA VAL J 140 17.97 53.72 -70.13
C VAL J 140 19.46 53.97 -69.92
N THR J 141 19.90 55.21 -70.15
CA THR J 141 21.29 55.58 -69.98
C THR J 141 21.35 57.00 -69.42
N LYS J 142 22.18 57.17 -68.41
CA LYS J 142 22.47 58.47 -67.81
C LYS J 142 23.83 58.95 -68.29
N ILE J 143 23.88 60.15 -68.86
CA ILE J 143 25.12 60.78 -69.28
C ILE J 143 25.38 62.00 -68.41
N THR J 144 26.50 61.96 -67.69
CA THR J 144 26.89 63.02 -66.77
C THR J 144 28.30 63.52 -67.08
N PRO J 145 28.46 64.75 -67.56
CA PRO J 145 29.80 65.33 -67.66
C PRO J 145 30.33 65.63 -66.27
N GLU J 146 31.66 65.54 -66.13
CA GLU J 146 32.34 65.91 -64.90
C GLU J 146 31.96 67.32 -64.45
N GLY J 147 31.75 67.47 -63.15
CA GLY J 147 31.46 68.78 -62.59
C GLY J 147 30.05 69.26 -62.86
N ALA J 148 29.09 68.34 -62.96
CA ALA J 148 27.70 68.68 -63.21
C ALA J 148 27.00 68.86 -61.87
N GLU J 149 26.10 69.83 -61.81
CA GLU J 149 25.31 70.06 -60.60
C GLU J 149 23.88 69.54 -60.81
N GLU J 150 23.33 68.94 -59.75
CA GLU J 150 21.95 68.45 -59.76
C GLU J 150 20.95 69.61 -59.83
N TRP J 151 19.91 69.43 -60.64
CA TRP J 151 18.89 70.46 -60.71
C TRP J 151 17.61 69.97 -60.07
N TYR K 1 -52.24 -15.36 -19.00
CA TYR K 1 -51.89 -14.02 -19.44
C TYR K 1 -50.45 -13.80 -18.99
N GLU K 2 -49.61 -13.35 -19.91
CA GLU K 2 -48.20 -13.09 -19.63
C GLU K 2 -47.99 -11.61 -19.32
N HIS K 3 -47.53 -11.31 -18.11
CA HIS K 3 -47.23 -9.93 -17.73
C HIS K 3 -45.73 -9.70 -17.66
N VAL K 4 -45.26 -8.71 -18.40
CA VAL K 4 -43.84 -8.37 -18.48
C VAL K 4 -43.64 -7.03 -17.78
N THR K 5 -42.71 -7.00 -16.84
CA THR K 5 -42.43 -5.77 -16.10
C THR K 5 -40.94 -5.65 -15.89
N VAL K 6 -40.50 -4.45 -15.55
CA VAL K 6 -39.09 -4.17 -15.31
C VAL K 6 -38.96 -3.41 -14.00
N ILE K 7 -38.14 -3.94 -13.09
CA ILE K 7 -37.92 -3.27 -11.79
C ILE K 7 -36.46 -2.92 -11.59
N PRO K 8 -36.14 -1.84 -10.88
CA PRO K 8 -34.73 -1.51 -10.60
C PRO K 8 -34.06 -2.48 -9.64
N ASN K 9 -32.76 -2.68 -9.86
CA ASN K 9 -31.92 -3.57 -9.06
C ASN K 9 -31.57 -2.92 -7.71
N THR K 10 -32.56 -2.89 -6.83
CA THR K 10 -32.36 -2.35 -5.49
C THR K 10 -32.94 -3.34 -4.49
N VAL K 11 -32.10 -3.85 -3.61
CA VAL K 11 -32.54 -4.84 -2.64
C VAL K 11 -33.18 -4.12 -1.46
N GLY K 12 -34.23 -4.73 -0.90
CA GLY K 12 -34.90 -4.15 0.22
C GLY K 12 -35.89 -3.06 -0.15
N VAL K 13 -36.27 -2.98 -1.42
CA VAL K 13 -37.21 -1.98 -1.89
C VAL K 13 -38.46 -2.63 -2.47
N PRO K 14 -39.61 -2.45 -1.85
CA PRO K 14 -40.84 -3.09 -2.36
C PRO K 14 -41.39 -2.35 -3.57
N TYR K 15 -41.61 -3.09 -4.65
CA TYR K 15 -42.22 -2.55 -5.87
C TYR K 15 -43.57 -3.17 -6.14
N LYS K 16 -44.52 -2.32 -6.50
CA LYS K 16 -45.89 -2.71 -6.79
C LYS K 16 -46.09 -2.81 -8.28
N THR K 17 -46.70 -3.90 -8.72
CA THR K 17 -46.99 -4.13 -10.14
C THR K 17 -48.48 -4.33 -10.28
N LEU K 18 -49.08 -3.57 -11.20
CA LEU K 18 -50.52 -3.62 -11.47
C LEU K 18 -50.82 -4.52 -12.66
N VAL K 19 -51.53 -5.61 -12.41
CA VAL K 19 -51.97 -6.55 -13.42
C VAL K 19 -53.40 -6.17 -13.76
N ASN K 20 -53.63 -5.70 -14.98
CA ASN K 20 -54.96 -5.29 -15.43
C ASN K 20 -55.38 -6.20 -16.57
N ARG K 21 -56.07 -7.27 -16.22
CA ARG K 21 -56.63 -8.17 -17.22
C ARG K 21 -58.07 -7.75 -17.52
N PRO K 22 -58.41 -7.48 -18.78
CA PRO K 22 -59.78 -7.04 -19.13
C PRO K 22 -60.83 -8.05 -18.72
N GLY K 23 -61.86 -7.56 -18.03
CA GLY K 23 -62.93 -8.38 -17.51
C GLY K 23 -62.66 -8.98 -16.15
N TYR K 24 -61.55 -8.63 -15.52
CA TYR K 24 -61.19 -9.11 -14.20
C TYR K 24 -60.74 -7.94 -13.34
N SER K 25 -60.99 -8.06 -12.04
CA SER K 25 -60.55 -7.06 -11.09
C SER K 25 -59.02 -6.96 -11.10
N PRO K 26 -58.46 -5.76 -11.06
CA PRO K 26 -57.00 -5.61 -11.10
C PRO K 26 -56.33 -6.25 -9.89
N MET K 27 -55.11 -6.73 -10.11
CA MET K 27 -54.33 -7.38 -9.07
C MET K 27 -52.98 -6.72 -8.89
N VAL K 28 -52.62 -6.40 -7.66
CA VAL K 28 -51.35 -5.76 -7.36
C VAL K 28 -50.43 -6.78 -6.72
N LEU K 29 -49.25 -6.94 -7.28
CA LEU K 29 -48.26 -7.87 -6.78
C LEU K 29 -47.09 -7.07 -6.22
N GLU K 30 -46.71 -7.43 -5.01
CA GLU K 30 -45.61 -6.80 -4.29
C GLU K 30 -44.34 -7.61 -4.43
N MET K 31 -43.26 -6.95 -4.85
CA MET K 31 -41.97 -7.57 -5.12
C MET K 31 -40.90 -7.05 -4.16
N GLU K 32 -40.10 -7.97 -3.62
CA GLU K 32 -39.04 -7.66 -2.66
C GLU K 32 -37.81 -8.47 -3.01
N LEU K 33 -36.68 -7.81 -3.23
CA LEU K 33 -35.45 -8.54 -3.48
C LEU K 33 -34.86 -9.03 -2.16
N GLN K 34 -34.09 -10.10 -2.25
CA GLN K 34 -33.32 -10.60 -1.12
C GLN K 34 -31.82 -10.58 -1.36
N SER K 35 -31.38 -10.95 -2.57
CA SER K 35 -29.97 -11.10 -2.89
C SER K 35 -29.81 -11.26 -4.38
N VAL K 36 -28.74 -10.69 -4.93
CA VAL K 36 -28.37 -10.83 -6.33
C VAL K 36 -26.94 -11.31 -6.34
N THR K 37 -26.71 -12.55 -6.77
CA THR K 37 -25.41 -13.18 -6.70
C THR K 37 -24.77 -13.24 -8.09
N LEU K 38 -23.51 -12.85 -8.17
CA LEU K 38 -22.73 -12.85 -9.40
C LEU K 38 -21.60 -13.87 -9.24
N GLU K 39 -21.74 -15.03 -9.86
CA GLU K 39 -20.76 -16.10 -9.74
C GLU K 39 -19.78 -15.99 -10.90
N PRO K 40 -18.56 -15.53 -10.68
CA PRO K 40 -17.61 -15.37 -11.79
C PRO K 40 -16.99 -16.70 -12.21
N THR K 41 -16.25 -16.65 -13.31
CA THR K 41 -15.58 -17.82 -13.83
C THR K 41 -14.36 -18.20 -13.00
N LEU K 42 -14.32 -19.45 -12.54
CA LEU K 42 -13.25 -19.93 -11.66
C LEU K 42 -12.24 -20.72 -12.49
N SER K 43 -11.10 -20.11 -12.78
CA SER K 43 -10.02 -20.79 -13.49
C SER K 43 -8.73 -20.51 -12.72
N LEU K 44 -8.26 -21.50 -11.97
CA LEU K 44 -7.07 -21.32 -11.17
C LEU K 44 -5.84 -21.24 -12.04
N ASP K 45 -5.15 -20.11 -11.97
CA ASP K 45 -3.91 -20.02 -12.71
C ASP K 45 -2.82 -20.72 -11.93
N TYR K 46 -2.63 -20.35 -10.66
CA TYR K 46 -1.62 -21.02 -9.82
C TYR K 46 -1.82 -20.65 -8.37
N ILE K 47 -1.10 -21.34 -7.50
CA ILE K 47 -1.12 -21.04 -6.08
C ILE K 47 0.28 -20.66 -5.61
N THR K 48 0.33 -19.85 -4.57
CA THR K 48 1.56 -19.44 -3.91
C THR K 48 1.41 -19.68 -2.41
N CYS K 49 2.53 -19.94 -1.75
CA CYS K 49 2.54 -20.22 -0.33
C CYS K 49 3.93 -19.99 0.23
N GLU K 50 4.08 -20.30 1.52
CA GLU K 50 5.35 -20.19 2.20
C GLU K 50 6.24 -21.36 1.83
N TYR K 51 7.50 -21.07 1.50
CA TYR K 51 8.49 -22.07 1.15
C TYR K 51 9.30 -22.55 2.35
N LYS K 52 10.02 -23.65 2.13
CA LYS K 52 10.95 -24.20 3.10
C LYS K 52 12.25 -24.49 2.38
N THR K 53 13.34 -23.89 2.84
CA THR K 53 14.67 -24.09 2.25
C THR K 53 15.38 -25.21 2.98
N VAL K 54 15.42 -26.40 2.38
CA VAL K 54 16.14 -27.48 3.03
C VAL K 54 17.64 -27.30 2.78
N ILE K 55 18.36 -27.15 3.88
CA ILE K 55 19.80 -27.00 3.88
C ILE K 55 20.38 -28.18 4.65
N PRO K 56 20.95 -29.15 3.97
CA PRO K 56 21.51 -30.30 4.67
C PRO K 56 22.90 -30.00 5.23
N SER K 57 23.47 -31.01 5.88
CA SER K 57 24.79 -30.92 6.49
C SER K 57 25.87 -30.70 5.43
N PRO K 58 26.79 -29.77 5.63
CA PRO K 58 27.81 -29.50 4.62
C PRO K 58 28.84 -30.62 4.46
N TYR K 59 29.20 -30.87 3.21
CA TYR K 59 30.18 -31.90 2.85
C TYR K 59 31.58 -31.35 2.99
N VAL K 60 32.23 -31.60 4.12
CA VAL K 60 33.60 -31.13 4.32
C VAL K 60 34.57 -32.21 3.85
N LYS K 61 35.21 -31.97 2.71
CA LYS K 61 36.19 -32.90 2.15
C LYS K 61 37.58 -32.46 2.62
N CYS K 62 38.14 -33.20 3.57
CA CYS K 62 39.47 -32.90 4.08
C CYS K 62 40.54 -33.54 3.21
N CYS K 63 41.58 -32.75 2.90
CA CYS K 63 42.75 -33.09 2.09
C CYS K 63 42.40 -33.48 0.66
N GLY K 64 41.27 -32.98 0.17
CA GLY K 64 40.87 -33.22 -1.19
C GLY K 64 39.98 -32.10 -1.65
N THR K 65 39.66 -32.11 -2.94
CA THR K 65 38.83 -31.09 -3.54
C THR K 65 37.49 -31.72 -3.91
N ALA K 66 36.42 -31.17 -3.35
CA ALA K 66 35.09 -31.65 -3.64
C ALA K 66 34.61 -31.09 -4.98
N GLU K 67 33.70 -31.81 -5.62
CA GLU K 67 33.17 -31.42 -6.91
C GLU K 67 31.66 -31.30 -6.84
N CYS K 68 31.15 -30.16 -7.28
CA CYS K 68 29.71 -29.89 -7.26
C CYS K 68 29.02 -30.59 -8.43
N LYS K 69 27.96 -31.33 -8.12
CA LYS K 69 27.16 -32.01 -9.11
C LYS K 69 25.83 -31.28 -9.25
N ASP K 70 25.43 -31.01 -10.50
CA ASP K 70 24.16 -30.32 -10.75
C ASP K 70 23.01 -31.28 -10.55
N LYS K 71 22.25 -31.09 -9.48
CA LYS K 71 21.11 -31.95 -9.17
C LYS K 71 19.83 -31.23 -9.57
N SER K 72 18.91 -31.98 -10.18
CA SER K 72 17.65 -31.40 -10.66
C SER K 72 16.76 -31.11 -9.46
N LEU K 73 17.00 -29.96 -8.85
CA LEU K 73 16.21 -29.45 -7.74
C LEU K 73 15.96 -27.98 -8.00
N PRO K 74 14.83 -27.44 -7.54
CA PRO K 74 14.56 -26.02 -7.78
C PRO K 74 15.51 -25.14 -6.98
N ASP K 75 16.17 -24.22 -7.70
CA ASP K 75 17.15 -23.29 -7.16
C ASP K 75 18.29 -24.01 -6.41
N TYR K 76 18.72 -25.15 -6.94
CA TYR K 76 19.81 -25.90 -6.33
C TYR K 76 21.10 -25.11 -6.36
N SER K 77 21.74 -25.00 -5.20
CA SER K 77 22.97 -24.22 -5.05
C SER K 77 24.07 -25.07 -4.45
N CYS K 78 25.24 -25.03 -5.09
CA CYS K 78 26.42 -25.76 -4.65
C CYS K 78 27.65 -24.88 -4.83
N LYS K 79 28.50 -24.85 -3.80
CA LYS K 79 29.72 -24.03 -3.81
C LYS K 79 30.80 -24.67 -2.96
N VAL K 80 31.99 -24.79 -3.51
CA VAL K 80 33.15 -25.35 -2.80
C VAL K 80 34.10 -24.23 -2.39
N PHE K 81 34.28 -24.06 -1.08
CA PHE K 81 35.17 -23.07 -0.51
C PHE K 81 36.45 -23.72 0.00
N THR K 82 37.58 -23.22 -0.47
CA THR K 82 38.90 -23.71 -0.14
C THR K 82 39.49 -23.00 1.07
N GLY K 83 40.45 -23.66 1.71
CA GLY K 83 41.14 -23.10 2.87
C GLY K 83 40.30 -22.99 4.11
N VAL K 84 39.45 -23.95 4.37
CA VAL K 84 38.60 -23.94 5.56
C VAL K 84 39.33 -24.70 6.65
N TYR K 85 39.18 -24.23 7.90
CA TYR K 85 39.82 -24.86 9.05
C TYR K 85 38.78 -24.99 10.14
N PRO K 86 37.89 -25.98 10.05
CA PRO K 86 36.78 -26.07 10.99
C PRO K 86 37.22 -26.55 12.36
N PHE K 87 36.57 -26.00 13.39
CA PHE K 87 36.88 -26.31 14.77
C PHE K 87 35.75 -27.07 15.45
N MET K 88 36.13 -28.08 16.22
CA MET K 88 35.23 -28.87 17.03
C MET K 88 35.63 -28.61 18.49
N TRP K 89 35.07 -29.39 19.44
CA TRP K 89 35.35 -29.24 20.86
C TRP K 89 36.84 -29.29 21.18
N GLY K 90 37.55 -30.24 20.59
CA GLY K 90 38.95 -30.42 20.89
C GLY K 90 39.88 -29.89 19.82
N GLY K 91 39.53 -28.77 19.22
CA GLY K 91 40.37 -28.21 18.19
C GLY K 91 39.86 -28.45 16.79
N ALA K 92 40.80 -28.43 15.85
CA ALA K 92 40.49 -28.59 14.44
C ALA K 92 39.93 -29.98 14.14
N TYR K 93 38.91 -30.01 13.30
CA TYR K 93 38.26 -31.27 12.95
C TYR K 93 39.15 -32.13 12.06
N CYS K 94 39.90 -31.50 11.15
CA CYS K 94 40.86 -32.21 10.31
C CYS K 94 42.27 -31.78 10.71
N PHE K 95 43.19 -32.75 10.69
CA PHE K 95 44.59 -32.49 11.05
C PHE K 95 45.35 -31.82 9.91
N CYS K 96 45.00 -32.16 8.69
CA CYS K 96 45.72 -31.76 7.49
C CYS K 96 45.51 -30.27 7.19
N ASP K 97 46.58 -29.63 6.68
CA ASP K 97 46.66 -28.17 6.62
C ASP K 97 46.00 -27.48 5.43
N ALA K 98 46.21 -27.92 4.19
CA ALA K 98 45.77 -26.99 3.14
C ALA K 98 44.80 -27.50 2.08
N GLU K 99 44.79 -28.79 1.80
CA GLU K 99 43.98 -29.31 0.72
C GLU K 99 42.53 -29.54 1.15
N ASN K 100 42.03 -28.82 2.14
CA ASN K 100 40.69 -29.09 2.63
C ASN K 100 39.70 -28.11 2.02
N THR K 101 38.54 -28.62 1.65
CA THR K 101 37.47 -27.90 1.00
C THR K 101 36.15 -28.16 1.71
N GLN K 102 35.25 -27.19 1.64
CA GLN K 102 33.90 -27.32 2.17
C GLN K 102 32.90 -27.16 1.03
N LEU K 103 32.06 -28.18 0.82
CA LEU K 103 31.02 -28.18 -0.19
C LEU K 103 29.69 -27.84 0.48
N SER K 104 29.17 -26.65 0.16
CA SER K 104 27.89 -26.17 0.66
C SER K 104 26.83 -26.35 -0.42
N GLU K 105 25.74 -27.03 -0.08
CA GLU K 105 24.62 -27.24 -0.98
C GLU K 105 23.29 -26.95 -0.27
N ALA K 106 22.35 -26.38 -1.01
CA ALA K 106 21.04 -26.02 -0.44
C ALA K 106 20.01 -25.91 -1.56
N HIS K 107 18.76 -26.28 -1.24
CA HIS K 107 17.68 -26.12 -2.22
C HIS K 107 16.35 -25.94 -1.51
N VAL K 108 15.40 -25.31 -2.21
CA VAL K 108 14.11 -24.92 -1.66
C VAL K 108 12.96 -25.75 -2.23
N GLU K 109 11.99 -26.07 -1.37
CA GLU K 109 10.76 -26.79 -1.75
C GLU K 109 9.57 -26.18 -1.00
N LYS K 110 8.38 -26.66 -1.32
CA LYS K 110 7.19 -26.19 -0.64
C LYS K 110 7.14 -26.71 0.80
N SER K 111 6.69 -25.86 1.70
CA SER K 111 6.46 -26.27 3.07
C SER K 111 5.12 -27.00 3.18
N GLU K 112 4.94 -27.72 4.29
CA GLU K 112 3.67 -28.39 4.55
C GLU K 112 2.52 -27.42 4.73
N SER K 113 2.82 -26.18 5.12
CA SER K 113 1.81 -25.15 5.38
C SER K 113 1.09 -24.75 4.10
N CYS K 114 1.70 -25.04 2.95
CA CYS K 114 1.08 -24.84 1.64
C CYS K 114 -0.25 -25.56 1.51
N LYS K 115 -0.44 -26.64 2.27
CA LYS K 115 -1.71 -27.36 2.21
C LYS K 115 -2.80 -26.61 2.97
N THR K 116 -2.43 -25.88 4.01
CA THR K 116 -3.39 -25.13 4.80
C THR K 116 -3.38 -23.62 4.51
N GLU K 117 -2.22 -22.97 4.56
CA GLU K 117 -2.10 -21.53 4.32
C GLU K 117 -1.49 -21.28 2.95
N PHE K 118 -2.31 -20.83 2.01
CA PHE K 118 -1.87 -20.58 0.65
C PHE K 118 -2.83 -19.58 0.02
N ALA K 119 -2.33 -18.87 -0.98
CA ALA K 119 -3.16 -17.93 -1.75
C ALA K 119 -3.19 -18.38 -3.19
N SER K 120 -4.37 -18.34 -3.80
CA SER K 120 -4.56 -18.79 -5.16
C SER K 120 -4.91 -17.65 -6.12
N ALA K 121 -4.28 -17.67 -7.29
CA ALA K 121 -4.49 -16.70 -8.36
C ALA K 121 -5.38 -17.30 -9.44
N TYR K 122 -6.58 -16.70 -9.60
CA TYR K 122 -7.64 -17.06 -10.54
C TYR K 122 -7.87 -16.00 -11.61
N ARG K 123 -8.34 -16.46 -12.76
CA ARG K 123 -8.75 -15.60 -13.86
C ARG K 123 -10.27 -15.62 -14.02
N ALA K 124 -10.94 -14.58 -13.54
CA ALA K 124 -12.39 -14.44 -13.65
C ALA K 124 -12.78 -13.49 -14.77
N HIS K 125 -13.70 -13.90 -15.65
CA HIS K 125 -14.16 -12.97 -16.67
C HIS K 125 -15.67 -12.71 -16.67
N THR K 126 -16.51 -13.74 -16.68
CA THR K 126 -17.96 -13.52 -16.69
C THR K 126 -18.67 -14.14 -15.50
N ALA K 127 -19.73 -13.46 -15.07
CA ALA K 127 -20.51 -13.85 -13.90
C ALA K 127 -21.92 -14.29 -14.27
N SER K 128 -22.38 -15.37 -13.63
CA SER K 128 -23.72 -15.90 -13.79
C SER K 128 -24.60 -15.35 -12.67
N ALA K 129 -25.66 -14.63 -13.04
CA ALA K 129 -26.53 -13.97 -12.07
C ALA K 129 -27.66 -14.85 -11.56
N SER K 130 -27.91 -14.79 -10.25
CA SER K 130 -28.96 -15.54 -9.58
C SER K 130 -29.61 -14.64 -8.53
N ALA K 131 -30.93 -14.80 -8.35
CA ALA K 131 -31.69 -13.92 -7.47
C ALA K 131 -32.70 -14.68 -6.61
N LYS K 132 -32.90 -14.14 -5.39
CA LYS K 132 -33.86 -14.59 -4.40
C LYS K 132 -34.96 -13.52 -4.27
N LEU K 133 -36.20 -13.86 -4.60
CA LEU K 133 -37.28 -12.88 -4.60
C LEU K 133 -38.44 -13.28 -3.69
N ARG K 134 -38.88 -12.35 -2.84
CA ARG K 134 -40.07 -12.50 -2.02
C ARG K 134 -41.23 -11.82 -2.72
N VAL K 135 -42.33 -12.55 -2.93
CA VAL K 135 -43.49 -12.03 -3.63
C VAL K 135 -44.70 -12.14 -2.72
N LEU K 136 -45.42 -11.03 -2.54
CA LEU K 136 -46.66 -11.05 -1.78
C LEU K 136 -47.76 -11.49 -2.74
N TYR K 137 -48.03 -12.79 -2.71
CA TYR K 137 -48.97 -13.45 -3.60
C TYR K 137 -50.13 -13.98 -2.77
N GLN K 138 -51.33 -13.45 -3.04
CA GLN K 138 -52.58 -13.83 -2.40
C GLN K 138 -52.52 -13.68 -0.89
N GLY K 139 -51.94 -12.57 -0.43
CA GLY K 139 -51.81 -12.37 1.00
C GLY K 139 -50.76 -13.22 1.66
N ASN K 140 -49.93 -13.93 0.90
CA ASN K 140 -48.90 -14.79 1.47
C ASN K 140 -47.55 -14.47 0.88
N ASN K 141 -46.51 -14.59 1.68
CA ASN K 141 -45.15 -14.35 1.22
C ASN K 141 -44.58 -15.63 0.64
N ILE K 142 -44.26 -15.62 -0.65
CA ILE K 142 -43.65 -16.77 -1.31
C ILE K 142 -42.23 -16.42 -1.70
N THR K 143 -41.33 -17.38 -1.53
CA THR K 143 -39.92 -17.18 -1.82
C THR K 143 -39.53 -17.97 -3.05
N VAL K 144 -38.95 -17.31 -4.04
CA VAL K 144 -38.48 -17.97 -5.25
C VAL K 144 -36.98 -17.77 -5.34
N ALA K 145 -36.30 -18.76 -5.91
CA ALA K 145 -34.83 -18.78 -5.96
C ALA K 145 -34.49 -19.19 -7.38
N ALA K 146 -34.38 -18.19 -8.26
CA ALA K 146 -34.22 -18.45 -9.68
C ALA K 146 -32.95 -17.81 -10.17
N TYR K 147 -32.38 -18.35 -11.24
CA TYR K 147 -31.19 -17.76 -11.82
C TYR K 147 -31.58 -16.52 -12.60
N ALA K 148 -30.95 -15.39 -12.28
CA ALA K 148 -31.25 -14.12 -12.92
C ALA K 148 -30.52 -13.95 -14.24
N ASN K 149 -30.60 -14.95 -15.10
CA ASN K 149 -29.97 -14.94 -16.41
C ASN K 149 -30.97 -14.85 -17.55
N GLY K 150 -32.26 -15.02 -17.27
CA GLY K 150 -33.23 -15.06 -18.34
C GLY K 150 -33.37 -16.45 -18.92
N ASP K 151 -32.83 -17.44 -18.23
CA ASP K 151 -32.80 -18.81 -18.69
C ASP K 151 -33.16 -19.75 -17.54
N HIS K 152 -34.15 -19.37 -16.73
CA HIS K 152 -34.58 -20.25 -15.62
C HIS K 152 -36.04 -19.99 -15.28
N ALA K 153 -36.93 -20.81 -15.80
CA ALA K 153 -38.35 -20.68 -15.50
C ALA K 153 -38.63 -21.45 -14.21
N VAL K 154 -39.24 -20.80 -13.23
CA VAL K 154 -39.57 -21.46 -11.97
C VAL K 154 -41.08 -21.39 -11.72
N THR K 155 -41.68 -22.55 -11.50
CA THR K 155 -43.11 -22.67 -11.31
C THR K 155 -43.41 -22.86 -9.83
N VAL K 156 -44.12 -21.90 -9.25
CA VAL K 156 -44.54 -22.01 -7.86
C VAL K 156 -46.04 -21.72 -7.79
N LYS K 157 -46.80 -22.70 -7.28
CA LYS K 157 -48.26 -22.64 -7.15
C LYS K 157 -48.93 -22.29 -8.47
N ASP K 158 -48.45 -22.94 -9.55
CA ASP K 158 -48.84 -22.81 -10.95
C ASP K 158 -48.43 -21.48 -11.57
N ALA K 159 -47.76 -20.59 -10.83
CA ALA K 159 -47.33 -19.30 -11.35
C ALA K 159 -45.90 -19.40 -11.88
N LYS K 160 -45.74 -19.11 -13.18
CA LYS K 160 -44.43 -19.15 -13.83
C LYS K 160 -43.70 -17.82 -13.64
N PHE K 161 -42.51 -17.88 -13.06
CA PHE K 161 -41.64 -16.73 -12.83
C PHE K 161 -40.41 -16.92 -13.69
N VAL K 162 -40.13 -15.99 -14.61
CA VAL K 162 -38.82 -15.96 -15.26
C VAL K 162 -38.22 -14.58 -15.09
N VAL K 163 -36.94 -14.53 -14.70
CA VAL K 163 -36.28 -13.32 -14.24
C VAL K 163 -35.05 -13.05 -15.11
N GLY K 164 -34.87 -11.79 -15.47
CA GLY K 164 -33.72 -11.38 -16.25
C GLY K 164 -33.93 -11.54 -17.74
N PRO K 165 -32.86 -11.45 -18.54
CA PRO K 165 -31.42 -11.25 -18.26
C PRO K 165 -31.09 -9.84 -17.80
N MET K 166 -30.04 -9.70 -16.99
CA MET K 166 -29.62 -8.41 -16.45
C MET K 166 -29.32 -7.43 -17.57
N SER K 167 -29.83 -6.20 -17.42
CA SER K 167 -29.63 -5.18 -18.43
C SER K 167 -28.17 -4.74 -18.54
N SER K 168 -27.45 -4.74 -17.42
CA SER K 168 -26.05 -4.33 -17.38
C SER K 168 -25.15 -5.54 -17.15
N ALA K 169 -24.10 -5.65 -17.98
CA ALA K 169 -23.14 -6.73 -17.89
C ALA K 169 -21.90 -6.34 -17.09
N TRP K 170 -21.97 -5.24 -16.35
CA TRP K 170 -20.86 -4.79 -15.52
C TRP K 170 -20.59 -5.77 -14.38
N THR K 171 -19.31 -5.94 -14.07
CA THR K 171 -18.84 -6.78 -12.99
C THR K 171 -17.72 -6.04 -12.25
N PRO K 172 -17.66 -6.15 -10.92
CA PRO K 172 -16.57 -5.48 -10.19
C PRO K 172 -15.23 -6.15 -10.34
N PHE K 173 -15.17 -7.37 -10.87
CA PHE K 173 -13.93 -8.10 -11.02
C PHE K 173 -13.26 -7.81 -12.35
N ASP K 174 -11.95 -7.68 -12.32
CA ASP K 174 -11.19 -7.58 -13.55
C ASP K 174 -10.80 -9.00 -13.96
N ASN K 175 -9.99 -9.11 -15.01
CA ASN K 175 -9.60 -10.41 -15.54
C ASN K 175 -8.74 -11.21 -14.57
N LYS K 176 -7.86 -10.57 -13.79
CA LYS K 176 -6.97 -11.29 -12.88
C LYS K 176 -7.26 -10.95 -11.43
N ILE K 177 -7.54 -11.97 -10.60
CA ILE K 177 -7.79 -11.77 -9.17
C ILE K 177 -6.97 -12.76 -8.36
N VAL K 178 -6.66 -12.37 -7.13
CA VAL K 178 -5.97 -13.24 -6.17
C VAL K 178 -6.81 -13.38 -4.91
N VAL K 179 -7.06 -14.61 -4.49
CA VAL K 179 -7.90 -14.87 -3.34
C VAL K 179 -7.08 -15.58 -2.27
N TYR K 180 -7.19 -15.09 -1.05
CA TYR K 180 -6.64 -15.61 0.18
C TYR K 180 -7.86 -15.88 1.04
N LYS K 181 -7.65 -16.58 2.17
CA LYS K 181 -8.61 -17.17 3.11
C LYS K 181 -10.02 -16.60 3.13
N GLY K 182 -10.16 -15.28 3.13
CA GLY K 182 -11.48 -14.68 3.04
C GLY K 182 -11.44 -13.36 2.30
N ASP K 183 -10.29 -13.05 1.71
CA ASP K 183 -10.10 -11.78 1.03
C ASP K 183 -9.76 -12.00 -0.44
N VAL K 184 -10.38 -11.20 -1.30
CA VAL K 184 -10.10 -11.20 -2.73
C VAL K 184 -9.53 -9.84 -3.11
N TYR K 185 -8.52 -9.86 -3.98
CA TYR K 185 -7.86 -8.63 -4.40
C TYR K 185 -7.81 -8.59 -5.92
N ASN K 186 -8.08 -7.42 -6.47
CA ASN K 186 -7.94 -7.21 -7.90
C ASN K 186 -6.48 -6.88 -8.18
N MET K 187 -5.71 -7.86 -8.66
CA MET K 187 -4.27 -7.72 -8.85
C MET K 187 -3.79 -8.40 -10.13
N ASP K 188 -2.95 -7.69 -10.88
CA ASP K 188 -2.31 -8.20 -12.08
C ASP K 188 -1.08 -9.03 -11.67
N TYR K 189 -1.36 -10.22 -11.15
CA TYR K 189 -0.32 -11.13 -10.66
C TYR K 189 0.64 -11.53 -11.80
N PRO K 190 1.91 -11.79 -11.47
CA PRO K 190 2.86 -12.21 -12.50
C PRO K 190 2.56 -13.59 -13.05
N PRO K 191 2.80 -13.82 -14.34
CA PRO K 191 2.48 -15.10 -14.98
C PRO K 191 3.31 -16.26 -14.46
N PHE K 192 2.91 -17.46 -14.88
CA PHE K 192 3.41 -18.69 -14.28
C PHE K 192 4.72 -19.02 -14.98
N GLY K 193 5.81 -18.93 -14.22
CA GLY K 193 7.12 -19.20 -14.76
C GLY K 193 7.91 -17.95 -15.04
N ALA K 194 7.49 -16.81 -14.50
CA ALA K 194 8.11 -15.53 -14.79
C ALA K 194 8.04 -14.65 -13.55
N GLY K 195 8.18 -15.26 -12.38
CA GLY K 195 7.98 -14.53 -11.15
C GLY K 195 9.14 -13.62 -10.82
N ARG K 196 8.83 -12.65 -10.07
CA ARG K 196 9.80 -11.67 -9.64
C ARG K 196 10.23 -11.98 -8.21
N PRO K 197 11.49 -11.73 -7.85
CA PRO K 197 11.93 -12.04 -6.49
C PRO K 197 11.34 -11.12 -5.43
N GLY K 198 11.02 -11.72 -4.28
CA GLY K 198 10.51 -10.98 -3.14
C GLY K 198 9.08 -10.49 -3.24
N GLN K 199 8.34 -10.86 -4.27
CA GLN K 199 6.99 -10.38 -4.45
C GLN K 199 6.04 -11.57 -4.47
N PHE K 200 4.73 -11.30 -4.33
CA PHE K 200 3.73 -12.36 -4.38
C PHE K 200 3.80 -13.12 -5.70
N GLY K 201 4.04 -14.41 -5.60
CA GLY K 201 4.23 -15.27 -6.74
C GLY K 201 5.69 -15.61 -6.97
N ASP K 202 6.55 -15.33 -5.99
CA ASP K 202 7.95 -15.69 -6.06
C ASP K 202 8.16 -17.19 -6.11
N ILE K 203 7.27 -17.95 -5.52
CA ILE K 203 7.28 -19.40 -5.58
C ILE K 203 5.92 -19.87 -6.06
N GLN K 204 5.92 -20.68 -7.12
CA GLN K 204 4.65 -21.05 -7.76
C GLN K 204 4.54 -22.56 -7.89
N SER K 205 3.42 -23.10 -7.42
CA SER K 205 3.08 -24.50 -7.62
C SER K 205 1.68 -24.58 -8.21
N ARG K 206 1.39 -25.72 -8.85
CA ARG K 206 0.11 -25.87 -9.52
C ARG K 206 -1.01 -26.23 -8.56
N THR K 207 -0.71 -27.05 -7.56
CA THR K 207 -1.70 -27.52 -6.61
C THR K 207 -1.04 -27.62 -5.26
N PRO K 208 -1.82 -27.66 -4.17
CA PRO K 208 -1.23 -27.80 -2.82
C PRO K 208 -0.45 -29.09 -2.58
N GLU K 209 -0.56 -30.09 -3.45
CA GLU K 209 0.12 -31.36 -3.25
C GLU K 209 1.02 -31.74 -4.42
N SER K 210 1.19 -30.85 -5.40
CA SER K 210 2.15 -31.12 -6.47
C SER K 210 3.58 -31.10 -5.93
N LYS K 211 4.44 -31.80 -6.65
CA LYS K 211 5.82 -32.04 -6.22
C LYS K 211 6.83 -31.20 -6.98
N ASP K 212 6.47 -30.69 -8.16
CA ASP K 212 7.32 -29.76 -8.89
C ASP K 212 6.85 -28.34 -8.63
N VAL K 213 7.81 -27.41 -8.67
CA VAL K 213 7.61 -26.04 -8.20
C VAL K 213 8.52 -25.14 -9.04
N TYR K 214 8.13 -23.88 -9.22
CA TYR K 214 8.90 -22.88 -9.94
C TYR K 214 9.40 -21.86 -8.94
N ALA K 215 10.67 -21.50 -9.05
CA ALA K 215 11.32 -20.64 -8.07
C ALA K 215 12.34 -19.71 -8.72
N ASN K 216 12.32 -18.44 -8.28
CA ASN K 216 13.31 -17.42 -8.66
C ASN K 216 13.58 -16.70 -7.36
N THR K 217 14.48 -17.27 -6.56
CA THR K 217 14.71 -16.82 -5.20
C THR K 217 16.08 -16.19 -4.93
N GLN K 218 16.99 -16.17 -5.91
CA GLN K 218 18.31 -15.54 -5.82
C GLN K 218 19.19 -16.08 -4.70
N LEU K 219 19.22 -17.39 -4.50
CA LEU K 219 20.11 -17.98 -3.51
C LEU K 219 21.56 -17.97 -3.96
N VAL K 220 22.39 -17.28 -3.20
CA VAL K 220 23.82 -17.16 -3.46
C VAL K 220 24.51 -17.58 -2.17
N LEU K 221 25.35 -18.59 -2.26
CA LEU K 221 26.05 -19.09 -1.08
C LEU K 221 27.30 -18.28 -0.81
N GLN K 222 27.54 -17.99 0.47
CA GLN K 222 28.69 -17.21 0.89
C GLN K 222 29.73 -18.09 1.55
N ARG K 223 30.95 -17.56 1.61
CA ARG K 223 32.06 -18.27 2.22
C ARG K 223 31.83 -18.37 3.73
N PRO K 224 31.96 -19.55 4.33
CA PRO K 224 31.75 -19.66 5.77
C PRO K 224 32.79 -18.91 6.56
N ALA K 225 32.39 -18.48 7.75
CA ALA K 225 33.27 -17.72 8.63
C ALA K 225 34.44 -18.57 9.12
N ALA K 226 35.52 -17.87 9.47
CA ALA K 226 36.78 -18.44 9.93
C ALA K 226 36.64 -19.39 11.11
N GLY K 227 37.06 -20.63 10.89
CA GLY K 227 37.09 -21.69 11.87
C GLY K 227 35.79 -22.17 12.48
N THR K 228 34.66 -21.93 11.83
CA THR K 228 33.39 -22.41 12.34
C THR K 228 32.70 -23.20 11.23
N VAL K 229 32.18 -24.37 11.55
CA VAL K 229 31.46 -25.18 10.58
C VAL K 229 29.97 -24.86 10.64
N HIS K 230 29.52 -24.12 9.63
CA HIS K 230 28.12 -23.72 9.45
C HIS K 230 28.01 -23.26 8.01
N VAL K 231 26.77 -23.11 7.54
CA VAL K 231 26.53 -22.78 6.15
C VAL K 231 25.83 -21.44 5.94
N PRO K 232 26.56 -20.33 5.93
CA PRO K 232 25.92 -19.05 5.67
C PRO K 232 25.57 -18.93 4.20
N TYR K 233 24.44 -18.31 3.93
CA TYR K 233 23.95 -18.19 2.56
C TYR K 233 23.07 -16.97 2.49
N SER K 234 22.84 -16.48 1.29
CA SER K 234 21.91 -15.38 1.14
C SER K 234 20.51 -15.96 1.04
N GLN K 235 19.64 -15.49 1.92
CA GLN K 235 18.28 -15.97 2.04
C GLN K 235 17.37 -15.20 1.10
N ALA K 236 16.44 -15.91 0.52
CA ALA K 236 15.43 -15.25 -0.28
C ALA K 236 14.46 -14.52 0.61
N PRO K 237 14.27 -13.23 0.43
CA PRO K 237 13.26 -12.49 1.20
C PRO K 237 11.86 -12.90 0.80
N SER K 238 11.28 -13.92 1.45
CA SER K 238 9.96 -14.50 1.14
C SER K 238 8.88 -13.45 0.89
N GLY K 239 8.39 -13.38 -0.34
CA GLY K 239 7.43 -12.35 -0.70
C GLY K 239 6.06 -12.54 -0.08
N PHE K 240 5.61 -13.79 0.05
CA PHE K 240 4.30 -14.04 0.63
C PHE K 240 4.23 -13.71 2.11
N LYS K 241 5.26 -14.08 2.87
CA LYS K 241 5.17 -13.96 4.32
C LYS K 241 5.19 -12.51 4.80
N TYR K 242 5.84 -11.61 4.07
CA TYR K 242 5.72 -10.22 4.46
C TYR K 242 4.58 -9.56 3.71
N TRP K 243 4.30 -10.03 2.48
CA TRP K 243 3.19 -9.54 1.65
C TRP K 243 1.83 -9.56 2.34
N LEU K 244 1.64 -10.43 3.33
CA LEU K 244 0.33 -10.60 3.94
C LEU K 244 -0.08 -9.39 4.79
N LYS K 245 0.81 -8.41 4.97
CA LYS K 245 0.57 -7.26 5.82
C LYS K 245 0.28 -6.00 5.02
N GLU K 246 1.03 -5.74 3.96
CA GLU K 246 0.83 -4.55 3.12
C GLU K 246 -0.09 -4.84 1.96
N ARG K 247 -1.23 -5.47 2.26
CA ARG K 247 -2.11 -5.92 1.21
C ARG K 247 -2.99 -4.80 0.70
N GLY K 248 -3.30 -3.84 1.54
CA GLY K 248 -4.12 -2.73 1.11
C GLY K 248 -5.57 -3.07 1.28
N ALA K 249 -6.40 -2.13 0.81
CA ALA K 249 -7.83 -2.26 0.95
C ALA K 249 -8.37 -3.42 0.10
N SER K 250 -9.24 -4.21 0.69
CA SER K 250 -9.82 -5.33 -0.03
C SER K 250 -10.91 -4.84 -0.98
N LEU K 251 -11.35 -5.76 -1.85
CA LEU K 251 -12.43 -5.46 -2.77
C LEU K 251 -13.74 -5.20 -2.05
N GLN K 252 -13.89 -5.73 -0.82
CA GLN K 252 -15.08 -5.50 -0.01
C GLN K 252 -15.26 -4.01 0.29
N HIS K 253 -14.16 -3.28 0.37
CA HIS K 253 -14.19 -1.85 0.65
C HIS K 253 -14.07 -1.00 -0.60
N THR K 254 -13.43 -1.50 -1.65
CA THR K 254 -13.18 -0.67 -2.83
C THR K 254 -14.21 -0.80 -3.93
N ALA K 255 -15.01 -1.86 -3.95
CA ALA K 255 -15.97 -2.05 -5.03
C ALA K 255 -17.04 -0.97 -5.02
N PRO K 256 -17.37 -0.40 -6.16
CA PRO K 256 -18.45 0.60 -6.21
C PRO K 256 -19.81 -0.08 -6.08
N PHE K 257 -20.84 0.76 -5.98
CA PHE K 257 -22.24 0.36 -5.90
C PHE K 257 -22.56 -0.54 -4.70
N GLY K 258 -21.70 -0.52 -3.68
CA GLY K 258 -21.92 -1.27 -2.46
C GLY K 258 -21.98 -2.77 -2.59
N CYS K 259 -21.23 -3.36 -3.53
CA CYS K 259 -21.20 -4.81 -3.64
C CYS K 259 -20.58 -5.42 -2.39
N GLN K 260 -21.20 -6.47 -1.86
CA GLN K 260 -20.60 -7.20 -0.75
C GLN K 260 -20.05 -8.52 -1.28
N ILE K 261 -18.79 -8.80 -0.99
CA ILE K 261 -18.12 -9.96 -1.55
C ILE K 261 -17.99 -11.06 -0.51
N ALA K 262 -18.41 -12.26 -0.89
CA ALA K 262 -18.33 -13.45 -0.05
C ALA K 262 -17.44 -14.45 -0.77
N THR K 263 -16.96 -15.44 -0.03
CA THR K 263 -16.08 -16.43 -0.59
C THR K 263 -16.62 -17.83 -0.33
N ASN K 264 -15.92 -18.81 -0.91
CA ASN K 264 -16.19 -20.24 -0.83
C ASN K 264 -17.61 -20.66 -1.20
N PRO K 265 -18.07 -20.41 -2.44
CA PRO K 265 -17.45 -19.80 -3.62
C PRO K 265 -17.54 -18.27 -3.62
N VAL K 266 -16.71 -17.65 -4.45
CA VAL K 266 -16.64 -16.19 -4.54
C VAL K 266 -17.92 -15.65 -5.14
N ARG K 267 -18.54 -14.67 -4.49
CA ARG K 267 -19.80 -14.13 -5.01
C ARG K 267 -19.92 -12.65 -4.67
N ALA K 268 -20.53 -11.92 -5.59
CA ALA K 268 -20.84 -10.50 -5.44
C ALA K 268 -22.33 -10.40 -5.12
N VAL K 269 -22.65 -9.88 -3.95
CA VAL K 269 -24.01 -9.79 -3.46
C VAL K 269 -24.47 -8.34 -3.46
N ASN K 270 -25.71 -8.14 -3.92
CA ASN K 270 -26.43 -6.86 -3.88
C ASN K 270 -25.71 -5.73 -4.62
N CYS K 271 -25.26 -6.01 -5.83
CA CYS K 271 -24.66 -4.94 -6.63
C CYS K 271 -25.80 -4.14 -7.25
N ALA K 272 -26.01 -2.91 -6.76
CA ALA K 272 -27.10 -2.04 -7.19
C ALA K 272 -26.80 -1.39 -8.55
N VAL K 273 -26.93 -2.18 -9.62
CA VAL K 273 -26.68 -1.71 -10.98
C VAL K 273 -27.79 -2.17 -11.92
N GLY K 274 -28.36 -1.22 -12.64
CA GLY K 274 -29.38 -1.46 -13.65
C GLY K 274 -30.74 -1.87 -13.14
N ASN K 275 -31.49 -2.49 -14.06
CA ASN K 275 -32.84 -2.99 -13.88
C ASN K 275 -32.88 -4.47 -14.24
N ILE K 276 -34.02 -5.11 -13.99
CA ILE K 276 -34.23 -6.51 -14.35
C ILE K 276 -35.60 -6.63 -14.97
N PRO K 277 -35.72 -7.31 -16.11
CA PRO K 277 -37.05 -7.71 -16.60
C PRO K 277 -37.53 -9.00 -15.93
N ILE K 278 -38.81 -9.01 -15.59
CA ILE K 278 -39.47 -10.14 -14.94
C ILE K 278 -40.76 -10.44 -15.69
N SER K 279 -40.94 -11.69 -16.08
CA SER K 279 -42.11 -12.18 -16.80
C SER K 279 -42.87 -13.14 -15.91
N ILE K 280 -44.18 -12.89 -15.78
CA ILE K 280 -45.07 -13.68 -14.93
C ILE K 280 -46.16 -14.29 -15.78
N ASP K 281 -46.18 -15.62 -15.85
CA ASP K 281 -47.29 -16.31 -16.47
C ASP K 281 -48.18 -16.65 -15.29
N ILE K 282 -49.09 -15.75 -15.02
CA ILE K 282 -50.04 -15.88 -13.92
C ILE K 282 -51.21 -16.76 -14.37
N PRO K 283 -51.55 -17.81 -13.64
CA PRO K 283 -52.69 -18.65 -14.01
C PRO K 283 -54.01 -17.90 -13.82
N ASP K 284 -55.09 -18.51 -14.30
CA ASP K 284 -56.36 -17.81 -14.36
C ASP K 284 -57.16 -17.94 -13.08
N ALA K 285 -56.87 -18.95 -12.25
CA ALA K 285 -57.56 -19.09 -10.97
C ALA K 285 -57.24 -17.94 -10.04
N ALA K 286 -56.05 -17.34 -10.19
CA ALA K 286 -55.63 -16.22 -9.36
C ALA K 286 -56.46 -14.97 -9.66
N PHE K 287 -57.00 -14.88 -10.87
CA PHE K 287 -57.78 -13.71 -11.26
C PHE K 287 -59.18 -13.82 -10.70
N THR K 288 -59.77 -12.67 -10.42
CA THR K 288 -61.15 -12.62 -9.93
C THR K 288 -61.93 -11.72 -10.86
N ARG K 289 -63.11 -12.19 -11.26
CA ARG K 289 -63.97 -11.50 -12.19
C ARG K 289 -64.51 -10.21 -11.60
N VAL K 290 -64.77 -9.25 -12.49
CA VAL K 290 -65.30 -7.94 -12.10
C VAL K 290 -66.62 -8.08 -11.34
N VAL K 291 -67.45 -9.07 -11.73
CA VAL K 291 -68.69 -9.31 -11.01
C VAL K 291 -68.42 -9.86 -9.62
N ASP K 292 -67.38 -10.69 -9.46
CA ASP K 292 -67.03 -11.20 -8.14
C ASP K 292 -66.43 -10.14 -7.24
N ALA K 293 -65.93 -9.05 -7.81
CA ALA K 293 -65.37 -8.09 -6.87
C ALA K 293 -66.45 -7.10 -6.45
N PRO K 294 -66.34 -6.54 -5.23
CA PRO K 294 -67.32 -5.55 -4.79
C PRO K 294 -67.19 -4.27 -5.58
N SER K 295 -68.32 -3.63 -5.85
CA SER K 295 -68.34 -2.36 -6.56
C SER K 295 -68.34 -1.22 -5.57
N VAL K 296 -67.87 -0.06 -6.02
CA VAL K 296 -67.60 1.06 -5.12
C VAL K 296 -68.00 2.35 -5.82
N THR K 297 -68.24 3.38 -5.01
CA THR K 297 -68.86 4.64 -5.42
C THR K 297 -68.76 5.62 -4.27
N ASP K 298 -69.02 6.90 -4.58
CA ASP K 298 -69.04 8.01 -3.64
C ASP K 298 -67.75 8.11 -2.83
N MET K 299 -66.63 8.08 -3.53
CA MET K 299 -65.33 8.17 -2.89
C MET K 299 -64.87 9.62 -2.79
N SER K 300 -64.28 9.95 -1.64
CA SER K 300 -63.72 11.27 -1.39
C SER K 300 -62.37 11.08 -0.71
N CYS K 301 -61.45 12.00 -0.94
CA CYS K 301 -60.11 11.82 -0.41
C CYS K 301 -59.68 13.07 0.36
N GLU K 302 -59.15 12.86 1.56
CA GLU K 302 -58.69 13.94 2.41
C GLU K 302 -57.27 13.64 2.87
N VAL K 303 -56.42 14.65 2.82
CA VAL K 303 -55.05 14.49 3.28
C VAL K 303 -54.88 15.33 4.53
N PRO K 304 -55.01 14.77 5.73
CA PRO K 304 -54.89 15.59 6.94
C PRO K 304 -53.46 15.94 7.31
N ALA K 305 -52.47 15.14 6.89
CA ALA K 305 -51.08 15.39 7.20
C ALA K 305 -50.21 14.75 6.12
N CYS K 306 -49.23 15.49 5.61
CA CYS K 306 -48.34 14.86 4.66
C CYS K 306 -46.95 15.49 4.76
N THR K 307 -45.95 14.61 4.73
CA THR K 307 -44.55 14.98 4.82
C THR K 307 -43.76 14.19 3.80
N HIS K 308 -43.12 14.88 2.86
CA HIS K 308 -42.35 14.20 1.83
C HIS K 308 -41.03 13.74 2.45
N SER K 309 -40.95 12.46 2.78
CA SER K 309 -39.75 11.91 3.39
C SER K 309 -39.56 10.46 2.95
N SER K 310 -38.48 9.86 3.45
CA SER K 310 -38.22 8.45 3.21
C SER K 310 -39.23 7.57 3.93
N ASP K 311 -39.72 8.03 5.08
CA ASP K 311 -40.65 7.27 5.87
C ASP K 311 -42.06 7.54 5.39
N PHE K 312 -43.04 6.94 6.09
CA PHE K 312 -44.44 7.02 5.72
C PHE K 312 -44.94 8.38 6.20
N GLY K 313 -44.59 9.42 5.47
CA GLY K 313 -44.98 10.73 5.93
C GLY K 313 -46.32 11.21 5.47
N GLY K 314 -46.99 10.48 4.59
CA GLY K 314 -48.31 10.87 4.12
C GLY K 314 -49.40 9.94 4.64
N VAL K 315 -50.53 10.54 5.02
CA VAL K 315 -51.69 9.79 5.47
C VAL K 315 -52.89 10.27 4.66
N ALA K 316 -53.68 9.33 4.15
CA ALA K 316 -54.83 9.67 3.32
C ALA K 316 -56.07 8.95 3.79
N ILE K 317 -57.17 9.69 3.90
CA ILE K 317 -58.47 9.17 4.30
C ILE K 317 -59.36 9.10 3.07
N ILE K 318 -59.78 7.89 2.73
CA ILE K 318 -60.60 7.62 1.56
C ILE K 318 -61.99 7.19 2.01
N LYS K 319 -63.00 8.02 1.70
CA LYS K 319 -64.39 7.71 1.95
C LYS K 319 -64.95 6.98 0.74
N TYR K 320 -65.74 5.94 0.98
CA TYR K 320 -66.24 5.12 -0.12
C TYR K 320 -67.64 4.60 0.22
N THR K 321 -68.24 3.92 -0.76
CA THR K 321 -69.48 3.17 -0.55
C THR K 321 -69.32 1.84 -1.29
N ALA K 322 -69.02 0.79 -0.55
CA ALA K 322 -68.83 -0.55 -1.12
C ALA K 322 -70.14 -1.32 -1.15
N SER K 323 -70.33 -2.10 -2.21
CA SER K 323 -71.57 -2.87 -2.35
C SER K 323 -71.60 -4.04 -1.38
N LYS K 324 -70.47 -4.70 -1.17
CA LYS K 324 -70.42 -5.84 -0.27
C LYS K 324 -69.01 -5.92 0.31
N LYS K 325 -68.83 -6.84 1.25
CA LYS K 325 -67.52 -7.00 1.88
C LYS K 325 -66.62 -7.78 0.94
N GLY K 326 -65.36 -7.40 0.88
CA GLY K 326 -64.44 -8.14 0.02
C GLY K 326 -63.15 -7.40 -0.20
N LYS K 327 -62.23 -8.08 -0.88
CA LYS K 327 -60.91 -7.51 -1.15
C LYS K 327 -60.97 -6.50 -2.29
N CYS K 328 -60.17 -5.45 -2.14
CA CYS K 328 -60.03 -4.37 -3.10
C CYS K 328 -58.56 -4.08 -3.31
N ALA K 329 -58.21 -3.84 -4.56
CA ALA K 329 -56.84 -3.51 -4.93
C ALA K 329 -56.69 -2.00 -5.01
N VAL K 330 -55.75 -1.46 -4.27
CA VAL K 330 -55.44 -0.04 -4.26
C VAL K 330 -54.13 0.14 -5.01
N HIS K 331 -54.10 1.07 -5.96
CA HIS K 331 -52.90 1.27 -6.75
C HIS K 331 -52.67 2.74 -7.07
N SER K 332 -51.42 3.14 -7.00
CA SER K 332 -51.04 4.51 -7.33
C SER K 332 -50.85 4.61 -8.83
N MET K 333 -51.56 5.56 -9.45
CA MET K 333 -51.41 5.70 -10.89
C MET K 333 -50.23 6.58 -11.28
N THR K 334 -49.59 7.24 -10.33
CA THR K 334 -48.41 8.05 -10.60
C THR K 334 -47.20 7.36 -9.97
N ASN K 335 -46.14 7.23 -10.76
CA ASN K 335 -44.92 6.59 -10.26
C ASN K 335 -44.26 7.39 -9.14
N ALA K 336 -44.57 8.67 -9.01
CA ALA K 336 -43.96 9.53 -8.00
C ALA K 336 -44.50 9.31 -6.59
N VAL K 337 -45.64 8.63 -6.45
CA VAL K 337 -46.25 8.39 -5.15
C VAL K 337 -46.36 6.88 -4.99
N THR K 338 -46.03 6.37 -3.81
CA THR K 338 -46.13 4.95 -3.55
C THR K 338 -46.96 4.71 -2.31
N ILE K 339 -47.92 3.80 -2.42
CA ILE K 339 -48.81 3.46 -1.33
C ILE K 339 -48.29 2.20 -0.63
N ARG K 340 -48.25 2.23 0.70
CA ARG K 340 -47.75 1.08 1.44
C ARG K 340 -48.70 -0.09 1.35
N GLU K 341 -50.00 0.17 1.49
CA GLU K 341 -50.96 -0.91 1.48
C GLU K 341 -51.24 -1.33 0.05
N ALA K 342 -51.31 -2.64 -0.18
CA ALA K 342 -51.57 -3.16 -1.51
C ALA K 342 -53.03 -3.55 -1.70
N ASP K 343 -53.66 -4.11 -0.69
CA ASP K 343 -55.08 -4.43 -0.77
C ASP K 343 -55.76 -4.06 0.54
N VAL K 344 -57.09 -4.05 0.51
CA VAL K 344 -57.87 -3.66 1.67
C VAL K 344 -59.23 -4.36 1.59
N GLU K 345 -59.74 -4.79 2.74
CA GLU K 345 -61.09 -5.34 2.81
C GLU K 345 -62.08 -4.18 2.97
N VAL K 346 -62.89 -3.96 1.94
CA VAL K 346 -63.93 -2.94 1.95
C VAL K 346 -65.24 -3.54 2.43
N GLU K 347 -66.01 -2.73 3.14
CA GLU K 347 -67.29 -3.15 3.70
C GLU K 347 -68.47 -2.39 3.13
N GLY K 348 -68.53 -1.06 3.26
CA GLY K 348 -69.66 -0.30 2.77
C GLY K 348 -69.46 1.20 2.84
N ASN K 349 -70.22 1.90 3.67
CA ASN K 349 -70.09 3.36 3.75
C ASN K 349 -69.15 3.81 4.86
N SER K 350 -67.93 3.29 4.87
CA SER K 350 -66.92 3.64 5.85
C SER K 350 -65.80 4.42 5.17
N GLN K 351 -64.73 4.67 5.91
CA GLN K 351 -63.56 5.35 5.38
C GLN K 351 -62.33 4.56 5.79
N LEU K 352 -61.31 4.62 4.94
CA LEU K 352 -60.06 3.93 5.18
C LEU K 352 -58.92 4.91 5.29
N GLN K 353 -57.91 4.51 6.06
CA GLN K 353 -56.72 5.30 6.29
C GLN K 353 -55.53 4.55 5.72
N ILE K 354 -54.80 5.19 4.82
CA ILE K 354 -53.66 4.59 4.16
C ILE K 354 -52.45 5.48 4.36
N SER K 355 -51.28 4.85 4.35
CA SER K 355 -50.01 5.54 4.49
C SER K 355 -49.27 5.52 3.17
N PHE K 356 -48.83 6.68 2.72
CA PHE K 356 -48.13 6.78 1.46
C PHE K 356 -46.85 7.58 1.62
N SER K 357 -45.92 7.32 0.71
CA SER K 357 -44.63 7.98 0.67
C SER K 357 -44.50 8.67 -0.69
N THR K 358 -44.04 9.91 -0.68
CA THR K 358 -43.93 10.65 -1.93
C THR K 358 -42.75 11.61 -1.88
N ALA K 359 -42.38 12.07 -3.06
CA ALA K 359 -41.32 13.05 -3.24
C ALA K 359 -41.83 14.41 -3.67
N LEU K 360 -43.07 14.50 -4.15
CA LEU K 360 -43.63 15.77 -4.61
C LEU K 360 -44.09 16.60 -3.42
N ALA K 361 -43.85 17.91 -3.50
CA ALA K 361 -44.29 18.78 -2.42
C ALA K 361 -45.79 19.01 -2.46
N SER K 362 -46.35 19.17 -3.65
CA SER K 362 -47.79 19.33 -3.89
C SER K 362 -48.24 18.11 -4.69
N ALA K 363 -48.73 17.10 -3.99
CA ALA K 363 -49.07 15.84 -4.63
C ALA K 363 -50.54 15.88 -5.04
N GLU K 364 -50.77 16.01 -6.35
CA GLU K 364 -52.09 15.92 -6.95
C GLU K 364 -52.10 14.60 -7.69
N PHE K 365 -52.79 13.60 -7.15
CA PHE K 365 -52.71 12.29 -7.76
C PHE K 365 -54.04 11.56 -7.71
N ARG K 366 -54.25 10.69 -8.69
CA ARG K 366 -55.44 9.86 -8.74
C ARG K 366 -55.04 8.45 -8.38
N VAL K 367 -55.81 7.85 -7.48
CA VAL K 367 -55.56 6.50 -6.98
C VAL K 367 -56.67 5.58 -7.48
N GLN K 368 -56.26 4.43 -8.02
CA GLN K 368 -57.15 3.41 -8.55
C GLN K 368 -57.52 2.45 -7.43
N VAL K 369 -58.71 2.64 -6.86
CA VAL K 369 -59.24 1.76 -5.83
C VAL K 369 -60.46 1.10 -6.46
N CYS K 370 -60.47 -0.24 -6.50
CA CYS K 370 -61.53 -1.08 -7.06
C CYS K 370 -61.95 -0.58 -8.45
N SER K 371 -60.96 -0.47 -9.33
CA SER K 371 -61.12 0.04 -10.70
C SER K 371 -61.82 1.39 -10.77
N THR K 372 -61.55 2.28 -9.80
CA THR K 372 -62.17 3.60 -9.80
C THR K 372 -61.12 4.62 -9.37
N GLN K 373 -61.10 5.77 -10.01
CA GLN K 373 -60.07 6.77 -9.72
C GLN K 373 -60.60 7.80 -8.75
N VAL K 374 -59.73 8.22 -7.82
CA VAL K 374 -60.04 9.25 -6.83
C VAL K 374 -58.89 10.25 -6.83
N HIS K 375 -59.22 11.53 -6.94
CA HIS K 375 -58.21 12.58 -6.92
C HIS K 375 -57.93 13.05 -5.49
N CYS K 376 -56.65 13.09 -5.12
CA CYS K 376 -56.17 13.53 -3.82
C CYS K 376 -55.24 14.73 -3.99
N ALA K 377 -55.50 15.80 -3.26
CA ALA K 377 -54.68 17.02 -3.26
C ALA K 377 -53.95 17.14 -1.93
N ALA K 378 -52.62 17.19 -1.97
CA ALA K 378 -51.81 17.25 -0.75
C ALA K 378 -50.77 18.35 -0.82
N ALA K 379 -50.59 19.05 0.30
CA ALA K 379 -49.63 20.16 0.47
C ALA K 379 -48.60 19.79 1.54
N CYS K 380 -47.51 19.14 1.12
CA CYS K 380 -46.59 18.43 2.00
C CYS K 380 -45.37 19.26 2.37
N HIS K 381 -44.90 19.11 3.68
CA HIS K 381 -43.82 19.80 4.38
C HIS K 381 -42.54 18.96 4.44
N PRO K 382 -41.37 19.63 4.48
CA PRO K 382 -40.11 18.89 4.59
C PRO K 382 -39.92 18.29 5.98
N PRO K 383 -39.20 17.18 6.08
CA PRO K 383 -39.00 16.51 7.37
C PRO K 383 -37.86 17.12 8.17
N LYS K 384 -37.83 16.74 9.45
CA LYS K 384 -36.88 17.27 10.42
C LYS K 384 -35.46 16.72 10.26
N ASP K 385 -35.28 15.49 9.78
CA ASP K 385 -33.98 14.85 9.80
C ASP K 385 -33.26 14.99 8.47
N HIS K 386 -31.94 15.21 8.54
CA HIS K 386 -31.19 15.40 7.31
C HIS K 386 -30.60 14.13 6.74
N ILE K 387 -30.23 13.16 7.58
CA ILE K 387 -29.63 11.92 7.12
C ILE K 387 -30.41 10.73 7.68
N VAL K 388 -30.82 9.84 6.80
CA VAL K 388 -31.50 8.62 7.20
C VAL K 388 -30.57 7.45 6.94
N ASN K 389 -30.70 6.39 7.73
CA ASN K 389 -29.83 5.24 7.58
C ASN K 389 -30.41 4.14 6.69
N TYR K 390 -31.55 4.38 6.04
CA TYR K 390 -32.13 3.37 5.16
C TYR K 390 -32.57 4.05 3.87
N PRO K 391 -32.35 3.43 2.72
CA PRO K 391 -32.66 4.09 1.46
C PRO K 391 -34.16 4.08 1.17
N ALA K 392 -34.55 4.95 0.26
CA ALA K 392 -35.96 5.05 -0.13
C ALA K 392 -36.02 5.28 -1.64
N SER K 393 -36.12 4.19 -2.39
CA SER K 393 -36.19 4.27 -3.84
C SER K 393 -37.52 4.86 -4.32
N HIS K 394 -38.58 4.77 -3.50
CA HIS K 394 -39.91 5.10 -3.97
C HIS K 394 -40.10 6.60 -4.17
N THR K 395 -39.29 7.41 -3.49
CA THR K 395 -39.34 8.86 -3.55
C THR K 395 -38.34 9.42 -4.56
N THR K 396 -38.14 8.75 -5.68
CA THR K 396 -37.35 9.33 -6.76
C THR K 396 -38.23 10.03 -7.78
N LEU K 397 -37.67 11.07 -8.40
CA LEU K 397 -38.43 11.90 -9.32
C LEU K 397 -37.51 12.65 -10.25
N GLY K 398 -37.98 12.85 -11.48
CA GLY K 398 -37.26 13.49 -12.56
C GLY K 398 -37.29 15.00 -12.48
N VAL K 399 -37.42 15.63 -13.64
CA VAL K 399 -37.30 17.08 -13.78
C VAL K 399 -38.66 17.74 -13.96
N GLN K 400 -39.43 17.30 -14.97
CA GLN K 400 -40.76 17.84 -15.25
C GLN K 400 -41.70 17.36 -14.16
N ASP K 401 -41.65 18.06 -13.03
CA ASP K 401 -42.42 17.75 -11.84
C ASP K 401 -43.55 18.75 -11.70
N ILE K 402 -44.78 18.26 -11.53
CA ILE K 402 -45.90 19.15 -11.32
C ILE K 402 -45.72 19.66 -9.89
N SER K 403 -45.10 20.83 -9.77
CA SER K 403 -44.77 21.37 -8.47
C SER K 403 -45.94 22.21 -7.94
N THR K 404 -45.64 23.07 -6.98
CA THR K 404 -46.62 23.88 -6.27
C THR K 404 -47.10 25.06 -7.10
N THR K 405 -47.64 26.06 -6.39
CA THR K 405 -48.00 27.38 -6.89
C THR K 405 -46.97 28.03 -7.83
N ALA K 406 -45.69 27.68 -7.66
CA ALA K 406 -44.61 28.25 -8.46
C ALA K 406 -44.80 28.04 -9.96
N MET K 407 -45.46 26.95 -10.37
CA MET K 407 -45.83 26.79 -11.77
C MET K 407 -46.77 27.92 -12.22
N SER K 408 -47.79 28.22 -11.41
CA SER K 408 -48.68 29.32 -11.74
C SER K 408 -47.96 30.67 -11.61
N TRP K 409 -46.95 30.72 -10.75
CA TRP K 409 -46.12 31.92 -10.61
C TRP K 409 -45.36 32.20 -11.88
N VAL K 410 -44.68 31.19 -12.42
CA VAL K 410 -43.93 31.40 -13.65
C VAL K 410 -44.86 31.54 -14.85
N GLN K 411 -46.08 31.02 -14.77
CA GLN K 411 -47.06 31.38 -15.78
C GLN K 411 -47.46 32.84 -15.67
N LYS K 412 -47.53 33.37 -14.45
CA LYS K 412 -47.79 34.79 -14.25
C LYS K 412 -46.63 35.66 -14.67
N ILE K 413 -45.40 35.14 -14.63
CA ILE K 413 -44.24 35.91 -15.08
C ILE K 413 -44.25 36.08 -16.59
N THR K 414 -44.86 35.14 -17.31
CA THR K 414 -44.69 35.02 -18.76
C THR K 414 -45.71 35.85 -19.53
N GLY K 415 -46.14 36.99 -18.99
CA GLY K 415 -47.03 37.89 -19.68
C GLY K 415 -46.35 38.67 -20.78
N GLY K 416 -45.98 37.95 -21.84
CA GLY K 416 -45.29 38.49 -22.99
C GLY K 416 -46.01 39.57 -23.76
N VAL K 417 -45.51 40.81 -23.64
CA VAL K 417 -46.02 41.95 -24.38
C VAL K 417 -45.47 42.00 -25.79
N GLY K 418 -44.60 41.05 -26.14
CA GLY K 418 -44.17 40.88 -27.51
C GLY K 418 -45.29 40.60 -28.48
N LEU K 419 -46.37 39.97 -27.99
CA LEU K 419 -47.57 39.76 -28.80
C LEU K 419 -48.19 41.08 -29.24
N ILE K 420 -48.42 41.99 -28.30
CA ILE K 420 -49.07 43.25 -28.70
C ILE K 420 -48.10 44.19 -29.41
N VAL K 421 -46.80 44.06 -29.19
CA VAL K 421 -45.93 44.93 -29.97
C VAL K 421 -45.72 44.34 -31.37
N ALA K 422 -45.91 43.03 -31.53
CA ALA K 422 -45.98 42.47 -32.87
C ALA K 422 -47.28 42.84 -33.56
N VAL K 423 -48.35 43.04 -32.80
CA VAL K 423 -49.58 43.62 -33.37
C VAL K 423 -49.31 45.02 -33.89
N ALA K 424 -48.53 45.81 -33.12
CA ALA K 424 -48.13 47.13 -33.60
C ALA K 424 -47.22 47.04 -34.83
N ALA K 425 -46.41 45.98 -34.90
CA ALA K 425 -45.61 45.73 -36.11
C ALA K 425 -46.48 45.38 -37.31
N LEU K 426 -47.53 44.60 -37.10
CA LEU K 426 -48.47 44.33 -38.18
C LEU K 426 -49.18 45.61 -38.63
N ILE K 427 -49.48 46.50 -37.69
CA ILE K 427 -50.08 47.80 -38.03
C ILE K 427 -49.12 48.66 -38.85
N LEU K 428 -47.83 48.66 -38.51
CA LEU K 428 -46.86 49.40 -39.32
C LEU K 428 -46.76 48.83 -40.74
N ILE K 429 -46.79 47.50 -40.88
CA ILE K 429 -46.74 46.95 -42.24
C ILE K 429 -48.02 47.32 -43.02
N VAL K 430 -49.18 47.27 -42.36
CA VAL K 430 -50.42 47.51 -43.10
C VAL K 430 -50.76 49.00 -43.12
N VAL K 431 -49.85 49.85 -42.65
CA VAL K 431 -49.81 51.24 -43.10
C VAL K 431 -48.81 51.42 -44.24
N LEU K 432 -47.64 50.75 -44.18
CA LEU K 432 -46.70 50.72 -45.31
C LEU K 432 -47.26 50.04 -46.57
N CYS K 433 -48.48 49.50 -46.50
CA CYS K 433 -49.20 48.95 -47.66
C CYS K 433 -49.32 49.91 -48.84
N VAL K 434 -49.14 51.22 -48.65
CA VAL K 434 -49.25 52.18 -49.74
C VAL K 434 -48.14 52.02 -50.76
N SER K 435 -47.06 51.31 -50.43
CA SER K 435 -46.16 50.81 -51.47
C SER K 435 -45.61 49.42 -51.13
N PHE K 436 -46.20 48.72 -50.15
CA PHE K 436 -45.85 47.35 -49.82
C PHE K 436 -46.69 46.42 -50.70
N SER K 437 -46.19 46.14 -51.91
CA SER K 437 -46.95 45.41 -52.91
C SER K 437 -46.64 43.91 -52.90
N ARG K 438 -45.37 43.57 -53.06
CA ARG K 438 -44.92 42.19 -53.19
C ARG K 438 -43.87 41.78 -52.17
N HIS K 439 -43.16 42.73 -51.58
CA HIS K 439 -42.13 42.44 -50.59
C HIS K 439 -42.74 42.02 -49.25
N ASN L 1 2.89 -45.04 21.08
CA ASN L 1 3.02 -43.84 21.90
C ASN L 1 3.88 -42.81 21.17
N PHE L 2 3.93 -42.95 19.83
CA PHE L 2 4.82 -42.20 18.94
C PHE L 2 6.29 -42.39 19.36
N ASN L 3 6.65 -43.64 19.61
CA ASN L 3 8.00 -43.97 20.06
C ASN L 3 8.88 -44.27 18.84
N VAL L 4 9.23 -43.19 18.13
CA VAL L 4 9.77 -43.28 16.79
C VAL L 4 11.28 -43.09 16.77
N TYR L 5 11.85 -42.47 17.79
CA TYR L 5 13.20 -41.91 17.82
C TYR L 5 14.14 -42.72 18.70
N LYS L 6 14.14 -44.05 18.48
CA LYS L 6 14.89 -44.97 19.32
C LYS L 6 16.39 -44.74 19.28
N ALA L 7 16.92 -44.22 18.19
CA ALA L 7 18.37 -44.14 18.01
C ALA L 7 18.85 -42.71 17.78
N THR L 8 18.24 -41.74 18.43
CA THR L 8 18.68 -40.36 18.29
C THR L 8 19.66 -40.00 19.41
N ARG L 9 20.23 -38.80 19.32
CA ARG L 9 21.11 -38.30 20.37
C ARG L 9 21.05 -36.78 20.39
N PRO L 10 21.17 -36.16 21.57
CA PRO L 10 21.25 -34.70 21.63
C PRO L 10 22.61 -34.19 21.19
N TYR L 11 22.71 -32.88 21.02
CA TYR L 11 23.88 -32.28 20.42
C TYR L 11 24.64 -31.43 21.42
N LEU L 12 25.85 -31.07 21.02
CA LEU L 12 26.58 -29.94 21.57
C LEU L 12 26.98 -29.18 20.32
N ALA L 13 26.24 -28.13 20.03
CA ALA L 13 26.36 -27.41 18.77
C ALA L 13 26.81 -25.98 19.07
N HIS L 14 26.84 -25.14 18.06
CA HIS L 14 27.43 -23.81 18.19
C HIS L 14 26.32 -22.76 18.22
N CYS L 15 26.13 -22.13 19.38
CA CYS L 15 25.09 -21.12 19.49
C CYS L 15 25.68 -19.76 19.14
N PRO L 16 24.95 -18.87 18.46
CA PRO L 16 25.52 -17.58 18.06
C PRO L 16 25.85 -16.64 19.21
N ASP L 17 25.19 -16.78 20.36
CA ASP L 17 25.62 -16.10 21.57
C ASP L 17 25.12 -16.86 22.78
N CYS L 18 26.05 -17.27 23.64
CA CYS L 18 25.69 -17.95 24.88
C CYS L 18 25.57 -17.00 26.05
N GLY L 19 25.15 -15.76 25.81
CA GLY L 19 25.28 -14.72 26.80
C GLY L 19 26.72 -14.27 26.90
N GLU L 20 26.98 -13.43 27.92
CA GLU L 20 28.31 -12.90 28.32
C GLU L 20 29.14 -12.36 27.14
N GLY L 21 28.48 -11.85 26.10
CA GLY L 21 29.20 -11.32 24.96
C GLY L 21 29.61 -12.37 23.95
N HIS L 22 30.57 -13.22 24.31
CA HIS L 22 31.07 -14.17 23.34
C HIS L 22 30.10 -15.33 23.17
N SER L 23 30.30 -16.09 22.10
CA SER L 23 29.47 -17.25 21.83
C SER L 23 30.08 -18.50 22.48
N CYS L 24 29.48 -19.66 22.24
CA CYS L 24 29.90 -20.91 22.86
C CYS L 24 29.20 -22.06 22.17
N HIS L 25 29.77 -23.24 22.33
CA HIS L 25 29.06 -24.48 22.03
C HIS L 25 28.07 -24.76 23.16
N SER L 26 26.79 -24.83 22.82
CA SER L 26 25.70 -25.03 23.74
C SER L 26 24.89 -26.27 23.35
N PRO L 27 24.27 -26.95 24.31
CA PRO L 27 23.40 -28.09 23.98
C PRO L 27 21.99 -27.70 23.56
N ILE L 28 21.63 -26.43 23.56
CA ILE L 28 20.29 -26.03 23.15
C ILE L 28 20.39 -25.14 21.93
N ALA L 29 21.41 -25.38 21.11
CA ALA L 29 21.64 -24.54 19.94
C ALA L 29 20.62 -24.92 18.87
N LEU L 30 19.48 -24.24 18.93
CA LEU L 30 18.46 -24.38 17.91
C LEU L 30 18.93 -23.76 16.59
N GLU L 31 18.23 -24.11 15.51
CA GLU L 31 18.57 -23.51 14.23
C GLU L 31 17.42 -23.17 13.31
N ARG L 32 16.17 -23.42 13.70
CA ARG L 32 15.08 -23.25 12.75
C ARG L 32 13.85 -22.74 13.48
N ILE L 33 13.16 -21.76 12.87
CA ILE L 33 11.97 -21.18 13.46
C ILE L 33 10.81 -21.36 12.50
N ARG L 34 9.73 -21.96 12.98
CA ARG L 34 8.49 -22.06 12.22
C ARG L 34 7.53 -21.02 12.78
N ASN L 35 7.06 -20.11 11.91
CA ASN L 35 6.25 -18.98 12.35
C ASN L 35 5.01 -18.74 11.50
N GLU L 36 4.57 -19.76 10.75
CA GLU L 36 3.50 -19.59 9.79
C GLU L 36 2.11 -19.46 10.41
N ALA L 37 1.96 -19.73 11.70
CA ALA L 37 0.65 -19.63 12.34
C ALA L 37 0.19 -18.18 12.41
N THR L 38 -0.99 -17.91 11.85
CA THR L 38 -1.49 -16.54 11.77
C THR L 38 -1.85 -16.00 13.15
N ASP L 39 -2.20 -16.87 14.09
CA ASP L 39 -2.55 -16.37 15.41
C ASP L 39 -1.32 -15.98 16.20
N GLY L 40 -0.17 -16.57 15.89
CA GLY L 40 1.08 -16.11 16.46
C GLY L 40 1.80 -17.10 17.35
N THR L 41 1.47 -18.38 17.25
CA THR L 41 2.25 -19.36 17.98
C THR L 41 3.52 -19.71 17.21
N LEU L 42 4.49 -20.26 17.93
CA LEU L 42 5.81 -20.54 17.39
C LEU L 42 6.15 -22.01 17.63
N LYS L 43 6.46 -22.72 16.55
CA LYS L 43 6.98 -24.07 16.60
C LYS L 43 8.48 -24.00 16.44
N ILE L 44 9.22 -24.42 17.45
CA ILE L 44 10.67 -24.25 17.45
C ILE L 44 11.27 -25.64 17.47
N GLN L 45 12.09 -25.93 16.46
CA GLN L 45 12.89 -27.14 16.57
C GLN L 45 14.07 -26.83 17.48
N VAL L 46 14.70 -27.88 17.98
CA VAL L 46 15.84 -27.70 18.88
C VAL L 46 16.77 -28.89 18.72
N SER L 47 18.00 -28.71 19.19
CA SER L 47 19.05 -29.71 18.97
C SER L 47 18.82 -30.93 19.84
N LEU L 48 18.55 -30.70 21.12
CA LEU L 48 18.44 -31.80 22.08
C LEU L 48 17.08 -32.49 21.92
N GLN L 49 16.87 -33.54 22.69
CA GLN L 49 15.58 -34.20 22.78
C GLN L 49 14.91 -33.85 24.09
N ILE L 50 13.64 -34.24 24.20
CA ILE L 50 12.86 -33.90 25.38
C ILE L 50 11.82 -34.99 25.60
N GLY L 51 11.42 -35.16 26.86
CA GLY L 51 10.44 -36.14 27.28
C GLY L 51 10.95 -37.55 27.44
N ILE L 52 12.25 -37.77 27.29
CA ILE L 52 12.83 -39.11 27.22
C ILE L 52 13.89 -39.20 28.31
N LYS L 53 14.04 -40.37 28.93
CA LYS L 53 15.20 -40.63 29.75
C LYS L 53 16.31 -41.20 28.88
N THR L 54 17.40 -41.65 29.51
CA THR L 54 18.54 -42.17 28.77
C THR L 54 18.26 -43.50 28.09
N ASP L 55 17.19 -44.20 28.49
CA ASP L 55 16.91 -45.55 28.03
C ASP L 55 15.49 -45.63 27.47
N ASP L 56 15.15 -44.63 26.65
CA ASP L 56 13.94 -44.56 25.84
C ASP L 56 12.66 -44.57 26.67
N SER L 57 12.57 -43.62 27.60
CA SER L 57 11.33 -43.44 28.34
C SER L 57 10.39 -42.52 27.57
N HIS L 58 9.23 -42.24 28.16
CA HIS L 58 8.25 -41.30 27.62
C HIS L 58 7.64 -40.46 28.72
N ASP L 59 8.43 -40.08 29.73
CA ASP L 59 7.88 -39.52 30.95
C ASP L 59 7.37 -38.09 30.76
N TRP L 60 6.88 -37.49 31.85
CA TRP L 60 6.40 -36.12 31.84
C TRP L 60 7.20 -35.22 32.77
N THR L 61 8.42 -35.62 33.11
CA THR L 61 9.33 -34.79 33.89
C THR L 61 10.64 -34.55 33.17
N LYS L 62 11.26 -35.59 32.64
CA LYS L 62 12.68 -35.53 32.32
C LYS L 62 12.92 -35.26 30.84
N LEU L 63 14.19 -35.04 30.51
CA LEU L 63 14.62 -34.79 29.14
C LEU L 63 16.09 -35.16 29.00
N ARG L 64 16.45 -35.62 27.81
CA ARG L 64 17.85 -35.90 27.51
C ARG L 64 18.56 -34.64 27.06
N TYR L 65 19.88 -34.61 27.27
CA TYR L 65 20.72 -33.55 26.76
C TYR L 65 22.14 -34.08 26.66
N MET L 66 22.93 -33.48 25.78
CA MET L 66 24.29 -33.96 25.52
C MET L 66 25.29 -33.13 26.29
N ASP L 67 26.25 -33.81 26.92
CA ASP L 67 27.42 -33.17 27.51
C ASP L 67 28.52 -34.19 27.66
N SER L 68 29.75 -33.77 27.32
CA SER L 68 30.98 -34.59 27.41
C SER L 68 30.86 -35.88 26.60
N HIS L 69 30.23 -35.76 25.42
CA HIS L 69 29.90 -36.88 24.53
C HIS L 69 29.09 -37.95 25.24
N THR L 70 28.19 -37.52 26.12
CA THR L 70 27.44 -38.43 26.96
C THR L 70 26.04 -37.89 27.11
N PRO L 71 25.01 -38.72 26.99
CA PRO L 71 23.66 -38.25 27.29
C PRO L 71 23.47 -38.16 28.79
N ALA L 72 22.63 -37.22 29.21
CA ALA L 72 22.29 -37.05 30.60
C ALA L 72 20.89 -36.46 30.68
N ASP L 73 20.44 -36.19 31.90
CA ASP L 73 19.04 -35.99 32.17
C ASP L 73 18.80 -34.67 32.88
N ALA L 74 17.71 -33.98 32.53
CA ALA L 74 17.34 -32.73 33.16
C ALA L 74 15.83 -32.58 33.17
N GLU L 75 15.36 -31.43 33.63
CA GLU L 75 13.97 -31.22 34.04
C GLU L 75 13.25 -30.32 33.05
N ARG L 76 11.98 -30.66 32.78
CA ARG L 76 11.14 -29.85 31.90
C ARG L 76 10.93 -28.45 32.47
N ALA L 77 10.77 -28.36 33.80
CA ALA L 77 10.55 -27.07 34.45
C ALA L 77 11.78 -26.18 34.40
N GLY L 78 12.96 -26.75 34.22
CA GLY L 78 14.15 -25.95 34.04
C GLY L 78 14.21 -25.22 32.72
N LEU L 79 13.47 -25.70 31.72
CA LEU L 79 13.43 -25.04 30.43
C LEU L 79 12.57 -23.80 30.51
N LEU L 80 12.94 -22.80 29.70
CA LEU L 80 12.19 -21.55 29.59
C LEU L 80 12.55 -20.90 28.26
N VAL L 81 11.62 -20.08 27.77
CA VAL L 81 11.78 -19.34 26.53
C VAL L 81 11.24 -17.93 26.72
N ARG L 82 11.93 -16.95 26.13
CA ARG L 82 11.40 -15.59 26.20
C ARG L 82 11.89 -14.79 25.01
N THR L 83 11.13 -13.74 24.70
CA THR L 83 11.55 -12.68 23.78
C THR L 83 11.70 -11.36 24.53
N SER L 84 10.66 -10.90 25.15
CA SER L 84 10.76 -9.80 26.12
C SER L 84 10.09 -10.17 27.42
N ALA L 85 8.96 -10.85 27.37
CA ALA L 85 8.34 -11.50 28.49
C ALA L 85 8.54 -13.00 28.35
N PRO L 86 8.49 -13.76 29.44
CA PRO L 86 8.57 -15.22 29.32
C PRO L 86 7.38 -15.78 28.56
N CYS L 87 7.65 -16.71 27.65
CA CYS L 87 6.61 -17.29 26.84
C CYS L 87 5.83 -18.32 27.64
N THR L 88 4.89 -18.98 26.99
CA THR L 88 4.30 -20.18 27.56
C THR L 88 4.85 -21.40 26.84
N ILE L 89 4.55 -22.58 27.37
CA ILE L 89 4.99 -23.84 26.81
C ILE L 89 3.80 -24.76 26.77
N THR L 90 3.42 -25.20 25.57
CA THR L 90 2.29 -26.10 25.41
C THR L 90 2.72 -27.46 24.86
N GLY L 91 3.35 -27.49 23.69
CA GLY L 91 3.67 -28.73 23.01
C GLY L 91 5.14 -29.09 23.18
N THR L 92 5.39 -30.34 23.54
CA THR L 92 6.70 -30.77 24.01
C THR L 92 6.93 -32.20 23.49
N MET L 93 7.63 -32.34 22.37
CA MET L 93 7.90 -33.68 21.85
C MET L 93 9.22 -33.71 21.10
N GLY L 94 10.19 -34.44 21.66
CA GLY L 94 11.43 -34.74 20.98
C GLY L 94 12.29 -33.53 20.70
N HIS L 95 12.43 -33.20 19.44
CA HIS L 95 13.19 -32.02 19.03
C HIS L 95 12.34 -30.76 18.98
N PHE L 96 11.09 -30.81 19.43
CA PHE L 96 10.15 -29.77 19.05
C PHE L 96 9.38 -29.22 20.25
N ILE L 97 9.27 -27.90 20.29
CA ILE L 97 8.71 -27.19 21.43
C ILE L 97 7.77 -26.13 20.87
N LEU L 98 6.71 -25.83 21.61
CA LEU L 98 5.69 -24.89 21.19
C LEU L 98 5.62 -23.72 22.15
N ALA L 99 5.26 -22.55 21.61
CA ALA L 99 5.15 -21.38 22.47
C ALA L 99 4.11 -20.42 21.91
N ARG L 100 3.52 -19.62 22.80
CA ARG L 100 2.79 -18.42 22.44
C ARG L 100 3.47 -17.26 23.14
N CYS L 101 4.14 -16.41 22.38
CA CYS L 101 5.02 -15.43 23.01
C CYS L 101 4.71 -14.03 22.49
N PRO L 102 4.74 -13.02 23.35
CA PRO L 102 4.37 -11.66 22.92
C PRO L 102 5.42 -10.98 22.07
N LYS L 103 5.21 -9.69 21.82
CA LYS L 103 5.99 -8.88 20.89
C LYS L 103 7.45 -8.76 21.33
N GLY L 104 8.34 -9.41 20.60
CA GLY L 104 9.76 -9.35 20.92
C GLY L 104 10.62 -9.43 19.69
N GLU L 105 11.81 -8.86 19.81
CA GLU L 105 12.77 -8.79 18.72
C GLU L 105 13.77 -9.94 18.71
N THR L 106 13.89 -10.70 19.79
CA THR L 106 14.84 -11.79 19.89
C THR L 106 14.12 -13.12 20.09
N LEU L 107 14.91 -14.15 20.34
CA LEU L 107 14.36 -15.40 20.85
C LEU L 107 15.44 -16.08 21.68
N THR L 108 15.13 -16.36 22.94
CA THR L 108 16.10 -16.98 23.85
C THR L 108 15.47 -18.25 24.41
N VAL L 109 16.16 -19.37 24.25
CA VAL L 109 15.82 -20.59 24.94
C VAL L 109 16.84 -20.81 26.04
N GLY L 110 16.44 -21.56 27.06
CA GLY L 110 17.33 -21.79 28.17
C GLY L 110 16.88 -22.92 29.07
N PHE L 111 17.84 -23.53 29.76
CA PHE L 111 17.55 -24.58 30.73
C PHE L 111 18.71 -24.63 31.71
N THR L 112 18.52 -25.39 32.78
CA THR L 112 19.55 -25.54 33.78
C THR L 112 20.06 -26.97 33.80
N ASP L 113 21.36 -27.12 34.01
CA ASP L 113 21.98 -28.42 33.89
C ASP L 113 21.62 -29.29 35.10
N SER L 114 22.02 -30.56 35.03
CA SER L 114 22.11 -31.37 36.22
C SER L 114 23.20 -30.86 37.16
N ARG L 115 24.28 -30.32 36.62
CA ARG L 115 25.36 -29.75 37.42
C ARG L 115 25.23 -28.23 37.55
N LYS L 116 23.98 -27.80 37.75
CA LYS L 116 23.56 -26.42 38.04
C LYS L 116 24.26 -25.36 37.20
N ILE L 117 24.20 -25.55 35.88
CA ILE L 117 24.74 -24.59 34.93
C ILE L 117 23.59 -24.16 34.03
N SER L 118 23.25 -22.87 34.09
CA SER L 118 22.18 -22.31 33.27
C SER L 118 22.72 -22.10 31.87
N HIS L 119 22.37 -22.99 30.95
CA HIS L 119 22.64 -22.75 29.55
C HIS L 119 21.53 -21.92 28.95
N THR L 120 21.91 -20.95 28.12
CA THR L 120 20.96 -20.03 27.49
C THR L 120 21.47 -19.71 26.09
N CYS L 121 20.72 -20.12 25.09
CA CYS L 121 21.08 -19.86 23.70
C CYS L 121 20.09 -18.90 23.08
N THR L 122 20.61 -17.88 22.41
CA THR L 122 19.76 -16.85 21.82
C THR L 122 19.93 -16.83 20.31
N HIS L 123 19.00 -16.13 19.66
CA HIS L 123 18.92 -16.04 18.22
C HIS L 123 18.19 -14.75 17.89
N PRO L 124 18.54 -14.11 16.78
CA PRO L 124 17.72 -12.99 16.31
C PRO L 124 16.51 -13.53 15.58
N PHE L 125 15.34 -12.99 15.91
CA PHE L 125 14.11 -13.42 15.24
C PHE L 125 13.08 -12.32 15.39
N HIS L 126 12.81 -11.62 14.30
CA HIS L 126 11.89 -10.49 14.33
C HIS L 126 10.48 -11.03 14.33
N HIS L 127 9.85 -11.04 15.51
CA HIS L 127 8.57 -11.72 15.69
C HIS L 127 7.48 -10.66 15.76
N GLU L 128 6.60 -10.65 14.76
CA GLU L 128 5.42 -9.79 14.74
C GLU L 128 4.23 -10.62 14.32
N PRO L 129 3.39 -11.05 15.27
CA PRO L 129 2.23 -11.82 14.88
C PRO L 129 1.26 -10.92 14.12
N PRO L 130 0.64 -11.42 13.07
CA PRO L 130 -0.11 -10.54 12.18
C PRO L 130 -1.48 -10.19 12.75
N VAL L 131 -2.05 -9.13 12.19
CA VAL L 131 -3.38 -8.72 12.60
C VAL L 131 -4.42 -9.68 12.03
N ILE L 132 -5.56 -9.73 12.70
CA ILE L 132 -6.72 -10.48 12.23
C ILE L 132 -7.89 -9.52 12.19
N GLY L 133 -8.42 -9.29 11.00
CA GLY L 133 -9.34 -8.19 10.82
C GLY L 133 -8.61 -6.87 10.78
N ARG L 134 -9.28 -5.81 11.21
CA ARG L 134 -8.78 -4.46 11.00
C ARG L 134 -8.52 -3.74 12.32
N GLU L 135 -8.20 -4.47 13.38
CA GLU L 135 -8.03 -3.89 14.70
C GLU L 135 -6.75 -4.43 15.30
N ARG L 136 -5.75 -3.56 15.47
CA ARG L 136 -4.49 -3.93 16.12
C ARG L 136 -4.76 -4.07 17.62
N PHE L 137 -5.28 -5.22 18.00
CA PHE L 137 -5.52 -5.50 19.40
C PHE L 137 -4.37 -6.31 19.98
N HIS L 138 -4.51 -6.68 21.25
CA HIS L 138 -3.42 -7.31 21.97
C HIS L 138 -3.76 -8.68 22.54
N SER L 139 -4.94 -8.84 23.15
CA SER L 139 -5.35 -10.13 23.66
C SER L 139 -6.84 -10.31 23.47
N ARG L 140 -7.31 -11.51 23.78
CA ARG L 140 -8.70 -11.87 23.52
C ARG L 140 -9.63 -11.16 24.49
N PRO L 141 -10.60 -10.41 24.04
CA PRO L 141 -11.63 -9.89 24.94
C PRO L 141 -12.72 -10.93 25.13
N GLN L 142 -13.73 -10.55 25.92
CA GLN L 142 -14.90 -11.40 26.09
C GLN L 142 -15.79 -11.27 24.86
N HIS L 143 -16.28 -10.08 24.60
CA HIS L 143 -17.17 -9.83 23.47
C HIS L 143 -16.31 -9.65 22.22
N GLY L 144 -16.70 -10.32 21.15
CA GLY L 144 -15.94 -10.18 19.92
C GLY L 144 -16.34 -11.13 18.82
N LYS L 145 -16.08 -10.73 17.57
CA LYS L 145 -16.47 -11.51 16.42
C LYS L 145 -15.54 -12.72 16.27
N GLU L 146 -15.82 -13.56 15.28
CA GLU L 146 -15.13 -14.84 15.11
C GLU L 146 -14.58 -14.87 13.70
N LEU L 147 -13.26 -14.90 13.58
CA LEU L 147 -12.60 -14.87 12.29
C LEU L 147 -11.64 -16.03 12.18
N PRO L 148 -11.46 -16.59 10.98
CA PRO L 148 -10.63 -17.79 10.86
C PRO L 148 -9.17 -17.42 10.84
N CYS L 149 -8.39 -18.18 11.60
CA CYS L 149 -6.94 -18.01 11.66
C CYS L 149 -6.31 -19.39 11.57
N SER L 150 -5.02 -19.47 11.82
CA SER L 150 -4.29 -20.73 11.67
C SER L 150 -3.43 -20.93 12.90
N THR L 151 -3.62 -22.06 13.57
CA THR L 151 -2.92 -22.39 14.80
C THR L 151 -2.20 -23.72 14.63
N TYR L 152 -1.58 -24.16 15.69
CA TYR L 152 -0.97 -25.47 15.74
C TYR L 152 -1.81 -26.36 16.65
N VAL L 153 -1.35 -27.59 16.85
CA VAL L 153 -2.05 -28.56 17.68
C VAL L 153 -0.99 -29.24 18.52
N GLN L 154 -1.42 -29.93 19.57
CA GLN L 154 -0.55 -30.63 20.49
C GLN L 154 -0.25 -32.06 20.07
N SER L 155 -0.55 -32.43 18.83
CA SER L 155 -0.45 -33.84 18.47
C SER L 155 0.99 -34.23 18.14
N THR L 156 1.24 -35.54 18.23
CA THR L 156 2.52 -36.09 17.82
C THR L 156 2.41 -37.01 16.62
N ALA L 157 1.26 -37.67 16.44
CA ALA L 157 1.09 -38.62 15.34
C ALA L 157 0.86 -37.84 14.06
N ALA L 158 1.95 -37.39 13.46
CA ALA L 158 1.91 -36.54 12.28
C ALA L 158 2.14 -37.36 11.02
N THR L 159 1.85 -36.74 9.89
CA THR L 159 1.60 -37.47 8.65
C THR L 159 2.73 -37.25 7.66
N ALA L 160 3.81 -38.03 7.83
CA ALA L 160 4.83 -38.29 6.82
C ALA L 160 5.53 -37.01 6.35
N GLU L 161 6.24 -36.37 7.26
CA GLU L 161 6.99 -35.15 6.92
C GLU L 161 8.41 -35.40 7.43
N GLU L 162 9.19 -36.10 6.62
CA GLU L 162 10.34 -36.83 7.14
C GLU L 162 11.53 -35.92 7.40
N ILE L 163 12.49 -36.50 8.12
CA ILE L 163 13.76 -35.90 8.48
C ILE L 163 14.71 -37.03 8.86
N GLU L 164 15.92 -36.98 8.34
CA GLU L 164 16.87 -38.09 8.39
C GLU L 164 17.80 -37.97 9.59
N VAL L 165 17.84 -39.00 10.42
CA VAL L 165 18.95 -39.16 11.35
C VAL L 165 19.94 -40.12 10.71
N HIS L 166 21.21 -39.96 11.06
CA HIS L 166 22.29 -40.81 10.58
C HIS L 166 23.51 -40.65 11.48
N MET L 167 24.64 -41.17 11.01
CA MET L 167 25.83 -41.30 11.86
C MET L 167 26.47 -39.95 12.20
N PRO L 168 26.68 -39.65 13.48
CA PRO L 168 27.49 -38.49 13.85
C PRO L 168 28.95 -38.71 13.47
N PRO L 169 29.56 -37.78 12.73
CA PRO L 169 30.83 -38.09 12.05
C PRO L 169 32.04 -38.34 12.94
N ASP L 170 32.44 -37.36 13.76
CA ASP L 170 33.66 -37.45 14.56
C ASP L 170 33.73 -36.36 15.62
N THR L 171 34.10 -36.73 16.83
CA THR L 171 34.25 -35.79 17.95
C THR L 171 35.70 -35.81 18.40
N PRO L 172 36.56 -34.97 17.82
CA PRO L 172 37.97 -34.97 18.22
C PRO L 172 38.16 -34.35 19.59
N ASP L 173 38.91 -35.05 20.44
CA ASP L 173 39.21 -34.61 21.80
C ASP L 173 40.71 -34.70 22.04
N ARG L 174 41.33 -33.58 22.37
CA ARG L 174 42.75 -33.57 22.69
C ARG L 174 43.02 -33.71 24.18
N THR L 175 41.97 -33.85 25.01
CA THR L 175 42.19 -34.01 26.43
C THR L 175 42.57 -35.44 26.79
N LEU L 176 42.24 -36.41 25.93
CA LEU L 176 42.53 -37.80 26.22
C LEU L 176 44.01 -38.09 26.08
N MET L 177 44.69 -37.39 25.18
CA MET L 177 46.12 -37.56 25.01
C MET L 177 46.86 -36.92 26.19
N THR L 178 47.96 -37.54 26.60
CA THR L 178 48.75 -37.03 27.71
C THR L 178 50.22 -37.32 27.43
N GLN L 179 51.07 -36.32 27.65
CA GLN L 179 52.50 -36.43 27.36
C GLN L 179 53.21 -37.08 28.53
N GLN L 180 53.69 -38.29 28.34
CA GLN L 180 54.61 -38.94 29.28
C GLN L 180 56.06 -38.77 28.82
N SER L 181 56.50 -37.51 28.79
CA SER L 181 57.86 -37.11 28.41
C SER L 181 58.22 -37.58 26.99
N GLY L 182 57.48 -37.05 26.02
CA GLY L 182 57.65 -37.44 24.65
C GLY L 182 56.89 -38.68 24.26
N ASN L 183 56.07 -39.23 25.16
CA ASN L 183 55.34 -40.46 24.92
C ASN L 183 53.86 -40.19 25.15
N VAL L 184 53.14 -39.95 24.06
CA VAL L 184 51.74 -39.59 24.14
C VAL L 184 50.90 -40.82 24.49
N LYS L 185 49.70 -40.56 24.98
CA LYS L 185 48.87 -41.61 25.59
C LYS L 185 47.44 -41.49 25.07
N ILE L 186 47.15 -42.18 23.97
CA ILE L 186 45.81 -42.18 23.41
C ILE L 186 44.99 -43.22 24.17
N THR L 187 44.06 -42.77 25.00
CA THR L 187 43.09 -43.68 25.61
C THR L 187 41.69 -43.34 25.11
N VAL L 188 40.81 -44.34 25.14
CA VAL L 188 39.54 -44.25 24.45
C VAL L 188 38.34 -44.37 25.38
N ASN L 189 38.53 -44.87 26.62
CA ASN L 189 37.46 -45.13 27.59
C ASN L 189 36.41 -46.09 27.03
N GLY L 190 36.85 -47.07 26.24
CA GLY L 190 35.95 -48.05 25.67
C GLY L 190 35.06 -47.47 24.59
N GLN L 191 35.66 -46.82 23.59
CA GLN L 191 34.92 -46.22 22.50
C GLN L 191 35.61 -46.57 21.18
N THR L 192 35.23 -45.89 20.11
CA THR L 192 35.76 -46.14 18.78
C THR L 192 36.46 -44.88 18.29
N VAL L 193 37.78 -44.97 18.08
CA VAL L 193 38.57 -43.81 17.72
C VAL L 193 39.41 -44.15 16.49
N ARG L 194 39.78 -43.13 15.74
CA ARG L 194 40.84 -43.19 14.75
C ARG L 194 41.87 -42.12 15.10
N TYR L 195 43.07 -42.29 14.56
CA TYR L 195 44.23 -41.51 14.96
C TYR L 195 44.98 -41.06 13.72
N LYS L 196 45.54 -39.86 13.78
CA LYS L 196 46.33 -39.31 12.68
C LYS L 196 47.59 -38.70 13.25
N CYS L 197 48.75 -39.20 12.80
CA CYS L 197 50.02 -38.78 13.35
C CYS L 197 50.99 -38.53 12.21
N ASN L 198 51.81 -37.48 12.35
CA ASN L 198 52.94 -37.26 11.46
C ASN L 198 54.22 -37.82 12.05
N CYS L 199 54.17 -39.10 12.42
CA CYS L 199 55.30 -39.85 12.96
C CYS L 199 55.39 -41.18 12.24
N GLY L 200 56.36 -42.00 12.63
CA GLY L 200 56.42 -43.36 12.14
C GLY L 200 55.48 -44.29 12.87
N GLY L 201 55.50 -45.55 12.41
CA GLY L 201 54.75 -46.62 13.03
C GLY L 201 53.26 -46.46 12.88
N SER L 202 52.55 -46.36 14.01
CA SER L 202 51.11 -46.14 14.02
C SER L 202 50.88 -44.66 13.75
N ASN L 203 50.91 -44.30 12.48
CA ASN L 203 50.59 -42.95 12.04
C ASN L 203 49.08 -42.80 11.85
N GLU L 204 48.49 -43.67 11.04
CA GLU L 204 47.06 -43.61 10.78
C GLU L 204 46.49 -45.02 10.85
N GLY L 205 45.21 -45.11 11.12
CA GLY L 205 44.52 -46.38 11.18
C GLY L 205 43.37 -46.32 12.19
N LEU L 206 43.10 -47.46 12.82
CA LEU L 206 41.99 -47.57 13.76
C LEU L 206 42.44 -48.35 14.99
N THR L 207 41.92 -47.96 16.15
CA THR L 207 42.17 -48.66 17.40
C THR L 207 40.98 -48.44 18.34
N THR L 208 40.72 -49.46 19.16
CA THR L 208 39.84 -49.31 20.32
C THR L 208 40.61 -49.59 21.61
N THR L 209 41.94 -49.52 21.55
CA THR L 209 42.82 -49.82 22.67
C THR L 209 43.54 -48.54 23.08
N ASP L 210 43.80 -48.39 24.38
CA ASP L 210 44.53 -47.24 24.91
C ASP L 210 46.01 -47.40 24.58
N LYS L 211 46.36 -46.98 23.36
CA LYS L 211 47.73 -47.03 22.90
C LYS L 211 48.58 -45.93 23.55
N VAL L 212 49.88 -46.18 23.58
CA VAL L 212 50.87 -45.22 24.03
C VAL L 212 51.93 -45.13 22.94
N ILE L 213 52.07 -43.96 22.34
CA ILE L 213 52.97 -43.78 21.20
C ILE L 213 54.14 -42.92 21.68
N ASN L 214 55.32 -43.52 21.69
CA ASN L 214 56.49 -42.87 22.25
C ASN L 214 57.22 -42.03 21.21
N ASN L 215 58.25 -41.32 21.68
CA ASN L 215 59.16 -40.42 20.97
C ASN L 215 58.50 -39.51 19.93
N CYS L 216 57.32 -38.98 20.26
CA CYS L 216 56.62 -38.06 19.39
C CYS L 216 55.96 -36.97 20.20
N LYS L 217 55.82 -35.80 19.59
CA LYS L 217 55.21 -34.67 20.26
C LYS L 217 53.69 -34.82 20.27
N ILE L 218 53.05 -34.16 21.24
CA ILE L 218 51.63 -34.36 21.46
C ILE L 218 50.80 -33.67 20.38
N ASP L 219 51.34 -32.60 19.78
CA ASP L 219 50.64 -31.96 18.67
C ASP L 219 50.77 -32.76 17.38
N GLN L 220 51.77 -33.64 17.28
CA GLN L 220 51.97 -34.39 16.06
C GLN L 220 50.90 -35.46 15.88
N CYS L 221 50.34 -35.96 16.98
CA CYS L 221 49.27 -36.94 16.96
C CYS L 221 47.95 -36.25 17.30
N HIS L 222 46.87 -36.75 16.69
CA HIS L 222 45.58 -36.11 16.81
C HIS L 222 44.48 -37.15 16.62
N ALA L 223 43.52 -37.16 17.53
CA ALA L 223 42.52 -38.21 17.62
C ALA L 223 41.18 -37.73 17.05
N ALA L 224 40.32 -38.69 16.73
CA ALA L 224 38.96 -38.39 16.32
C ALA L 224 38.07 -39.58 16.66
N VAL L 225 37.09 -39.39 17.51
CA VAL L 225 36.29 -40.49 18.02
C VAL L 225 35.23 -40.85 16.99
N THR L 226 35.34 -42.06 16.42
CA THR L 226 34.49 -42.48 15.32
C THR L 226 33.26 -43.25 15.81
N ASN L 227 32.42 -42.57 16.59
CA ASN L 227 31.25 -43.24 17.12
C ASN L 227 30.21 -43.42 16.02
N HIS L 228 29.52 -44.56 16.06
CA HIS L 228 28.49 -44.86 15.06
C HIS L 228 27.29 -45.57 15.66
N LYS L 229 27.14 -45.56 16.98
CA LYS L 229 26.11 -46.37 17.63
C LYS L 229 24.73 -45.76 17.45
N ASN L 230 24.52 -44.55 17.97
CA ASN L 230 23.24 -43.88 17.81
C ASN L 230 23.34 -42.96 16.60
N TRP L 231 22.25 -42.25 16.32
CA TRP L 231 22.17 -41.41 15.14
C TRP L 231 21.73 -40.01 15.58
N GLN L 232 21.66 -39.11 14.59
CA GLN L 232 21.48 -37.69 14.83
C GLN L 232 20.85 -37.08 13.60
N TYR L 233 20.03 -36.06 13.78
CA TYR L 233 19.28 -35.60 12.62
C TYR L 233 20.17 -34.73 11.75
N ASN L 234 19.77 -34.60 10.47
CA ASN L 234 20.58 -33.96 9.45
C ASN L 234 20.60 -32.45 9.73
N SER L 235 21.41 -32.08 10.69
CA SER L 235 21.51 -30.67 11.05
C SER L 235 22.44 -29.96 10.10
N PRO L 236 22.09 -28.75 9.66
CA PRO L 236 22.97 -28.02 8.75
C PRO L 236 24.15 -27.39 9.44
N LEU L 237 24.16 -27.31 10.76
CA LEU L 237 25.29 -26.70 11.43
C LEU L 237 26.31 -27.75 11.84
N VAL L 238 25.85 -28.93 12.22
CA VAL L 238 26.76 -30.05 12.49
C VAL L 238 27.38 -30.49 11.17
N PRO L 239 28.67 -30.76 11.12
CA PRO L 239 29.26 -31.30 9.88
C PRO L 239 28.74 -32.70 9.56
N ARG L 240 28.75 -32.99 8.26
CA ARG L 240 28.25 -34.25 7.74
C ARG L 240 29.18 -35.39 8.12
N ASN L 241 28.66 -36.62 8.04
CA ASN L 241 29.53 -37.78 7.96
C ASN L 241 30.37 -37.81 6.68
N ALA L 242 30.04 -36.98 5.68
CA ALA L 242 30.93 -36.57 4.59
C ALA L 242 31.12 -37.72 3.59
N GLU L 243 30.06 -38.48 3.36
CA GLU L 243 30.14 -39.59 2.41
C GLU L 243 28.93 -39.61 1.50
N LEU L 244 27.74 -39.46 2.07
CA LEU L 244 26.53 -39.56 1.27
C LEU L 244 25.45 -38.66 1.87
N GLY L 245 24.23 -38.85 1.39
CA GLY L 245 23.08 -38.09 1.83
C GLY L 245 22.23 -38.90 2.80
N ASP L 246 21.18 -39.51 2.26
CA ASP L 246 20.20 -40.27 3.05
C ASP L 246 20.84 -41.55 3.56
N ARG L 247 21.34 -41.50 4.78
CA ARG L 247 21.81 -42.68 5.50
C ARG L 247 20.75 -43.03 6.54
N LYS L 248 20.68 -44.30 6.91
CA LYS L 248 19.41 -44.84 7.41
C LYS L 248 19.07 -44.37 8.82
N GLY L 249 17.77 -44.31 9.08
CA GLY L 249 17.22 -43.65 10.26
C GLY L 249 16.34 -42.49 9.86
N LYS L 250 15.03 -42.60 10.09
CA LYS L 250 14.11 -41.62 9.52
C LYS L 250 12.92 -41.40 10.43
N ILE L 251 12.73 -40.16 10.89
CA ILE L 251 11.54 -39.84 11.68
C ILE L 251 10.82 -38.70 10.97
N HIS L 252 9.73 -38.20 11.55
CA HIS L 252 9.00 -37.11 10.91
C HIS L 252 8.59 -36.08 11.96
N ILE L 253 8.40 -34.85 11.50
CA ILE L 253 8.17 -33.73 12.43
C ILE L 253 6.72 -33.76 12.90
N PRO L 254 6.49 -33.69 14.21
CA PRO L 254 5.13 -33.65 14.74
C PRO L 254 4.54 -32.25 14.72
N PHE L 255 3.38 -32.11 15.39
CA PHE L 255 2.62 -30.89 15.62
C PHE L 255 2.20 -30.22 14.33
N PRO L 256 1.26 -30.77 13.59
CA PRO L 256 0.80 -30.13 12.35
C PRO L 256 -0.15 -28.97 12.67
N LEU L 257 -0.69 -28.40 11.61
CA LEU L 257 -1.36 -27.11 11.67
C LEU L 257 -2.86 -27.34 11.51
N ALA L 258 -3.65 -26.40 12.01
CA ALA L 258 -5.09 -26.43 11.75
C ALA L 258 -5.62 -25.02 11.54
N ASN L 259 -6.54 -24.87 10.60
CA ASN L 259 -7.21 -23.59 10.36
C ASN L 259 -8.42 -23.50 11.28
N VAL L 260 -8.28 -22.76 12.37
CA VAL L 260 -9.25 -22.74 13.44
C VAL L 260 -9.78 -21.33 13.54
N THR L 261 -11.07 -21.20 13.82
CA THR L 261 -11.61 -19.88 14.09
C THR L 261 -11.09 -19.38 15.44
N CYS L 262 -11.04 -18.06 15.59
CA CYS L 262 -10.58 -17.44 16.81
C CYS L 262 -11.32 -16.13 17.01
N ARG L 263 -11.40 -15.71 18.26
CA ARG L 263 -12.14 -14.48 18.53
C ARG L 263 -11.32 -13.27 18.15
N VAL L 264 -12.00 -12.14 18.07
CA VAL L 264 -11.40 -10.86 17.73
C VAL L 264 -12.31 -9.85 18.42
N PRO L 265 -11.81 -8.71 18.84
CA PRO L 265 -12.70 -7.70 19.45
C PRO L 265 -13.67 -7.11 18.45
N LYS L 266 -14.78 -6.63 19.00
CA LYS L 266 -15.63 -5.66 18.35
C LYS L 266 -15.08 -4.28 18.69
N ALA L 267 -15.87 -3.24 18.44
CA ALA L 267 -15.41 -1.92 18.85
C ALA L 267 -16.60 -1.10 19.29
N ARG L 268 -16.30 -0.02 19.99
CA ARG L 268 -17.31 0.80 20.62
C ARG L 268 -18.00 1.64 19.55
N ASN L 269 -19.32 1.52 19.49
CA ASN L 269 -20.10 2.23 18.49
C ASN L 269 -19.99 3.73 18.72
N PRO L 270 -19.74 4.49 17.71
CA PRO L 270 -19.31 5.87 17.94
C PRO L 270 -20.51 6.78 18.07
N THR L 271 -20.28 8.06 18.27
CA THR L 271 -21.38 8.99 18.38
C THR L 271 -21.45 9.79 17.09
N VAL L 272 -22.66 10.13 16.69
CA VAL L 272 -22.88 10.80 15.42
C VAL L 272 -23.63 12.09 15.68
N THR L 273 -23.22 13.13 14.96
CA THR L 273 -23.95 14.38 14.89
C THR L 273 -24.24 14.63 13.42
N TYR L 274 -25.33 15.30 13.15
CA TYR L 274 -25.88 15.31 11.81
C TYR L 274 -25.79 16.72 11.24
N GLY L 275 -26.16 16.85 9.97
CA GLY L 275 -26.32 18.18 9.41
C GLY L 275 -26.79 18.09 7.98
N LYS L 276 -27.19 19.26 7.47
CA LYS L 276 -27.70 19.39 6.11
C LYS L 276 -26.66 18.91 5.11
N ASN L 277 -26.97 17.77 4.51
CA ASN L 277 -26.18 17.07 3.51
C ASN L 277 -24.82 16.60 4.04
N GLN L 278 -24.64 16.47 5.35
CA GLN L 278 -23.34 16.01 5.83
C GLN L 278 -23.48 15.37 7.20
N VAL L 279 -22.46 14.58 7.56
CA VAL L 279 -22.41 13.98 8.87
C VAL L 279 -21.10 14.37 9.55
N THR L 280 -21.09 14.27 10.87
CA THR L 280 -19.86 14.44 11.64
C THR L 280 -19.83 13.35 12.69
N MET L 281 -18.83 12.50 12.59
CA MET L 281 -18.78 11.26 13.36
C MET L 281 -17.67 11.44 14.39
N LEU L 282 -18.05 11.48 15.66
CA LEU L 282 -17.09 11.50 16.76
C LEU L 282 -16.82 10.06 17.16
N LEU L 283 -15.54 9.71 17.26
CA LEU L 283 -15.10 8.32 17.28
C LEU L 283 -14.19 8.07 18.45
N TYR L 284 -14.33 6.92 19.08
CA TYR L 284 -13.58 6.60 20.29
C TYR L 284 -12.84 5.28 20.12
N PRO L 285 -11.53 5.30 19.99
CA PRO L 285 -10.77 4.05 19.92
C PRO L 285 -10.26 3.65 21.30
N ASP L 286 -9.68 2.48 21.35
CA ASP L 286 -8.89 2.07 22.51
C ASP L 286 -7.52 1.59 22.11
N HIS L 287 -7.40 0.88 21.00
CA HIS L 287 -6.14 0.49 20.39
C HIS L 287 -6.19 0.94 18.95
N PRO L 288 -5.02 0.93 18.22
CA PRO L 288 -5.02 1.28 16.79
C PRO L 288 -6.05 0.54 15.94
N THR L 289 -7.01 1.28 15.42
CA THR L 289 -8.12 0.71 14.67
C THR L 289 -8.27 1.39 13.33
N LEU L 290 -8.98 0.72 12.43
CA LEU L 290 -9.11 1.20 11.07
C LEU L 290 -10.48 1.83 10.84
N LEU L 291 -10.54 2.64 9.80
CA LEU L 291 -11.75 3.34 9.42
C LEU L 291 -11.73 3.42 7.90
N SER L 292 -12.87 3.23 7.28
CA SER L 292 -12.92 3.34 5.84
C SER L 292 -14.26 3.92 5.40
N TYR L 293 -14.23 4.68 4.31
CA TYR L 293 -15.46 5.26 3.81
C TYR L 293 -15.42 5.37 2.30
N ARG L 294 -16.61 5.28 1.71
CA ARG L 294 -16.78 5.18 0.27
C ARG L 294 -18.18 5.63 -0.11
N ASN L 295 -18.37 5.84 -1.41
CA ASN L 295 -19.69 6.12 -1.96
C ASN L 295 -20.34 4.81 -2.43
N MET L 296 -21.41 4.93 -3.21
CA MET L 296 -22.05 3.79 -3.83
C MET L 296 -22.43 4.09 -5.28
N GLY L 297 -21.66 4.93 -5.96
CA GLY L 297 -22.02 5.34 -7.30
C GLY L 297 -21.09 4.77 -8.33
N GLN L 298 -20.84 5.52 -9.41
CA GLN L 298 -19.93 5.02 -10.42
C GLN L 298 -18.48 5.12 -9.97
N GLU L 299 -18.15 6.05 -9.07
CA GLU L 299 -16.84 5.90 -8.47
C GLU L 299 -16.98 5.49 -7.02
N PRO L 300 -16.03 4.72 -6.49
CA PRO L 300 -16.06 4.46 -5.04
C PRO L 300 -15.62 5.65 -4.23
N ASN L 301 -14.71 6.47 -4.77
CA ASN L 301 -14.09 7.61 -4.10
C ASN L 301 -13.52 7.19 -2.75
N TYR L 302 -12.75 6.11 -2.78
CA TYR L 302 -12.37 5.41 -1.57
C TYR L 302 -11.34 6.15 -0.73
N HIS L 303 -11.57 6.18 0.59
CA HIS L 303 -10.50 6.53 1.52
C HIS L 303 -10.58 5.68 2.77
N GLU L 304 -9.46 5.65 3.48
CA GLU L 304 -9.31 4.83 4.67
C GLU L 304 -8.24 5.46 5.53
N GLU L 305 -8.21 5.06 6.81
CA GLU L 305 -7.40 5.75 7.78
C GLU L 305 -7.20 4.88 9.02
N TRP L 306 -5.96 4.84 9.49
CA TRP L 306 -5.68 4.34 10.83
C TRP L 306 -5.95 5.44 11.84
N VAL L 307 -6.48 5.05 12.99
CA VAL L 307 -6.83 6.02 14.03
C VAL L 307 -6.44 5.42 15.37
N THR L 308 -5.98 6.28 16.27
CA THR L 308 -5.50 5.87 17.59
C THR L 308 -6.04 6.70 18.74
N HIS L 309 -6.54 7.90 18.50
CA HIS L 309 -7.01 8.78 19.57
C HIS L 309 -8.42 9.22 19.28
N LYS L 310 -9.02 9.88 20.27
CA LYS L 310 -10.43 10.24 20.21
C LYS L 310 -10.58 11.41 19.26
N LYS L 311 -10.67 11.08 17.97
CA LYS L 311 -10.87 12.05 16.91
C LYS L 311 -12.34 12.14 16.50
N GLU L 312 -12.70 13.28 15.93
CA GLU L 312 -13.95 13.44 15.21
C GLU L 312 -13.65 13.81 13.76
N VAL L 313 -14.47 13.29 12.86
CA VAL L 313 -14.27 13.49 11.43
C VAL L 313 -15.55 14.02 10.80
N THR L 314 -15.41 14.67 9.66
CA THR L 314 -16.55 15.19 8.92
C THR L 314 -16.64 14.48 7.58
N LEU L 315 -17.86 14.17 7.15
CA LEU L 315 -18.05 13.43 5.92
C LEU L 315 -19.17 14.05 5.10
N THR L 316 -18.92 14.18 3.81
CA THR L 316 -19.88 14.76 2.87
C THR L 316 -20.62 13.61 2.20
N VAL L 317 -21.80 13.28 2.73
CA VAL L 317 -22.64 12.25 2.13
C VAL L 317 -23.17 12.75 0.78
N PRO L 318 -23.03 11.99 -0.29
CA PRO L 318 -23.42 12.50 -1.60
C PRO L 318 -24.90 12.28 -1.88
N THR L 319 -25.32 12.55 -3.11
CA THR L 319 -26.72 12.46 -3.51
C THR L 319 -27.29 11.05 -3.43
N GLU L 320 -26.43 10.03 -3.41
CA GLU L 320 -26.91 8.66 -3.49
C GLU L 320 -26.30 7.78 -2.41
N GLY L 321 -26.00 8.36 -1.26
CA GLY L 321 -25.68 7.60 -0.07
C GLY L 321 -24.22 7.27 0.07
N LEU L 322 -23.87 6.79 1.25
CA LEU L 322 -22.47 6.63 1.62
C LEU L 322 -22.35 5.46 2.58
N GLU L 323 -21.16 4.87 2.61
CA GLU L 323 -20.88 3.78 3.54
C GLU L 323 -19.62 4.11 4.34
N VAL L 324 -19.68 3.85 5.64
CA VAL L 324 -18.49 3.84 6.48
C VAL L 324 -18.41 2.49 7.17
N THR L 325 -17.19 2.13 7.53
CA THR L 325 -16.98 0.97 8.38
C THR L 325 -15.85 1.28 9.35
N TRP L 326 -15.90 0.61 10.49
CA TRP L 326 -15.11 1.02 11.63
C TRP L 326 -14.77 -0.20 12.46
N GLY L 327 -13.48 -0.45 12.64
CA GLY L 327 -13.06 -1.62 13.38
C GLY L 327 -13.37 -2.89 12.62
N ASN L 328 -13.95 -3.86 13.32
CA ASN L 328 -14.49 -5.06 12.70
C ASN L 328 -15.99 -5.13 12.93
N ASN L 329 -16.63 -3.98 13.07
CA ASN L 329 -18.03 -3.95 13.39
C ASN L 329 -18.84 -3.91 12.10
N GLU L 330 -20.12 -3.59 12.22
CA GLU L 330 -21.01 -3.66 11.10
C GLU L 330 -20.73 -2.47 10.18
N PRO L 331 -20.85 -2.63 8.88
CA PRO L 331 -20.69 -1.49 7.99
C PRO L 331 -21.86 -0.53 8.08
N TYR L 332 -21.65 0.60 8.74
CA TYR L 332 -22.70 1.60 8.88
C TYR L 332 -22.99 2.23 7.53
N LYS L 333 -24.27 2.42 7.27
CA LYS L 333 -24.76 2.83 5.98
C LYS L 333 -25.59 4.10 6.16
N TYR L 334 -25.53 4.99 5.16
CA TYR L 334 -26.24 6.25 5.22
C TYR L 334 -26.76 6.61 3.84
N TRP L 335 -27.72 7.52 3.83
CA TRP L 335 -28.44 7.86 2.62
C TRP L 335 -29.13 9.19 2.86
N PRO L 336 -29.07 10.13 1.92
CA PRO L 336 -29.51 11.49 2.22
C PRO L 336 -31.02 11.66 2.23
N GLN L 337 -31.52 12.13 3.36
CA GLN L 337 -32.85 12.68 3.48
C GLN L 337 -32.80 14.14 3.05
N MET L 338 -33.97 14.74 2.81
CA MET L 338 -34.24 16.15 2.48
C MET L 338 -33.39 17.21 3.19
N SER L 339 -33.67 18.49 2.96
CA SER L 339 -32.71 19.40 3.60
C SER L 339 -33.07 19.90 4.99
N THR L 340 -34.37 20.19 5.27
CA THR L 340 -35.01 20.70 6.51
C THR L 340 -36.18 21.62 6.20
N ASN L 341 -36.87 22.07 7.25
CA ASN L 341 -37.85 23.14 7.13
C ASN L 341 -37.05 24.44 7.03
N GLY L 342 -36.63 24.74 5.80
CA GLY L 342 -35.99 26.00 5.49
C GLY L 342 -36.81 26.80 4.52
N THR L 343 -37.91 26.20 4.05
CA THR L 343 -38.67 26.73 2.92
C THR L 343 -40.01 26.04 2.84
N ALA L 344 -40.97 26.72 2.21
CA ALA L 344 -42.36 26.29 2.21
C ALA L 344 -43.06 26.94 1.02
N HIS L 345 -44.39 26.97 1.06
CA HIS L 345 -45.23 27.57 0.01
C HIS L 345 -46.08 28.68 0.63
N GLY L 346 -45.64 29.93 0.54
CA GLY L 346 -46.43 31.01 1.08
C GLY L 346 -46.72 32.07 0.04
N HIS L 347 -47.23 33.25 0.45
CA HIS L 347 -47.38 34.36 -0.48
C HIS L 347 -46.07 34.93 -1.00
N PRO L 348 -44.94 34.94 -0.25
CA PRO L 348 -43.65 35.14 -0.92
C PRO L 348 -43.21 33.91 -1.71
N HIS L 349 -42.02 33.97 -2.31
CA HIS L 349 -41.51 32.87 -3.12
C HIS L 349 -41.28 31.59 -2.32
N GLU L 350 -40.29 31.61 -1.41
CA GLU L 350 -39.72 30.46 -0.69
C GLU L 350 -39.60 29.19 -1.54
N ILE L 351 -39.18 29.37 -2.78
CA ILE L 351 -39.02 28.28 -3.73
C ILE L 351 -37.56 28.05 -4.06
N ILE L 352 -36.81 29.14 -4.22
CA ILE L 352 -35.39 29.05 -4.49
C ILE L 352 -34.68 28.56 -3.24
N LEU L 353 -35.24 28.84 -2.06
CA LEU L 353 -34.74 28.23 -0.84
C LEU L 353 -34.98 26.73 -0.81
N TYR L 354 -35.95 26.23 -1.58
CA TYR L 354 -35.94 24.81 -1.93
C TYR L 354 -34.79 24.51 -2.87
N TYR L 355 -34.70 25.27 -3.95
CA TYR L 355 -33.82 24.94 -5.05
C TYR L 355 -32.39 25.41 -4.84
N TYR L 356 -32.10 26.09 -3.73
CA TYR L 356 -30.73 26.10 -3.24
C TYR L 356 -30.46 24.86 -2.41
N GLU L 357 -31.42 24.50 -1.56
CA GLU L 357 -31.20 23.45 -0.57
C GLU L 357 -31.30 22.07 -1.22
N LEU L 358 -32.48 21.73 -1.71
CA LEU L 358 -32.63 20.60 -2.60
C LEU L 358 -32.17 20.98 -3.99
N TYR L 359 -31.64 19.99 -4.72
CA TYR L 359 -30.97 20.12 -6.01
C TYR L 359 -29.87 21.18 -6.00
N PRO L 360 -28.74 20.90 -5.35
CA PRO L 360 -27.68 21.91 -5.23
C PRO L 360 -27.05 22.15 -6.60
N THR L 361 -26.96 23.44 -6.98
CA THR L 361 -26.45 24.03 -8.22
C THR L 361 -27.12 23.49 -9.50
N MET L 362 -28.16 22.68 -9.34
CA MET L 362 -29.04 22.32 -10.44
C MET L 362 -30.35 23.05 -10.24
N THR L 363 -31.05 23.30 -11.35
CA THR L 363 -32.24 24.16 -11.45
C THR L 363 -32.01 25.57 -10.86
N VAL L 364 -30.77 26.03 -10.83
CA VAL L 364 -30.49 27.46 -10.66
C VAL L 364 -29.89 28.05 -11.92
N VAL L 365 -29.29 27.22 -12.78
CA VAL L 365 -29.01 27.61 -14.15
C VAL L 365 -30.32 27.83 -14.89
N ILE L 366 -31.40 27.16 -14.48
CA ILE L 366 -32.69 27.41 -15.08
C ILE L 366 -33.21 28.79 -14.65
N VAL L 367 -32.83 29.24 -13.44
CA VAL L 367 -33.26 30.55 -12.99
C VAL L 367 -32.51 31.64 -13.73
N SER L 368 -31.20 31.44 -13.94
CA SER L 368 -30.43 32.44 -14.68
C SER L 368 -30.82 32.47 -16.15
N VAL L 369 -31.12 31.30 -16.73
CA VAL L 369 -31.48 31.29 -18.15
C VAL L 369 -32.85 31.90 -18.34
N ALA L 370 -33.79 31.68 -17.40
CA ALA L 370 -35.09 32.32 -17.50
C ALA L 370 -34.99 33.81 -17.30
N SER L 371 -34.09 34.26 -16.41
CA SER L 371 -33.92 35.68 -16.15
C SER L 371 -33.39 36.40 -17.37
N PHE L 372 -32.32 35.90 -17.97
CA PHE L 372 -31.82 36.70 -19.07
C PHE L 372 -32.58 36.46 -20.38
N VAL L 373 -33.34 35.36 -20.52
CA VAL L 373 -34.18 35.33 -21.72
C VAL L 373 -35.44 36.19 -21.53
N LEU L 374 -35.92 36.39 -20.30
CA LEU L 374 -37.04 37.31 -20.16
C LEU L 374 -36.55 38.74 -20.35
N LEU L 375 -35.31 39.02 -19.93
CA LEU L 375 -34.69 40.30 -20.27
C LEU L 375 -34.54 40.45 -21.77
N SER L 376 -34.17 39.37 -22.47
CA SER L 376 -34.02 39.44 -23.93
C SER L 376 -35.35 39.69 -24.62
N MET L 377 -36.43 39.09 -24.13
CA MET L 377 -37.71 39.26 -24.83
C MET L 377 -38.34 40.62 -24.51
N VAL L 378 -38.16 41.15 -23.30
CA VAL L 378 -38.64 42.52 -23.08
C VAL L 378 -37.74 43.51 -23.81
N GLY L 379 -36.47 43.14 -24.03
CA GLY L 379 -35.59 43.99 -24.81
C GLY L 379 -35.99 44.07 -26.27
N THR L 380 -36.33 42.93 -26.88
CA THR L 380 -36.79 43.01 -28.26
C THR L 380 -38.20 43.59 -28.35
N ALA L 381 -38.98 43.49 -27.27
CA ALA L 381 -40.26 44.22 -27.20
C ALA L 381 -40.04 45.73 -27.28
N VAL L 382 -39.19 46.26 -26.40
CA VAL L 382 -38.99 47.72 -26.39
C VAL L 382 -38.22 48.15 -27.64
N GLY L 383 -37.41 47.25 -28.21
CA GLY L 383 -36.76 47.55 -29.47
C GLY L 383 -37.76 47.60 -30.61
N MET L 384 -38.80 46.77 -30.54
CA MET L 384 -39.87 46.87 -31.52
C MET L 384 -40.65 48.16 -31.34
N CYS L 385 -40.73 48.67 -30.11
CA CYS L 385 -41.26 50.02 -29.90
C CYS L 385 -40.34 51.09 -30.52
N VAL L 386 -39.04 50.86 -30.48
CA VAL L 386 -38.09 51.80 -31.07
C VAL L 386 -38.23 51.80 -32.59
N CYS L 387 -38.43 50.62 -33.17
CA CYS L 387 -38.76 50.53 -34.59
C CYS L 387 -40.13 51.17 -34.89
N ALA L 388 -41.05 51.13 -33.93
CA ALA L 388 -42.31 51.84 -34.10
C ALA L 388 -42.11 53.35 -34.09
N ARG L 389 -41.13 53.87 -33.34
CA ARG L 389 -40.77 55.28 -33.47
C ARG L 389 -40.11 55.55 -34.83
N ARG L 390 -39.36 54.58 -35.34
CA ARG L 390 -38.79 54.72 -36.67
C ARG L 390 -39.91 54.83 -37.69
N ARG L 391 -40.97 54.05 -37.49
CA ARG L 391 -42.14 54.17 -38.36
C ARG L 391 -42.92 55.44 -38.08
N CYS L 392 -42.86 55.97 -36.85
CA CYS L 392 -43.47 57.28 -36.58
C CYS L 392 -42.88 58.31 -37.52
N ILE L 393 -41.55 58.31 -37.65
CA ILE L 393 -40.89 59.28 -38.52
C ILE L 393 -40.90 58.83 -39.99
N THR L 394 -40.21 57.74 -40.35
CA THR L 394 -39.74 57.41 -41.71
C THR L 394 -40.71 57.43 -42.89
N PRO L 395 -42.02 57.16 -42.74
CA PRO L 395 -42.94 57.57 -43.81
C PRO L 395 -43.19 59.06 -43.86
N TYR L 396 -43.21 59.70 -42.70
CA TYR L 396 -43.81 61.00 -42.50
C TYR L 396 -42.81 62.10 -42.14
N GLU L 397 -42.13 61.91 -41.01
CA GLU L 397 -41.08 62.71 -40.35
C GLU L 397 -41.24 64.23 -40.59
N LEU L 398 -40.33 64.94 -41.23
CA LEU L 398 -40.36 66.39 -41.24
C LEU L 398 -41.22 66.94 -42.36
N THR L 399 -42.37 66.30 -42.67
CA THR L 399 -43.15 66.36 -43.92
C THR L 399 -43.31 67.77 -44.49
N PRO L 400 -43.18 67.93 -45.82
CA PRO L 400 -43.18 69.28 -46.40
C PRO L 400 -44.46 70.05 -46.24
N GLY L 401 -45.60 69.37 -46.04
CA GLY L 401 -46.80 70.07 -45.61
C GLY L 401 -46.73 70.64 -44.20
N ALA L 402 -45.80 70.14 -43.37
CA ALA L 402 -45.42 70.76 -42.09
C ALA L 402 -46.57 70.81 -41.09
N THR L 403 -47.37 69.74 -41.05
CA THR L 403 -48.37 69.54 -40.01
C THR L 403 -48.22 68.13 -39.49
N VAL L 404 -48.11 67.98 -38.17
CA VAL L 404 -48.29 66.67 -37.58
C VAL L 404 -49.54 66.74 -36.71
N PRO L 405 -50.76 66.70 -37.30
CA PRO L 405 -51.95 67.11 -36.55
C PRO L 405 -52.37 66.11 -35.48
N PHE L 406 -52.56 64.86 -35.88
CA PHE L 406 -53.07 63.79 -35.03
C PHE L 406 -52.13 62.60 -35.03
N LEU L 407 -50.83 62.84 -35.04
CA LEU L 407 -49.88 61.75 -34.82
C LEU L 407 -49.03 61.99 -33.57
N LEU L 408 -48.28 63.09 -33.52
CA LEU L 408 -47.51 63.43 -32.32
C LEU L 408 -48.43 63.94 -31.24
N SER L 409 -49.65 64.32 -31.59
CA SER L 409 -50.64 64.58 -30.57
C SER L 409 -51.26 63.29 -30.07
N LEU L 410 -51.40 62.29 -30.95
CA LEU L 410 -52.06 61.06 -30.49
C LEU L 410 -51.12 60.16 -29.69
N LEU L 411 -50.10 59.58 -30.33
CA LEU L 411 -49.29 58.64 -29.55
C LEU L 411 -48.14 59.28 -28.80
N CYS L 412 -47.76 60.51 -29.17
CA CYS L 412 -46.73 61.31 -28.48
C CYS L 412 -45.39 60.58 -28.45
N CYS L 413 -44.81 60.36 -29.62
CA CYS L 413 -43.68 59.42 -29.67
C CYS L 413 -42.34 60.13 -29.54
N VAL L 414 -42.08 61.18 -30.32
CA VAL L 414 -40.77 61.85 -30.28
C VAL L 414 -40.97 63.35 -30.48
N ARG L 415 -40.62 64.11 -29.43
CA ARG L 415 -40.45 65.57 -29.43
C ARG L 415 -41.70 66.30 -29.91
N THR L 416 -42.79 66.11 -29.17
CA THR L 416 -44.02 66.82 -29.51
C THR L 416 -44.03 68.26 -29.04
N THR L 417 -43.01 68.72 -28.28
CA THR L 417 -43.06 70.07 -27.74
C THR L 417 -42.85 71.12 -28.84
N LYS L 418 -41.99 70.81 -29.80
CA LYS L 418 -41.67 71.73 -30.90
C LYS L 418 -42.38 71.21 -32.14
N ALA L 419 -43.67 71.53 -32.25
CA ALA L 419 -44.59 71.03 -33.30
C ALA L 419 -44.58 69.51 -33.46
N ASN M 1 -31.20 78.26 -62.55
CA ASN M 1 -30.71 78.56 -61.21
C ASN M 1 -31.72 79.37 -60.44
N ASP M 2 -32.66 78.69 -59.79
CA ASP M 2 -33.56 79.35 -58.85
C ASP M 2 -33.31 78.89 -57.43
N CYS M 3 -33.38 77.58 -57.16
CA CYS M 3 -33.05 77.06 -55.85
C CYS M 3 -32.00 75.96 -55.86
N ILE M 4 -31.59 75.47 -57.04
CA ILE M 4 -30.64 74.37 -57.14
C ILE M 4 -29.29 74.73 -56.53
N PHE M 5 -28.74 73.81 -55.74
CA PHE M 5 -27.50 74.02 -55.02
C PHE M 5 -26.60 72.83 -55.32
N GLU M 6 -25.34 73.10 -55.64
CA GLU M 6 -24.41 72.03 -55.98
C GLU M 6 -23.98 71.25 -54.75
N VAL M 7 -24.05 69.92 -54.84
CA VAL M 7 -23.38 69.02 -53.91
C VAL M 7 -22.13 68.46 -54.59
N LYS M 8 -20.99 68.56 -53.92
CA LYS M 8 -19.75 68.05 -54.47
C LYS M 8 -19.17 67.07 -53.47
N HIS M 9 -18.67 65.95 -53.98
CA HIS M 9 -18.07 64.91 -53.17
C HIS M 9 -16.87 64.31 -53.87
N GLU M 10 -15.73 64.31 -53.16
CA GLU M 10 -14.40 63.84 -53.57
C GLU M 10 -14.07 64.05 -55.05
N GLY M 11 -14.13 65.30 -55.51
CA GLY M 11 -13.85 65.63 -56.88
C GLY M 11 -15.01 65.51 -57.85
N LYS M 12 -16.03 64.73 -57.51
CA LYS M 12 -17.17 64.50 -58.39
C LYS M 12 -18.35 65.36 -57.97
N VAL M 13 -19.00 65.99 -58.96
CA VAL M 13 -20.27 66.64 -58.69
C VAL M 13 -21.27 65.51 -58.46
N MET M 14 -21.80 65.39 -57.26
CA MET M 14 -22.68 64.26 -57.04
C MET M 14 -24.06 64.69 -56.60
N GLY M 15 -24.65 65.62 -57.35
CA GLY M 15 -26.06 65.83 -57.23
C GLY M 15 -26.37 67.19 -56.65
N TYR M 16 -27.59 67.30 -56.16
CA TYR M 16 -28.10 68.56 -55.71
C TYR M 16 -28.90 68.26 -54.44
N ALA M 17 -28.93 69.23 -53.55
CA ALA M 17 -29.77 69.13 -52.38
C ALA M 17 -30.73 70.30 -52.39
N CYS M 18 -31.91 70.12 -51.81
CA CYS M 18 -32.85 71.22 -51.87
C CYS M 18 -33.47 71.42 -50.50
N LEU M 19 -33.55 72.68 -50.10
CA LEU M 19 -34.27 73.10 -48.91
C LEU M 19 -35.62 73.66 -49.33
N VAL M 20 -36.69 72.98 -48.89
CA VAL M 20 -38.08 73.23 -49.28
C VAL M 20 -38.95 73.05 -48.03
N GLY M 21 -39.73 74.07 -47.70
CA GLY M 21 -40.51 74.02 -46.47
C GLY M 21 -39.60 73.98 -45.28
N ASP M 22 -39.72 72.92 -44.48
CA ASP M 22 -38.80 72.69 -43.38
C ASP M 22 -37.82 71.55 -43.62
N LYS M 23 -37.66 71.09 -44.87
CA LYS M 23 -36.73 69.99 -45.11
C LYS M 23 -35.59 70.36 -46.03
N VAL M 24 -34.44 69.76 -45.73
CA VAL M 24 -33.36 69.65 -46.71
C VAL M 24 -33.41 68.21 -47.15
N MET M 25 -33.57 67.99 -48.44
CA MET M 25 -33.74 66.65 -48.98
C MET M 25 -32.64 66.39 -49.98
N LYS M 26 -32.15 65.16 -49.94
CA LYS M 26 -31.06 64.74 -50.78
C LYS M 26 -31.28 63.25 -50.96
N PRO M 27 -31.04 62.68 -52.15
CA PRO M 27 -31.11 61.23 -52.30
C PRO M 27 -30.13 60.50 -51.40
N ALA M 28 -30.60 59.41 -50.80
CA ALA M 28 -29.81 58.68 -49.82
C ALA M 28 -28.64 57.96 -50.47
N HIS M 29 -28.79 57.57 -51.74
CA HIS M 29 -27.78 56.75 -52.38
C HIS M 29 -26.55 57.54 -52.83
N VAL M 30 -26.66 58.83 -53.12
CA VAL M 30 -25.48 59.62 -53.44
C VAL M 30 -24.73 59.94 -52.15
N LYS M 31 -23.53 59.40 -52.02
CA LYS M 31 -22.74 59.61 -50.82
C LYS M 31 -22.05 60.97 -50.87
N GLY M 32 -21.68 61.45 -49.70
CA GLY M 32 -20.94 62.69 -49.56
C GLY M 32 -21.72 63.83 -48.94
N THR M 33 -21.14 65.03 -49.07
CA THR M 33 -21.62 66.19 -48.32
C THR M 33 -21.82 67.43 -49.19
N ILE M 34 -22.92 68.14 -48.91
CA ILE M 34 -23.21 69.45 -49.50
C ILE M 34 -22.13 70.44 -49.08
N ASP M 35 -21.58 71.18 -50.05
CA ASP M 35 -20.36 71.97 -49.83
C ASP M 35 -20.58 73.31 -49.11
N ASN M 36 -21.43 73.37 -48.09
CA ASN M 36 -21.47 74.49 -47.16
C ASN M 36 -21.53 73.93 -45.74
N ALA M 37 -20.59 74.35 -44.89
CA ALA M 37 -20.40 73.71 -43.59
C ALA M 37 -21.58 73.92 -42.65
N ASP M 38 -22.36 75.00 -42.85
CA ASP M 38 -23.53 75.24 -42.00
C ASP M 38 -24.58 74.13 -42.18
N LEU M 39 -24.76 73.67 -43.42
CA LEU M 39 -25.70 72.60 -43.70
C LEU M 39 -25.14 71.24 -43.30
N ALA M 40 -23.86 71.00 -43.60
CA ALA M 40 -23.17 69.72 -43.44
C ALA M 40 -23.17 69.15 -42.03
N LYS M 41 -23.52 69.93 -41.00
CA LYS M 41 -23.42 69.48 -39.63
C LYS M 41 -24.75 69.01 -39.07
N LEU M 42 -25.82 69.05 -39.86
CA LEU M 42 -27.13 68.68 -39.34
C LEU M 42 -27.30 67.17 -39.22
N ALA M 43 -28.23 66.80 -38.35
CA ALA M 43 -28.71 65.43 -38.22
C ALA M 43 -29.59 65.06 -39.41
N PHE M 44 -29.13 64.13 -40.23
CA PHE M 44 -29.87 63.67 -41.40
C PHE M 44 -30.46 62.31 -41.09
N LYS M 45 -31.70 62.10 -41.50
CA LYS M 45 -32.33 60.80 -41.36
C LYS M 45 -32.47 60.17 -42.73
N ARG M 46 -32.09 58.90 -42.79
CA ARG M 46 -32.10 58.04 -43.97
C ARG M 46 -33.38 57.19 -44.01
N SER M 47 -33.96 57.07 -45.21
CA SER M 47 -35.03 56.13 -45.47
C SER M 47 -34.65 55.35 -46.71
N SER M 48 -34.47 54.04 -46.56
CA SER M 48 -34.14 53.19 -47.70
C SER M 48 -35.36 52.97 -48.58
N LYS M 49 -36.53 52.91 -47.96
CA LYS M 49 -37.80 52.69 -48.67
C LYS M 49 -38.02 53.71 -49.77
N TYR M 50 -37.69 54.97 -49.51
CA TYR M 50 -37.84 56.01 -50.51
C TYR M 50 -36.52 56.45 -51.13
N ASP M 51 -35.40 55.88 -50.66
CA ASP M 51 -34.03 56.33 -50.98
C ASP M 51 -33.92 57.84 -50.73
N LEU M 52 -34.42 58.27 -49.58
CA LEU M 52 -34.52 59.69 -49.26
C LEU M 52 -33.71 60.03 -48.01
N GLU M 53 -33.08 61.20 -48.01
CA GLU M 53 -32.41 61.78 -46.87
C GLU M 53 -33.07 63.11 -46.52
N CYS M 54 -33.46 63.27 -45.26
CA CYS M 54 -34.18 64.44 -44.82
C CYS M 54 -33.50 65.08 -43.62
N ALA M 55 -33.61 66.40 -43.52
CA ALA M 55 -33.07 67.13 -42.38
C ALA M 55 -33.92 68.37 -42.11
N GLN M 56 -33.87 68.83 -40.85
CA GLN M 56 -34.52 70.07 -40.45
C GLN M 56 -33.70 71.28 -40.89
N ILE M 57 -34.32 72.18 -41.66
CA ILE M 57 -33.73 73.45 -42.11
C ILE M 57 -33.38 74.33 -40.92
N PRO M 58 -32.18 74.91 -40.86
CA PRO M 58 -31.86 75.85 -39.79
C PRO M 58 -32.69 77.12 -39.91
N VAL M 59 -32.84 77.81 -38.76
CA VAL M 59 -33.77 78.94 -38.66
C VAL M 59 -33.40 80.10 -39.58
N HIS M 60 -32.11 80.49 -39.62
CA HIS M 60 -31.75 81.69 -40.36
C HIS M 60 -31.80 81.53 -41.87
N MET M 61 -32.15 80.34 -42.36
CA MET M 61 -32.22 80.03 -43.77
C MET M 61 -33.64 79.68 -44.18
N LYS M 62 -34.58 79.67 -43.21
CA LYS M 62 -35.99 79.30 -43.47
C LYS M 62 -36.58 80.11 -44.61
N SER M 63 -36.24 81.40 -44.69
CA SER M 63 -36.78 82.31 -45.69
C SER M 63 -36.12 82.14 -47.04
N ASP M 64 -35.15 81.23 -47.17
CA ASP M 64 -34.55 80.92 -48.46
C ASP M 64 -35.25 79.79 -49.19
N ALA M 65 -36.27 79.18 -48.59
CA ALA M 65 -36.83 77.96 -49.12
C ALA M 65 -37.70 78.21 -50.35
N SER M 66 -37.78 77.19 -51.19
CA SER M 66 -38.68 77.23 -52.33
C SER M 66 -40.08 76.93 -51.85
N LYS M 67 -41.06 77.62 -52.41
CA LYS M 67 -42.45 77.26 -52.20
C LYS M 67 -42.79 75.94 -52.89
N PHE M 68 -43.88 75.32 -52.43
CA PHE M 68 -44.35 74.04 -52.91
C PHE M 68 -45.86 74.11 -53.06
N THR M 69 -46.42 73.07 -53.69
CA THR M 69 -47.87 72.93 -53.76
C THR M 69 -48.26 71.47 -53.86
N HIS M 70 -49.45 71.17 -53.34
CA HIS M 70 -50.03 69.84 -53.43
C HIS M 70 -50.64 69.60 -54.81
N GLU M 71 -50.90 70.67 -55.56
CA GLU M 71 -51.60 70.64 -56.84
C GLU M 71 -50.66 70.33 -57.99
N LYS M 72 -50.94 69.23 -58.70
CA LYS M 72 -50.16 68.84 -59.88
C LYS M 72 -51.11 68.73 -61.07
N PRO M 73 -51.37 69.83 -61.78
CA PRO M 73 -52.13 69.73 -63.03
C PRO M 73 -51.33 69.04 -64.14
N GLU M 74 -52.06 68.41 -65.06
CA GLU M 74 -51.49 67.91 -66.30
C GLU M 74 -50.98 69.05 -67.17
N GLY M 75 -49.84 68.83 -67.83
CA GLY M 75 -49.35 69.88 -68.71
C GLY M 75 -47.86 69.78 -68.92
N TYR M 76 -47.25 70.94 -69.13
CA TYR M 76 -45.82 71.06 -69.28
C TYR M 76 -45.28 71.73 -68.02
N TYR M 77 -44.07 71.36 -67.64
CA TYR M 77 -43.42 71.93 -66.49
C TYR M 77 -42.02 72.36 -66.88
N ASN M 78 -41.32 72.90 -65.92
CA ASN M 78 -40.00 73.45 -66.15
C ASN M 78 -39.01 72.70 -65.28
N TRP M 79 -37.83 72.46 -65.83
CA TRP M 79 -36.65 72.12 -65.06
C TRP M 79 -35.48 72.81 -65.72
N HIS M 80 -34.30 72.60 -65.12
CA HIS M 80 -33.06 73.27 -65.50
C HIS M 80 -32.77 73.18 -66.99
N HIS M 81 -33.15 72.08 -67.63
CA HIS M 81 -32.82 71.84 -69.02
C HIS M 81 -34.01 72.01 -69.94
N GLY M 82 -35.16 72.47 -69.43
CA GLY M 82 -36.28 72.72 -70.33
C GLY M 82 -37.64 72.22 -69.92
N ALA M 83 -38.43 71.81 -70.90
CA ALA M 83 -39.79 71.39 -70.66
C ALA M 83 -39.83 69.95 -70.16
N VAL M 84 -40.80 69.67 -69.30
CA VAL M 84 -41.03 68.33 -68.73
C VAL M 84 -42.51 68.03 -68.89
N GLN M 85 -42.85 66.96 -69.61
CA GLN M 85 -44.27 66.68 -69.77
C GLN M 85 -44.77 65.91 -68.56
N TYR M 86 -45.88 66.35 -67.98
CA TYR M 86 -46.60 65.57 -66.99
C TYR M 86 -47.98 65.19 -67.51
N SER M 87 -48.19 63.87 -67.66
CA SER M 87 -49.49 63.34 -68.04
C SER M 87 -49.54 61.87 -67.69
N GLY M 88 -50.75 61.42 -67.33
CA GLY M 88 -50.94 60.04 -66.96
C GLY M 88 -50.34 59.67 -65.63
N GLY M 89 -49.95 60.65 -64.83
CA GLY M 89 -49.23 60.39 -63.62
C GLY M 89 -47.77 60.18 -63.86
N ARG M 90 -47.29 60.52 -65.06
CA ARG M 90 -45.91 60.33 -65.44
C ARG M 90 -45.30 61.65 -65.84
N PHE M 91 -44.14 61.95 -65.25
CA PHE M 91 -43.23 62.96 -65.76
C PHE M 91 -42.34 62.31 -66.81
N THR M 92 -42.19 62.97 -67.94
CA THR M 92 -41.41 62.46 -69.05
C THR M 92 -40.52 63.57 -69.57
N ILE M 93 -39.49 63.12 -70.28
CA ILE M 93 -38.40 63.94 -70.80
C ILE M 93 -38.02 63.42 -72.18
N PRO M 94 -37.44 64.26 -73.04
CA PRO M 94 -36.97 63.77 -74.35
C PRO M 94 -35.94 62.66 -74.22
N THR M 95 -36.18 61.57 -74.95
CA THR M 95 -35.29 60.41 -74.95
C THR M 95 -33.89 60.80 -75.40
N GLY M 96 -32.90 60.55 -74.54
CA GLY M 96 -31.53 60.91 -74.77
C GLY M 96 -31.07 62.17 -74.05
N ALA M 97 -32.01 63.01 -73.63
CA ALA M 97 -31.69 64.22 -72.87
C ALA M 97 -31.17 63.91 -71.48
N GLY M 98 -31.52 62.74 -70.91
CA GLY M 98 -31.17 62.28 -69.57
C GLY M 98 -29.70 62.46 -69.21
N LYS M 99 -29.41 62.69 -67.93
CA LYS M 99 -28.05 63.00 -67.50
C LYS M 99 -27.81 62.46 -66.10
N PRO M 100 -27.24 61.24 -65.98
CA PRO M 100 -26.73 60.74 -64.70
C PRO M 100 -25.87 61.72 -63.93
N GLY M 101 -26.28 62.03 -62.70
CA GLY M 101 -25.63 63.03 -61.87
C GLY M 101 -26.58 64.13 -61.40
N ASP M 102 -27.62 64.41 -62.17
CA ASP M 102 -28.61 65.43 -61.86
C ASP M 102 -29.73 64.97 -60.92
N SER M 103 -29.71 63.72 -60.44
CA SER M 103 -30.73 63.25 -59.50
C SER M 103 -30.74 64.08 -58.23
N GLY M 104 -31.93 64.58 -57.87
CA GLY M 104 -32.10 65.46 -56.74
C GLY M 104 -32.58 66.85 -57.10
N ARG M 105 -32.31 67.30 -58.32
CA ARG M 105 -32.86 68.54 -58.83
C ARG M 105 -34.40 68.53 -58.81
N PRO M 106 -35.02 69.62 -58.40
CA PRO M 106 -36.48 69.69 -58.33
C PRO M 106 -37.19 69.94 -59.65
N ILE M 107 -38.46 69.54 -59.67
CA ILE M 107 -39.41 69.87 -60.73
C ILE M 107 -40.39 70.89 -60.16
N PHE M 108 -40.64 71.96 -60.91
CA PHE M 108 -41.45 73.04 -60.39
C PHE M 108 -42.51 73.45 -61.42
N ASP M 109 -43.56 74.07 -60.90
CA ASP M 109 -44.72 74.48 -61.68
C ASP M 109 -44.52 75.85 -62.33
N ASN M 110 -45.62 76.36 -62.88
CA ASN M 110 -45.62 77.60 -63.63
C ASN M 110 -45.39 78.80 -62.72
N LYS M 111 -45.58 78.63 -61.42
CA LYS M 111 -45.26 79.66 -60.45
C LYS M 111 -43.94 79.36 -59.76
N GLY M 112 -43.19 78.38 -60.26
CA GLY M 112 -41.90 78.06 -59.68
C GLY M 112 -42.02 77.29 -58.38
N ARG M 113 -43.20 76.78 -58.05
CA ARG M 113 -43.42 76.00 -56.84
C ARG M 113 -43.09 74.54 -57.15
N VAL M 114 -42.15 73.98 -56.42
CA VAL M 114 -41.71 72.60 -56.59
C VAL M 114 -42.82 71.61 -56.25
N VAL M 115 -43.00 70.63 -57.13
CA VAL M 115 -43.98 69.57 -56.92
C VAL M 115 -43.34 68.20 -56.71
N ALA M 116 -42.10 67.99 -57.16
CA ALA M 116 -41.47 66.66 -57.04
C ALA M 116 -39.95 66.77 -57.10
N ILE M 117 -39.29 65.69 -56.68
CA ILE M 117 -37.84 65.52 -56.83
C ILE M 117 -37.59 64.30 -57.71
N VAL M 118 -36.72 64.44 -58.72
CA VAL M 118 -36.40 63.36 -59.65
C VAL M 118 -35.34 62.42 -59.08
N LEU M 119 -35.56 61.12 -59.26
CA LEU M 119 -34.57 60.11 -58.93
C LEU M 119 -33.96 59.47 -60.16
N GLY M 120 -34.68 59.42 -61.28
CA GLY M 120 -34.14 58.69 -62.41
C GLY M 120 -35.18 58.51 -63.51
N GLY M 121 -34.85 57.66 -64.49
CA GLY M 121 -35.72 57.50 -65.62
C GLY M 121 -35.57 56.17 -66.31
N ALA M 122 -36.65 55.79 -67.00
CA ALA M 122 -36.81 54.54 -67.75
C ALA M 122 -37.02 54.85 -69.23
N ASN M 123 -36.09 54.38 -70.06
CA ASN M 123 -35.86 54.37 -71.51
C ASN M 123 -36.87 53.34 -72.38
N GLU M 124 -37.98 52.65 -72.02
CA GLU M 124 -38.67 51.79 -72.99
C GLU M 124 -40.13 52.23 -73.21
N GLY M 125 -40.42 53.49 -73.02
CA GLY M 125 -41.76 53.95 -73.33
C GLY M 125 -41.73 54.51 -74.73
N ALA M 126 -41.99 55.79 -74.80
CA ALA M 126 -41.89 56.67 -75.96
C ALA M 126 -40.91 57.80 -75.70
N ARG M 127 -40.97 58.33 -74.48
CA ARG M 127 -40.10 59.32 -73.87
C ARG M 127 -39.50 58.74 -72.59
N THR M 128 -38.48 59.40 -72.06
CA THR M 128 -37.89 58.98 -70.80
C THR M 128 -38.89 59.23 -69.67
N ALA M 129 -39.31 58.16 -68.98
CA ALA M 129 -40.24 58.26 -67.86
C ALA M 129 -39.49 58.37 -66.54
N LEU M 130 -39.74 59.44 -65.78
CA LEU M 130 -39.00 59.68 -64.54
C LEU M 130 -39.62 58.95 -63.36
N SER M 131 -38.74 58.35 -62.55
CA SER M 131 -39.04 57.96 -61.18
C SER M 131 -38.76 59.15 -60.27
N VAL M 132 -39.76 59.51 -59.46
CA VAL M 132 -39.80 60.73 -58.66
C VAL M 132 -40.44 60.47 -57.30
N VAL M 133 -40.14 61.36 -56.35
CA VAL M 133 -40.80 61.46 -55.05
C VAL M 133 -41.64 62.73 -55.01
N THR M 134 -42.87 62.63 -54.49
CA THR M 134 -43.77 63.77 -54.44
C THR M 134 -44.84 63.51 -53.39
N TRP M 135 -45.63 64.54 -53.10
CA TRP M 135 -46.61 64.49 -52.01
C TRP M 135 -48.02 64.35 -52.54
N ASN M 136 -48.70 63.29 -52.10
CA ASN M 136 -50.09 63.01 -52.44
C ASN M 136 -50.87 62.79 -51.15
N LYS M 137 -51.96 63.56 -51.01
CA LYS M 137 -52.77 63.74 -49.78
C LYS M 137 -51.87 64.06 -48.58
N ASP M 138 -50.92 64.96 -48.83
CA ASP M 138 -49.92 65.48 -47.91
C ASP M 138 -48.93 64.43 -47.43
N ILE M 139 -48.92 63.25 -48.06
CA ILE M 139 -48.00 62.19 -47.69
C ILE M 139 -46.96 62.05 -48.79
N VAL M 140 -45.68 62.08 -48.41
CA VAL M 140 -44.62 61.86 -49.38
C VAL M 140 -44.62 60.41 -49.82
N THR M 141 -44.50 60.19 -51.13
CA THR M 141 -44.56 58.87 -51.72
C THR M 141 -43.63 58.87 -52.93
N LYS M 142 -42.97 57.74 -53.12
CA LYS M 142 -42.14 57.50 -54.30
C LYS M 142 -42.89 56.73 -55.37
N ILE M 143 -42.89 57.27 -56.59
CA ILE M 143 -43.45 56.61 -57.76
C ILE M 143 -42.27 56.28 -58.66
N THR M 144 -42.07 54.99 -58.90
CA THR M 144 -40.98 54.48 -59.72
C THR M 144 -41.48 53.55 -60.81
N PRO M 145 -41.33 53.91 -62.08
CA PRO M 145 -41.68 52.96 -63.13
C PRO M 145 -40.71 51.79 -63.14
N GLU M 146 -41.24 50.63 -63.49
CA GLU M 146 -40.48 49.40 -63.67
C GLU M 146 -39.30 49.58 -64.63
N GLY M 147 -38.16 49.00 -64.26
CA GLY M 147 -37.00 49.02 -65.14
C GLY M 147 -36.28 50.35 -65.22
N ALA M 148 -36.27 51.12 -64.13
CA ALA M 148 -35.61 52.41 -64.13
C ALA M 148 -34.16 52.24 -63.69
N GLU M 149 -33.27 53.02 -64.28
CA GLU M 149 -31.87 53.02 -63.89
C GLU M 149 -31.53 54.26 -63.06
N GLU M 150 -30.62 54.03 -62.10
CA GLU M 150 -30.08 55.08 -61.25
C GLU M 150 -29.29 56.11 -62.05
N TRP M 151 -29.44 57.39 -61.68
CA TRP M 151 -28.71 58.46 -62.35
C TRP M 151 -27.64 59.08 -61.46
N TYR N 1 18.04 -10.61 -25.34
CA TYR N 1 18.12 -11.95 -25.87
C TYR N 1 16.73 -12.52 -26.09
N GLU N 2 15.74 -11.64 -26.08
CA GLU N 2 14.36 -12.02 -26.32
C GLU N 2 14.06 -11.80 -27.78
N HIS N 3 13.74 -12.88 -28.50
CA HIS N 3 13.38 -12.79 -29.90
C HIS N 3 11.89 -13.02 -30.01
N VAL N 4 11.19 -12.07 -30.62
CA VAL N 4 9.74 -12.12 -30.78
C VAL N 4 9.44 -12.33 -32.25
N THR N 5 8.67 -13.37 -32.56
CA THR N 5 8.31 -13.69 -33.93
C THR N 5 6.87 -14.18 -33.97
N VAL N 6 6.31 -14.22 -35.18
CA VAL N 6 4.93 -14.60 -35.39
C VAL N 6 4.87 -15.72 -36.40
N ILE N 7 4.25 -16.84 -36.02
CA ILE N 7 4.13 -17.98 -36.92
C ILE N 7 2.66 -18.24 -37.23
N PRO N 8 2.31 -18.71 -38.42
CA PRO N 8 0.90 -19.03 -38.69
C PRO N 8 0.45 -20.26 -37.92
N ASN N 9 -0.82 -20.25 -37.55
CA ASN N 9 -1.42 -21.34 -36.78
C ASN N 9 -1.71 -22.54 -37.69
N THR N 10 -0.66 -23.23 -38.07
CA THR N 10 -0.79 -24.39 -38.94
C THR N 10 0.08 -25.52 -38.41
N VAL N 11 -0.53 -26.66 -38.14
CA VAL N 11 0.17 -27.81 -37.58
C VAL N 11 0.88 -28.58 -38.69
N GLY N 12 2.10 -29.06 -38.40
CA GLY N 12 2.87 -29.85 -39.34
C GLY N 12 3.69 -29.09 -40.35
N VAL N 13 3.93 -27.79 -40.13
CA VAL N 13 4.75 -27.00 -41.04
C VAL N 13 5.94 -26.45 -40.27
N PRO N 14 7.17 -26.88 -40.55
CA PRO N 14 8.32 -26.37 -39.78
C PRO N 14 8.70 -24.97 -40.20
N TYR N 15 8.83 -24.06 -39.23
CA TYR N 15 9.19 -22.68 -39.51
C TYR N 15 10.59 -22.35 -39.01
N LYS N 16 11.33 -21.61 -39.83
CA LYS N 16 12.69 -21.22 -39.55
C LYS N 16 12.70 -19.80 -38.99
N THR N 17 13.36 -19.60 -37.86
CA THR N 17 13.51 -18.29 -37.25
C THR N 17 14.99 -18.01 -37.05
N LEU N 18 15.45 -16.88 -37.56
CA LEU N 18 16.85 -16.48 -37.45
C LEU N 18 17.06 -15.49 -36.31
N VAL N 19 17.79 -15.92 -35.29
CA VAL N 19 18.21 -15.04 -34.20
C VAL N 19 19.65 -14.61 -34.49
N ASN N 20 19.83 -13.31 -34.73
CA ASN N 20 21.14 -12.73 -35.02
C ASN N 20 21.48 -11.70 -33.96
N ARG N 21 22.18 -12.13 -32.94
CA ARG N 21 22.65 -11.17 -31.96
C ARG N 21 24.05 -10.71 -32.36
N PRO N 22 24.28 -9.40 -32.49
CA PRO N 22 25.59 -8.89 -32.96
C PRO N 22 26.77 -9.36 -32.13
N GLY N 23 27.80 -9.83 -32.82
CA GLY N 23 28.98 -10.40 -32.21
C GLY N 23 28.90 -11.88 -31.95
N TYR N 24 27.82 -12.52 -32.38
CA TYR N 24 27.61 -13.97 -32.24
C TYR N 24 27.19 -14.54 -33.59
N SER N 25 27.58 -15.80 -33.81
CA SER N 25 27.20 -16.50 -35.02
C SER N 25 25.68 -16.63 -35.07
N PRO N 26 25.05 -16.38 -36.22
CA PRO N 26 23.59 -16.48 -36.32
C PRO N 26 23.09 -17.88 -36.05
N MET N 27 21.89 -17.98 -35.46
CA MET N 27 21.30 -19.27 -35.14
C MET N 27 19.90 -19.39 -35.72
N VAL N 28 19.62 -20.50 -36.38
CA VAL N 28 18.29 -20.74 -36.95
C VAL N 28 17.61 -21.83 -36.13
N LEU N 29 16.42 -21.53 -35.66
CA LEU N 29 15.62 -22.49 -34.89
C LEU N 29 14.40 -22.88 -35.71
N GLU N 30 14.18 -24.17 -35.84
CA GLU N 30 12.99 -24.66 -36.51
C GLU N 30 11.97 -25.06 -35.44
N MET N 31 10.76 -24.55 -35.65
CA MET N 31 9.63 -24.67 -34.74
C MET N 31 8.52 -25.46 -35.42
N GLU N 32 7.90 -26.36 -34.66
CA GLU N 32 6.83 -27.19 -35.19
C GLU N 32 5.67 -27.30 -34.21
N LEU N 33 4.48 -27.01 -34.71
CA LEU N 33 3.25 -27.18 -33.96
C LEU N 33 2.86 -28.65 -33.94
N GLN N 34 2.26 -29.09 -32.84
CA GLN N 34 1.78 -30.47 -32.75
C GLN N 34 0.31 -30.55 -32.46
N SER N 35 -0.22 -29.63 -31.66
CA SER N 35 -1.64 -29.55 -31.35
C SER N 35 -1.95 -28.18 -30.78
N VAL N 36 -3.12 -27.66 -31.13
CA VAL N 36 -3.61 -26.40 -30.59
C VAL N 36 -4.99 -26.70 -30.03
N THR N 37 -5.12 -26.66 -28.71
CA THR N 37 -6.34 -27.04 -28.03
C THR N 37 -7.08 -25.82 -27.52
N LEU N 38 -8.37 -25.76 -27.78
CA LEU N 38 -9.22 -24.66 -27.34
C LEU N 38 -10.22 -25.22 -26.34
N GLU N 39 -9.93 -25.02 -25.05
CA GLU N 39 -10.76 -25.56 -23.99
C GLU N 39 -11.72 -24.49 -23.46
N PRO N 40 -12.99 -24.53 -23.82
CA PRO N 40 -13.92 -23.52 -23.32
C PRO N 40 -14.38 -23.82 -21.90
N THR N 41 -14.76 -22.77 -21.19
CA THR N 41 -15.28 -22.91 -19.84
C THR N 41 -16.73 -23.38 -19.93
N LEU N 42 -17.03 -24.51 -19.30
CA LEU N 42 -18.35 -25.12 -19.37
C LEU N 42 -19.16 -24.88 -18.10
N SER N 43 -20.49 -24.70 -18.26
CA SER N 43 -21.43 -24.50 -17.15
C SER N 43 -22.67 -25.37 -17.36
N LEU N 44 -22.80 -26.43 -16.56
CA LEU N 44 -23.90 -27.38 -16.70
C LEU N 44 -25.23 -26.78 -16.32
N ASP N 45 -26.15 -26.68 -17.29
CA ASP N 45 -27.49 -26.19 -17.01
C ASP N 45 -28.40 -27.30 -16.49
N TYR N 46 -28.54 -28.38 -17.26
CA TYR N 46 -29.37 -29.53 -16.91
C TYR N 46 -29.05 -30.69 -17.84
N ILE N 47 -29.57 -31.86 -17.46
CA ILE N 47 -29.42 -33.07 -18.26
C ILE N 47 -30.81 -33.56 -18.67
N THR N 48 -30.84 -34.30 -19.77
CA THR N 48 -32.05 -34.92 -20.29
C THR N 48 -31.78 -36.40 -20.54
N CYS N 49 -32.82 -37.22 -20.38
CA CYS N 49 -32.70 -38.67 -20.57
C CYS N 49 -34.08 -39.25 -20.79
N GLU N 50 -34.18 -40.57 -20.83
CA GLU N 50 -35.48 -41.22 -20.99
C GLU N 50 -36.29 -41.19 -19.71
N TYR N 51 -37.57 -40.89 -19.85
CA TYR N 51 -38.49 -40.91 -18.72
C TYR N 51 -39.11 -42.30 -18.58
N LYS N 52 -39.76 -42.54 -17.44
CA LYS N 52 -40.50 -43.77 -17.20
C LYS N 52 -41.86 -43.41 -16.62
N THR N 53 -42.93 -43.82 -17.29
CA THR N 53 -44.28 -43.55 -16.83
C THR N 53 -44.79 -44.67 -15.93
N VAL N 54 -44.75 -44.43 -14.62
CA VAL N 54 -45.25 -45.38 -13.64
C VAL N 54 -46.75 -45.19 -13.50
N ILE N 55 -47.50 -46.23 -13.87
CA ILE N 55 -48.95 -46.27 -13.80
C ILE N 55 -49.28 -47.42 -12.86
N PRO N 56 -49.73 -47.15 -11.65
CA PRO N 56 -50.06 -48.23 -10.72
C PRO N 56 -51.40 -48.84 -11.06
N SER N 57 -51.78 -49.82 -10.26
CA SER N 57 -53.05 -50.51 -10.43
C SER N 57 -54.23 -49.55 -10.25
N PRO N 58 -55.21 -49.57 -11.14
CA PRO N 58 -56.33 -48.62 -11.04
C PRO N 58 -57.21 -48.92 -9.85
N TYR N 59 -57.65 -47.86 -9.17
CA TYR N 59 -58.47 -48.00 -7.99
C TYR N 59 -59.92 -48.16 -8.41
N VAL N 60 -60.44 -49.39 -8.39
CA VAL N 60 -61.81 -49.62 -8.81
C VAL N 60 -62.74 -49.46 -7.60
N LYS N 61 -63.52 -48.38 -7.61
CA LYS N 61 -64.48 -48.12 -6.54
C LYS N 61 -65.83 -48.70 -6.97
N CYS N 62 -66.23 -49.80 -6.33
CA CYS N 62 -67.47 -50.48 -6.70
C CYS N 62 -68.70 -49.82 -6.10
N CYS N 63 -69.67 -49.50 -6.96
CA CYS N 63 -70.98 -48.89 -6.67
C CYS N 63 -70.92 -47.60 -5.85
N GLY N 64 -69.82 -46.87 -5.92
CA GLY N 64 -69.70 -45.62 -5.21
C GLY N 64 -68.71 -44.79 -6.00
N THR N 65 -68.54 -43.54 -5.60
CA THR N 65 -67.60 -42.65 -6.29
C THR N 65 -66.44 -42.31 -5.38
N ALA N 66 -65.24 -42.76 -5.74
CA ALA N 66 -64.02 -42.39 -5.05
C ALA N 66 -63.49 -41.09 -5.64
N GLU N 67 -62.75 -40.33 -4.81
CA GLU N 67 -62.16 -39.08 -5.27
C GLU N 67 -60.67 -39.06 -4.95
N CYS N 68 -59.85 -38.86 -5.98
CA CYS N 68 -58.41 -38.68 -5.81
C CYS N 68 -58.07 -37.26 -5.43
N LYS N 69 -57.16 -37.12 -4.47
CA LYS N 69 -56.71 -35.83 -3.99
C LYS N 69 -55.38 -35.49 -4.64
N ASP N 70 -54.98 -34.23 -4.49
CA ASP N 70 -53.73 -33.77 -5.12
C ASP N 70 -52.55 -34.35 -4.35
N LYS N 71 -51.93 -35.35 -4.95
CA LYS N 71 -50.75 -36.01 -4.40
C LYS N 71 -49.58 -35.54 -5.26
N SER N 72 -48.69 -34.72 -4.68
CA SER N 72 -47.74 -33.97 -5.48
C SER N 72 -46.65 -34.87 -6.05
N LEU N 73 -46.58 -34.94 -7.38
CA LEU N 73 -45.61 -35.70 -8.16
C LEU N 73 -45.52 -35.01 -9.51
N PRO N 74 -44.38 -35.08 -10.21
CA PRO N 74 -44.28 -34.40 -11.51
C PRO N 74 -45.21 -35.03 -12.55
N ASP N 75 -45.99 -34.16 -13.20
CA ASP N 75 -47.01 -34.53 -14.19
C ASP N 75 -48.02 -35.53 -13.61
N TYR N 76 -48.40 -35.30 -12.37
CA TYR N 76 -49.37 -36.14 -11.68
C TYR N 76 -50.71 -36.06 -12.39
N SER N 77 -51.24 -37.22 -12.78
CA SER N 77 -52.48 -37.25 -13.51
C SER N 77 -53.46 -38.22 -12.86
N CYS N 78 -54.68 -37.74 -12.63
CA CYS N 78 -55.76 -38.53 -12.05
C CYS N 78 -57.07 -38.19 -12.74
N LYS N 79 -57.85 -39.22 -13.01
CA LYS N 79 -59.16 -39.02 -13.61
C LYS N 79 -60.09 -40.12 -13.12
N VAL N 80 -61.26 -39.71 -12.64
CA VAL N 80 -62.26 -40.64 -12.14
C VAL N 80 -63.35 -40.76 -13.20
N PHE N 81 -63.51 -41.96 -13.75
CA PHE N 81 -64.49 -42.23 -14.78
C PHE N 81 -65.68 -42.95 -14.18
N THR N 82 -66.86 -42.38 -14.34
CA THR N 82 -68.08 -42.97 -13.80
C THR N 82 -68.75 -43.85 -14.85
N GLY N 83 -69.57 -44.78 -14.37
CA GLY N 83 -70.31 -45.66 -15.27
C GLY N 83 -69.45 -46.66 -16.01
N VAL N 84 -68.41 -47.17 -15.38
CA VAL N 84 -67.55 -48.17 -15.99
C VAL N 84 -68.07 -49.54 -15.61
N TYR N 85 -67.95 -50.50 -16.53
CA TYR N 85 -68.41 -51.86 -16.30
C TYR N 85 -67.32 -52.85 -16.71
N PRO N 86 -66.31 -53.03 -15.86
CA PRO N 86 -65.19 -53.90 -16.23
C PRO N 86 -65.57 -55.36 -16.10
N PHE N 87 -65.02 -56.16 -17.00
CA PHE N 87 -65.26 -57.60 -17.03
C PHE N 87 -63.97 -58.30 -16.62
N MET N 88 -64.10 -59.26 -15.72
CA MET N 88 -63.03 -60.10 -15.18
C MET N 88 -63.33 -61.56 -15.53
N TRP N 89 -62.55 -62.46 -14.91
CA TRP N 89 -62.63 -63.90 -15.10
C TRP N 89 -64.04 -64.45 -14.96
N GLY N 90 -64.74 -64.05 -13.90
CA GLY N 90 -66.08 -64.51 -13.65
C GLY N 90 -67.14 -63.45 -13.91
N GLY N 91 -66.94 -62.61 -14.91
CA GLY N 91 -67.94 -61.58 -15.12
C GLY N 91 -67.42 -60.28 -14.54
N ALA N 92 -68.34 -59.42 -14.13
CA ALA N 92 -67.96 -58.18 -13.47
C ALA N 92 -67.25 -58.51 -12.17
N TYR N 93 -66.19 -57.76 -11.87
CA TYR N 93 -65.34 -58.09 -10.73
C TYR N 93 -66.08 -57.92 -9.41
N CYS N 94 -66.92 -56.91 -9.29
CA CYS N 94 -67.73 -56.76 -8.09
C CYS N 94 -69.19 -57.01 -8.46
N PHE N 95 -69.94 -57.56 -7.50
CA PHE N 95 -71.34 -57.90 -7.74
C PHE N 95 -72.22 -56.67 -7.86
N CYS N 96 -71.92 -55.65 -7.07
CA CYS N 96 -72.69 -54.40 -7.04
C CYS N 96 -72.30 -53.66 -8.32
N ASP N 97 -73.05 -53.93 -9.39
CA ASP N 97 -72.71 -53.51 -10.74
C ASP N 97 -73.03 -52.06 -11.12
N ALA N 98 -74.20 -51.56 -10.69
CA ALA N 98 -74.80 -50.34 -11.26
C ALA N 98 -73.94 -49.08 -11.18
N GLU N 99 -73.30 -48.79 -10.05
CA GLU N 99 -72.64 -47.48 -9.89
C GLU N 99 -71.12 -47.51 -9.87
N ASN N 100 -70.46 -48.48 -10.54
CA ASN N 100 -69.01 -48.58 -10.46
C ASN N 100 -68.29 -47.41 -11.10
N THR N 101 -67.19 -47.00 -10.47
CA THR N 101 -66.35 -45.96 -11.04
C THR N 101 -64.91 -46.45 -10.99
N GLN N 102 -64.11 -45.92 -11.91
CA GLN N 102 -62.70 -46.27 -12.01
C GLN N 102 -61.85 -45.04 -11.74
N LEU N 103 -60.95 -45.14 -10.78
CA LEU N 103 -60.01 -44.07 -10.47
C LEU N 103 -58.70 -44.42 -11.17
N SER N 104 -58.34 -43.64 -12.19
CA SER N 104 -57.12 -43.82 -12.94
C SER N 104 -56.07 -42.85 -12.43
N GLU N 105 -54.89 -43.39 -12.11
CA GLU N 105 -53.77 -42.61 -11.61
C GLU N 105 -52.51 -42.92 -12.41
N ALA N 106 -51.69 -41.89 -12.66
CA ALA N 106 -50.47 -42.05 -13.44
C ALA N 106 -49.50 -40.94 -13.09
N HIS N 107 -48.20 -41.27 -13.11
CA HIS N 107 -47.17 -40.27 -12.87
C HIS N 107 -45.90 -40.68 -13.60
N VAL N 108 -45.05 -39.69 -13.88
CA VAL N 108 -43.80 -39.91 -14.59
C VAL N 108 -42.64 -39.73 -13.60
N GLU N 109 -41.62 -40.58 -13.73
CA GLU N 109 -40.43 -40.50 -12.89
C GLU N 109 -39.22 -40.79 -13.76
N LYS N 110 -38.04 -40.59 -13.18
CA LYS N 110 -36.79 -40.82 -13.90
C LYS N 110 -36.48 -42.29 -14.11
N SER N 111 -35.98 -42.62 -15.29
CA SER N 111 -35.54 -43.99 -15.54
C SER N 111 -34.16 -44.21 -14.95
N GLU N 112 -33.83 -45.49 -14.72
CA GLU N 112 -32.49 -45.84 -14.25
C GLU N 112 -31.43 -45.56 -15.32
N SER N 113 -31.83 -45.57 -16.60
CA SER N 113 -30.94 -45.39 -17.73
C SER N 113 -30.35 -44.00 -17.77
N CYS N 114 -30.99 -43.06 -17.08
CA CYS N 114 -30.49 -41.70 -16.91
C CYS N 114 -29.10 -41.67 -16.29
N LYS N 115 -28.72 -42.73 -15.54
CA LYS N 115 -27.41 -42.77 -14.93
C LYS N 115 -26.33 -43.08 -15.96
N THR N 116 -26.70 -43.80 -17.01
CA THR N 116 -25.84 -44.20 -18.11
C THR N 116 -26.06 -43.36 -19.37
N GLU N 117 -27.31 -43.27 -19.81
CA GLU N 117 -27.68 -42.61 -21.06
C GLU N 117 -28.29 -41.24 -20.75
N PHE N 118 -27.54 -40.19 -21.04
CA PHE N 118 -28.00 -38.83 -20.74
C PHE N 118 -27.31 -37.85 -21.67
N ALA N 119 -27.95 -36.70 -21.86
CA ALA N 119 -27.42 -35.58 -22.63
C ALA N 119 -27.27 -34.39 -21.71
N SER N 120 -26.15 -33.67 -21.82
CA SER N 120 -25.88 -32.54 -20.94
C SER N 120 -25.89 -31.21 -21.69
N ALA N 121 -26.50 -30.19 -21.11
CA ALA N 121 -26.51 -28.84 -21.70
C ALA N 121 -25.51 -27.95 -20.97
N TYR N 122 -24.47 -27.52 -21.67
CA TYR N 122 -23.43 -26.67 -21.11
C TYR N 122 -23.42 -25.28 -21.73
N ARG N 123 -22.93 -24.32 -20.95
CA ARG N 123 -22.73 -22.95 -21.38
C ARG N 123 -21.24 -22.68 -21.57
N ALA N 124 -20.80 -22.62 -22.82
CA ALA N 124 -19.40 -22.35 -23.14
C ALA N 124 -19.24 -20.87 -23.44
N HIS N 125 -18.26 -20.22 -22.81
CA HIS N 125 -18.05 -18.80 -23.07
C HIS N 125 -16.67 -18.47 -23.65
N THR N 126 -15.58 -18.82 -22.99
CA THR N 126 -14.26 -18.46 -23.50
C THR N 126 -13.31 -19.64 -23.36
N ALA N 127 -12.38 -19.77 -24.31
CA ALA N 127 -11.47 -20.90 -24.35
C ALA N 127 -10.03 -20.51 -24.04
N SER N 128 -9.37 -21.36 -23.25
CA SER N 128 -7.96 -21.21 -22.90
C SER N 128 -7.14 -22.03 -23.89
N ALA N 129 -6.28 -21.37 -24.65
CA ALA N 129 -5.52 -22.03 -25.71
C ALA N 129 -4.22 -22.64 -25.18
N SER N 130 -3.89 -23.82 -25.69
CA SER N 130 -2.68 -24.53 -25.29
C SER N 130 -2.01 -25.13 -26.52
N ALA N 131 -0.68 -25.16 -26.53
CA ALA N 131 0.09 -25.60 -27.69
C ALA N 131 1.25 -26.50 -27.29
N LYS N 132 1.56 -27.43 -28.18
CA LYS N 132 2.70 -28.34 -28.09
C LYS N 132 3.70 -27.98 -29.18
N LEU N 133 4.91 -27.59 -28.80
CA LEU N 133 5.90 -27.14 -29.76
C LEU N 133 7.15 -27.99 -29.72
N ARG N 134 7.57 -28.45 -30.90
CA ARG N 134 8.82 -29.16 -31.08
C ARG N 134 9.85 -28.18 -31.61
N VAL N 135 10.98 -28.07 -30.94
CA VAL N 135 12.03 -27.13 -31.31
C VAL N 135 13.32 -27.89 -31.56
N LEU N 136 13.93 -27.67 -32.73
CA LEU N 136 15.26 -28.25 -32.94
C LEU N 136 16.24 -27.25 -32.36
N TYR N 137 16.62 -27.50 -31.12
CA TYR N 137 17.51 -26.64 -30.35
C TYR N 137 18.80 -27.41 -30.12
N GLN N 138 19.90 -26.85 -30.64
CA GLN N 138 21.24 -27.42 -30.54
C GLN N 138 21.30 -28.83 -31.14
N GLY N 139 20.65 -29.00 -32.29
CA GLY N 139 20.65 -30.29 -32.91
C GLY N 139 19.76 -31.32 -32.25
N ASN N 140 18.92 -30.93 -31.29
CA ASN N 140 18.07 -31.90 -30.60
C ASN N 140 16.63 -31.46 -30.64
N ASN N 141 15.72 -32.43 -30.72
CA ASN N 141 14.29 -32.15 -30.72
C ASN N 141 13.80 -32.09 -29.28
N ILE N 142 13.32 -30.93 -28.86
CA ILE N 142 12.76 -30.76 -27.53
C ILE N 142 11.28 -30.42 -27.66
N THR N 143 10.47 -31.00 -26.78
CA THR N 143 9.03 -30.78 -26.77
C THR N 143 8.63 -29.93 -25.57
N VAL N 144 7.95 -28.82 -25.82
CA VAL N 144 7.48 -27.93 -24.78
C VAL N 144 5.96 -27.88 -24.87
N ALA N 145 5.28 -27.80 -23.72
CA ALA N 145 3.83 -27.71 -23.65
C ALA N 145 3.47 -26.45 -22.88
N ALA N 146 2.87 -25.47 -23.55
CA ALA N 146 2.60 -24.20 -22.91
C ALA N 146 1.20 -23.72 -23.24
N TYR N 147 0.63 -22.90 -22.36
CA TYR N 147 -0.68 -22.33 -22.60
C TYR N 147 -0.56 -21.19 -23.60
N ALA N 148 -1.31 -21.25 -24.70
CA ALA N 148 -1.23 -20.21 -25.71
C ALA N 148 -2.12 -19.01 -25.40
N ASN N 149 -2.00 -18.49 -24.18
CA ASN N 149 -2.76 -17.36 -23.70
C ASN N 149 -1.91 -16.10 -23.50
N GLY N 150 -0.59 -16.23 -23.57
CA GLY N 150 0.34 -15.14 -23.36
C GLY N 150 0.79 -14.86 -21.95
N ASP N 151 0.49 -15.74 -21.00
CA ASP N 151 0.97 -15.55 -19.63
C ASP N 151 1.42 -16.88 -19.03
N HIS N 152 2.22 -17.63 -19.79
CA HIS N 152 2.72 -18.91 -19.29
C HIS N 152 4.13 -19.14 -19.84
N ALA N 153 5.11 -18.74 -19.06
CA ALA N 153 6.52 -18.88 -19.41
C ALA N 153 7.00 -20.25 -18.97
N VAL N 154 7.57 -21.03 -19.89
CA VAL N 154 8.10 -22.34 -19.55
C VAL N 154 9.56 -22.38 -19.95
N THR N 155 10.44 -22.67 -18.99
CA THR N 155 11.88 -22.70 -19.22
C THR N 155 12.37 -24.14 -19.34
N VAL N 156 12.93 -24.48 -20.49
CA VAL N 156 13.47 -25.81 -20.73
C VAL N 156 14.89 -25.65 -21.23
N LYS N 157 15.84 -26.29 -20.53
CA LYS N 157 17.27 -26.25 -20.82
C LYS N 157 17.79 -24.82 -20.89
N ASP N 158 17.33 -24.00 -19.93
CA ASP N 158 17.59 -22.57 -19.75
C ASP N 158 16.96 -21.68 -20.81
N ALA N 159 16.22 -22.24 -21.77
CA ALA N 159 15.56 -21.44 -22.79
C ALA N 159 14.14 -21.15 -22.36
N LYS N 160 13.82 -19.87 -22.15
CA LYS N 160 12.47 -19.48 -21.74
C LYS N 160 11.57 -19.27 -22.95
N PHE N 161 10.43 -19.96 -22.96
CA PHE N 161 9.46 -19.90 -24.04
C PHE N 161 8.22 -19.19 -23.52
N VAL N 162 7.71 -18.23 -24.30
CA VAL N 162 6.38 -17.66 -24.05
C VAL N 162 5.64 -17.59 -25.38
N VAL N 163 4.71 -18.52 -25.59
CA VAL N 163 3.70 -18.32 -26.63
C VAL N 163 2.80 -17.16 -26.22
N GLY N 164 2.55 -16.25 -27.15
CA GLY N 164 1.73 -15.09 -26.84
C GLY N 164 0.25 -15.37 -26.82
N PRO N 165 -0.55 -14.31 -26.74
CA PRO N 165 -1.99 -14.46 -26.89
C PRO N 165 -2.34 -14.64 -28.36
N MET N 166 -3.40 -15.41 -28.60
CA MET N 166 -3.88 -15.66 -29.95
C MET N 166 -4.29 -14.34 -30.61
N SER N 167 -3.87 -14.16 -31.87
CA SER N 167 -4.22 -12.95 -32.59
C SER N 167 -5.71 -12.88 -32.87
N SER N 168 -6.33 -14.02 -33.12
CA SER N 168 -7.76 -14.11 -33.37
C SER N 168 -8.41 -14.82 -32.19
N ALA N 169 -9.52 -14.26 -31.72
CA ALA N 169 -10.27 -14.84 -30.61
C ALA N 169 -11.42 -15.72 -31.09
N TRP N 170 -11.41 -16.10 -32.36
CA TRP N 170 -12.45 -16.94 -32.93
C TRP N 170 -12.48 -18.32 -32.29
N THR N 171 -13.69 -18.82 -32.06
CA THR N 171 -13.96 -20.13 -31.50
C THR N 171 -15.15 -20.70 -32.26
N PRO N 172 -15.14 -21.99 -32.61
CA PRO N 172 -16.29 -22.57 -33.33
C PRO N 172 -17.50 -22.84 -32.46
N PHE N 173 -17.37 -22.78 -31.14
CA PHE N 173 -18.48 -23.05 -30.25
C PHE N 173 -19.29 -21.80 -29.97
N ASP N 174 -20.60 -21.98 -29.92
CA ASP N 174 -21.47 -20.87 -29.56
C ASP N 174 -21.64 -20.89 -28.04
N ASN N 175 -22.51 -20.02 -27.52
CA ASN N 175 -22.74 -19.97 -26.07
C ASN N 175 -23.41 -21.22 -25.52
N LYS N 176 -24.25 -21.90 -26.29
CA LYS N 176 -24.99 -23.06 -25.82
C LYS N 176 -24.50 -24.32 -26.53
N ILE N 177 -24.10 -25.33 -25.75
CA ILE N 177 -23.61 -26.59 -26.27
C ILE N 177 -24.41 -27.72 -25.62
N VAL N 178 -24.62 -28.80 -26.36
CA VAL N 178 -25.22 -30.01 -25.81
C VAL N 178 -24.29 -31.16 -26.16
N VAL N 179 -23.93 -31.96 -25.16
CA VAL N 179 -22.97 -33.04 -25.34
C VAL N 179 -23.62 -34.39 -25.05
N TYR N 180 -23.43 -35.31 -25.98
CA TYR N 180 -23.78 -36.71 -25.87
C TYR N 180 -22.46 -37.39 -26.17
N LYS N 181 -21.92 -38.12 -25.19
CA LYS N 181 -20.54 -38.63 -25.06
C LYS N 181 -19.56 -38.18 -26.14
N GLY N 182 -19.56 -38.82 -27.31
CA GLY N 182 -18.65 -38.33 -28.34
C GLY N 182 -19.02 -37.07 -29.11
N ASP N 183 -20.25 -36.90 -29.57
CA ASP N 183 -20.66 -35.72 -30.32
C ASP N 183 -21.21 -34.55 -29.49
N VAL N 184 -20.81 -33.33 -29.86
CA VAL N 184 -21.28 -32.07 -29.28
C VAL N 184 -22.00 -31.26 -30.34
N TYR N 185 -23.10 -30.60 -29.95
CA TYR N 185 -23.95 -29.86 -30.87
C TYR N 185 -24.23 -28.44 -30.40
N ASN N 186 -24.26 -27.51 -31.36
CA ASN N 186 -24.69 -26.14 -31.09
C ASN N 186 -26.21 -26.15 -31.16
N MET N 187 -26.89 -26.13 -30.02
CA MET N 187 -28.35 -26.22 -30.01
C MET N 187 -28.93 -25.28 -28.97
N ASP N 188 -29.95 -24.53 -29.39
CA ASP N 188 -30.66 -23.60 -28.50
C ASP N 188 -31.71 -24.34 -27.68
N TYR N 189 -31.23 -25.08 -26.69
CA TYR N 189 -32.09 -25.86 -25.81
C TYR N 189 -33.04 -24.95 -25.03
N PRO N 190 -34.25 -25.43 -24.72
CA PRO N 190 -35.18 -24.62 -23.94
C PRO N 190 -34.72 -24.46 -22.51
N PRO N 191 -34.99 -23.33 -21.87
CA PRO N 191 -34.55 -23.09 -20.49
C PRO N 191 -35.15 -24.05 -19.48
N PHE N 192 -34.63 -23.99 -18.26
CA PHE N 192 -34.93 -25.02 -17.26
C PHE N 192 -36.23 -24.66 -16.59
N GLY N 193 -37.24 -25.48 -16.83
CA GLY N 193 -38.57 -25.26 -16.31
C GLY N 193 -39.53 -24.74 -17.36
N ALA N 194 -39.19 -24.89 -18.63
CA ALA N 194 -39.98 -24.35 -19.72
C ALA N 194 -39.92 -25.28 -20.91
N GLY N 195 -39.89 -26.58 -20.64
CA GLY N 195 -39.76 -27.54 -21.72
C GLY N 195 -41.08 -27.75 -22.44
N ARG N 196 -40.97 -28.12 -23.61
CA ARG N 196 -42.08 -28.41 -24.48
C ARG N 196 -42.26 -29.91 -24.63
N PRO N 197 -43.49 -30.38 -24.83
CA PRO N 197 -43.70 -31.82 -25.02
C PRO N 197 -43.17 -32.35 -26.34
N GLY N 198 -42.61 -33.55 -26.27
CA GLY N 198 -42.09 -34.27 -27.43
C GLY N 198 -40.82 -33.74 -28.04
N GLN N 199 -40.20 -32.73 -27.46
CA GLN N 199 -38.99 -32.13 -27.99
C GLN N 199 -37.88 -32.24 -26.96
N PHE N 200 -36.66 -31.96 -27.41
CA PHE N 200 -35.50 -31.96 -26.52
C PHE N 200 -35.75 -30.97 -25.39
N GLY N 201 -35.74 -31.50 -24.17
CA GLY N 201 -36.01 -30.76 -22.96
C GLY N 201 -37.38 -30.98 -22.39
N ASP N 202 -38.10 -31.99 -22.90
CA ASP N 202 -39.39 -32.37 -22.35
C ASP N 202 -39.30 -32.85 -20.91
N ILE N 203 -38.19 -33.47 -20.52
CA ILE N 203 -37.95 -33.89 -19.15
C ILE N 203 -36.59 -33.35 -18.69
N GLN N 204 -36.58 -32.58 -17.60
CA GLN N 204 -35.37 -31.93 -17.14
C GLN N 204 -35.10 -32.10 -15.66
N SER N 205 -33.90 -32.54 -15.31
CA SER N 205 -33.43 -32.56 -13.94
C SER N 205 -32.06 -31.86 -13.89
N ARG N 206 -31.69 -31.40 -12.70
CA ARG N 206 -30.48 -30.60 -12.57
C ARG N 206 -29.22 -31.45 -12.58
N THR N 207 -29.27 -32.64 -11.99
CA THR N 207 -28.11 -33.51 -11.91
C THR N 207 -28.60 -34.95 -12.01
N PRO N 208 -27.72 -35.89 -12.39
CA PRO N 208 -28.14 -37.30 -12.50
C PRO N 208 -28.59 -37.97 -11.21
N GLU N 209 -28.40 -37.35 -10.04
CA GLU N 209 -28.78 -37.99 -8.78
C GLU N 209 -29.78 -37.18 -7.98
N SER N 210 -30.30 -36.09 -8.52
CA SER N 210 -31.39 -35.37 -7.90
C SER N 210 -32.67 -36.21 -7.87
N LYS N 211 -33.60 -35.76 -7.03
CA LYS N 211 -34.84 -36.50 -6.80
C LYS N 211 -36.05 -35.77 -7.34
N ASP N 212 -35.97 -34.45 -7.43
CA ASP N 212 -37.05 -33.68 -8.04
C ASP N 212 -36.67 -33.38 -9.47
N VAL N 213 -37.68 -33.36 -10.33
CA VAL N 213 -37.49 -33.35 -11.78
C VAL N 213 -38.70 -32.59 -12.34
N TYR N 214 -38.51 -31.95 -13.49
CA TYR N 214 -39.53 -31.16 -14.16
C TYR N 214 -39.96 -31.91 -15.42
N ALA N 215 -41.26 -31.96 -15.65
CA ALA N 215 -41.83 -32.78 -16.71
C ALA N 215 -43.00 -32.09 -17.39
N ASN N 216 -43.01 -32.15 -18.71
CA ASN N 216 -44.10 -31.60 -19.52
C ASN N 216 -44.29 -32.57 -20.68
N THR N 217 -45.11 -33.60 -20.47
CA THR N 217 -45.31 -34.65 -21.45
C THR N 217 -46.72 -34.70 -22.03
N GLN N 218 -47.62 -33.81 -21.59
CA GLN N 218 -49.02 -33.73 -22.07
C GLN N 218 -49.81 -35.02 -21.82
N LEU N 219 -49.62 -35.62 -20.64
CA LEU N 219 -50.35 -36.84 -20.27
C LEU N 219 -51.77 -36.55 -19.86
N VAL N 220 -52.75 -37.06 -20.62
CA VAL N 220 -54.17 -36.92 -20.30
C VAL N 220 -54.80 -38.30 -20.38
N LEU N 221 -55.47 -38.71 -19.30
CA LEU N 221 -56.05 -40.04 -19.21
C LEU N 221 -57.43 -40.12 -19.88
N GLN N 222 -57.65 -41.21 -20.63
CA GLN N 222 -58.91 -41.45 -21.32
C GLN N 222 -59.72 -42.55 -20.65
N ARG N 223 -61.00 -42.56 -20.97
CA ARG N 223 -61.94 -43.51 -20.42
C ARG N 223 -61.62 -44.92 -20.92
N PRO N 224 -61.51 -45.91 -20.04
CA PRO N 224 -61.18 -47.27 -20.49
C PRO N 224 -62.28 -47.91 -21.32
N ALA N 225 -61.83 -48.81 -22.20
CA ALA N 225 -62.70 -49.58 -23.07
C ALA N 225 -63.60 -50.54 -22.31
N ALA N 226 -64.71 -50.89 -22.95
CA ALA N 226 -65.75 -51.78 -22.44
C ALA N 226 -65.22 -53.13 -21.96
N GLY N 227 -65.51 -53.43 -20.69
CA GLY N 227 -65.12 -54.66 -20.03
C GLY N 227 -63.67 -54.93 -19.70
N THR N 228 -62.76 -54.65 -20.63
CA THR N 228 -61.34 -54.90 -20.38
C THR N 228 -60.79 -54.01 -19.26
N VAL N 229 -60.07 -54.62 -18.33
CA VAL N 229 -59.46 -53.90 -17.22
C VAL N 229 -58.03 -53.54 -17.62
N HIS N 230 -57.82 -52.25 -17.88
CA HIS N 230 -56.53 -51.69 -18.25
C HIS N 230 -56.61 -50.19 -18.06
N VAL N 231 -55.46 -49.53 -18.09
CA VAL N 231 -55.39 -48.10 -17.84
C VAL N 231 -54.91 -47.38 -19.09
N PRO N 232 -55.82 -47.01 -20.00
CA PRO N 232 -55.39 -46.28 -21.19
C PRO N 232 -54.98 -44.86 -20.86
N TYR N 233 -54.04 -44.36 -21.65
CA TYR N 233 -53.49 -43.03 -21.47
C TYR N 233 -53.17 -42.54 -22.86
N SER N 234 -53.16 -41.22 -23.03
CA SER N 234 -52.95 -40.68 -24.35
C SER N 234 -51.50 -40.70 -24.79
N GLN N 235 -51.27 -39.97 -25.88
CA GLN N 235 -49.98 -39.85 -26.53
C GLN N 235 -48.94 -39.35 -25.53
N ALA N 236 -47.74 -39.88 -25.64
CA ALA N 236 -46.63 -39.49 -24.79
C ALA N 236 -45.25 -39.62 -25.44
N PRO N 237 -44.98 -38.98 -26.59
CA PRO N 237 -43.65 -39.13 -27.21
C PRO N 237 -42.53 -38.61 -26.32
N SER N 238 -41.33 -39.12 -26.58
CA SER N 238 -40.13 -38.76 -25.84
C SER N 238 -39.23 -37.90 -26.71
N GLY N 239 -39.00 -36.66 -26.27
CA GLY N 239 -38.14 -35.76 -27.01
C GLY N 239 -36.69 -36.17 -27.03
N PHE N 240 -36.20 -36.77 -25.95
CA PHE N 240 -34.81 -37.22 -25.92
C PHE N 240 -34.59 -38.37 -26.88
N LYS N 241 -35.49 -39.36 -26.89
CA LYS N 241 -35.31 -40.51 -27.75
C LYS N 241 -35.57 -40.14 -29.21
N TYR N 242 -36.30 -39.06 -29.45
CA TYR N 242 -36.56 -38.64 -30.81
C TYR N 242 -35.43 -37.81 -31.38
N TRP N 243 -34.81 -36.96 -30.55
CA TRP N 243 -33.68 -36.14 -30.97
C TRP N 243 -32.53 -36.97 -31.55
N LEU N 244 -32.40 -38.23 -31.14
CA LEU N 244 -31.29 -39.06 -31.57
C LEU N 244 -31.40 -39.48 -33.03
N LYS N 245 -32.51 -39.16 -33.70
CA LYS N 245 -32.76 -39.55 -35.08
C LYS N 245 -32.67 -38.37 -36.04
N GLU N 246 -33.30 -37.24 -35.72
CA GLU N 246 -33.22 -36.05 -36.58
C GLU N 246 -32.14 -35.10 -36.09
N ARG N 247 -31.01 -35.67 -35.70
CA ARG N 247 -29.97 -34.90 -35.04
C ARG N 247 -29.11 -34.12 -36.02
N GLY N 248 -28.92 -34.63 -37.24
CA GLY N 248 -28.13 -33.90 -38.20
C GLY N 248 -26.67 -34.19 -37.97
N ALA N 249 -25.85 -33.54 -38.77
CA ALA N 249 -24.41 -33.68 -38.64
C ALA N 249 -23.90 -33.01 -37.38
N SER N 250 -22.99 -33.68 -36.70
CA SER N 250 -22.41 -33.09 -35.50
C SER N 250 -21.41 -32.01 -35.87
N LEU N 251 -20.98 -31.28 -34.85
CA LEU N 251 -19.95 -30.25 -35.02
C LEU N 251 -18.63 -30.83 -35.47
N GLN N 252 -18.40 -32.13 -35.21
CA GLN N 252 -17.19 -32.81 -35.64
C GLN N 252 -17.04 -32.76 -37.16
N HIS N 253 -18.15 -32.79 -37.88
CA HIS N 253 -18.12 -32.77 -39.33
C HIS N 253 -18.42 -31.40 -39.93
N THR N 254 -19.20 -30.56 -39.26
CA THR N 254 -19.62 -29.31 -39.87
C THR N 254 -18.78 -28.09 -39.50
N ALA N 255 -17.94 -28.16 -38.46
CA ALA N 255 -17.18 -27.00 -38.03
C ALA N 255 -16.19 -26.55 -39.11
N PRO N 256 -16.10 -25.25 -39.36
CA PRO N 256 -15.16 -24.74 -40.37
C PRO N 256 -13.72 -24.82 -39.89
N PHE N 257 -12.80 -24.50 -40.81
CA PHE N 257 -11.35 -24.47 -40.60
C PHE N 257 -10.77 -25.81 -40.14
N GLY N 258 -11.47 -26.91 -40.39
CA GLY N 258 -10.97 -28.23 -40.05
C GLY N 258 -10.74 -28.51 -38.59
N CYS N 259 -11.53 -27.91 -37.69
CA CYS N 259 -11.38 -28.21 -36.27
C CYS N 259 -11.76 -29.65 -36.00
N GLN N 260 -10.92 -30.35 -35.24
CA GLN N 260 -11.23 -31.70 -34.77
C GLN N 260 -11.56 -31.60 -33.29
N ILE N 261 -12.74 -32.05 -32.90
CA ILE N 261 -13.18 -31.91 -31.51
C ILE N 261 -13.25 -33.25 -30.80
N ALA N 262 -12.62 -33.32 -29.63
CA ALA N 262 -12.65 -34.51 -28.81
C ALA N 262 -13.32 -34.16 -27.50
N THR N 263 -13.74 -35.19 -26.76
CA THR N 263 -14.42 -35.01 -25.49
C THR N 263 -13.67 -35.74 -24.39
N ASN N 264 -14.19 -35.58 -23.17
CA ASN N 264 -13.66 -36.08 -21.89
C ASN N 264 -12.24 -35.57 -21.65
N PRO N 265 -12.01 -34.26 -21.52
CA PRO N 265 -12.87 -33.07 -21.58
C PRO N 265 -13.06 -32.56 -23.01
N VAL N 266 -14.09 -31.73 -23.22
CA VAL N 266 -14.39 -31.20 -24.54
C VAL N 266 -13.34 -30.19 -24.98
N ARG N 267 -12.79 -30.39 -26.19
CA ARG N 267 -11.74 -29.53 -26.70
C ARG N 267 -11.73 -29.51 -28.22
N ALA N 268 -11.31 -28.36 -28.75
CA ALA N 268 -11.15 -28.12 -30.19
C ALA N 268 -9.67 -28.18 -30.54
N VAL N 269 -9.28 -29.12 -31.38
CA VAL N 269 -7.90 -29.39 -31.73
C VAL N 269 -7.65 -28.96 -33.18
N ASN N 270 -6.52 -28.27 -33.39
CA ASN N 270 -5.99 -27.86 -34.70
C ASN N 270 -6.93 -26.96 -35.50
N CYS N 271 -7.48 -25.95 -34.86
CA CYS N 271 -8.26 -24.95 -35.58
C CYS N 271 -7.30 -23.98 -36.26
N ALA N 272 -7.19 -24.08 -37.58
CA ALA N 272 -6.26 -23.26 -38.38
C ALA N 272 -6.82 -21.86 -38.56
N VAL N 273 -6.72 -21.04 -37.52
CA VAL N 273 -7.23 -19.69 -37.55
C VAL N 273 -6.21 -18.71 -36.99
N GLY N 274 -5.90 -17.68 -37.77
CA GLY N 274 -5.00 -16.62 -37.36
C GLY N 274 -3.56 -17.05 -37.26
N ASN N 275 -2.79 -16.25 -36.53
CA ASN N 275 -1.39 -16.55 -36.30
C ASN N 275 -1.12 -16.54 -34.80
N ILE N 276 0.15 -16.65 -34.39
CA ILE N 276 0.47 -16.68 -32.97
C ILE N 276 1.88 -16.12 -32.73
N PRO N 277 2.05 -15.26 -31.73
CA PRO N 277 3.37 -14.73 -31.40
C PRO N 277 4.08 -15.61 -30.39
N ILE N 278 5.36 -15.82 -30.62
CA ILE N 278 6.21 -16.64 -29.78
C ILE N 278 7.49 -15.86 -29.46
N SER N 279 7.80 -15.76 -28.18
CA SER N 279 8.96 -15.07 -27.65
C SER N 279 9.93 -16.07 -27.02
N ILE N 280 11.18 -16.01 -27.42
CA ILE N 280 12.22 -16.92 -26.95
C ILE N 280 13.31 -16.12 -26.26
N ASP N 281 13.46 -16.34 -24.96
CA ASP N 281 14.59 -15.77 -24.22
C ASP N 281 15.62 -16.89 -24.21
N ILE N 282 16.51 -16.83 -25.21
CA ILE N 282 17.58 -17.79 -25.40
C ILE N 282 18.77 -17.44 -24.49
N PRO N 283 19.29 -18.40 -23.72
CA PRO N 283 20.45 -18.12 -22.87
C PRO N 283 21.71 -17.88 -23.70
N ASP N 284 22.76 -17.45 -23.01
CA ASP N 284 23.99 -17.02 -23.68
C ASP N 284 25.03 -18.12 -23.87
N ALA N 285 24.89 -19.26 -23.19
CA ALA N 285 25.80 -20.39 -23.45
C ALA N 285 25.64 -20.98 -24.85
N ALA N 286 24.45 -20.91 -25.43
CA ALA N 286 24.22 -21.46 -26.76
C ALA N 286 24.93 -20.70 -27.86
N PHE N 287 25.21 -19.43 -27.64
CA PHE N 287 25.84 -18.62 -28.67
C PHE N 287 27.35 -18.79 -28.75
N THR N 288 27.85 -18.65 -29.97
CA THR N 288 29.27 -18.68 -30.28
C THR N 288 29.60 -17.43 -31.08
N ARG N 289 30.70 -16.79 -30.72
CA ARG N 289 31.14 -15.58 -31.39
C ARG N 289 31.52 -15.86 -32.83
N VAL N 290 31.36 -14.82 -33.67
CA VAL N 290 31.63 -14.90 -35.11
C VAL N 290 33.05 -15.38 -35.40
N VAL N 291 34.01 -14.97 -34.59
CA VAL N 291 35.40 -15.39 -34.78
C VAL N 291 35.57 -16.87 -34.48
N ASP N 292 34.85 -17.39 -33.49
CA ASP N 292 34.94 -18.81 -33.20
C ASP N 292 34.23 -19.65 -34.26
N ALA N 293 33.35 -19.03 -35.06
CA ALA N 293 32.70 -19.75 -36.14
C ALA N 293 33.54 -19.69 -37.40
N PRO N 294 33.46 -20.70 -38.28
CA PRO N 294 34.28 -20.67 -39.50
C PRO N 294 33.85 -19.60 -40.48
N SER N 295 34.85 -19.02 -41.15
CA SER N 295 34.62 -18.00 -42.17
C SER N 295 34.62 -18.67 -43.54
N VAL N 296 33.57 -18.45 -44.31
CA VAL N 296 33.40 -19.06 -45.61
C VAL N 296 33.26 -17.93 -46.63
N THR N 297 33.78 -18.14 -47.84
CA THR N 297 33.85 -17.09 -48.83
C THR N 297 33.79 -17.68 -50.23
N ASP N 298 33.54 -16.77 -51.19
CA ASP N 298 33.43 -17.03 -52.65
C ASP N 298 32.50 -18.20 -52.97
N MET N 299 31.29 -18.12 -52.43
CA MET N 299 30.30 -19.17 -52.62
C MET N 299 29.52 -18.92 -53.90
N SER N 300 29.19 -19.99 -54.60
CA SER N 300 28.44 -19.94 -55.83
C SER N 300 27.35 -21.00 -55.78
N CYS N 301 26.25 -20.75 -56.47
CA CYS N 301 25.13 -21.68 -56.40
C CYS N 301 24.72 -22.06 -57.81
N GLU N 302 24.45 -23.34 -58.00
CA GLU N 302 23.94 -23.81 -59.26
C GLU N 302 22.69 -24.63 -58.94
N VAL N 303 21.64 -24.41 -59.72
CA VAL N 303 20.39 -25.11 -59.50
C VAL N 303 20.13 -26.06 -60.66
N PRO N 304 20.43 -27.34 -60.50
CA PRO N 304 20.18 -28.28 -61.60
C PRO N 304 18.73 -28.65 -61.78
N ALA N 305 17.90 -28.48 -60.75
CA ALA N 305 16.49 -28.87 -60.84
C ALA N 305 15.65 -28.01 -59.91
N CYS N 306 14.52 -27.52 -60.41
CA CYS N 306 13.60 -26.80 -59.55
C CYS N 306 12.17 -27.03 -60.02
N THR N 307 11.31 -27.34 -59.05
CA THR N 307 9.89 -27.55 -59.26
C THR N 307 9.17 -26.92 -58.09
N HIS N 308 8.30 -25.95 -58.36
CA HIS N 308 7.54 -25.32 -57.30
C HIS N 308 6.38 -26.24 -56.90
N SER N 309 6.58 -26.99 -55.82
CA SER N 309 5.57 -27.94 -55.37
C SER N 309 5.63 -28.05 -53.85
N SER N 310 4.74 -28.89 -53.32
CA SER N 310 4.71 -29.16 -51.89
C SER N 310 5.91 -29.98 -51.43
N ASP N 311 6.46 -30.80 -52.31
CA ASP N 311 7.53 -31.72 -52.00
C ASP N 311 8.88 -31.01 -52.14
N PHE N 312 9.97 -31.77 -52.04
CA PHE N 312 11.35 -31.25 -52.08
C PHE N 312 11.60 -30.88 -53.54
N GLY N 313 11.05 -29.76 -53.98
CA GLY N 313 11.19 -29.52 -55.41
C GLY N 313 12.39 -28.74 -55.85
N GLY N 314 13.14 -28.15 -54.94
CA GLY N 314 14.35 -27.42 -55.29
C GLY N 314 15.60 -28.11 -54.79
N VAL N 315 16.63 -28.16 -55.63
CA VAL N 315 17.93 -28.71 -55.28
C VAL N 315 18.96 -27.69 -55.70
N ALA N 316 19.87 -27.33 -54.80
CA ALA N 316 20.91 -26.36 -55.11
C ALA N 316 22.26 -26.87 -54.62
N ILE N 317 23.26 -26.78 -55.49
CA ILE N 317 24.63 -27.16 -55.17
C ILE N 317 25.43 -25.87 -55.01
N ILE N 318 25.97 -25.66 -53.81
CA ILE N 318 26.71 -24.46 -53.49
C ILE N 318 28.16 -24.84 -53.28
N LYS N 319 29.02 -24.28 -54.14
CA LYS N 319 30.46 -24.44 -54.00
C LYS N 319 30.95 -23.36 -53.08
N TYR N 320 31.86 -23.72 -52.18
CA TYR N 320 32.31 -22.78 -51.18
C TYR N 320 33.79 -22.99 -50.89
N THR N 321 34.32 -22.14 -50.02
CA THR N 321 35.67 -22.29 -49.49
C THR N 321 35.60 -21.99 -48.00
N ALA N 322 35.76 -23.00 -47.17
CA ALA N 322 35.71 -22.80 -45.73
C ALA N 322 37.13 -22.70 -45.20
N SER N 323 37.30 -21.81 -44.22
CA SER N 323 38.61 -21.63 -43.62
C SER N 323 38.97 -22.78 -42.70
N LYS N 324 37.99 -23.30 -41.98
CA LYS N 324 38.22 -24.39 -41.05
C LYS N 324 36.96 -25.23 -40.92
N LYS N 325 37.09 -26.34 -40.20
CA LYS N 325 35.98 -27.26 -39.98
C LYS N 325 35.02 -26.72 -38.94
N GLY N 326 33.72 -26.90 -39.18
CA GLY N 326 32.76 -26.44 -38.20
C GLY N 326 31.35 -26.39 -38.74
N LYS N 327 30.43 -26.05 -37.86
CA LYS N 327 29.02 -25.97 -38.20
C LYS N 327 28.61 -24.58 -38.71
N CYS N 328 27.52 -24.56 -39.47
CA CYS N 328 26.92 -23.35 -40.00
C CYS N 328 25.43 -23.40 -40.20
N ALA N 329 24.81 -22.27 -39.87
CA ALA N 329 23.38 -22.01 -40.01
C ALA N 329 23.12 -21.43 -41.38
N VAL N 330 22.49 -22.19 -42.26
CA VAL N 330 22.14 -21.72 -43.60
C VAL N 330 20.76 -21.08 -43.56
N HIS N 331 20.62 -19.86 -44.09
CA HIS N 331 19.29 -19.27 -44.03
C HIS N 331 18.96 -18.37 -45.20
N SER N 332 17.72 -18.49 -45.67
CA SER N 332 17.18 -17.68 -46.74
C SER N 332 16.65 -16.36 -46.19
N MET N 333 17.12 -15.25 -46.75
CA MET N 333 16.67 -13.96 -46.27
C MET N 333 15.36 -13.51 -46.91
N THR N 334 14.86 -14.23 -47.90
CA THR N 334 13.59 -13.90 -48.54
C THR N 334 12.56 -14.94 -48.13
N ASN N 335 11.45 -14.46 -47.58
CA ASN N 335 10.39 -15.33 -47.06
C ASN N 335 9.67 -16.14 -48.13
N ALA N 336 9.79 -15.77 -49.41
CA ALA N 336 9.05 -16.48 -50.45
C ALA N 336 9.63 -17.85 -50.77
N VAL N 337 10.86 -18.13 -50.35
CA VAL N 337 11.50 -19.42 -50.55
C VAL N 337 11.91 -19.93 -49.17
N THR N 338 11.76 -21.23 -48.94
CA THR N 338 12.07 -21.79 -47.63
C THR N 338 13.06 -22.95 -47.73
N ILE N 339 14.04 -22.92 -46.85
CA ILE N 339 15.08 -23.94 -46.74
C ILE N 339 14.65 -24.94 -45.68
N ARG N 340 14.85 -26.22 -45.94
CA ARG N 340 14.40 -27.26 -45.02
C ARG N 340 15.58 -27.99 -44.40
N GLU N 341 16.62 -27.24 -44.06
CA GLU N 341 17.83 -27.74 -43.40
C GLU N 341 18.30 -26.65 -42.45
N ALA N 342 18.68 -27.05 -41.24
CA ALA N 342 19.15 -26.08 -40.25
C ALA N 342 20.66 -25.98 -40.17
N ASP N 343 21.35 -27.11 -40.08
CA ASP N 343 22.79 -27.12 -39.80
C ASP N 343 23.55 -27.85 -40.89
N VAL N 344 24.66 -27.26 -41.32
CA VAL N 344 25.53 -27.86 -42.33
C VAL N 344 26.96 -27.86 -41.81
N GLU N 345 27.69 -28.94 -42.08
CA GLU N 345 29.08 -29.08 -41.65
C GLU N 345 29.97 -28.61 -42.78
N VAL N 346 30.65 -27.49 -42.60
CA VAL N 346 31.58 -27.02 -43.61
C VAL N 346 32.98 -27.53 -43.27
N GLU N 347 33.72 -27.86 -44.32
CA GLU N 347 35.07 -28.40 -44.23
C GLU N 347 36.09 -27.46 -44.86
N GLY N 348 35.98 -27.22 -46.17
CA GLY N 348 36.93 -26.38 -46.87
C GLY N 348 36.51 -26.08 -48.30
N ASN N 349 37.26 -26.59 -49.27
CA ASN N 349 36.94 -26.33 -50.68
C ASN N 349 36.09 -27.45 -51.28
N SER N 350 34.99 -27.77 -50.61
CA SER N 350 34.05 -28.79 -50.99
C SER N 350 32.74 -28.15 -51.43
N GLN N 351 31.69 -28.95 -51.61
CA GLN N 351 30.41 -28.45 -52.03
C GLN N 351 29.31 -28.99 -51.14
N LEU N 352 28.25 -28.19 -50.98
CA LEU N 352 27.10 -28.56 -50.18
C LEU N 352 25.86 -28.62 -51.06
N GLN N 353 24.93 -29.50 -50.70
CA GLN N 353 23.68 -29.65 -51.43
C GLN N 353 22.54 -29.30 -50.48
N ILE N 354 21.67 -28.41 -50.94
CA ILE N 354 20.55 -27.95 -50.14
C ILE N 354 19.26 -28.24 -50.89
N SER N 355 18.20 -28.48 -50.13
CA SER N 355 16.87 -28.67 -50.69
C SER N 355 15.99 -27.49 -50.28
N PHE N 356 15.32 -26.88 -51.25
CA PHE N 356 14.49 -25.72 -50.97
C PHE N 356 13.12 -25.88 -51.61
N SER N 357 12.13 -25.22 -51.03
CA SER N 357 10.75 -25.23 -51.52
C SER N 357 10.31 -23.81 -51.78
N THR N 358 9.67 -23.58 -52.92
CA THR N 358 9.24 -22.23 -53.24
C THR N 358 7.98 -22.26 -54.08
N ALA N 359 7.33 -21.10 -54.14
CA ALA N 359 6.15 -20.89 -54.96
C ALA N 359 6.45 -20.03 -56.17
N LEU N 360 7.57 -19.31 -56.16
CA LEU N 360 7.93 -18.45 -57.27
C LEU N 360 8.53 -19.31 -58.38
N ALA N 361 8.19 -18.99 -59.63
CA ALA N 361 8.75 -19.77 -60.72
C ALA N 361 10.21 -19.42 -61.02
N SER N 362 10.56 -18.14 -60.95
CA SER N 362 11.93 -17.69 -61.16
C SER N 362 12.38 -17.11 -59.84
N ALA N 363 13.07 -17.92 -59.04
CA ALA N 363 13.45 -17.51 -57.70
C ALA N 363 14.82 -16.84 -57.74
N GLU N 364 14.84 -15.54 -57.58
CA GLU N 364 16.08 -14.77 -57.45
C GLU N 364 16.15 -14.41 -55.98
N PHE N 365 17.02 -15.08 -55.23
CA PHE N 365 17.03 -14.91 -53.78
C PHE N 365 18.43 -14.94 -53.21
N ARG N 366 18.58 -14.28 -52.07
CA ARG N 366 19.85 -14.17 -51.38
C ARG N 366 19.87 -15.06 -50.15
N VAL N 367 20.93 -15.85 -50.01
CA VAL N 367 21.10 -16.78 -48.89
C VAL N 367 22.31 -16.37 -48.05
N GLN N 368 22.10 -16.17 -46.76
CA GLN N 368 23.16 -15.84 -45.81
C GLN N 368 23.60 -17.08 -45.05
N VAL N 369 24.84 -17.49 -45.28
CA VAL N 369 25.48 -18.58 -44.55
C VAL N 369 26.68 -18.03 -43.79
N CYS N 370 26.63 -18.14 -42.46
CA CYS N 370 27.72 -17.76 -41.54
C CYS N 370 28.19 -16.32 -41.71
N SER N 371 27.23 -15.44 -42.01
CA SER N 371 27.29 -13.98 -42.20
C SER N 371 27.78 -13.63 -43.60
N THR N 372 27.88 -14.59 -44.50
CA THR N 372 28.35 -14.33 -45.86
C THR N 372 27.17 -14.50 -46.81
N GLN N 373 27.09 -13.61 -47.79
CA GLN N 373 25.96 -13.56 -48.71
C GLN N 373 26.25 -14.28 -50.02
N VAL N 374 25.26 -15.04 -50.52
CA VAL N 374 25.35 -15.74 -51.79
C VAL N 374 24.09 -15.44 -52.59
N HIS N 375 24.25 -15.02 -53.83
CA HIS N 375 23.10 -14.83 -54.71
C HIS N 375 22.77 -16.13 -55.43
N CYS N 376 21.51 -16.55 -55.38
CA CYS N 376 21.10 -17.75 -56.09
C CYS N 376 19.98 -17.39 -57.06
N ALA N 377 20.17 -17.74 -58.34
CA ALA N 377 19.18 -17.54 -59.39
C ALA N 377 18.66 -18.88 -59.88
N ALA N 378 17.34 -19.10 -59.77
CA ALA N 378 16.73 -20.37 -60.13
C ALA N 378 15.50 -20.16 -61.00
N ALA N 379 15.19 -21.19 -61.81
CA ALA N 379 13.97 -21.25 -62.59
C ALA N 379 13.29 -22.59 -62.35
N CYS N 380 11.98 -22.56 -62.10
CA CYS N 380 11.24 -23.70 -61.57
C CYS N 380 10.03 -23.99 -62.45
N HIS N 381 9.75 -25.30 -62.67
CA HIS N 381 8.70 -25.83 -63.53
C HIS N 381 7.50 -26.32 -62.73
N PRO N 382 6.29 -26.30 -63.32
CA PRO N 382 5.12 -26.79 -62.60
C PRO N 382 5.14 -28.30 -62.46
N PRO N 383 4.58 -28.84 -61.40
CA PRO N 383 4.62 -30.29 -61.18
C PRO N 383 3.53 -31.03 -61.94
N LYS N 384 3.70 -32.35 -62.00
CA LYS N 384 2.82 -33.24 -62.73
C LYS N 384 1.47 -33.46 -62.05
N ASP N 385 1.41 -33.42 -60.72
CA ASP N 385 0.20 -33.81 -59.99
C ASP N 385 -0.60 -32.61 -59.52
N HIS N 386 -1.93 -32.75 -59.58
CA HIS N 386 -2.82 -31.68 -59.15
C HIS N 386 -3.23 -31.75 -57.69
N ILE N 387 -3.31 -32.94 -57.10
CA ILE N 387 -3.76 -33.08 -55.71
C ILE N 387 -2.71 -33.77 -54.85
N VAL N 388 -2.30 -33.10 -53.78
CA VAL N 388 -1.42 -33.66 -52.76
C VAL N 388 -2.28 -33.79 -51.50
N ASN N 389 -1.99 -34.78 -50.67
CA ASN N 389 -2.75 -34.98 -49.45
C ASN N 389 -2.14 -34.27 -48.25
N TYR N 390 -1.12 -33.45 -48.45
CA TYR N 390 -0.53 -32.72 -47.33
C TYR N 390 -0.30 -31.28 -47.79
N PRO N 391 -0.61 -30.31 -46.94
CA PRO N 391 -0.47 -28.91 -47.34
C PRO N 391 0.96 -28.41 -47.30
N ALA N 392 1.15 -27.28 -48.00
CA ALA N 392 2.43 -26.58 -48.05
C ALA N 392 2.11 -25.08 -48.00
N SER N 393 1.87 -24.57 -46.78
CA SER N 393 1.60 -23.15 -46.62
C SER N 393 2.86 -22.32 -46.82
N HIS N 394 4.03 -22.92 -46.61
CA HIS N 394 5.29 -22.19 -46.59
C HIS N 394 5.64 -21.59 -47.94
N THR N 395 5.24 -22.25 -49.02
CA THR N 395 5.28 -21.63 -50.34
C THR N 395 4.03 -20.78 -50.58
N THR N 396 3.87 -19.76 -49.75
CA THR N 396 2.79 -18.82 -49.95
C THR N 396 3.20 -17.78 -50.97
N LEU N 397 2.20 -17.18 -51.62
CA LEU N 397 2.49 -16.23 -52.69
C LEU N 397 1.62 -14.99 -52.54
N GLY N 398 2.25 -13.83 -52.70
CA GLY N 398 1.53 -12.58 -52.77
C GLY N 398 1.10 -12.24 -54.17
N VAL N 399 1.38 -11.02 -54.61
CA VAL N 399 0.93 -10.53 -55.92
C VAL N 399 2.11 -10.12 -56.79
N GLN N 400 3.01 -9.30 -56.25
CA GLN N 400 4.17 -8.84 -57.00
C GLN N 400 5.17 -9.97 -57.16
N ASP N 401 5.07 -10.70 -58.28
CA ASP N 401 5.74 -11.97 -58.45
C ASP N 401 6.44 -12.01 -59.79
N ILE N 402 7.46 -12.84 -59.87
CA ILE N 402 8.58 -12.67 -60.78
C ILE N 402 8.68 -13.89 -61.68
N SER N 403 8.50 -13.70 -62.98
CA SER N 403 8.88 -14.70 -63.96
C SER N 403 10.28 -14.40 -64.47
N THR N 404 10.76 -15.24 -65.39
CA THR N 404 11.96 -14.87 -66.12
C THR N 404 11.68 -13.72 -67.07
N THR N 405 10.46 -13.65 -67.60
CA THR N 405 10.19 -12.88 -68.80
C THR N 405 9.02 -11.92 -68.69
N ALA N 406 8.11 -12.11 -67.73
CA ALA N 406 6.90 -11.29 -67.60
C ALA N 406 7.24 -9.81 -67.47
N MET N 407 8.11 -9.48 -66.52
CA MET N 407 8.47 -8.08 -66.31
C MET N 407 9.33 -7.54 -67.44
N SER N 408 10.01 -8.41 -68.20
CA SER N 408 10.70 -7.90 -69.37
C SER N 408 9.68 -7.53 -70.44
N TRP N 409 8.58 -8.28 -70.53
CA TRP N 409 7.52 -7.87 -71.44
C TRP N 409 6.77 -6.65 -70.93
N VAL N 410 6.74 -6.46 -69.62
CA VAL N 410 6.25 -5.20 -69.07
C VAL N 410 7.18 -4.06 -69.47
N GLN N 411 8.49 -4.30 -69.37
CA GLN N 411 9.50 -3.31 -69.76
C GLN N 411 9.38 -2.97 -71.24
N LYS N 412 9.03 -3.96 -72.06
CA LYS N 412 8.69 -3.71 -73.45
C LYS N 412 7.41 -2.87 -73.56
N ILE N 413 6.38 -3.21 -72.79
CA ILE N 413 5.08 -2.58 -72.96
C ILE N 413 4.96 -1.30 -72.13
N THR N 414 5.99 -0.93 -71.38
CA THR N 414 6.07 0.41 -70.82
C THR N 414 6.72 1.41 -71.76
N GLY N 415 6.77 1.12 -73.04
CA GLY N 415 7.37 1.99 -74.03
C GLY N 415 6.42 3.12 -74.34
N GLY N 416 6.35 4.10 -73.44
CA GLY N 416 5.44 5.22 -73.61
C GLY N 416 5.73 6.03 -74.86
N VAL N 417 4.67 6.67 -75.35
CA VAL N 417 4.77 7.72 -76.37
C VAL N 417 4.14 9.01 -75.89
N GLY N 418 3.43 8.97 -74.77
CA GLY N 418 2.86 10.15 -74.17
C GLY N 418 3.89 11.18 -73.75
N LEU N 419 5.11 10.74 -73.45
CA LEU N 419 6.20 11.67 -73.18
C LEU N 419 6.53 12.50 -74.41
N ILE N 420 6.60 11.87 -75.58
CA ILE N 420 7.03 12.65 -76.74
C ILE N 420 5.86 13.46 -77.29
N VAL N 421 4.62 13.01 -77.10
CA VAL N 421 3.54 13.90 -77.52
C VAL N 421 3.33 15.02 -76.50
N ALA N 422 3.77 14.83 -75.25
CA ALA N 422 3.82 15.96 -74.33
C ALA N 422 4.94 16.92 -74.72
N VAL N 423 6.03 16.40 -75.28
CA VAL N 423 7.08 17.26 -75.83
C VAL N 423 6.54 18.05 -77.01
N ALA N 424 5.65 17.44 -77.80
CA ALA N 424 4.95 18.19 -78.83
C ALA N 424 4.01 19.25 -78.25
N ALA N 425 3.39 18.96 -77.09
CA ALA N 425 2.60 19.99 -76.42
C ALA N 425 3.48 21.11 -75.88
N LEU N 426 4.68 20.80 -75.43
CA LEU N 426 5.61 21.84 -75.01
C LEU N 426 6.10 22.67 -76.18
N ILE N 427 6.29 22.08 -77.35
CA ILE N 427 6.72 22.92 -78.47
C ILE N 427 5.53 23.75 -78.95
N LEU N 428 4.30 23.27 -78.73
CA LEU N 428 3.11 24.08 -78.96
C LEU N 428 3.04 25.27 -78.00
N ILE N 429 3.30 25.04 -76.71
CA ILE N 429 3.15 26.17 -75.80
C ILE N 429 4.31 27.14 -75.98
N VAL N 430 5.47 26.69 -76.43
CA VAL N 430 6.54 27.67 -76.62
C VAL N 430 6.51 28.35 -77.99
N VAL N 431 5.83 27.78 -79.00
CA VAL N 431 5.48 28.63 -80.14
C VAL N 431 4.39 29.61 -79.73
N LEU N 432 3.41 29.16 -78.93
CA LEU N 432 2.38 30.00 -78.35
C LEU N 432 2.95 31.10 -77.45
N CYS N 433 4.18 30.94 -76.95
CA CYS N 433 4.84 31.97 -76.14
C CYS N 433 5.07 33.28 -76.89
N VAL N 434 4.81 33.32 -78.20
CA VAL N 434 4.80 34.55 -78.99
C VAL N 434 3.88 35.57 -78.35
N SER N 435 2.71 35.12 -77.87
CA SER N 435 1.82 35.99 -77.12
C SER N 435 1.20 35.30 -75.90
N PHE N 436 1.90 34.32 -75.32
CA PHE N 436 1.38 33.53 -74.18
C PHE N 436 2.36 33.54 -73.02
N SER N 437 2.79 34.74 -72.59
CA SER N 437 3.89 34.85 -71.64
C SER N 437 3.47 35.24 -70.22
N ARG N 438 2.24 34.99 -69.79
CA ARG N 438 1.96 35.19 -68.36
C ARG N 438 1.25 34.01 -67.70
N HIS N 439 0.45 33.28 -68.46
CA HIS N 439 -0.40 32.26 -67.88
C HIS N 439 0.29 30.91 -67.85
N ASN O 1 -29.08 -68.89 -2.53
CA ASN O 1 -28.27 -67.99 -3.34
C ASN O 1 -29.13 -67.23 -4.35
N PHE O 2 -29.40 -65.96 -4.03
CA PHE O 2 -30.31 -65.08 -4.76
C PHE O 2 -31.70 -65.70 -4.86
N ASN O 3 -32.36 -65.80 -3.70
CA ASN O 3 -33.73 -66.26 -3.65
C ASN O 3 -34.50 -65.22 -2.83
N VAL O 4 -35.00 -64.20 -3.53
CA VAL O 4 -35.86 -63.18 -2.94
C VAL O 4 -37.29 -63.30 -3.45
N TYR O 5 -37.55 -64.23 -4.36
CA TYR O 5 -38.88 -64.46 -4.92
C TYR O 5 -39.69 -65.44 -4.10
N LYS O 6 -39.44 -65.54 -2.80
CA LYS O 6 -39.95 -66.64 -2.00
C LYS O 6 -41.45 -66.53 -1.72
N ALA O 7 -42.03 -65.34 -1.85
CA ALA O 7 -43.45 -65.19 -1.56
C ALA O 7 -44.23 -64.51 -2.67
N THR O 8 -43.63 -64.28 -3.84
CA THR O 8 -44.39 -63.72 -4.94
C THR O 8 -45.11 -64.82 -5.71
N ARG O 9 -46.09 -64.41 -6.52
CA ARG O 9 -46.87 -65.36 -7.31
C ARG O 9 -46.84 -64.94 -8.77
N PRO O 10 -46.55 -65.86 -9.70
CA PRO O 10 -46.39 -65.52 -11.13
C PRO O 10 -47.73 -65.30 -11.82
N TYR O 11 -48.35 -64.15 -11.53
CA TYR O 11 -49.78 -63.93 -11.69
C TYR O 11 -50.24 -64.02 -13.15
N LEU O 12 -51.54 -64.23 -13.30
CA LEU O 12 -52.20 -64.31 -14.59
C LEU O 12 -52.86 -62.98 -14.91
N ALA O 13 -52.81 -62.59 -16.19
CA ALA O 13 -53.28 -61.27 -16.59
C ALA O 13 -54.23 -61.35 -17.77
N HIS O 14 -54.54 -60.20 -18.38
CA HIS O 14 -55.36 -60.14 -19.57
C HIS O 14 -54.49 -59.61 -20.71
N CYS O 15 -54.25 -60.45 -21.69
CA CYS O 15 -53.42 -60.03 -22.82
C CYS O 15 -54.32 -59.52 -23.93
N PRO O 16 -54.08 -58.30 -24.42
CA PRO O 16 -55.07 -57.60 -25.24
C PRO O 16 -55.03 -57.92 -26.72
N ASP O 17 -54.09 -58.73 -27.19
CA ASP O 17 -54.18 -59.23 -28.57
C ASP O 17 -53.46 -60.57 -28.58
N CYS O 18 -54.19 -61.64 -28.29
CA CYS O 18 -53.65 -62.99 -28.15
C CYS O 18 -53.50 -63.70 -29.48
N GLY O 19 -53.55 -62.98 -30.59
CA GLY O 19 -53.64 -63.62 -31.88
C GLY O 19 -55.05 -64.14 -32.06
N GLU O 20 -55.21 -64.96 -33.10
CA GLU O 20 -56.42 -65.63 -33.57
C GLU O 20 -57.70 -64.79 -33.48
N GLY O 21 -57.59 -63.50 -33.74
CA GLY O 21 -58.72 -62.61 -33.92
C GLY O 21 -59.16 -61.84 -32.70
N HIS O 22 -58.71 -62.23 -31.50
CA HIS O 22 -59.32 -61.68 -30.29
C HIS O 22 -58.36 -61.80 -29.13
N SER O 23 -58.63 -61.01 -28.09
CA SER O 23 -57.80 -61.01 -26.89
C SER O 23 -58.21 -62.14 -25.95
N CYS O 24 -57.42 -62.31 -24.90
CA CYS O 24 -57.69 -63.41 -23.97
C CYS O 24 -57.21 -63.02 -22.58
N HIS O 25 -57.66 -63.78 -21.60
CA HIS O 25 -56.98 -63.84 -20.31
C HIS O 25 -55.89 -64.90 -20.39
N SER O 26 -54.65 -64.50 -20.14
CA SER O 26 -53.52 -65.39 -20.31
C SER O 26 -52.51 -65.19 -19.20
N PRO O 27 -51.76 -66.24 -18.82
CA PRO O 27 -50.67 -66.06 -17.86
C PRO O 27 -49.45 -65.39 -18.44
N ILE O 28 -49.25 -65.44 -19.76
CA ILE O 28 -47.97 -65.06 -20.33
C ILE O 28 -47.84 -63.57 -20.56
N ALA O 29 -48.86 -62.79 -20.22
CA ALA O 29 -49.05 -61.43 -20.70
C ALA O 29 -47.94 -60.48 -20.28
N LEU O 30 -47.10 -60.11 -21.26
CA LEU O 30 -46.08 -59.09 -21.08
C LEU O 30 -46.72 -57.73 -20.82
N GLU O 31 -46.00 -56.89 -20.09
CA GLU O 31 -46.60 -55.63 -19.68
C GLU O 31 -45.74 -54.41 -20.01
N ARG O 32 -44.42 -54.53 -19.94
CA ARG O 32 -43.54 -53.37 -20.05
C ARG O 32 -42.30 -53.76 -20.83
N ILE O 33 -41.97 -52.95 -21.83
CA ILE O 33 -40.82 -53.17 -22.69
C ILE O 33 -39.72 -52.20 -22.31
N ARG O 34 -38.49 -52.68 -22.32
CA ARG O 34 -37.33 -51.83 -22.08
C ARG O 34 -36.39 -51.96 -23.27
N ASN O 35 -36.02 -50.80 -23.84
CA ASN O 35 -35.21 -50.75 -25.05
C ASN O 35 -34.14 -49.67 -24.96
N GLU O 36 -33.68 -49.36 -23.76
CA GLU O 36 -32.85 -48.20 -23.55
C GLU O 36 -31.41 -48.42 -23.96
N ALA O 37 -31.03 -49.67 -24.27
CA ALA O 37 -29.70 -49.95 -24.77
C ALA O 37 -29.53 -49.35 -26.15
N THR O 38 -28.32 -48.84 -26.42
CA THR O 38 -28.02 -48.33 -27.74
C THR O 38 -27.90 -49.45 -28.75
N ASP O 39 -27.29 -50.57 -28.35
CA ASP O 39 -26.82 -51.54 -29.33
C ASP O 39 -27.95 -52.40 -29.90
N GLY O 40 -29.08 -52.51 -29.21
CA GLY O 40 -30.19 -53.23 -29.81
C GLY O 40 -30.63 -54.50 -29.11
N THR O 41 -30.55 -54.57 -27.80
CA THR O 41 -31.13 -55.69 -27.07
C THR O 41 -32.39 -55.23 -26.35
N LEU O 42 -33.17 -56.22 -25.88
CA LEU O 42 -34.47 -55.97 -25.32
C LEU O 42 -34.65 -56.66 -23.98
N LYS O 43 -35.24 -55.91 -23.05
CA LYS O 43 -35.54 -56.34 -21.70
C LYS O 43 -37.04 -56.28 -21.53
N ILE O 44 -37.61 -57.37 -21.04
CA ILE O 44 -39.04 -57.62 -21.11
C ILE O 44 -39.56 -57.86 -19.71
N GLN O 45 -40.59 -57.12 -19.33
CA GLN O 45 -41.36 -57.37 -18.12
C GLN O 45 -42.50 -58.31 -18.48
N VAL O 46 -42.46 -59.52 -17.93
CA VAL O 46 -43.44 -60.55 -18.23
C VAL O 46 -44.16 -60.87 -16.92
N SER O 47 -45.28 -61.58 -17.05
CA SER O 47 -46.13 -61.92 -15.91
C SER O 47 -45.81 -63.29 -15.33
N LEU O 48 -44.55 -63.73 -15.39
CA LEU O 48 -44.18 -65.06 -14.95
C LEU O 48 -43.02 -64.99 -13.97
N GLN O 49 -42.55 -66.17 -13.57
CA GLN O 49 -41.37 -66.33 -12.73
C GLN O 49 -40.64 -67.57 -13.20
N ILE O 50 -39.41 -67.40 -13.67
CA ILE O 50 -38.69 -68.42 -14.43
C ILE O 50 -37.45 -68.84 -13.65
N GLY O 51 -37.26 -70.14 -13.52
CA GLY O 51 -36.11 -70.71 -12.84
C GLY O 51 -36.32 -70.97 -11.36
N ILE O 52 -37.56 -70.91 -10.90
CA ILE O 52 -37.87 -71.07 -9.48
C ILE O 52 -38.96 -72.13 -9.36
N LYS O 53 -38.78 -73.05 -8.43
CA LYS O 53 -39.78 -74.08 -8.23
C LYS O 53 -40.85 -73.59 -7.26
N THR O 54 -41.90 -74.41 -7.11
CA THR O 54 -42.96 -74.11 -6.16
C THR O 54 -42.48 -74.15 -4.72
N ASP O 55 -41.37 -74.82 -4.44
CA ASP O 55 -40.72 -74.78 -3.14
C ASP O 55 -39.55 -73.82 -3.10
N ASP O 56 -39.49 -72.91 -4.08
CA ASP O 56 -38.50 -71.83 -4.19
C ASP O 56 -37.07 -72.35 -4.24
N SER O 57 -36.82 -73.24 -5.19
CA SER O 57 -35.51 -73.85 -5.34
C SER O 57 -34.74 -73.19 -6.47
N HIS O 58 -33.46 -73.53 -6.56
CA HIS O 58 -32.63 -73.07 -7.68
C HIS O 58 -32.58 -74.09 -8.81
N ASP O 59 -33.76 -74.53 -9.24
CA ASP O 59 -33.88 -75.42 -10.40
C ASP O 59 -33.99 -74.52 -11.63
N TRP O 60 -32.87 -74.35 -12.33
CA TRP O 60 -32.77 -73.38 -13.41
C TRP O 60 -33.12 -73.98 -14.75
N THR O 61 -34.05 -74.93 -14.78
CA THR O 61 -34.58 -75.48 -16.01
C THR O 61 -36.10 -75.51 -16.03
N LYS O 62 -36.77 -75.06 -14.97
CA LYS O 62 -38.22 -75.00 -14.92
C LYS O 62 -38.68 -73.55 -14.77
N LEU O 63 -40.00 -73.37 -14.60
CA LEU O 63 -40.62 -72.06 -14.56
C LEU O 63 -41.99 -72.17 -13.91
N ARG O 64 -42.33 -71.19 -13.08
CA ARG O 64 -43.64 -71.11 -12.46
C ARG O 64 -44.57 -70.23 -13.28
N TYR O 65 -45.87 -70.52 -13.19
CA TYR O 65 -46.89 -69.71 -13.84
C TYR O 65 -48.23 -69.94 -13.15
N MET O 66 -49.05 -68.91 -13.10
CA MET O 66 -50.39 -69.06 -12.52
C MET O 66 -51.39 -69.53 -13.56
N ASP O 67 -52.24 -70.47 -13.15
CA ASP O 67 -53.44 -70.81 -13.88
C ASP O 67 -54.48 -71.34 -12.90
N SER O 68 -55.66 -70.68 -12.89
CA SER O 68 -56.82 -71.02 -12.05
C SER O 68 -56.46 -71.22 -10.58
N HIS O 69 -55.81 -70.20 -10.00
CA HIS O 69 -55.31 -70.19 -8.62
C HIS O 69 -54.30 -71.29 -8.35
N THR O 70 -53.59 -71.74 -9.38
CA THR O 70 -52.55 -72.75 -9.22
C THR O 70 -51.21 -72.19 -9.69
N PRO O 71 -50.18 -72.14 -8.85
CA PRO O 71 -48.84 -71.94 -9.40
C PRO O 71 -48.32 -73.29 -9.88
N ALA O 72 -48.30 -73.47 -11.20
CA ALA O 72 -47.86 -74.69 -11.84
C ALA O 72 -46.49 -74.49 -12.48
N ASP O 73 -45.92 -75.60 -12.93
CA ASP O 73 -44.54 -75.67 -13.38
C ASP O 73 -44.45 -76.18 -14.82
N ALA O 74 -43.74 -75.44 -15.65
CA ALA O 74 -43.35 -75.88 -16.99
C ALA O 74 -41.83 -75.76 -17.09
N GLU O 75 -41.30 -75.93 -18.31
CA GLU O 75 -39.86 -76.06 -18.47
C GLU O 75 -39.33 -74.97 -19.39
N ARG O 76 -38.05 -74.67 -19.23
CA ARG O 76 -37.43 -73.47 -19.79
C ARG O 76 -37.17 -73.52 -21.29
N ALA O 77 -37.14 -74.70 -21.90
CA ALA O 77 -36.85 -74.78 -23.33
C ALA O 77 -38.06 -74.54 -24.22
N GLY O 78 -39.23 -74.25 -23.67
CA GLY O 78 -40.36 -73.98 -24.53
C GLY O 78 -40.55 -72.54 -24.96
N LEU O 79 -39.74 -71.60 -24.46
CA LEU O 79 -39.96 -70.19 -24.75
C LEU O 79 -39.59 -69.83 -26.19
N LEU O 80 -40.42 -68.99 -26.80
CA LEU O 80 -40.12 -68.38 -28.10
C LEU O 80 -40.52 -66.92 -28.05
N VAL O 81 -39.52 -66.04 -28.07
CA VAL O 81 -39.73 -64.62 -28.35
C VAL O 81 -39.52 -64.37 -29.84
N ARG O 82 -40.43 -63.62 -30.45
CA ARG O 82 -40.40 -63.40 -31.89
C ARG O 82 -40.81 -61.98 -32.23
N THR O 83 -40.16 -61.38 -33.22
CA THR O 83 -40.71 -60.21 -33.90
C THR O 83 -40.96 -60.51 -35.36
N SER O 84 -39.93 -60.90 -36.09
CA SER O 84 -40.07 -61.40 -37.45
C SER O 84 -39.36 -62.72 -37.60
N ALA O 85 -38.57 -63.12 -36.61
CA ALA O 85 -37.89 -64.40 -36.57
C ALA O 85 -37.82 -64.81 -35.11
N PRO O 86 -37.40 -66.04 -34.82
CA PRO O 86 -36.99 -66.38 -33.45
C PRO O 86 -35.82 -65.52 -32.98
N CYS O 87 -36.06 -64.78 -31.90
CA CYS O 87 -35.01 -63.99 -31.29
C CYS O 87 -34.10 -64.89 -30.47
N THR O 88 -32.84 -64.46 -30.33
CA THR O 88 -31.86 -65.21 -29.55
C THR O 88 -32.04 -64.86 -28.08
N ILE O 89 -32.57 -65.81 -27.30
CA ILE O 89 -32.75 -65.60 -25.87
C ILE O 89 -31.39 -65.66 -25.17
N THR O 90 -31.15 -64.70 -24.27
CA THR O 90 -29.93 -64.69 -23.49
C THR O 90 -30.16 -64.84 -21.99
N GLY O 91 -31.01 -64.01 -21.39
CA GLY O 91 -31.12 -64.02 -19.94
C GLY O 91 -32.52 -64.16 -19.39
N THR O 92 -32.75 -65.26 -18.67
CA THR O 92 -34.06 -65.60 -18.15
C THR O 92 -34.05 -65.52 -16.63
N MET O 93 -34.86 -64.61 -16.06
CA MET O 93 -35.00 -64.59 -14.60
C MET O 93 -36.33 -63.94 -14.28
N GLY O 94 -37.25 -64.73 -13.73
CA GLY O 94 -38.42 -64.20 -13.07
C GLY O 94 -39.42 -63.52 -13.99
N HIS O 95 -39.62 -62.23 -13.77
CA HIS O 95 -40.42 -61.40 -14.66
C HIS O 95 -39.61 -60.77 -15.77
N PHE O 96 -38.42 -61.31 -16.06
CA PHE O 96 -37.40 -60.55 -16.76
C PHE O 96 -36.78 -61.38 -17.88
N ILE O 97 -36.91 -60.90 -19.10
CA ILE O 97 -36.41 -61.59 -20.28
C ILE O 97 -35.45 -60.66 -21.00
N LEU O 98 -34.23 -61.12 -21.21
CA LEU O 98 -33.21 -60.40 -21.97
C LEU O 98 -32.95 -61.16 -23.26
N ALA O 99 -33.18 -60.50 -24.39
CA ALA O 99 -32.95 -61.19 -25.65
C ALA O 99 -32.47 -60.20 -26.70
N ARG O 100 -31.94 -60.76 -27.78
CA ARG O 100 -31.48 -60.00 -28.93
C ARG O 100 -32.29 -60.45 -30.12
N CYS O 101 -32.72 -59.50 -30.95
CA CYS O 101 -33.74 -59.84 -31.92
C CYS O 101 -33.69 -58.93 -33.14
N PRO O 102 -33.88 -59.47 -34.35
CA PRO O 102 -33.74 -58.65 -35.56
C PRO O 102 -34.90 -57.70 -35.79
N LYS O 103 -34.89 -57.07 -36.96
CA LYS O 103 -35.86 -56.04 -37.34
C LYS O 103 -37.29 -56.56 -37.34
N GLY O 104 -38.19 -55.83 -36.70
CA GLY O 104 -39.59 -56.20 -36.68
C GLY O 104 -40.52 -55.13 -36.14
N GLU O 105 -41.75 -55.12 -36.65
CA GLU O 105 -42.76 -54.14 -36.26
C GLU O 105 -43.62 -54.57 -35.07
N THR O 106 -43.51 -55.81 -34.62
CA THR O 106 -44.31 -56.30 -33.51
C THR O 106 -43.40 -56.86 -32.43
N LEU O 107 -43.99 -57.50 -31.42
CA LEU O 107 -43.28 -58.47 -30.60
C LEU O 107 -44.28 -59.43 -30.00
N THR O 108 -44.07 -60.73 -30.20
CA THR O 108 -44.85 -61.74 -29.52
C THR O 108 -43.97 -62.63 -28.65
N VAL O 109 -44.61 -63.22 -27.65
CA VAL O 109 -44.01 -64.26 -26.82
C VAL O 109 -44.95 -65.44 -26.88
N GLY O 110 -44.39 -66.64 -26.72
CA GLY O 110 -45.22 -67.83 -26.63
C GLY O 110 -44.45 -69.03 -26.10
N PHE O 111 -45.10 -69.89 -25.32
CA PHE O 111 -44.44 -71.12 -24.90
C PHE O 111 -45.45 -72.18 -24.53
N THR O 112 -44.93 -73.41 -24.37
CA THR O 112 -45.70 -74.58 -24.00
C THR O 112 -45.73 -74.72 -22.49
N ASP O 113 -46.92 -74.77 -21.91
CA ASP O 113 -47.05 -74.98 -20.49
C ASP O 113 -47.01 -76.48 -20.19
N SER O 114 -47.37 -76.87 -18.96
CA SER O 114 -47.36 -78.28 -18.60
C SER O 114 -48.46 -79.09 -19.27
N ARG O 115 -49.47 -78.43 -19.82
CA ARG O 115 -50.52 -79.11 -20.58
C ARG O 115 -50.36 -78.88 -22.08
N LYS O 116 -49.10 -78.91 -22.54
CA LYS O 116 -48.67 -79.07 -23.94
C LYS O 116 -49.22 -78.01 -24.90
N ILE O 117 -49.74 -76.90 -24.39
CA ILE O 117 -50.38 -75.87 -25.22
C ILE O 117 -49.42 -74.69 -25.30
N SER O 118 -49.08 -74.30 -26.54
CA SER O 118 -48.32 -73.09 -26.81
C SER O 118 -49.15 -71.83 -26.65
N HIS O 119 -49.25 -71.31 -25.45
CA HIS O 119 -49.92 -70.03 -25.27
C HIS O 119 -49.02 -68.93 -25.83
N THR O 120 -49.57 -68.16 -26.77
CA THR O 120 -48.89 -67.07 -27.46
C THR O 120 -49.69 -65.79 -27.36
N CYS O 121 -49.00 -64.66 -27.21
CA CYS O 121 -49.65 -63.36 -27.25
C CYS O 121 -48.62 -62.31 -27.66
N THR O 122 -49.11 -61.19 -28.18
CA THR O 122 -48.23 -60.19 -28.76
C THR O 122 -48.60 -58.80 -28.27
N HIS O 123 -47.77 -57.85 -28.66
CA HIS O 123 -48.02 -56.43 -28.60
C HIS O 123 -47.45 -55.81 -29.85
N PRO O 124 -47.94 -54.63 -30.24
CA PRO O 124 -47.20 -53.85 -31.24
C PRO O 124 -46.03 -53.17 -30.57
N PHE O 125 -44.87 -53.26 -31.20
CA PHE O 125 -43.68 -52.59 -30.69
C PHE O 125 -42.84 -52.23 -31.90
N HIS O 126 -42.69 -50.94 -32.19
CA HIS O 126 -41.87 -50.52 -33.33
C HIS O 126 -40.40 -50.64 -32.95
N HIS O 127 -39.89 -51.87 -33.05
CA HIS O 127 -38.52 -52.15 -32.67
C HIS O 127 -37.60 -51.85 -33.85
N GLU O 128 -36.72 -50.89 -33.67
CA GLU O 128 -35.64 -50.57 -34.58
C GLU O 128 -34.45 -50.17 -33.74
N PRO O 129 -33.35 -50.91 -33.80
CA PRO O 129 -32.12 -50.44 -33.17
C PRO O 129 -31.60 -49.22 -33.91
N PRO O 130 -31.06 -48.25 -33.17
CA PRO O 130 -30.49 -47.07 -33.82
C PRO O 130 -29.17 -47.40 -34.50
N VAL O 131 -28.76 -46.50 -35.40
CA VAL O 131 -27.50 -46.67 -36.10
C VAL O 131 -26.37 -46.37 -35.13
N ILE O 132 -25.21 -46.97 -35.38
CA ILE O 132 -24.01 -46.73 -34.58
C ILE O 132 -22.94 -46.19 -35.51
N GLY O 133 -22.34 -45.07 -35.13
CA GLY O 133 -21.32 -44.45 -35.96
C GLY O 133 -21.93 -43.80 -37.19
N ARG O 134 -21.67 -44.37 -38.35
CA ARG O 134 -22.15 -43.78 -39.60
C ARG O 134 -22.71 -44.83 -40.56
N GLU O 135 -23.05 -46.02 -40.06
CA GLU O 135 -23.26 -47.19 -40.90
C GLU O 135 -24.52 -47.94 -40.50
N ARG O 136 -25.22 -48.41 -41.51
CA ARG O 136 -26.29 -49.37 -41.40
C ARG O 136 -25.76 -50.69 -41.92
N PHE O 137 -25.87 -51.76 -41.14
CA PHE O 137 -25.23 -53.00 -41.57
C PHE O 137 -26.10 -54.19 -41.18
N HIS O 138 -25.52 -55.38 -41.28
CA HIS O 138 -26.21 -56.64 -40.98
C HIS O 138 -25.62 -57.39 -39.80
N SER O 139 -24.35 -57.75 -39.85
CA SER O 139 -23.74 -58.66 -38.88
C SER O 139 -22.51 -58.02 -38.26
N ARG O 140 -22.00 -58.67 -37.21
CA ARG O 140 -20.85 -58.12 -36.51
C ARG O 140 -19.60 -58.42 -37.33
N PRO O 141 -18.79 -57.43 -37.67
CA PRO O 141 -17.79 -57.63 -38.72
C PRO O 141 -16.50 -58.24 -38.24
N GLN O 142 -15.51 -58.31 -39.15
CA GLN O 142 -14.17 -58.74 -38.77
C GLN O 142 -13.45 -57.69 -37.94
N HIS O 143 -13.41 -56.45 -38.40
CA HIS O 143 -12.61 -55.43 -37.75
C HIS O 143 -13.26 -54.09 -37.99
N GLY O 144 -13.22 -53.24 -36.97
CA GLY O 144 -13.90 -51.98 -37.06
C GLY O 144 -13.50 -51.09 -35.90
N LYS O 145 -14.09 -49.91 -35.86
CA LYS O 145 -13.77 -49.02 -34.77
C LYS O 145 -14.47 -49.50 -33.51
N GLU O 146 -14.02 -48.98 -32.38
CA GLU O 146 -14.47 -49.45 -31.07
C GLU O 146 -15.26 -48.33 -30.40
N LEU O 147 -16.56 -48.32 -30.65
CA LEU O 147 -17.26 -47.16 -30.11
C LEU O 147 -17.93 -47.50 -28.79
N PRO O 148 -18.06 -46.49 -27.92
CA PRO O 148 -18.84 -46.68 -26.69
C PRO O 148 -20.30 -46.92 -27.00
N CYS O 149 -20.90 -47.80 -26.21
CA CYS O 149 -22.30 -48.20 -26.36
C CYS O 149 -22.74 -48.77 -25.02
N SER O 150 -23.96 -49.26 -24.96
CA SER O 150 -24.55 -49.61 -23.67
C SER O 150 -25.29 -50.92 -23.80
N THR O 151 -25.18 -51.76 -22.77
CA THR O 151 -25.88 -53.04 -22.79
C THR O 151 -26.23 -53.47 -21.39
N TYR O 152 -27.08 -54.50 -21.31
CA TYR O 152 -27.52 -55.03 -20.02
C TYR O 152 -26.62 -56.18 -19.59
N VAL O 153 -26.17 -56.14 -18.34
CA VAL O 153 -25.26 -57.13 -17.81
C VAL O 153 -26.11 -58.15 -17.06
N GLN O 154 -25.60 -59.37 -16.89
CA GLN O 154 -26.39 -60.49 -16.38
C GLN O 154 -26.25 -60.68 -14.88
N SER O 155 -25.96 -59.64 -14.13
CA SER O 155 -25.96 -59.75 -12.68
C SER O 155 -27.39 -59.73 -12.16
N THR O 156 -27.56 -60.22 -10.93
CA THR O 156 -28.89 -60.44 -10.39
C THR O 156 -29.22 -59.57 -9.19
N ALA O 157 -28.40 -59.61 -8.14
CA ALA O 157 -28.66 -58.85 -6.92
C ALA O 157 -28.04 -57.45 -7.02
N ALA O 158 -28.61 -56.66 -7.93
CA ALA O 158 -28.26 -55.25 -8.03
C ALA O 158 -29.34 -54.41 -7.37
N THR O 159 -28.94 -53.54 -6.46
CA THR O 159 -29.89 -52.72 -5.72
C THR O 159 -30.01 -51.42 -6.53
N ALA O 160 -30.64 -50.37 -5.94
CA ALA O 160 -30.90 -49.03 -6.46
C ALA O 160 -31.96 -49.00 -7.58
N GLU O 161 -32.89 -49.96 -7.54
CA GLU O 161 -34.10 -50.02 -8.36
C GLU O 161 -35.14 -50.88 -7.65
N GLU O 162 -36.41 -50.46 -7.71
CA GLU O 162 -37.48 -51.02 -6.89
C GLU O 162 -38.79 -51.12 -7.65
N ILE O 163 -39.56 -52.17 -7.37
CA ILE O 163 -41.00 -52.24 -7.61
C ILE O 163 -41.65 -52.80 -6.36
N GLU O 164 -42.95 -52.52 -6.22
CA GLU O 164 -43.71 -52.79 -5.01
C GLU O 164 -44.63 -53.99 -5.19
N VAL O 165 -44.35 -55.07 -4.48
CA VAL O 165 -45.16 -56.27 -4.49
C VAL O 165 -46.05 -56.25 -3.25
N HIS O 166 -47.21 -56.89 -3.31
CA HIS O 166 -48.25 -56.69 -2.31
C HIS O 166 -49.20 -57.89 -2.34
N MET O 167 -50.38 -57.73 -1.73
CA MET O 167 -51.47 -58.69 -1.60
C MET O 167 -52.37 -58.60 -2.82
N PRO O 168 -52.80 -59.73 -3.38
CA PRO O 168 -53.78 -59.68 -4.45
C PRO O 168 -55.15 -59.32 -3.89
N PRO O 169 -55.98 -58.63 -4.67
CA PRO O 169 -57.32 -58.28 -4.16
C PRO O 169 -58.26 -59.46 -4.01
N ASP O 170 -58.50 -60.18 -5.11
CA ASP O 170 -59.52 -61.21 -5.19
C ASP O 170 -59.39 -61.88 -6.56
N THR O 171 -60.27 -62.84 -6.82
CA THR O 171 -60.41 -63.42 -8.16
C THR O 171 -61.82 -64.00 -8.31
N PRO O 172 -62.69 -63.36 -9.08
CA PRO O 172 -64.06 -63.87 -9.23
C PRO O 172 -64.07 -65.08 -10.17
N ASP O 173 -64.56 -66.21 -9.65
CA ASP O 173 -64.76 -67.43 -10.41
C ASP O 173 -66.22 -67.79 -10.36
N ARG O 174 -66.88 -67.80 -11.51
CA ARG O 174 -68.25 -68.30 -11.59
C ARG O 174 -68.28 -69.78 -11.96
N THR O 175 -67.20 -70.51 -11.70
CA THR O 175 -67.14 -71.95 -11.88
C THR O 175 -67.35 -72.69 -10.58
N LEU O 176 -68.06 -72.08 -9.64
CA LEU O 176 -68.22 -72.62 -8.29
C LEU O 176 -69.65 -73.01 -7.99
N MET O 177 -70.59 -72.09 -8.16
CA MET O 177 -71.95 -72.29 -7.70
C MET O 177 -72.73 -73.13 -8.72
N THR O 178 -73.54 -74.05 -8.21
CA THR O 178 -74.47 -74.83 -9.02
C THR O 178 -75.88 -74.69 -8.46
N GLN O 179 -76.86 -74.55 -9.36
CA GLN O 179 -78.23 -74.30 -8.94
C GLN O 179 -78.91 -75.60 -8.51
N GLN O 180 -79.29 -75.67 -7.23
CA GLN O 180 -80.09 -76.77 -6.72
C GLN O 180 -81.56 -76.37 -6.63
N SER O 181 -82.10 -76.00 -7.81
CA SER O 181 -83.49 -75.57 -8.00
C SER O 181 -83.87 -74.41 -7.08
N GLY O 182 -83.06 -73.35 -7.13
CA GLY O 182 -83.20 -72.20 -6.28
C GLY O 182 -82.05 -72.00 -5.31
N ASN O 183 -81.36 -73.08 -4.96
CA ASN O 183 -80.19 -72.97 -4.10
C ASN O 183 -78.95 -72.74 -4.93
N VAL O 184 -77.84 -72.45 -4.27
CA VAL O 184 -76.52 -72.54 -4.90
C VAL O 184 -75.63 -73.37 -4.00
N LYS O 185 -74.66 -74.03 -4.62
CA LYS O 185 -73.68 -74.87 -3.94
C LYS O 185 -72.34 -74.15 -4.06
N ILE O 186 -72.00 -73.35 -3.05
CA ILE O 186 -70.71 -72.67 -3.04
C ILE O 186 -69.67 -73.68 -2.54
N THR O 187 -68.65 -73.92 -3.36
CA THR O 187 -67.51 -74.70 -2.94
C THR O 187 -66.44 -73.77 -2.38
N VAL O 188 -65.38 -74.36 -1.82
CA VAL O 188 -64.33 -73.53 -1.26
C VAL O 188 -62.95 -73.94 -1.79
N ASN O 189 -62.82 -75.21 -2.21
CA ASN O 189 -61.58 -75.79 -2.76
C ASN O 189 -60.38 -75.55 -1.85
N GLY O 190 -60.60 -75.62 -0.53
CA GLY O 190 -59.54 -75.44 0.44
C GLY O 190 -58.95 -74.05 0.48
N GLN O 191 -59.81 -73.04 0.57
CA GLN O 191 -59.38 -71.65 0.42
C GLN O 191 -60.29 -70.78 1.30
N THR O 192 -60.31 -69.48 1.00
CA THR O 192 -61.13 -68.50 1.70
C THR O 192 -61.94 -67.78 0.64
N VAL O 193 -63.26 -67.95 0.65
CA VAL O 193 -64.13 -67.52 -0.43
C VAL O 193 -65.09 -66.45 0.06
N ARG O 194 -65.14 -65.33 -0.65
CA ARG O 194 -66.12 -64.28 -0.42
C ARG O 194 -67.33 -64.52 -1.31
N TYR O 195 -68.52 -64.39 -0.73
CA TYR O 195 -69.77 -64.33 -1.45
C TYR O 195 -70.46 -63.01 -1.17
N LYS O 196 -71.22 -62.53 -2.15
CA LYS O 196 -72.06 -61.36 -2.01
C LYS O 196 -73.34 -61.62 -2.79
N CYS O 197 -74.48 -61.47 -2.13
CA CYS O 197 -75.73 -61.94 -2.73
C CYS O 197 -76.81 -60.87 -2.68
N ASN O 198 -77.70 -60.96 -3.67
CA ASN O 198 -79.00 -60.29 -3.63
C ASN O 198 -80.06 -61.27 -3.14
N CYS O 199 -79.79 -61.82 -1.96
CA CYS O 199 -80.51 -63.00 -1.47
C CYS O 199 -80.60 -62.93 0.04
N GLY O 200 -81.83 -63.01 0.56
CA GLY O 200 -82.03 -62.89 1.99
C GLY O 200 -81.44 -64.04 2.77
N GLY O 201 -81.19 -63.78 4.05
CA GLY O 201 -80.41 -64.68 4.88
C GLY O 201 -78.93 -64.44 4.71
N SER O 202 -78.26 -65.32 3.95
CA SER O 202 -76.84 -65.16 3.64
C SER O 202 -76.70 -64.25 2.43
N ASN O 203 -76.64 -62.94 2.68
CA ASN O 203 -76.33 -61.98 1.63
C ASN O 203 -74.87 -61.52 1.66
N GLU O 204 -74.33 -61.27 2.84
CA GLU O 204 -72.96 -60.80 2.98
C GLU O 204 -72.23 -61.72 3.96
N GLY O 205 -70.93 -61.69 3.88
CA GLY O 205 -70.09 -62.39 4.81
C GLY O 205 -69.00 -63.12 4.07
N LEU O 206 -68.27 -63.96 4.80
CA LEU O 206 -67.17 -64.71 4.24
C LEU O 206 -67.28 -66.15 4.70
N THR O 207 -67.48 -67.06 3.75
CA THR O 207 -67.62 -68.47 4.05
C THR O 207 -66.27 -69.18 3.95
N THR O 208 -66.22 -70.36 4.56
CA THR O 208 -65.02 -71.18 4.60
C THR O 208 -65.33 -72.62 4.19
N THR O 209 -66.61 -72.99 4.10
CA THR O 209 -67.04 -74.33 3.74
C THR O 209 -67.94 -74.27 2.50
N ASP O 210 -68.43 -75.43 2.12
CA ASP O 210 -69.44 -75.56 1.08
C ASP O 210 -70.80 -75.17 1.63
N LYS O 211 -71.50 -74.31 0.92
CA LYS O 211 -72.81 -73.83 1.34
C LYS O 211 -73.88 -74.19 0.32
N VAL O 212 -75.11 -74.30 0.81
CA VAL O 212 -76.29 -74.45 -0.03
C VAL O 212 -77.21 -73.30 0.34
N ILE O 213 -77.44 -72.40 -0.60
CA ILE O 213 -78.06 -71.11 -0.33
C ILE O 213 -79.41 -71.06 -1.02
N ASN O 214 -80.46 -70.81 -0.25
CA ASN O 214 -81.82 -71.12 -0.64
C ASN O 214 -82.46 -70.02 -1.47
N ASN O 215 -83.25 -70.44 -2.46
CA ASN O 215 -84.23 -69.60 -3.18
C ASN O 215 -83.60 -68.44 -3.95
N CYS O 216 -82.36 -68.60 -4.43
CA CYS O 216 -81.72 -67.52 -5.19
C CYS O 216 -80.63 -68.09 -6.10
N LYS O 217 -80.61 -67.63 -7.35
CA LYS O 217 -79.89 -68.29 -8.43
C LYS O 217 -78.39 -68.05 -8.34
N ILE O 218 -77.66 -68.60 -9.31
CA ILE O 218 -76.22 -68.39 -9.41
C ILE O 218 -75.91 -66.93 -9.73
N ASP O 219 -76.51 -66.41 -10.81
CA ASP O 219 -76.22 -65.05 -11.23
C ASP O 219 -76.82 -64.01 -10.29
N GLN O 220 -77.72 -64.41 -9.39
CA GLN O 220 -78.18 -63.55 -8.32
C GLN O 220 -77.09 -63.28 -7.29
N CYS O 221 -76.07 -64.13 -7.22
CA CYS O 221 -75.07 -64.08 -6.16
C CYS O 221 -73.68 -63.82 -6.77
N HIS O 222 -72.67 -63.94 -5.92
CA HIS O 222 -71.29 -63.66 -6.28
C HIS O 222 -70.40 -64.71 -5.63
N ALA O 223 -69.25 -64.97 -6.26
CA ALA O 223 -68.30 -65.94 -5.74
C ALA O 223 -66.90 -65.50 -6.13
N ALA O 224 -66.00 -65.40 -5.15
CA ALA O 224 -64.65 -64.93 -5.44
C ALA O 224 -63.68 -65.46 -4.39
N VAL O 225 -62.68 -66.22 -4.83
CA VAL O 225 -61.72 -66.85 -3.91
C VAL O 225 -60.74 -65.78 -3.45
N THR O 226 -60.78 -65.46 -2.16
CA THR O 226 -59.97 -64.39 -1.60
C THR O 226 -58.64 -64.97 -1.14
N ASN O 227 -57.59 -64.74 -1.91
CA ASN O 227 -56.26 -65.12 -1.47
C ASN O 227 -55.79 -64.14 -0.40
N HIS O 228 -54.98 -64.64 0.51
CA HIS O 228 -54.24 -63.76 1.42
C HIS O 228 -52.79 -64.14 1.59
N LYS O 229 -52.39 -65.36 1.26
CA LYS O 229 -51.16 -65.94 1.76
C LYS O 229 -49.96 -65.69 0.86
N ASN O 230 -50.11 -64.92 -0.22
CA ASN O 230 -48.99 -64.74 -1.12
C ASN O 230 -49.04 -63.34 -1.70
N TRP O 231 -48.20 -63.08 -2.72
CA TRP O 231 -47.97 -61.73 -3.21
C TRP O 231 -48.04 -61.68 -4.73
N GLN O 232 -48.65 -60.60 -5.24
CA GLN O 232 -48.59 -60.19 -6.64
C GLN O 232 -48.05 -58.76 -6.67
N TYR O 233 -47.50 -58.33 -7.80
CA TYR O 233 -47.05 -56.95 -7.86
C TYR O 233 -48.14 -56.09 -8.49
N ASN O 234 -47.99 -54.77 -8.33
CA ASN O 234 -49.02 -53.85 -8.81
C ASN O 234 -48.94 -53.80 -10.33
N SER O 235 -49.79 -54.43 -10.95
CA SER O 235 -49.88 -54.30 -12.39
C SER O 235 -50.90 -53.26 -12.78
N PRO O 236 -50.67 -52.52 -13.86
CA PRO O 236 -51.71 -51.66 -14.41
C PRO O 236 -52.78 -52.40 -15.19
N LEU O 237 -52.72 -53.74 -15.22
CA LEU O 237 -53.74 -54.55 -15.84
C LEU O 237 -54.45 -55.42 -14.81
N VAL O 238 -54.25 -55.14 -13.53
CA VAL O 238 -54.87 -55.88 -12.44
C VAL O 238 -55.61 -54.85 -11.59
N PRO O 239 -56.82 -55.14 -11.11
CA PRO O 239 -57.48 -54.23 -10.17
C PRO O 239 -56.73 -54.15 -8.85
N ARG O 240 -56.91 -53.03 -8.17
CA ARG O 240 -56.09 -52.77 -7.01
C ARG O 240 -56.63 -53.52 -5.80
N ASN O 241 -55.83 -53.53 -4.73
CA ASN O 241 -56.37 -53.78 -3.41
C ASN O 241 -57.34 -52.64 -3.16
N ALA O 242 -58.63 -52.94 -3.23
CA ALA O 242 -59.64 -51.97 -3.62
C ALA O 242 -60.09 -51.05 -2.50
N GLU O 243 -59.24 -50.83 -1.49
CA GLU O 243 -59.52 -49.91 -0.40
C GLU O 243 -58.65 -48.66 -0.43
N LEU O 244 -57.35 -48.78 -0.67
CA LEU O 244 -56.45 -47.64 -0.63
C LEU O 244 -55.19 -47.98 -1.42
N GLY O 245 -54.13 -47.22 -1.21
CA GLY O 245 -52.85 -47.46 -1.83
C GLY O 245 -52.23 -48.82 -1.52
N ASP O 246 -51.16 -49.10 -2.24
CA ASP O 246 -50.59 -50.44 -2.32
C ASP O 246 -49.96 -50.87 -1.00
N ARG O 247 -50.13 -52.14 -0.65
CA ARG O 247 -49.35 -52.76 0.41
C ARG O 247 -47.88 -52.79 0.01
N LYS O 248 -47.01 -52.51 0.98
CA LYS O 248 -45.59 -52.38 0.69
C LYS O 248 -44.98 -53.75 0.45
N GLY O 249 -44.17 -53.84 -0.59
CA GLY O 249 -43.35 -55.00 -0.87
C GLY O 249 -42.03 -54.53 -1.44
N LYS O 250 -41.18 -55.44 -1.90
CA LYS O 250 -39.85 -55.03 -2.33
C LYS O 250 -39.30 -56.05 -3.32
N ILE O 251 -39.22 -55.68 -4.59
CA ILE O 251 -38.52 -56.49 -5.59
C ILE O 251 -37.66 -55.55 -6.42
N HIS O 252 -36.36 -55.77 -6.42
CA HIS O 252 -35.50 -55.01 -7.32
C HIS O 252 -35.58 -55.62 -8.71
N ILE O 253 -35.42 -54.80 -9.74
CA ILE O 253 -35.54 -55.27 -11.10
C ILE O 253 -34.12 -55.52 -11.63
N PRO O 254 -33.73 -56.76 -11.85
CA PRO O 254 -32.32 -57.06 -12.13
C PRO O 254 -31.90 -56.73 -13.54
N PHE O 255 -30.69 -57.15 -13.88
CA PHE O 255 -30.01 -56.98 -15.16
C PHE O 255 -29.86 -55.51 -15.50
N PRO O 256 -28.97 -54.79 -14.83
CA PRO O 256 -28.86 -53.35 -15.04
C PRO O 256 -28.04 -53.06 -16.29
N LEU O 257 -27.95 -51.77 -16.62
CA LEU O 257 -27.20 -51.34 -17.78
C LEU O 257 -25.75 -51.10 -17.41
N ALA O 258 -24.93 -50.97 -18.44
CA ALA O 258 -23.54 -50.56 -18.28
C ALA O 258 -23.05 -50.03 -19.61
N ASN O 259 -21.96 -49.26 -19.54
CA ASN O 259 -21.20 -48.98 -20.73
C ASN O 259 -20.47 -50.23 -21.18
N VAL O 260 -20.11 -50.22 -22.46
CA VAL O 260 -19.48 -51.37 -23.11
C VAL O 260 -18.88 -50.80 -24.39
N THR O 261 -17.95 -51.51 -24.97
CA THR O 261 -17.36 -51.07 -26.23
C THR O 261 -17.71 -52.09 -27.29
N CYS O 262 -18.16 -51.60 -28.45
CA CYS O 262 -18.66 -52.47 -29.50
C CYS O 262 -18.05 -52.09 -30.84
N ARG O 263 -17.84 -53.12 -31.65
CA ARG O 263 -17.14 -53.00 -32.91
C ARG O 263 -18.08 -52.61 -34.03
N VAL O 264 -17.64 -51.66 -34.85
CA VAL O 264 -18.46 -51.18 -35.96
C VAL O 264 -17.59 -51.38 -37.21
N PRO O 265 -18.15 -51.78 -38.35
CA PRO O 265 -17.30 -52.10 -39.50
C PRO O 265 -16.68 -50.87 -40.15
N LYS O 266 -15.46 -51.05 -40.64
CA LYS O 266 -14.82 -50.00 -41.41
C LYS O 266 -15.44 -49.89 -42.79
N ALA O 267 -15.16 -48.78 -43.44
CA ALA O 267 -15.56 -48.58 -44.82
C ALA O 267 -14.69 -49.42 -45.76
N ARG O 268 -15.13 -49.49 -47.01
CA ARG O 268 -14.31 -49.98 -48.10
C ARG O 268 -13.60 -48.80 -48.74
N ASN O 269 -12.29 -48.90 -48.87
CA ASN O 269 -11.50 -47.74 -49.27
C ASN O 269 -11.75 -47.42 -50.74
N PRO O 270 -12.22 -46.24 -51.06
CA PRO O 270 -12.70 -45.95 -52.41
C PRO O 270 -11.56 -45.59 -53.35
N THR O 271 -11.88 -45.49 -54.63
CA THR O 271 -10.88 -45.25 -55.65
C THR O 271 -11.01 -43.82 -56.15
N VAL O 272 -9.88 -43.12 -56.20
CA VAL O 272 -9.84 -41.70 -56.51
C VAL O 272 -9.03 -41.46 -57.77
N THR O 273 -9.32 -40.33 -58.41
CA THR O 273 -8.56 -39.80 -59.53
C THR O 273 -8.55 -38.28 -59.40
N TYR O 274 -7.59 -37.64 -60.04
CA TYR O 274 -7.35 -36.21 -59.84
C TYR O 274 -7.39 -35.51 -61.18
N GLY O 275 -8.42 -34.69 -61.39
CA GLY O 275 -8.50 -33.79 -62.51
C GLY O 275 -7.99 -32.41 -62.14
N LYS O 276 -7.91 -31.56 -63.18
CA LYS O 276 -7.42 -30.20 -63.07
C LYS O 276 -8.24 -29.44 -62.05
N ASN O 277 -7.59 -29.11 -60.92
CA ASN O 277 -8.10 -28.38 -59.77
C ASN O 277 -9.11 -29.20 -58.94
N GLN O 278 -9.52 -30.39 -59.39
CA GLN O 278 -10.63 -31.03 -58.68
C GLN O 278 -10.50 -32.54 -58.70
N VAL O 279 -11.29 -33.20 -57.85
CA VAL O 279 -11.11 -34.63 -57.61
C VAL O 279 -12.34 -35.38 -58.11
N THR O 280 -12.15 -36.66 -58.46
CA THR O 280 -13.25 -37.55 -58.82
C THR O 280 -13.06 -38.85 -58.05
N MET O 281 -14.18 -39.46 -57.69
CA MET O 281 -14.12 -40.48 -56.64
C MET O 281 -15.25 -41.46 -56.85
N LEU O 282 -14.90 -42.73 -57.02
CA LEU O 282 -15.85 -43.82 -57.09
C LEU O 282 -15.81 -44.56 -55.77
N LEU O 283 -16.99 -44.89 -55.25
CA LEU O 283 -17.10 -45.55 -53.96
C LEU O 283 -17.66 -46.96 -54.10
N TYR O 284 -17.25 -47.83 -53.19
CA TYR O 284 -17.65 -49.25 -53.17
C TYR O 284 -18.46 -49.56 -51.93
N PRO O 285 -19.77 -49.37 -51.95
CA PRO O 285 -20.58 -49.71 -50.79
C PRO O 285 -21.16 -51.11 -50.87
N ASP O 286 -21.44 -51.66 -49.69
CA ASP O 286 -21.97 -53.01 -49.58
C ASP O 286 -23.16 -53.04 -48.63
N HIS O 287 -23.20 -52.08 -47.72
CA HIS O 287 -24.35 -51.81 -46.88
C HIS O 287 -24.44 -50.30 -46.73
N PRO O 288 -25.65 -49.74 -46.57
CA PRO O 288 -25.85 -48.29 -46.76
C PRO O 288 -25.07 -47.42 -45.80
N THR O 289 -24.23 -46.56 -46.36
CA THR O 289 -23.24 -45.83 -45.59
C THR O 289 -23.28 -44.37 -46.02
N LEU O 290 -23.01 -43.47 -45.10
CA LEU O 290 -23.07 -42.06 -45.45
C LEU O 290 -21.67 -41.56 -45.81
N LEU O 291 -21.66 -40.40 -46.44
CA LEU O 291 -20.45 -39.78 -46.95
C LEU O 291 -20.62 -38.27 -46.81
N SER O 292 -19.62 -37.60 -46.27
CA SER O 292 -19.74 -36.17 -46.04
C SER O 292 -18.45 -35.48 -46.44
N TYR O 293 -18.58 -34.19 -46.75
CA TYR O 293 -17.41 -33.41 -47.12
C TYR O 293 -17.65 -31.94 -46.82
N ARG O 294 -16.53 -31.26 -46.54
CA ARG O 294 -16.47 -29.83 -46.31
C ARG O 294 -15.15 -29.31 -46.87
N ASN O 295 -14.95 -28.01 -46.79
CA ASN O 295 -13.63 -27.45 -47.00
C ASN O 295 -13.17 -26.81 -45.70
N MET O 296 -11.98 -26.23 -45.73
CA MET O 296 -11.41 -25.66 -44.51
C MET O 296 -11.24 -24.16 -44.58
N GLY O 297 -11.96 -23.49 -45.47
CA GLY O 297 -11.90 -22.05 -45.57
C GLY O 297 -12.73 -21.38 -44.51
N GLN O 298 -13.26 -20.20 -44.83
CA GLN O 298 -14.15 -19.51 -43.90
C GLN O 298 -15.45 -20.28 -43.72
N GLU O 299 -16.11 -20.57 -44.81
CA GLU O 299 -17.38 -21.25 -44.60
C GLU O 299 -17.17 -22.76 -44.68
N PRO O 300 -18.02 -23.56 -44.03
CA PRO O 300 -17.87 -25.01 -44.15
C PRO O 300 -18.28 -25.56 -45.51
N ASN O 301 -19.35 -25.00 -46.11
CA ASN O 301 -19.99 -25.54 -47.31
C ASN O 301 -20.32 -27.02 -47.19
N TYR O 302 -20.92 -27.38 -46.06
CA TYR O 302 -20.99 -28.78 -45.65
C TYR O 302 -22.04 -29.54 -46.45
N HIS O 303 -21.65 -30.68 -47.02
CA HIS O 303 -22.60 -31.53 -47.71
C HIS O 303 -22.39 -32.98 -47.34
N GLU O 304 -23.43 -33.77 -47.55
CA GLU O 304 -23.44 -35.16 -47.14
C GLU O 304 -24.61 -35.86 -47.82
N GLU O 305 -24.51 -37.18 -47.87
CA GLU O 305 -25.65 -38.02 -48.20
C GLU O 305 -25.36 -39.46 -47.82
N TRP O 306 -26.42 -40.25 -47.73
CA TRP O 306 -26.28 -41.70 -47.68
C TRP O 306 -26.11 -42.23 -49.09
N VAL O 307 -25.42 -43.36 -49.22
CA VAL O 307 -25.32 -44.05 -50.50
C VAL O 307 -25.45 -45.55 -50.26
N THR O 308 -26.00 -46.24 -51.28
CA THR O 308 -26.20 -47.68 -51.32
C THR O 308 -25.52 -48.32 -52.52
N HIS O 309 -25.65 -47.72 -53.70
CA HIS O 309 -25.04 -48.24 -54.91
C HIS O 309 -23.72 -47.53 -55.15
N LYS O 310 -22.92 -48.09 -56.06
CA LYS O 310 -21.63 -47.49 -56.37
C LYS O 310 -21.81 -46.23 -57.21
N LYS O 311 -21.29 -45.13 -56.71
CA LYS O 311 -21.39 -43.85 -57.41
C LYS O 311 -20.00 -43.26 -57.63
N GLU O 312 -19.88 -42.55 -58.73
CA GLU O 312 -18.71 -41.76 -59.08
C GLU O 312 -19.11 -40.29 -59.04
N VAL O 313 -18.56 -39.55 -58.09
CA VAL O 313 -18.90 -38.14 -57.96
C VAL O 313 -17.64 -37.30 -58.12
N THR O 314 -17.85 -36.07 -58.56
CA THR O 314 -16.77 -35.09 -58.69
C THR O 314 -16.92 -34.04 -57.60
N LEU O 315 -15.79 -33.48 -57.18
CA LEU O 315 -15.79 -32.52 -56.10
C LEU O 315 -14.75 -31.45 -56.43
N THR O 316 -15.13 -30.19 -56.28
CA THR O 316 -14.24 -29.09 -56.64
C THR O 316 -13.41 -28.75 -55.42
N VAL O 317 -12.09 -28.86 -55.55
CA VAL O 317 -11.19 -28.50 -54.47
C VAL O 317 -10.84 -27.03 -54.61
N PRO O 318 -11.04 -26.22 -53.58
CA PRO O 318 -10.63 -24.82 -53.66
C PRO O 318 -9.17 -24.66 -53.27
N THR O 319 -8.68 -23.43 -53.21
CA THR O 319 -7.28 -23.20 -52.86
C THR O 319 -6.99 -23.41 -51.38
N GLU O 320 -8.01 -23.52 -50.54
CA GLU O 320 -7.82 -23.75 -49.13
C GLU O 320 -8.00 -25.21 -48.75
N GLY O 321 -8.07 -26.09 -49.74
CA GLY O 321 -8.14 -27.51 -49.48
C GLY O 321 -9.54 -28.04 -49.29
N LEU O 322 -9.61 -29.36 -49.11
CA LEU O 322 -10.88 -30.06 -49.08
C LEU O 322 -10.75 -31.21 -48.08
N GLU O 323 -11.87 -31.61 -47.50
CA GLU O 323 -11.90 -32.70 -46.55
C GLU O 323 -13.13 -33.53 -46.86
N VAL O 324 -12.94 -34.84 -46.99
CA VAL O 324 -14.05 -35.75 -47.24
C VAL O 324 -13.86 -36.99 -46.38
N THR O 325 -14.93 -37.42 -45.73
CA THR O 325 -14.89 -38.62 -44.92
C THR O 325 -16.01 -39.56 -45.31
N TRP O 326 -15.74 -40.85 -45.11
CA TRP O 326 -16.54 -41.91 -45.69
C TRP O 326 -16.39 -43.13 -44.79
N GLY O 327 -17.48 -43.52 -44.14
CA GLY O 327 -17.43 -44.65 -43.25
C GLY O 327 -16.87 -44.31 -41.88
N ASN O 328 -16.25 -45.31 -41.26
CA ASN O 328 -15.61 -45.14 -39.97
C ASN O 328 -14.15 -44.75 -40.09
N ASN O 329 -13.61 -44.71 -41.29
CA ASN O 329 -12.17 -44.62 -41.49
C ASN O 329 -11.73 -43.17 -41.32
N GLU O 330 -10.52 -42.89 -41.68
CA GLU O 330 -9.94 -41.60 -41.36
C GLU O 330 -10.43 -40.54 -42.34
N PRO O 331 -10.64 -39.31 -41.88
CA PRO O 331 -10.98 -38.23 -42.80
C PRO O 331 -9.85 -37.96 -43.77
N TYR O 332 -10.17 -38.00 -45.05
CA TYR O 332 -9.20 -37.72 -46.11
C TYR O 332 -9.09 -36.23 -46.35
N LYS O 333 -7.90 -35.67 -46.13
CA LYS O 333 -7.58 -34.32 -46.54
C LYS O 333 -7.11 -34.33 -47.98
N TYR O 334 -7.33 -33.21 -48.67
CA TYR O 334 -6.79 -33.03 -50.01
C TYR O 334 -6.44 -31.55 -50.20
N TRP O 335 -5.48 -31.29 -51.09
CA TRP O 335 -4.96 -29.97 -51.31
C TRP O 335 -4.70 -29.78 -52.80
N PRO O 336 -4.98 -28.62 -53.36
CA PRO O 336 -4.74 -28.40 -54.79
C PRO O 336 -3.26 -28.12 -55.03
N GLN O 337 -2.93 -27.81 -56.28
CA GLN O 337 -1.55 -27.65 -56.72
C GLN O 337 -1.50 -26.79 -57.96
N MET O 338 -0.27 -26.45 -58.31
CA MET O 338 0.09 -25.63 -59.45
C MET O 338 0.15 -26.41 -60.76
N SER O 339 -0.95 -27.08 -61.13
CA SER O 339 -1.27 -27.93 -62.29
C SER O 339 -0.22 -28.61 -63.19
N THR O 340 -0.65 -29.70 -63.82
CA THR O 340 0.15 -30.48 -64.75
C THR O 340 0.61 -29.64 -65.94
N ASN O 341 -0.27 -29.24 -66.85
CA ASN O 341 0.21 -28.31 -67.86
C ASN O 341 -0.19 -26.90 -67.46
N GLY O 342 0.70 -25.95 -67.75
CA GLY O 342 0.32 -24.57 -67.92
C GLY O 342 0.95 -24.03 -69.18
N THR O 343 1.61 -22.88 -69.05
CA THR O 343 2.49 -22.34 -70.09
C THR O 343 3.73 -21.76 -69.40
N ALA O 344 4.86 -22.43 -69.56
CA ALA O 344 6.08 -22.02 -68.86
C ALA O 344 6.73 -20.81 -69.51
N HIS O 345 8.00 -20.57 -69.17
CA HIS O 345 8.72 -19.44 -69.74
C HIS O 345 8.96 -19.65 -71.22
N GLY O 346 8.08 -19.14 -72.06
CA GLY O 346 8.15 -19.41 -73.49
C GLY O 346 8.23 -18.19 -74.38
N HIS O 347 8.70 -18.42 -75.62
CA HIS O 347 8.78 -17.34 -76.60
C HIS O 347 7.45 -16.68 -76.97
N PRO O 348 6.27 -17.38 -77.03
CA PRO O 348 5.02 -16.62 -77.16
C PRO O 348 4.62 -15.86 -75.91
N HIS O 349 3.38 -15.37 -75.92
CA HIS O 349 2.80 -14.76 -74.74
C HIS O 349 2.89 -15.71 -73.55
N GLU O 350 2.20 -16.87 -73.65
CA GLU O 350 2.46 -18.14 -72.95
C GLU O 350 2.73 -17.93 -71.46
N ILE O 351 1.91 -17.10 -70.85
CA ILE O 351 1.95 -16.96 -69.41
C ILE O 351 0.53 -17.06 -68.90
N ILE O 352 -0.41 -16.73 -69.77
CA ILE O 352 -1.77 -16.42 -69.33
C ILE O 352 -2.50 -17.69 -68.93
N LEU O 353 -2.25 -18.79 -69.66
CA LEU O 353 -2.73 -20.08 -69.20
C LEU O 353 -2.12 -20.42 -67.87
N TYR O 354 -0.80 -20.22 -67.73
CA TYR O 354 -0.13 -20.27 -66.44
C TYR O 354 -0.73 -19.28 -65.47
N TYR O 355 -1.12 -18.10 -65.96
CA TYR O 355 -1.66 -17.09 -65.07
C TYR O 355 -3.14 -17.34 -64.79
N TYR O 356 -3.72 -18.41 -65.35
CA TYR O 356 -4.94 -19.00 -64.84
C TYR O 356 -4.70 -20.02 -63.74
N GLU O 357 -3.55 -20.70 -63.76
CA GLU O 357 -3.32 -21.81 -62.86
C GLU O 357 -3.21 -21.32 -61.42
N LEU O 358 -2.30 -20.39 -61.17
CA LEU O 358 -2.51 -19.51 -60.05
C LEU O 358 -3.63 -18.55 -60.40
N TYR O 359 -4.58 -18.39 -59.48
CA TYR O 359 -5.63 -17.37 -59.54
C TYR O 359 -6.51 -17.45 -60.78
N PRO O 360 -7.40 -18.43 -60.89
CA PRO O 360 -8.40 -18.38 -61.95
C PRO O 360 -9.41 -17.29 -61.65
N THR O 361 -9.99 -16.73 -62.72
CA THR O 361 -11.12 -15.78 -62.75
C THR O 361 -10.71 -14.41 -62.19
N MET O 362 -9.50 -14.25 -61.71
CA MET O 362 -8.98 -13.01 -61.18
C MET O 362 -7.55 -12.93 -61.68
N THR O 363 -7.01 -11.70 -61.68
CA THR O 363 -5.65 -11.21 -62.01
C THR O 363 -5.42 -11.29 -63.52
N VAL O 364 -6.29 -11.96 -64.25
CA VAL O 364 -6.53 -11.65 -65.65
C VAL O 364 -7.41 -10.42 -65.77
N VAL O 365 -8.09 -10.06 -64.68
CA VAL O 365 -8.86 -8.82 -64.64
C VAL O 365 -7.93 -7.61 -64.61
N ILE O 366 -6.70 -7.76 -64.11
CA ILE O 366 -5.81 -6.62 -64.20
C ILE O 366 -5.04 -6.63 -65.51
N VAL O 367 -4.94 -7.77 -66.19
CA VAL O 367 -4.63 -7.77 -67.61
C VAL O 367 -5.67 -6.97 -68.39
N SER O 368 -6.94 -7.12 -68.01
CA SER O 368 -8.01 -6.43 -68.73
C SER O 368 -7.97 -4.92 -68.47
N VAL O 369 -7.84 -4.51 -67.21
CA VAL O 369 -7.82 -3.08 -66.94
C VAL O 369 -6.49 -2.47 -67.38
N ALA O 370 -5.41 -3.26 -67.45
CA ALA O 370 -4.18 -2.74 -68.03
C ALA O 370 -4.32 -2.56 -69.53
N SER O 371 -5.10 -3.42 -70.20
CA SER O 371 -5.44 -3.16 -71.59
C SER O 371 -6.25 -1.89 -71.74
N PHE O 372 -7.19 -1.64 -70.81
CA PHE O 372 -7.97 -0.40 -70.85
C PHE O 372 -7.10 0.83 -70.64
N VAL O 373 -6.10 0.74 -69.77
CA VAL O 373 -5.26 1.92 -69.59
C VAL O 373 -4.21 2.07 -70.69
N LEU O 374 -3.83 1.01 -71.39
CA LEU O 374 -3.08 1.22 -72.64
C LEU O 374 -3.93 1.83 -73.74
N LEU O 375 -5.23 1.51 -73.82
CA LEU O 375 -6.06 2.20 -74.79
C LEU O 375 -6.26 3.66 -74.43
N SER O 376 -6.38 3.98 -73.15
CA SER O 376 -6.44 5.39 -72.76
C SER O 376 -5.10 6.08 -72.97
N MET O 377 -4.00 5.33 -72.86
CA MET O 377 -2.68 5.88 -73.12
C MET O 377 -2.51 6.30 -74.57
N VAL O 378 -2.82 5.39 -75.50
CA VAL O 378 -2.72 5.76 -76.91
C VAL O 378 -3.81 6.74 -77.31
N GLY O 379 -4.95 6.72 -76.62
CA GLY O 379 -6.00 7.68 -76.90
C GLY O 379 -5.63 9.09 -76.49
N THR O 380 -5.01 9.24 -75.32
CA THR O 380 -4.57 10.57 -74.92
C THR O 380 -3.36 11.00 -75.74
N ALA O 381 -2.58 10.04 -76.25
CA ALA O 381 -1.49 10.35 -77.17
C ALA O 381 -2.02 10.93 -78.47
N VAL O 382 -3.00 10.25 -79.06
CA VAL O 382 -3.52 10.71 -80.35
C VAL O 382 -4.36 11.96 -80.15
N GLY O 383 -4.98 12.12 -78.98
CA GLY O 383 -5.75 13.33 -78.73
C GLY O 383 -4.85 14.54 -78.55
N MET O 384 -3.69 14.33 -77.93
CA MET O 384 -2.71 15.41 -77.84
C MET O 384 -2.08 15.69 -79.21
N CYS O 385 -2.02 14.68 -80.08
CA CYS O 385 -1.62 14.93 -81.46
C CYS O 385 -2.70 15.68 -82.23
N VAL O 386 -3.98 15.45 -81.93
CA VAL O 386 -5.06 16.19 -82.59
C VAL O 386 -5.05 17.65 -82.12
N CYS O 387 -4.79 17.88 -80.84
CA CYS O 387 -4.62 19.24 -80.36
C CYS O 387 -3.37 19.88 -80.96
N ALA O 388 -2.35 19.07 -81.25
CA ALA O 388 -1.19 19.55 -81.98
C ALA O 388 -1.55 19.97 -83.39
N ARG O 389 -2.41 19.19 -84.06
CA ARG O 389 -2.92 19.55 -85.39
C ARG O 389 -3.72 20.85 -85.34
N ARG O 390 -4.52 21.03 -84.28
CA ARG O 390 -5.38 22.20 -84.19
C ARG O 390 -4.55 23.45 -83.96
N ARG O 391 -3.67 23.43 -82.96
CA ARG O 391 -2.78 24.57 -82.76
C ARG O 391 -1.61 24.60 -83.74
N CYS O 392 -1.51 23.61 -84.61
CA CYS O 392 -0.69 23.69 -85.81
C CYS O 392 -1.32 24.64 -86.81
N ILE O 393 -2.61 24.45 -87.08
CA ILE O 393 -3.25 25.27 -88.09
C ILE O 393 -3.89 26.54 -87.52
N THR O 394 -3.84 26.75 -86.20
CA THR O 394 -4.33 28.03 -85.66
C THR O 394 -3.68 29.29 -86.23
N PRO O 395 -2.37 29.41 -86.44
CA PRO O 395 -1.87 30.67 -87.02
C PRO O 395 -1.69 30.62 -88.52
N TYR O 396 -2.07 29.53 -89.17
CA TYR O 396 -1.88 29.33 -90.61
C TYR O 396 -3.14 28.84 -91.27
N GLU O 397 -4.32 29.22 -90.77
CA GLU O 397 -5.53 28.49 -91.14
C GLU O 397 -5.96 28.83 -92.56
N LEU O 398 -6.14 30.11 -92.87
CA LEU O 398 -6.19 30.58 -94.25
C LEU O 398 -5.62 31.99 -94.33
N THR O 399 -4.68 32.30 -93.43
CA THR O 399 -4.22 33.67 -93.21
C THR O 399 -3.56 34.21 -94.46
N PRO O 400 -3.78 35.48 -94.80
CA PRO O 400 -3.34 36.00 -96.10
C PRO O 400 -1.82 36.07 -96.18
N GLY O 401 -1.30 35.52 -97.27
CA GLY O 401 0.10 35.15 -97.39
C GLY O 401 0.25 33.65 -97.55
N ALA O 402 -0.48 32.87 -96.76
CA ALA O 402 -0.82 31.46 -96.98
C ALA O 402 0.37 30.49 -97.00
N THR O 403 1.59 30.98 -96.72
CA THR O 403 2.81 30.20 -96.92
C THR O 403 3.07 29.23 -95.76
N VAL O 404 3.12 27.93 -96.06
CA VAL O 404 3.49 26.89 -95.11
C VAL O 404 4.82 26.18 -95.46
N PRO O 405 6.01 26.92 -95.68
CA PRO O 405 7.27 26.31 -96.17
C PRO O 405 7.68 24.91 -95.75
N PHE O 406 7.65 24.66 -94.44
CA PHE O 406 8.04 23.37 -93.91
C PHE O 406 6.91 22.57 -93.29
N LEU O 407 5.78 23.21 -93.00
CA LEU O 407 4.82 22.62 -92.06
C LEU O 407 4.07 21.46 -92.68
N LEU O 408 3.30 21.73 -93.73
CA LEU O 408 2.56 20.65 -94.36
C LEU O 408 3.44 19.74 -95.20
N SER O 409 4.69 20.14 -95.44
CA SER O 409 5.62 19.31 -96.18
C SER O 409 6.47 18.41 -95.28
N LEU O 410 6.51 18.66 -93.97
CA LEU O 410 7.20 17.79 -93.04
C LEU O 410 6.25 17.18 -92.04
N LEU O 411 5.54 18.01 -91.26
CA LEU O 411 4.61 17.49 -90.27
C LEU O 411 3.34 16.98 -90.93
N CYS O 412 2.76 17.77 -91.84
CA CYS O 412 1.54 17.46 -92.60
C CYS O 412 0.40 17.18 -91.62
N CYS O 413 -0.05 18.26 -90.98
CA CYS O 413 -1.14 18.20 -90.02
C CYS O 413 -2.42 17.67 -90.67
N VAL O 414 -3.00 18.42 -91.61
CA VAL O 414 -4.14 17.95 -92.40
C VAL O 414 -4.28 18.89 -93.58
N ARG O 415 -4.98 18.44 -94.63
CA ARG O 415 -5.63 19.27 -95.65
C ARG O 415 -4.62 20.13 -96.42
N THR O 416 -3.79 19.44 -97.21
CA THR O 416 -2.62 20.07 -97.82
C THR O 416 -2.92 20.55 -99.24
N THR O 417 -4.13 21.05 -99.47
CA THR O 417 -4.56 21.49 -100.79
C THR O 417 -3.87 22.77 -101.26
N LYS O 418 -3.17 23.48 -100.37
CA LYS O 418 -2.58 24.77 -100.68
C LYS O 418 -1.07 24.65 -100.83
N ALA O 419 -0.48 25.77 -101.25
CA ALA O 419 0.97 25.98 -101.40
C ALA O 419 1.62 25.00 -102.37
N ASN P 1 -20.82 49.19 -100.50
CA ASN P 1 -19.87 48.11 -100.74
C ASN P 1 -18.53 48.61 -101.21
N ASP P 2 -17.66 48.99 -100.29
CA ASP P 2 -16.28 49.29 -100.64
C ASP P 2 -15.35 48.26 -100.03
N CYS P 3 -15.37 48.13 -98.70
CA CYS P 3 -14.60 47.10 -98.01
C CYS P 3 -15.39 46.29 -96.98
N ILE P 4 -16.66 46.61 -96.74
CA ILE P 4 -17.40 46.08 -95.59
C ILE P 4 -18.60 45.27 -96.04
N PHE P 5 -18.85 44.17 -95.32
CA PHE P 5 -19.93 43.27 -95.65
C PHE P 5 -20.71 43.06 -94.36
N GLU P 6 -22.02 43.18 -94.44
CA GLU P 6 -22.88 43.14 -93.25
C GLU P 6 -23.03 41.75 -92.64
N VAL P 7 -22.88 41.66 -91.32
CA VAL P 7 -23.41 40.52 -90.55
C VAL P 7 -24.62 41.00 -89.77
N LYS P 8 -25.73 40.27 -89.85
CA LYS P 8 -26.93 40.63 -89.11
C LYS P 8 -27.37 39.41 -88.31
N HIS P 9 -27.93 39.65 -87.13
CA HIS P 9 -28.44 38.58 -86.28
C HIS P 9 -29.78 38.96 -85.67
N GLU P 10 -30.77 38.09 -85.87
CA GLU P 10 -32.18 38.19 -85.49
C GLU P 10 -32.75 39.60 -85.57
N GLY P 11 -32.63 40.21 -86.76
CA GLY P 11 -33.12 41.54 -87.04
C GLY P 11 -32.19 42.67 -86.68
N LYS P 12 -31.27 42.49 -85.73
CA LYS P 12 -30.40 43.57 -85.32
C LYS P 12 -29.05 43.42 -86.03
N VAL P 13 -28.49 44.54 -86.46
CA VAL P 13 -27.18 44.51 -87.11
C VAL P 13 -26.11 44.09 -86.11
N MET P 14 -25.28 43.14 -86.52
CA MET P 14 -24.43 42.38 -85.62
C MET P 14 -23.01 42.34 -86.16
N GLY P 15 -22.47 43.48 -86.48
CA GLY P 15 -21.09 43.49 -86.91
C GLY P 15 -20.90 43.17 -88.38
N TYR P 16 -19.66 42.85 -88.72
CA TYR P 16 -19.25 42.71 -90.10
C TYR P 16 -18.27 41.56 -90.28
N ALA P 17 -18.29 40.97 -91.48
CA ALA P 17 -17.36 39.93 -91.90
C ALA P 17 -16.61 40.45 -93.12
N CYS P 18 -15.41 39.91 -93.35
CA CYS P 18 -14.62 40.45 -94.44
C CYS P 18 -14.04 39.35 -95.33
N LEU P 19 -14.07 39.62 -96.63
CA LEU P 19 -13.43 38.80 -97.64
C LEU P 19 -12.06 39.41 -97.93
N VAL P 20 -11.00 38.65 -97.64
CA VAL P 20 -9.63 39.16 -97.73
C VAL P 20 -8.78 38.06 -98.33
N GLY P 21 -8.18 38.34 -99.48
CA GLY P 21 -7.46 37.30 -100.20
C GLY P 21 -8.41 36.18 -100.57
N ASP P 22 -8.06 34.98 -100.13
CA ASP P 22 -8.88 33.79 -100.26
C ASP P 22 -9.51 33.38 -98.93
N LYS P 23 -9.58 34.31 -97.97
CA LYS P 23 -10.06 34.02 -96.62
C LYS P 23 -11.32 34.81 -96.29
N VAL P 24 -12.20 34.18 -95.53
CA VAL P 24 -13.34 34.83 -94.88
C VAL P 24 -13.00 34.98 -93.41
N MET P 25 -13.08 36.19 -92.90
CA MET P 25 -12.70 36.49 -91.53
C MET P 25 -13.93 37.02 -90.81
N LYS P 26 -14.11 36.60 -89.56
CA LYS P 26 -15.24 37.05 -88.80
C LYS P 26 -14.81 37.00 -87.35
N PRO P 27 -15.14 38.01 -86.55
CA PRO P 27 -14.88 37.92 -85.10
C PRO P 27 -15.70 36.78 -84.49
N ALA P 28 -15.04 36.01 -83.61
CA ALA P 28 -15.68 34.83 -83.04
C ALA P 28 -16.81 35.19 -82.10
N HIS P 29 -16.72 36.35 -81.45
CA HIS P 29 -17.73 36.75 -80.48
C HIS P 29 -19.01 37.21 -81.18
N VAL P 30 -18.92 37.53 -82.47
CA VAL P 30 -20.07 37.90 -83.28
C VAL P 30 -20.95 36.68 -83.54
N LYS P 31 -22.13 36.68 -82.93
CA LYS P 31 -23.11 35.64 -83.17
C LYS P 31 -23.93 36.00 -84.42
N GLY P 32 -24.54 35.01 -85.03
CA GLY P 32 -25.44 35.30 -86.12
C GLY P 32 -24.90 34.85 -87.46
N THR P 33 -25.51 35.38 -88.53
CA THR P 33 -25.24 34.89 -89.86
C THR P 33 -24.85 35.98 -90.85
N ILE P 34 -23.84 35.66 -91.66
CA ILE P 34 -23.43 36.45 -92.81
C ILE P 34 -24.57 36.51 -93.81
N ASP P 35 -24.81 37.69 -94.38
CA ASP P 35 -26.00 37.91 -95.21
C ASP P 35 -25.86 37.38 -96.63
N ASN P 36 -25.13 36.28 -96.79
CA ASN P 36 -25.03 35.49 -98.01
C ASN P 36 -25.24 34.05 -97.59
N ALA P 37 -26.29 33.41 -98.12
CA ALA P 37 -26.68 32.08 -97.64
C ALA P 37 -25.66 31.02 -98.02
N ASP P 38 -24.99 31.21 -99.16
CA ASP P 38 -23.91 30.31 -99.56
C ASP P 38 -22.73 30.44 -98.61
N LEU P 39 -22.51 31.64 -98.10
CA LEU P 39 -21.41 31.88 -97.17
C LEU P 39 -21.67 31.24 -95.81
N ALA P 40 -22.90 31.33 -95.31
CA ALA P 40 -23.26 30.85 -93.97
C ALA P 40 -23.04 29.35 -93.75
N LYS P 41 -22.87 28.55 -94.81
CA LYS P 41 -22.80 27.10 -94.66
C LYS P 41 -21.39 26.53 -94.76
N LEU P 42 -20.36 27.35 -94.88
CA LEU P 42 -19.00 26.82 -95.01
C LEU P 42 -18.46 26.33 -93.67
N ALA P 43 -17.42 25.50 -93.76
CA ALA P 43 -16.67 25.03 -92.62
C ALA P 43 -15.86 26.18 -92.00
N PHE P 44 -16.19 26.53 -90.77
CA PHE P 44 -15.56 27.63 -90.06
C PHE P 44 -14.57 27.06 -89.05
N LYS P 45 -13.42 27.72 -88.92
CA LYS P 45 -12.43 27.34 -87.93
C LYS P 45 -12.42 28.39 -86.83
N ARG P 46 -12.45 27.95 -85.59
CA ARG P 46 -12.44 28.83 -84.42
C ARG P 46 -11.03 28.94 -83.88
N SER P 47 -10.66 30.15 -83.49
CA SER P 47 -9.48 30.41 -82.67
C SER P 47 -9.96 31.26 -81.51
N SER P 48 -9.88 30.72 -80.30
CA SER P 48 -10.35 31.46 -79.15
C SER P 48 -9.37 32.55 -78.75
N LYS P 49 -8.07 32.25 -78.84
CA LYS P 49 -7.02 33.20 -78.49
C LYS P 49 -7.11 34.48 -79.31
N TYR P 50 -7.45 34.36 -80.59
CA TYR P 50 -7.50 35.52 -81.46
C TYR P 50 -8.92 36.03 -81.69
N ASP P 51 -9.92 35.35 -81.12
CA ASP P 51 -11.35 35.57 -81.36
C ASP P 51 -11.66 35.56 -82.86
N LEU P 52 -11.15 34.57 -83.56
CA LEU P 52 -11.33 34.56 -84.99
C LEU P 52 -12.12 33.33 -85.45
N GLU P 53 -13.00 33.53 -86.41
CA GLU P 53 -13.70 32.48 -87.14
C GLU P 53 -13.34 32.65 -88.60
N CYS P 54 -12.90 31.56 -89.23
CA CYS P 54 -12.38 31.64 -90.59
C CYS P 54 -13.06 30.66 -91.53
N ALA P 55 -13.15 31.04 -92.80
CA ALA P 55 -13.77 30.16 -93.78
C ALA P 55 -13.10 30.34 -95.14
N GLN P 56 -13.20 29.31 -95.98
CA GLN P 56 -12.69 29.37 -97.33
C GLN P 56 -13.58 30.16 -98.27
N ILE P 57 -13.02 31.19 -98.92
CA ILE P 57 -13.80 31.90 -99.95
C ILE P 57 -14.12 30.96 -101.11
N PRO P 58 -15.38 30.88 -101.53
CA PRO P 58 -15.70 30.09 -102.72
C PRO P 58 -15.15 30.78 -103.97
N VAL P 59 -14.97 29.97 -105.01
CA VAL P 59 -14.33 30.42 -106.25
C VAL P 59 -15.11 31.56 -106.91
N HIS P 60 -16.44 31.49 -106.89
CA HIS P 60 -17.35 32.38 -107.59
C HIS P 60 -17.44 33.79 -107.01
N MET P 61 -16.69 34.15 -105.95
CA MET P 61 -16.83 35.48 -105.36
C MET P 61 -15.55 36.28 -105.57
N LYS P 62 -14.99 36.07 -106.77
CA LYS P 62 -13.74 36.67 -107.24
C LYS P 62 -13.77 38.19 -107.13
N SER P 63 -14.88 38.80 -107.49
CA SER P 63 -14.92 40.26 -107.53
C SER P 63 -15.20 40.89 -106.19
N ASP P 64 -15.47 40.15 -105.11
CA ASP P 64 -15.61 40.86 -103.85
C ASP P 64 -14.35 40.89 -103.01
N ALA P 65 -13.27 40.24 -103.43
CA ALA P 65 -12.13 40.10 -102.54
C ALA P 65 -11.37 41.41 -102.44
N SER P 66 -10.75 41.63 -101.29
CA SER P 66 -9.90 42.79 -101.08
C SER P 66 -8.51 42.55 -101.67
N LYS P 67 -7.61 43.47 -101.36
CA LYS P 67 -6.18 43.30 -101.55
C LYS P 67 -5.60 43.59 -100.18
N PHE P 68 -4.42 43.05 -99.88
CA PHE P 68 -3.84 43.24 -98.56
C PHE P 68 -2.34 43.48 -98.62
N THR P 69 -1.79 43.90 -97.47
CA THR P 69 -0.36 43.99 -97.26
C THR P 69 -0.08 43.87 -95.76
N HIS P 70 1.07 43.28 -95.44
CA HIS P 70 1.54 43.16 -94.07
C HIS P 70 2.22 44.43 -93.57
N GLU P 71 2.60 45.31 -94.48
CA GLU P 71 3.40 46.49 -94.17
C GLU P 71 2.50 47.64 -93.71
N LYS P 72 2.71 48.10 -92.48
CA LYS P 72 1.96 49.23 -91.91
C LYS P 72 2.90 50.33 -91.41
N PRO P 73 3.22 51.31 -92.25
CA PRO P 73 3.96 52.48 -91.77
C PRO P 73 3.16 53.33 -90.80
N GLU P 74 3.88 54.04 -89.94
CA GLU P 74 3.27 55.06 -89.10
C GLU P 74 2.65 56.18 -89.92
N GLY P 75 1.49 56.66 -89.49
CA GLY P 75 0.82 57.78 -90.14
C GLY P 75 -0.67 57.77 -89.84
N TYR P 76 -1.44 58.32 -90.76
CA TYR P 76 -2.88 58.31 -90.65
C TYR P 76 -3.47 57.45 -91.74
N TYR P 77 -4.58 56.79 -91.44
CA TYR P 77 -5.22 55.94 -92.42
C TYR P 77 -6.70 56.26 -92.43
N ASN P 78 -7.46 55.50 -93.23
CA ASN P 78 -8.88 55.73 -93.39
C ASN P 78 -9.71 54.52 -92.95
N TRP P 79 -10.88 54.79 -92.37
CA TRP P 79 -11.96 53.84 -92.31
C TRP P 79 -13.25 54.60 -92.50
N HIS P 80 -14.37 53.84 -92.50
CA HIS P 80 -15.69 54.35 -92.82
C HIS P 80 -16.12 55.54 -91.96
N HIS P 81 -15.67 55.63 -90.71
CA HIS P 81 -16.09 56.71 -89.83
C HIS P 81 -15.05 57.80 -89.74
N GLY P 82 -13.98 57.71 -90.53
CA GLY P 82 -13.02 58.78 -90.59
C GLY P 82 -11.56 58.39 -90.50
N ALA P 83 -10.76 59.25 -89.92
CA ALA P 83 -9.33 59.03 -89.83
C ALA P 83 -9.00 58.09 -88.67
N VAL P 84 -7.94 57.31 -88.84
CA VAL P 84 -7.45 56.41 -87.81
C VAL P 84 -5.95 56.64 -87.67
N GLN P 85 -5.51 57.05 -86.49
CA GLN P 85 -4.09 57.31 -86.31
C GLN P 85 -3.37 56.02 -85.98
N TYR P 86 -2.28 55.77 -86.69
CA TYR P 86 -1.28 54.76 -86.33
C TYR P 86 0.01 55.45 -85.96
N SER P 87 0.40 55.30 -84.70
CA SER P 87 1.67 55.80 -84.21
C SER P 87 1.98 55.09 -82.91
N GLY P 88 3.28 54.82 -82.70
CA GLY P 88 3.68 54.12 -81.50
C GLY P 88 3.28 52.67 -81.48
N GLY P 89 2.88 52.11 -82.60
CA GLY P 89 2.37 50.77 -82.57
C GLY P 89 0.91 50.75 -82.20
N ARG P 90 0.23 51.88 -82.32
CA ARG P 90 -1.10 52.05 -81.77
C ARG P 90 -2.03 52.64 -82.83
N PHE P 91 -3.23 52.08 -82.90
CA PHE P 91 -4.33 52.65 -83.66
C PHE P 91 -5.28 53.36 -82.71
N THR P 92 -5.65 54.60 -83.06
CA THR P 92 -6.55 55.41 -82.26
C THR P 92 -7.58 56.07 -83.17
N ILE P 93 -8.68 56.49 -82.55
CA ILE P 93 -9.81 57.11 -83.25
C ILE P 93 -10.38 58.20 -82.36
N PRO P 94 -11.11 59.16 -82.93
CA PRO P 94 -11.85 60.11 -82.09
C PRO P 94 -12.88 59.38 -81.26
N THR P 95 -12.88 59.68 -79.95
CA THR P 95 -13.82 59.07 -79.01
C THR P 95 -15.25 59.33 -79.44
N GLY P 96 -16.02 58.25 -79.58
CA GLY P 96 -17.36 58.31 -80.07
C GLY P 96 -17.53 57.87 -81.51
N ALA P 97 -16.42 57.79 -82.28
CA ALA P 97 -16.49 57.27 -83.63
C ALA P 97 -16.80 55.78 -83.64
N GLY P 98 -16.47 55.07 -82.56
CA GLY P 98 -16.71 53.64 -82.50
C GLY P 98 -17.52 53.30 -81.27
N LYS P 99 -18.35 52.29 -81.41
CA LYS P 99 -19.31 51.88 -80.39
C LYS P 99 -19.50 50.37 -80.48
N PRO P 100 -20.05 49.73 -79.42
CA PRO P 100 -20.55 48.36 -79.55
C PRO P 100 -21.46 48.16 -80.75
N GLY P 101 -21.06 47.27 -81.65
CA GLY P 101 -21.72 47.06 -82.94
C GLY P 101 -20.80 47.26 -84.12
N ASP P 102 -19.76 48.07 -83.95
CA ASP P 102 -18.81 48.40 -85.00
C ASP P 102 -17.73 47.34 -85.20
N SER P 103 -17.70 46.30 -84.37
CA SER P 103 -16.74 45.21 -84.50
C SER P 103 -16.90 44.48 -85.83
N GLY P 104 -15.80 44.33 -86.56
CA GLY P 104 -15.80 43.68 -87.85
C GLY P 104 -15.41 44.55 -89.02
N ARG P 105 -15.55 45.87 -88.91
CA ARG P 105 -15.04 46.76 -89.93
C ARG P 105 -13.53 46.59 -90.16
N PRO P 106 -13.09 46.55 -91.40
CA PRO P 106 -11.65 46.49 -91.68
C PRO P 106 -11.00 47.85 -91.60
N ILE P 107 -9.69 47.82 -91.39
CA ILE P 107 -8.81 48.99 -91.48
C ILE P 107 -7.95 48.82 -92.72
N PHE P 108 -7.87 49.87 -93.53
CA PHE P 108 -7.21 49.84 -94.82
C PHE P 108 -6.34 51.08 -94.96
N ASP P 109 -5.34 50.96 -95.84
CA ASP P 109 -4.37 52.02 -96.08
C ASP P 109 -4.87 52.99 -97.14
N ASN P 110 -3.98 53.90 -97.56
CA ASN P 110 -4.32 54.89 -98.57
C ASN P 110 -4.43 54.27 -99.95
N LYS P 111 -3.89 53.07 -100.14
CA LYS P 111 -4.00 52.36 -101.39
C LYS P 111 -5.07 51.29 -101.36
N GLY P 112 -5.92 51.30 -100.32
CA GLY P 112 -7.06 50.42 -100.24
C GLY P 112 -6.76 48.98 -99.90
N ARG P 113 -5.55 48.66 -99.49
CA ARG P 113 -5.19 47.30 -99.10
C ARG P 113 -5.56 47.15 -97.63
N VAL P 114 -6.42 46.17 -97.32
CA VAL P 114 -6.77 45.94 -95.93
C VAL P 114 -5.55 45.45 -95.16
N VAL P 115 -5.30 46.10 -94.04
CA VAL P 115 -4.19 45.74 -93.18
C VAL P 115 -4.66 45.22 -91.84
N ALA P 116 -5.88 45.53 -91.42
CA ALA P 116 -6.34 45.13 -90.11
C ALA P 116 -7.87 45.11 -90.06
N ILE P 117 -8.39 44.37 -89.09
CA ILE P 117 -9.80 44.33 -88.74
C ILE P 117 -9.96 44.74 -87.27
N VAL P 118 -10.96 45.56 -86.96
CA VAL P 118 -11.16 46.02 -85.59
C VAL P 118 -11.81 44.92 -84.76
N LEU P 119 -11.28 44.68 -83.57
CA LEU P 119 -11.86 43.74 -82.62
C LEU P 119 -12.54 44.45 -81.45
N GLY P 120 -12.10 45.66 -81.13
CA GLY P 120 -12.66 46.36 -79.97
C GLY P 120 -11.83 47.58 -79.66
N GLY P 121 -12.13 48.21 -78.53
CA GLY P 121 -11.45 49.46 -78.22
C GLY P 121 -11.45 49.84 -76.77
N ALA P 122 -10.44 50.63 -76.40
CA ALA P 122 -10.25 51.16 -75.05
C ALA P 122 -10.28 52.68 -75.13
N ASN P 123 -11.25 53.29 -74.44
CA ASN P 123 -11.36 54.74 -74.36
C ASN P 123 -10.23 55.30 -73.49
N GLU P 124 -9.43 56.20 -74.08
CA GLU P 124 -8.33 56.84 -73.34
C GLU P 124 -8.51 58.35 -73.29
N GLY P 125 -9.76 58.81 -73.28
CA GLY P 125 -10.03 60.23 -73.28
C GLY P 125 -10.33 60.81 -74.64
N ALA P 126 -9.44 61.66 -75.14
CA ALA P 126 -9.67 62.32 -76.43
C ALA P 126 -9.75 61.32 -77.58
N ARG P 127 -8.92 60.29 -77.56
CA ARG P 127 -8.96 59.25 -78.56
C ARG P 127 -9.22 57.90 -77.89
N THR P 128 -9.50 56.91 -78.72
CA THR P 128 -9.75 55.54 -78.30
C THR P 128 -8.79 54.62 -79.05
N ALA P 129 -8.03 53.81 -78.30
CA ALA P 129 -7.08 52.87 -78.90
C ALA P 129 -7.75 51.54 -79.20
N LEU P 130 -7.61 51.09 -80.44
CA LEU P 130 -8.29 49.89 -80.92
C LEU P 130 -7.51 48.64 -80.55
N SER P 131 -8.22 47.62 -80.09
CA SER P 131 -7.74 46.25 -80.05
C SER P 131 -8.03 45.61 -81.40
N VAL P 132 -6.99 45.04 -82.01
CA VAL P 132 -7.00 44.55 -83.38
C VAL P 132 -6.15 43.29 -83.52
N VAL P 133 -6.50 42.43 -84.48
CA VAL P 133 -5.63 41.35 -84.96
C VAL P 133 -5.20 41.68 -86.38
N THR P 134 -3.92 41.43 -86.69
CA THR P 134 -3.35 41.80 -87.98
C THR P 134 -2.11 40.96 -88.25
N TRP P 135 -1.66 40.96 -89.49
CA TRP P 135 -0.61 40.04 -89.91
C TRP P 135 0.68 40.80 -90.14
N ASN P 136 1.66 40.56 -89.28
CA ASN P 136 2.99 41.15 -89.41
C ASN P 136 3.93 40.10 -90.00
N LYS P 137 4.53 40.42 -91.15
CA LYS P 137 5.33 39.49 -91.97
C LYS P 137 4.57 38.18 -92.20
N ASP P 138 3.31 38.34 -92.58
CA ASP P 138 2.36 37.28 -92.91
C ASP P 138 2.00 36.38 -91.74
N ILE P 139 2.35 36.72 -90.50
CA ILE P 139 1.92 35.90 -89.37
C ILE P 139 0.88 36.69 -88.57
N VAL P 140 -0.22 36.02 -88.22
CA VAL P 140 -1.27 36.64 -87.44
C VAL P 140 -0.77 36.95 -86.02
N THR P 141 -1.05 38.16 -85.56
CA THR P 141 -0.62 38.63 -84.26
C THR P 141 -1.74 39.54 -83.77
N LYS P 142 -2.05 39.45 -82.48
CA LYS P 142 -3.01 40.34 -81.85
C LYS P 142 -2.32 41.48 -81.12
N ILE P 143 -2.74 42.70 -81.41
CA ILE P 143 -2.28 43.89 -80.71
C ILE P 143 -3.46 44.39 -79.90
N THR P 144 -3.32 44.36 -78.59
CA THR P 144 -4.38 44.76 -77.66
C THR P 144 -3.95 45.80 -76.64
N PRO P 145 -4.53 47.00 -76.66
CA PRO P 145 -4.27 47.95 -75.58
C PRO P 145 -4.93 47.44 -74.30
N GLU P 146 -4.30 47.78 -73.18
CA GLU P 146 -4.78 47.44 -71.83
C GLU P 146 -6.24 47.79 -71.63
N GLY P 147 -7.00 46.87 -71.06
CA GLY P 147 -8.37 47.20 -70.71
C GLY P 147 -9.32 47.34 -71.88
N ALA P 148 -9.13 46.55 -72.93
CA ALA P 148 -9.96 46.71 -74.11
C ALA P 148 -11.22 45.85 -74.00
N GLU P 149 -12.34 46.43 -74.41
CA GLU P 149 -13.62 45.76 -74.49
C GLU P 149 -14.01 45.53 -75.95
N GLU P 150 -14.66 44.39 -76.21
CA GLU P 150 -15.24 44.10 -77.52
C GLU P 150 -16.33 45.09 -77.88
N TRP P 151 -16.37 45.45 -79.16
CA TRP P 151 -17.38 46.37 -79.66
C TRP P 151 -18.38 45.61 -80.51
#